data_7EKQ
#
_entry.id   7EKQ
#
_cell.length_a   1.00
_cell.length_b   1.00
_cell.length_c   1.00
_cell.angle_alpha   90.00
_cell.angle_beta   90.00
_cell.angle_gamma   90.00
#
_symmetry.space_group_name_H-M   'P 1'
#
loop_
_entity.id
_entity.type
_entity.pdbx_description
1 polymer 'ATP-dependent Clp protease proteolytic subunit'
2 polymer 'ATP-dependent Clp protease proteolytic subunit'
3 polymer 'ATP-dependent Clp protease proteolytic subunit'
4 polymer 'ATP-dependent Clp protease proteolytic subunit'
5 polymer 'ATP-dependent Clp protease proteolytic subunit'
6 polymer 'ATP-dependent Clp protease proteolytic subunit'
7 polymer 'ATP-dependent Clp protease proteolytic subunit'
8 polymer 'ATP-dependent Clp protease proteolytic subunit'
9 polymer 'ATP-dependent Clp protease ATP-binding subunit CLPT4, chloroplastic'
10 polymer 'Chaperonin 11'
11 polymer 'Chaperonin 23'
12 polymer 'Cpn20 co-chaperonin subunit'
#
loop_
_entity_poly.entity_id
_entity_poly.type
_entity_poly.pdbx_seq_one_letter_code
_entity_poly.pdbx_strand_id
1 'polypeptide(L)'
;RRNVEARGIRRSPVVTPDIQIGHGEDAIEMDLYRYLLSNRIIFIGGYINDKMATQIVGSLMALEAVDENEDIRIYINSPG
GQPYSVLGVVDAMQSIKPDVQTVALGACYSYASLVVAAGTKGKRYAMKNTRLMMTQPMGGSQGDIYQIKATVEELNALYQ
IFSRYYMKFTGMNQDQIEQATCRDHFMTPEQAKLEGLIDEIIRGKGDYTVPPAIVRQFREVGLVDDLTPGPFLKVDCN
;
A
2 'polypeptide(L)'
;ARRSVAARSSAPELWTPTSEVKLAVSSRNPHPPVVCQGPPPPNPLVIERFQGVVSQLFQQRIVRLGGAVDDDMANLLVAQ
LLYLDSVDNKRDITMYVNSPGGSVTAGMAVFDTMRHIRPDVSTCCIGLAASMGAFILASGQAGKRYSLPNSRIMIHQPLG
GAQGQATDIEIQANEILHHKLTLNGYLAQFTGQSMETITKDTDRDFFMSPQEAIEYGLVDAIISKPQMLQSREVALSS
;
B,D,F
3 'polypeptide(L)'
;NSQPIVAPRTAEMQGDPFGLLLRQRIVFLGGEVEDFGADAIISQLLLLDSQDPTKDIKIFINSPGGSVTAGMGIYDAMML
CRADVNTYCFGLAASMGAFLLGAGKRGKRNSMPNSRIMIHQPLGGASGQAVDIEIQAKEIMYHKANLNRIMADYCQQPLS
KIEEDTDRDRYMSPLEAKEYGLIDHIIGGEEAVFNVKGSLKKFPKIKEEFVTDKDDMVKRNIMDGDPFLSETPSWRFKSP
QTEPYMPSQAPGSRWFRTRKVSKEDYKEMQEQRQAELMAESDDGKKSVKDRIDDAW
;
C,E,G
4 'polypeptide(L)'
;NYLDQGALNNESGRSLYRKQTERVIQEEESKKVFMIINSFGGSVGNGITVHDALQFIKAGSLTLALGVAASAASLALAGG
TIGERYVTEGCHTMIHQPEGGLNGQASDIWIDSQEIMKIRLDVAEIYSLSTYRPRHKILRDLDRDFYLTAMETIYYGLAD
EIATNEVMHSIVEMTNQVWSYHDSKQERLLESRASLVGDSTQTQESNS
;
H,J,M
5 'polypeptide(L)'
;AYGDYPNYPEGRPLFLPEAERFGNPPDLPSLLLQQRVIYISMPFLPSVTELVVAQCYYLDFDDRNRQRPIYVYLNSTGCI
NDKGQAISADNEFYAIWAALGFTRAPLYTGVTWKAQNQAAVLLSAGQKGHRYSFPHAKISTAPPVMNRVFGQAVDAQLQA
NELDYATKYYAAILARSTGKDLETCQKQYLSRKRYFSVKEAYEEGLVDKLVPGFMLNRFRKMQKDAGVGEEDLFDMNKPK
FKFRRQ
;
I
6 'polypeptide(L)'
;RKLSHLRKKLWKEAGPPPDLATRLFSERIMYLGMPIDSSVAELLTAQLFVLVQEAPDPIFFYINSTGIAKSTTKFGNEHE
AIAVYSMMKGVQKYCPIYTLCVGNAFGEAALLLSAGSPGKRAALRSSTIMLRQPLQRLGGMQASDIDIYRKITREKTATM
AKYLAACTKKTEEQIMTDFTRPRYFNPYEAVSYGLIDTVLEPKEERAVFKDWEKMGSEIADLGLWDDEEQPLPTNIMYPG
TSQYWRSDFDG
;
K
7 'polypeptide(L)'
;KKSPQGFWQVTTKQISAAKRSGAPKRKVTTMMPVSVPKVLCRPPGQRQSEWVDLWEAYTYQKVVFIKEAITEDVANNMIA
LTLYLDSLDQKRIYYWLNVPGGDVVPTLALYDTMQYVRSKTATVCYGLCLGMGGFLLTAGGEKGYRFAMPHSILMMHHPS
GASRGQASEMHIESRELVRMRDYLSLLTSNATGQPYDRVIRELSRNKWMDPKQAIEYGMIDKVLTTPMPKMPSTGPSFKF
ERQNDELIGL
;
L
8 'polypeptide(L)'
;LVVHARASRYDRRKPPPPDLPSLLFDQRIVYLGMPLVPAVTELMVAELLYLEKQGATLPIEMLINSSGTTRQDGEILSFD
SEGVALTSTMGFIKNPISTVNMGLAVGWSCVVLSFGRKGWRKSLPHSLAMIQQPRVPPTGQRQAIEVHIKWREVLDYKRE
LLRMFSLGTGLPVDKLDADMQRPLYMRPQDALEYGIIDEIIEPNEDKAEKAAQYWIRSGRAESEGRLEQWQEYLSLQEEY
ALKDSFRKVMTQDLRAAYRDTSSKLLKNSSRNMEQVQEFKERLPDDMLTENDEVRLPFSRDGVKLAILNAECYAERNIAR
QVAANKVSVPDKWRAAYAARPAPAAPAAEVDYDALIRAVEAMDEKAFATTDLDTLVEQYRVPA
;
N
9 'polypeptide(L)'
;ATATAAPSELDDVGVSAAAESIIQYAINFARASETYEVHSWMVLMGILKYETCTAAKILKSLGLEDLYGAWNEVLWALNV
CDGLQPRSFVTDIKFADRAFKVITAASDFAVWHGKDKMYSEDVLMALAAGGVLEDLFPDLNLSFERVRKAVEKESGRRYQ
LPDETEEAGPLKSEDDVSFL
;
O
10 'polypeptide(L)'
;AASVTAEKAALDITKMTPIHDRVLIRPIEEEQKTAGGILLPKAPPKANSDAHIGEVLAVGSDVTLAVAKGDMVVFQKYAM
AEVEVKEGQIIFVAEKSIMGKLE
;
P
11 'polypeptide(L)'
;EAISVPAPFTKVAPKGDRVLVKVAEEEVKTRGGILLPPSAIKKPTSGEVVQLGDGRVGDGEVRPFYLQPGQTVVYSKFGF
MYQDLKLSNGEEYILIREDDVIGIMPRANAQADDVPELQPLADRVLIKVEEVADVTMGGVFLPETAKERPLSGTVVRVGP
GKYDKDAEGKRRTVPLAPGDKVLYFKYAGDNMETPSGDKFVVLRSDDVLCKA
;
Q
12 'polypeptide(L)'
;ATPVPKQFKAVKPVGDRVLVKVDKEEAKSVGGVLLPASVRNKPTAGSIIALGDAKSVKLSDKVIYSKFAGTELELGGAEH
VLLKEEDVIGVLSASEKIAQLKPLSDRILIKGAKAEDKTSGGVLLATESAEKPTFGTVVAVGEGREDEETKALVKPNVTV
GATVMYSKYSGTEFEEDGDNYIVVRESDILAQLS
;
R,S
#
# COMPACT_ATOMS: atom_id res chain seq x y z
N SER A 12 -13.76 2.70 -2.04
CA SER A 12 -13.32 1.45 -2.65
C SER A 12 -12.05 0.95 -1.99
N PRO A 13 -12.13 -0.23 -1.36
CA PRO A 13 -10.98 -0.71 -0.57
C PRO A 13 -9.85 -1.30 -1.39
N VAL A 14 -10.16 -1.97 -2.50
CA VAL A 14 -9.12 -2.72 -3.22
C VAL A 14 -8.78 -2.08 -4.57
N VAL A 15 -9.78 -1.59 -5.30
CA VAL A 15 -9.58 -1.06 -6.64
C VAL A 15 -10.80 -0.20 -7.00
N THR A 16 -10.60 0.76 -7.90
CA THR A 16 -11.68 1.59 -8.41
C THR A 16 -11.74 1.43 -9.92
N PRO A 17 -12.83 0.91 -10.48
CA PRO A 17 -12.91 0.73 -11.93
C PRO A 17 -13.15 2.06 -12.65
N ASP A 18 -12.87 2.04 -13.95
CA ASP A 18 -13.03 3.23 -14.78
C ASP A 18 -14.51 3.43 -15.09
N ILE A 19 -15.12 4.39 -14.39
CA ILE A 19 -16.54 4.69 -14.57
C ILE A 19 -16.63 5.76 -15.66
N GLN A 20 -16.81 5.31 -16.90
CA GLN A 20 -16.93 6.19 -18.05
C GLN A 20 -18.03 5.68 -18.98
N ILE A 21 -18.41 6.55 -19.91
CA ILE A 21 -19.36 6.17 -20.96
C ILE A 21 -18.95 6.90 -22.24
N GLY A 22 -18.68 6.14 -23.29
CA GLY A 22 -18.53 6.68 -24.63
C GLY A 22 -19.26 5.80 -25.62
N HIS A 23 -20.27 6.36 -26.29
CA HIS A 23 -21.12 5.57 -27.17
C HIS A 23 -21.46 6.39 -28.42
N GLY A 24 -21.39 5.75 -29.58
CA GLY A 24 -21.72 6.39 -30.82
C GLY A 24 -22.15 5.36 -31.85
N GLU A 25 -22.86 5.85 -32.87
CA GLU A 25 -23.33 4.95 -33.93
C GLU A 25 -22.20 4.57 -34.88
N ASP A 26 -21.14 5.38 -34.95
CA ASP A 26 -20.01 5.10 -35.83
C ASP A 26 -18.67 5.01 -35.10
N ALA A 27 -18.43 5.89 -34.13
CA ALA A 27 -17.13 5.94 -33.46
C ALA A 27 -17.34 6.01 -31.96
N ILE A 28 -16.31 5.56 -31.22
CA ILE A 28 -16.35 5.62 -29.77
C ILE A 28 -15.77 6.94 -29.27
N GLU A 29 -16.40 7.50 -28.26
CA GLU A 29 -16.02 8.79 -27.70
C GLU A 29 -15.01 8.58 -26.57
N MET A 30 -14.70 9.67 -25.86
CA MET A 30 -13.70 9.66 -24.82
C MET A 30 -14.30 9.17 -23.51
N ASP A 31 -13.52 9.25 -22.42
CA ASP A 31 -13.98 8.82 -21.11
C ASP A 31 -14.75 9.95 -20.42
N LEU A 32 -15.00 9.79 -19.12
CA LEU A 32 -15.88 10.71 -18.40
C LEU A 32 -15.22 12.06 -18.13
N TYR A 33 -13.97 12.04 -17.64
CA TYR A 33 -13.31 13.28 -17.27
C TYR A 33 -12.83 14.06 -18.49
N ARG A 34 -12.56 13.38 -19.61
CA ARG A 34 -12.20 14.09 -20.83
C ARG A 34 -13.42 14.73 -21.49
N TYR A 35 -14.57 14.08 -21.40
CA TYR A 35 -15.80 14.65 -21.97
C TYR A 35 -16.28 15.83 -21.14
N LEU A 36 -16.15 15.75 -19.82
CA LEU A 36 -16.59 16.85 -18.96
C LEU A 36 -15.66 18.05 -19.06
N LEU A 37 -14.39 17.83 -19.39
CA LEU A 37 -13.47 18.94 -19.57
C LEU A 37 -13.73 19.69 -20.86
N SER A 38 -14.28 19.00 -21.87
CA SER A 38 -14.63 19.66 -23.12
C SER A 38 -15.89 20.51 -22.98
N ASN A 39 -16.72 20.24 -21.97
CA ASN A 39 -17.92 21.03 -21.71
C ASN A 39 -17.69 22.14 -20.69
N ARG A 40 -16.43 22.57 -20.54
CA ARG A 40 -16.01 23.66 -19.63
C ARG A 40 -16.39 23.37 -18.18
N ILE A 41 -16.13 22.14 -17.74
CA ILE A 41 -16.38 21.72 -16.36
C ILE A 41 -15.11 21.08 -15.84
N ILE A 42 -14.55 21.64 -14.76
CA ILE A 42 -13.32 21.14 -14.15
C ILE A 42 -13.66 20.54 -12.79
N PHE A 43 -13.07 19.39 -12.49
CA PHE A 43 -13.30 18.69 -11.23
C PHE A 43 -12.04 18.75 -10.37
N ILE A 44 -12.21 19.06 -9.09
CA ILE A 44 -11.12 19.10 -8.13
C ILE A 44 -11.40 18.00 -7.11
N GLY A 45 -10.60 16.94 -7.14
CA GLY A 45 -10.76 15.83 -6.23
C GLY A 45 -9.43 15.41 -5.64
N GLY A 46 -9.49 14.91 -4.41
CA GLY A 46 -8.30 14.45 -3.72
C GLY A 46 -7.52 15.59 -3.10
N TYR A 47 -6.29 15.28 -2.69
CA TYR A 47 -5.44 16.26 -2.04
C TYR A 47 -4.90 17.25 -3.06
N ILE A 48 -4.91 18.53 -2.69
CA ILE A 48 -4.43 19.60 -3.57
C ILE A 48 -2.93 19.75 -3.30
N ASN A 49 -2.13 18.94 -3.99
CA ASN A 49 -0.68 19.05 -3.95
C ASN A 49 -0.20 19.84 -5.18
N ASP A 50 1.12 19.87 -5.38
CA ASP A 50 1.68 20.59 -6.51
C ASP A 50 1.46 19.90 -7.85
N LYS A 51 1.11 18.61 -7.84
CA LYS A 51 0.95 17.87 -9.09
C LYS A 51 -0.38 18.21 -9.76
N MET A 52 -1.48 18.14 -9.01
CA MET A 52 -2.79 18.44 -9.59
C MET A 52 -3.08 19.94 -9.64
N ALA A 53 -2.21 20.76 -9.05
CA ALA A 53 -2.38 22.21 -9.16
C ALA A 53 -2.13 22.69 -10.59
N THR A 54 -1.19 22.05 -11.29
CA THR A 54 -0.97 22.36 -12.70
C THR A 54 -2.06 21.77 -13.59
N GLN A 55 -2.83 20.80 -13.09
CA GLN A 55 -3.92 20.25 -13.87
C GLN A 55 -5.12 21.20 -13.90
N ILE A 56 -5.38 21.89 -12.79
CA ILE A 56 -6.51 22.80 -12.73
C ILE A 56 -6.17 24.13 -13.41
N VAL A 57 -4.94 24.61 -13.21
CA VAL A 57 -4.50 25.85 -13.86
C VAL A 57 -4.30 25.60 -15.35
N GLY A 58 -3.75 24.44 -15.72
CA GLY A 58 -3.55 24.12 -17.12
C GLY A 58 -4.83 23.89 -17.90
N SER A 59 -5.86 23.37 -17.22
CA SER A 59 -7.17 23.26 -17.87
C SER A 59 -7.89 24.61 -17.90
N LEU A 60 -7.54 25.52 -16.98
CA LEU A 60 -8.11 26.86 -17.02
C LEU A 60 -7.54 27.66 -18.18
N MET A 61 -6.27 27.42 -18.52
CA MET A 61 -5.68 28.04 -19.69
C MET A 61 -6.07 27.33 -20.98
N ALA A 62 -6.52 26.08 -20.89
CA ALA A 62 -6.97 25.36 -22.09
C ALA A 62 -8.33 25.86 -22.55
N LEU A 63 -9.26 26.05 -21.61
CA LEU A 63 -10.57 26.59 -21.95
C LEU A 63 -10.57 28.10 -22.13
N GLU A 64 -9.48 28.78 -21.77
CA GLU A 64 -9.38 30.21 -22.03
C GLU A 64 -9.18 30.48 -23.51
N ALA A 65 -8.36 29.66 -24.18
CA ALA A 65 -8.10 29.84 -25.60
C ALA A 65 -9.25 29.36 -26.48
N VAL A 66 -10.14 28.52 -25.96
CA VAL A 66 -11.27 28.06 -26.74
C VAL A 66 -12.33 29.16 -26.87
N ASP A 67 -12.76 29.71 -25.75
CA ASP A 67 -13.76 30.77 -25.74
C ASP A 67 -13.46 31.72 -24.60
N GLU A 68 -13.65 33.01 -24.84
CA GLU A 68 -13.31 34.05 -23.88
C GLU A 68 -14.53 34.62 -23.17
N ASN A 69 -15.73 34.12 -23.48
CA ASN A 69 -16.96 34.67 -22.93
C ASN A 69 -17.81 33.65 -22.17
N GLU A 70 -17.64 32.36 -22.44
CA GLU A 70 -18.43 31.34 -21.77
C GLU A 70 -17.95 31.14 -20.33
N ASP A 71 -18.89 30.81 -19.45
CA ASP A 71 -18.59 30.68 -18.03
C ASP A 71 -17.89 29.35 -17.76
N ILE A 72 -16.63 29.42 -17.33
CA ILE A 72 -15.90 28.22 -16.95
C ILE A 72 -16.34 27.77 -15.57
N ARG A 73 -16.79 26.52 -15.46
CA ARG A 73 -17.30 25.98 -14.21
C ARG A 73 -16.28 25.05 -13.59
N ILE A 74 -16.09 25.17 -12.27
CA ILE A 74 -15.13 24.38 -11.52
C ILE A 74 -15.86 23.71 -10.36
N TYR A 75 -15.79 22.38 -10.30
CA TYR A 75 -16.39 21.60 -9.23
C TYR A 75 -15.30 21.23 -8.22
N ILE A 76 -15.52 21.57 -6.96
CA ILE A 76 -14.50 21.43 -5.92
C ILE A 76 -15.00 20.43 -4.89
N ASN A 77 -14.21 19.38 -4.65
CA ASN A 77 -14.49 18.40 -3.59
C ASN A 77 -13.14 17.89 -3.08
N SER A 78 -12.64 18.54 -2.02
CA SER A 78 -11.32 18.20 -1.49
C SER A 78 -11.30 18.43 0.01
N PRO A 79 -10.67 17.54 0.77
CA PRO A 79 -10.56 17.73 2.23
C PRO A 79 -9.40 18.60 2.68
N GLY A 80 -8.79 19.37 1.78
CA GLY A 80 -7.66 20.22 2.11
C GLY A 80 -6.64 20.19 1.00
N GLY A 81 -5.46 20.71 1.30
CA GLY A 81 -4.39 20.71 0.32
C GLY A 81 -3.22 21.54 0.78
N GLN A 82 -2.26 21.67 -0.13
CA GLN A 82 -1.07 22.48 0.14
C GLN A 82 -1.44 23.97 0.12
N PRO A 83 -0.91 24.76 1.05
CA PRO A 83 -1.33 26.17 1.13
C PRO A 83 -0.82 27.04 -0.01
N TYR A 84 0.32 26.69 -0.62
CA TYR A 84 0.80 27.45 -1.76
C TYR A 84 0.21 26.95 -3.07
N SER A 85 -0.12 25.66 -3.14
CA SER A 85 -0.75 25.12 -4.34
C SER A 85 -2.20 25.57 -4.46
N VAL A 86 -2.87 25.80 -3.32
CA VAL A 86 -4.22 26.33 -3.36
C VAL A 86 -4.19 27.84 -3.54
N LEU A 87 -3.02 28.45 -3.32
CA LEU A 87 -2.89 29.89 -3.56
C LEU A 87 -2.69 30.17 -5.04
N GLY A 88 -2.14 29.21 -5.79
CA GLY A 88 -1.87 29.46 -7.20
C GLY A 88 -3.10 29.33 -8.08
N VAL A 89 -4.14 28.67 -7.58
CA VAL A 89 -5.35 28.50 -8.38
C VAL A 89 -6.31 29.68 -8.19
N VAL A 90 -6.20 30.39 -7.06
CA VAL A 90 -7.07 31.55 -6.83
C VAL A 90 -6.67 32.74 -7.69
N ASP A 91 -5.39 33.11 -7.65
CA ASP A 91 -4.94 34.31 -8.35
C ASP A 91 -4.87 34.09 -9.87
N ALA A 92 -4.79 32.84 -10.30
CA ALA A 92 -4.93 32.56 -11.74
C ALA A 92 -6.39 32.61 -12.17
N MET A 93 -7.32 32.31 -11.25
CA MET A 93 -8.74 32.40 -11.55
C MET A 93 -9.22 33.83 -11.60
N GLN A 94 -8.56 34.73 -10.87
CA GLN A 94 -8.95 36.14 -10.85
C GLN A 94 -8.27 36.95 -11.96
N SER A 95 -7.36 36.34 -12.71
CA SER A 95 -6.61 37.03 -13.76
C SER A 95 -6.97 36.52 -15.15
N ILE A 96 -8.23 36.14 -15.34
CA ILE A 96 -8.73 35.70 -16.64
C ILE A 96 -9.91 36.59 -17.04
N LYS A 97 -10.30 36.46 -18.31
CA LYS A 97 -11.40 37.30 -18.82
C LYS A 97 -12.79 36.86 -18.34
N PRO A 98 -13.26 35.64 -18.60
CA PRO A 98 -14.68 35.35 -18.31
C PRO A 98 -14.90 35.03 -16.84
N ASP A 99 -16.17 35.04 -16.46
CA ASP A 99 -16.57 34.75 -15.10
C ASP A 99 -16.51 33.26 -14.82
N VAL A 100 -16.33 32.91 -13.54
CA VAL A 100 -16.18 31.53 -13.11
C VAL A 100 -17.32 31.21 -12.14
N GLN A 101 -18.11 30.19 -12.46
CA GLN A 101 -19.20 29.72 -11.61
C GLN A 101 -18.70 28.53 -10.81
N THR A 102 -18.57 28.72 -9.50
CA THR A 102 -18.07 27.67 -8.61
C THR A 102 -19.21 26.92 -7.94
N VAL A 103 -19.06 25.60 -7.84
CA VAL A 103 -20.03 24.73 -7.18
C VAL A 103 -19.29 23.93 -6.12
N ALA A 104 -19.75 23.98 -4.88
CA ALA A 104 -19.11 23.30 -3.77
C ALA A 104 -19.69 21.90 -3.61
N LEU A 105 -18.80 20.90 -3.58
CA LEU A 105 -19.17 19.50 -3.44
C LEU A 105 -18.48 18.91 -2.22
N GLY A 106 -19.22 18.07 -1.50
CA GLY A 106 -18.68 17.36 -0.35
C GLY A 106 -18.35 18.24 0.85
N ALA A 107 -17.06 18.40 1.12
CA ALA A 107 -16.60 19.16 2.27
C ALA A 107 -15.47 20.09 1.85
N CYS A 108 -15.22 21.10 2.68
CA CYS A 108 -14.17 22.09 2.44
C CYS A 108 -13.47 22.34 3.76
N TYR A 109 -12.17 22.06 3.83
CA TYR A 109 -11.39 22.18 5.06
C TYR A 109 -10.25 23.17 4.84
N SER A 110 -10.57 24.46 5.05
CA SER A 110 -9.64 25.58 5.18
C SER A 110 -8.86 25.96 3.92
N TYR A 111 -8.99 25.18 2.85
CA TYR A 111 -8.39 25.51 1.58
C TYR A 111 -9.37 25.39 0.43
N ALA A 112 -10.28 24.41 0.47
CA ALA A 112 -11.31 24.30 -0.55
C ALA A 112 -12.46 25.27 -0.29
N SER A 113 -12.55 25.83 0.91
CA SER A 113 -13.52 26.88 1.17
C SER A 113 -13.07 28.23 0.62
N LEU A 114 -11.78 28.37 0.33
CA LEU A 114 -11.28 29.61 -0.25
C LEU A 114 -11.62 29.71 -1.74
N VAL A 115 -11.54 28.59 -2.47
CA VAL A 115 -11.74 28.63 -3.92
C VAL A 115 -13.22 28.73 -4.27
N VAL A 116 -14.11 28.32 -3.36
CA VAL A 116 -15.54 28.50 -3.63
C VAL A 116 -15.98 29.91 -3.24
N ALA A 117 -15.21 30.57 -2.36
CA ALA A 117 -15.47 31.96 -2.04
C ALA A 117 -14.78 32.90 -3.02
N ALA A 118 -13.85 32.38 -3.82
CA ALA A 118 -13.10 33.18 -4.79
C ALA A 118 -13.83 33.30 -6.13
N GLY A 119 -15.04 32.76 -6.24
CA GLY A 119 -15.81 32.89 -7.46
C GLY A 119 -16.40 34.27 -7.62
N THR A 120 -17.02 34.48 -8.78
CA THR A 120 -17.64 35.77 -9.05
C THR A 120 -18.93 35.92 -8.24
N LYS A 121 -19.30 37.17 -7.98
CA LYS A 121 -20.48 37.46 -7.18
C LYS A 121 -21.76 37.11 -7.94
N GLY A 122 -22.61 36.29 -7.33
CA GLY A 122 -23.80 35.81 -7.97
C GLY A 122 -23.67 34.44 -8.61
N LYS A 123 -22.48 33.83 -8.58
CA LYS A 123 -22.27 32.51 -9.16
C LYS A 123 -21.68 31.52 -8.15
N ARG A 124 -21.64 31.88 -6.88
CA ARG A 124 -21.11 30.98 -5.84
C ARG A 124 -22.26 30.15 -5.29
N TYR A 125 -22.40 28.94 -5.80
CA TYR A 125 -23.49 28.05 -5.44
C TYR A 125 -22.98 26.93 -4.54
N ALA A 126 -23.58 26.80 -3.36
CA ALA A 126 -23.27 25.73 -2.43
C ALA A 126 -24.51 24.87 -2.19
N MET A 127 -24.28 23.59 -1.92
CA MET A 127 -25.36 22.63 -1.75
C MET A 127 -25.90 22.67 -0.32
N LYS A 128 -26.79 21.73 0.00
CA LYS A 128 -27.46 21.74 1.28
C LYS A 128 -26.59 21.14 2.38
N ASN A 129 -25.86 20.07 2.06
CA ASN A 129 -25.08 19.34 3.05
C ASN A 129 -23.58 19.47 2.78
N THR A 130 -23.16 20.67 2.40
CA THR A 130 -21.75 20.96 2.17
C THR A 130 -21.14 21.48 3.48
N ARG A 131 -19.89 21.07 3.76
CA ARG A 131 -19.20 21.50 4.97
C ARG A 131 -18.10 22.47 4.60
N LEU A 132 -18.12 23.66 5.20
CA LEU A 132 -17.13 24.69 4.97
C LEU A 132 -16.36 24.96 6.26
N MET A 133 -15.11 25.38 6.12
CA MET A 133 -14.23 25.58 7.27
C MET A 133 -13.22 26.68 6.95
N MET A 134 -12.92 27.52 7.95
CA MET A 134 -11.95 28.60 7.81
C MET A 134 -11.10 28.66 9.07
N THR A 135 -9.78 28.57 8.89
CA THR A 135 -8.85 28.62 10.01
C THR A 135 -7.59 29.37 9.58
N GLN A 136 -6.73 29.62 10.56
CA GLN A 136 -5.40 30.10 10.27
C GLN A 136 -4.56 28.95 9.69
N PRO A 137 -3.60 29.26 8.81
CA PRO A 137 -2.76 28.18 8.26
C PRO A 137 -1.82 27.61 9.32
N MET A 138 -1.49 26.33 9.13
CA MET A 138 -0.61 25.60 10.03
C MET A 138 0.81 25.62 9.51
N GLY A 139 1.71 24.96 10.23
CA GLY A 139 3.10 24.91 9.84
C GLY A 139 3.93 24.22 10.90
N GLY A 140 5.23 24.14 10.63
CA GLY A 140 6.13 23.47 11.54
C GLY A 140 7.45 24.19 11.73
N SER A 141 7.95 24.20 12.97
CA SER A 141 9.23 24.80 13.27
C SER A 141 10.36 23.90 12.79
N GLN A 142 11.49 24.52 12.43
CA GLN A 142 12.61 23.80 11.85
C GLN A 142 13.92 24.42 12.31
N GLY A 143 14.64 23.71 13.18
CA GLY A 143 16.03 23.98 13.46
C GLY A 143 16.38 25.27 14.19
N ASP A 144 17.32 26.02 13.62
CA ASP A 144 17.95 27.14 14.31
C ASP A 144 17.03 28.35 14.35
N ILE A 145 17.39 29.30 15.22
CA ILE A 145 16.59 30.51 15.45
C ILE A 145 16.55 31.41 14.23
N TYR A 146 17.54 31.31 13.32
CA TYR A 146 17.47 32.06 12.07
C TYR A 146 16.40 31.49 11.14
N GLN A 147 16.00 30.23 11.34
CA GLN A 147 14.88 29.64 10.63
C GLN A 147 13.58 29.64 11.43
N ILE A 148 13.65 29.77 12.75
CA ILE A 148 12.43 29.92 13.54
C ILE A 148 11.83 31.31 13.31
N LYS A 149 12.67 32.34 13.28
CA LYS A 149 12.21 33.68 12.93
C LYS A 149 11.78 33.78 11.47
N ALA A 150 12.35 32.94 10.60
CA ALA A 150 11.86 32.87 9.23
C ALA A 150 10.54 32.11 9.14
N THR A 151 10.27 31.24 10.12
CA THR A 151 9.02 30.47 10.12
C THR A 151 7.85 31.32 10.60
N VAL A 152 8.04 32.11 11.65
CA VAL A 152 6.95 32.93 12.17
C VAL A 152 6.68 34.11 11.22
N GLU A 153 7.71 34.58 10.51
CA GLU A 153 7.50 35.57 9.47
C GLU A 153 6.83 34.98 8.24
N GLU A 154 6.93 33.66 8.04
CA GLU A 154 6.21 33.01 6.95
C GLU A 154 4.77 32.74 7.31
N LEU A 155 4.51 32.36 8.57
CA LEU A 155 3.13 32.11 8.99
C LEU A 155 2.35 33.40 9.16
N ASN A 156 3.03 34.50 9.50
CA ASN A 156 2.36 35.80 9.52
C ASN A 156 2.11 36.32 8.11
N ALA A 157 2.95 35.93 7.15
CA ALA A 157 2.72 36.32 5.76
C ALA A 157 1.57 35.56 5.14
N LEU A 158 1.41 34.27 5.50
CA LEU A 158 0.29 33.49 5.00
C LEU A 158 -1.01 33.89 5.67
N TYR A 159 -0.94 34.39 6.91
CA TYR A 159 -2.14 34.85 7.60
C TYR A 159 -2.58 36.23 7.11
N GLN A 160 -1.64 37.09 6.74
CA GLN A 160 -2.00 38.41 6.25
C GLN A 160 -2.50 38.39 4.81
N ILE A 161 -2.04 37.41 4.02
CA ILE A 161 -2.54 37.28 2.65
C ILE A 161 -3.96 36.73 2.65
N PHE A 162 -4.22 35.69 3.44
CA PHE A 162 -5.54 35.07 3.52
C PHE A 162 -6.55 35.92 4.29
N SER A 163 -6.10 36.94 5.03
CA SER A 163 -7.03 37.81 5.73
C SER A 163 -7.75 38.74 4.77
N ARG A 164 -6.99 39.40 3.89
CA ARG A 164 -7.58 40.34 2.94
C ARG A 164 -8.19 39.66 1.71
N TYR A 165 -8.06 38.33 1.60
CA TYR A 165 -8.82 37.61 0.59
C TYR A 165 -10.30 37.57 0.92
N TYR A 166 -10.64 37.29 2.18
CA TYR A 166 -12.02 37.28 2.62
C TYR A 166 -12.61 38.67 2.74
N MET A 167 -11.78 39.71 2.87
CA MET A 167 -12.29 41.07 2.91
C MET A 167 -12.77 41.54 1.55
N LYS A 168 -12.19 41.01 0.47
CA LYS A 168 -12.58 41.43 -0.88
C LYS A 168 -13.79 40.66 -1.39
N PHE A 169 -13.93 39.39 -1.00
CA PHE A 169 -15.00 38.55 -1.54
C PHE A 169 -16.25 38.53 -0.68
N THR A 170 -16.14 38.82 0.62
CA THR A 170 -17.29 38.84 1.50
C THR A 170 -17.66 40.22 2.01
N GLY A 171 -16.68 41.12 2.18
CA GLY A 171 -16.97 42.46 2.64
C GLY A 171 -17.22 42.59 4.13
N MET A 172 -16.68 41.68 4.94
CA MET A 172 -16.88 41.74 6.38
C MET A 172 -15.75 42.58 7.01
N ASN A 173 -15.66 42.55 8.33
CA ASN A 173 -14.62 43.24 9.07
C ASN A 173 -13.50 42.28 9.44
N GLN A 174 -12.33 42.85 9.71
CA GLN A 174 -11.17 42.03 10.07
C GLN A 174 -11.29 41.46 11.49
N ASP A 175 -12.14 42.05 12.34
CA ASP A 175 -12.34 41.50 13.67
C ASP A 175 -13.18 40.23 13.63
N GLN A 176 -14.08 40.11 12.67
CA GLN A 176 -14.89 38.90 12.53
C GLN A 176 -14.10 37.75 11.96
N ILE A 177 -13.05 38.02 11.18
CA ILE A 177 -12.21 36.96 10.63
C ILE A 177 -11.27 36.42 11.70
N GLU A 178 -10.74 37.30 12.54
CA GLU A 178 -9.81 36.86 13.59
C GLU A 178 -10.53 36.09 14.69
N GLN A 179 -11.81 36.38 14.92
CA GLN A 179 -12.59 35.62 15.89
C GLN A 179 -13.06 34.29 15.34
N ALA A 180 -13.11 34.13 14.03
CA ALA A 180 -13.54 32.88 13.41
C ALA A 180 -12.38 31.96 13.08
N THR A 181 -11.26 32.50 12.61
CA THR A 181 -10.11 31.71 12.24
C THR A 181 -9.15 31.48 13.41
N CYS A 182 -9.56 31.82 14.64
CA CYS A 182 -8.70 31.57 15.79
C CYS A 182 -8.70 30.09 16.16
N ARG A 183 -9.87 29.47 16.16
CA ARG A 183 -10.01 28.04 16.42
C ARG A 183 -10.66 27.37 15.21
N ASP A 184 -10.92 26.07 15.35
CA ASP A 184 -11.51 25.28 14.27
C ASP A 184 -12.99 25.61 14.18
N HIS A 185 -13.39 26.33 13.13
CA HIS A 185 -14.76 26.80 12.96
C HIS A 185 -15.33 26.19 11.69
N PHE A 186 -16.34 25.34 11.84
CA PHE A 186 -17.06 24.74 10.71
C PHE A 186 -18.34 25.52 10.48
N MET A 187 -18.60 25.87 9.22
CA MET A 187 -19.75 26.70 8.86
C MET A 187 -20.71 25.93 7.97
N THR A 188 -22.00 26.07 8.27
CA THR A 188 -23.05 25.57 7.40
C THR A 188 -23.29 26.58 6.26
N PRO A 189 -23.79 26.12 5.11
CA PRO A 189 -24.11 27.07 4.03
C PRO A 189 -25.20 28.07 4.38
N GLU A 190 -26.10 27.72 5.30
CA GLU A 190 -27.06 28.70 5.81
C GLU A 190 -26.35 29.75 6.66
N GLN A 191 -25.28 29.37 7.36
CA GLN A 191 -24.47 30.35 8.08
C GLN A 191 -23.48 31.06 7.17
N ALA A 192 -22.98 30.36 6.15
CA ALA A 192 -22.02 30.99 5.23
C ALA A 192 -22.70 31.97 4.30
N LYS A 193 -24.02 31.86 4.11
CA LYS A 193 -24.75 32.85 3.33
C LYS A 193 -24.84 34.18 4.08
N LEU A 194 -24.89 34.13 5.41
CA LEU A 194 -24.88 35.37 6.18
C LEU A 194 -23.49 35.99 6.22
N GLU A 195 -22.44 35.15 6.21
CA GLU A 195 -21.08 35.65 6.23
C GLU A 195 -20.63 36.19 4.87
N GLY A 196 -21.30 35.81 3.79
CA GLY A 196 -20.95 36.28 2.47
C GLY A 196 -20.01 35.38 1.69
N LEU A 197 -19.81 34.13 2.14
CA LEU A 197 -18.93 33.23 1.42
C LEU A 197 -19.58 32.72 0.14
N ILE A 198 -20.88 32.49 0.16
CA ILE A 198 -21.61 31.98 -1.00
C ILE A 198 -22.69 32.99 -1.39
N ASP A 199 -23.45 32.66 -2.44
CA ASP A 199 -24.47 33.55 -2.95
C ASP A 199 -25.86 32.92 -3.02
N GLU A 200 -25.96 31.60 -3.20
CA GLU A 200 -27.25 30.95 -3.33
C GLU A 200 -27.17 29.55 -2.73
N ILE A 201 -28.21 29.18 -1.99
CA ILE A 201 -28.30 27.86 -1.37
C ILE A 201 -29.02 26.92 -2.33
N ILE A 202 -28.49 25.70 -2.48
CA ILE A 202 -29.08 24.71 -3.36
C ILE A 202 -29.84 23.69 -2.50
N ARG A 203 -31.14 23.58 -2.75
CA ARG A 203 -32.01 22.67 -2.02
C ARG A 203 -32.67 21.70 -2.99
N GLY A 204 -33.46 20.79 -2.45
CA GLY A 204 -34.17 19.80 -3.23
C GLY A 204 -35.58 20.26 -3.59
N LYS A 205 -36.48 19.28 -3.75
CA LYS A 205 -37.88 19.56 -4.04
C LYS A 205 -38.57 19.99 -2.75
N GLY A 206 -38.43 21.27 -2.44
CA GLY A 206 -39.01 21.81 -1.21
C GLY A 206 -38.27 21.40 0.04
N ASP A 207 -36.99 21.06 -0.06
CA ASP A 207 -36.20 20.66 1.09
C ASP A 207 -35.81 21.89 1.91
N TYR A 208 -36.44 22.06 3.06
CA TYR A 208 -36.17 23.20 3.94
C TYR A 208 -35.92 22.71 5.36
N THR A 209 -35.08 21.69 5.50
CA THR A 209 -34.75 21.19 6.83
C THR A 209 -33.78 22.13 7.52
N VAL A 210 -33.89 22.22 8.85
CA VAL A 210 -33.05 23.12 9.63
C VAL A 210 -31.86 22.34 10.19
N PRO A 211 -30.63 22.73 9.90
CA PRO A 211 -29.46 22.06 10.48
C PRO A 211 -29.30 22.45 11.94
N PRO A 212 -28.61 21.62 12.74
CA PRO A 212 -28.48 21.93 14.17
C PRO A 212 -27.60 23.13 14.48
N ALA A 213 -26.83 23.64 13.52
CA ALA A 213 -26.10 24.89 13.75
C ALA A 213 -27.03 26.09 13.82
N ILE A 214 -28.16 26.03 13.13
CA ILE A 214 -29.13 27.12 13.19
C ILE A 214 -30.04 26.97 14.42
N VAL A 215 -30.25 25.73 14.89
CA VAL A 215 -30.99 25.52 16.13
C VAL A 215 -30.20 26.05 17.32
N ARG A 216 -28.87 25.90 17.29
CA ARG A 216 -28.03 26.56 18.28
C ARG A 216 -28.03 28.08 18.08
N GLN A 217 -28.11 28.53 16.83
CA GLN A 217 -28.22 29.96 16.56
C GLN A 217 -29.58 30.51 16.98
N PHE A 218 -30.64 29.70 16.87
CA PHE A 218 -31.94 30.12 17.36
C PHE A 218 -31.99 30.12 18.88
N ARG A 219 -31.18 29.27 19.52
CA ARG A 219 -31.09 29.29 20.99
C ARG A 219 -30.28 30.48 21.48
N GLU A 220 -29.37 31.00 20.65
CA GLU A 220 -28.57 32.14 21.07
C GLU A 220 -29.36 33.44 21.01
N VAL A 221 -30.33 33.53 20.11
CA VAL A 221 -31.14 34.74 20.00
C VAL A 221 -32.41 34.69 20.83
N GLY A 222 -32.83 33.51 21.29
CA GLY A 222 -33.98 33.40 22.14
C GLY A 222 -35.29 33.10 21.44
N LEU A 223 -35.26 32.37 20.33
CA LEU A 223 -36.49 32.04 19.61
C LEU A 223 -37.07 30.70 20.03
N VAL A 224 -36.23 29.77 20.51
CA VAL A 224 -36.68 28.43 20.90
C VAL A 224 -36.16 28.15 22.31
N ASP A 225 -37.00 27.52 23.12
CA ASP A 225 -36.65 27.14 24.48
C ASP A 225 -36.82 25.63 24.64
N ASP A 226 -36.61 25.15 25.87
CA ASP A 226 -36.72 23.72 26.12
C ASP A 226 -38.17 23.28 26.25
N LEU A 227 -39.06 24.19 26.66
CA LEU A 227 -40.47 23.84 26.82
C LEU A 227 -41.17 23.74 25.47
N THR A 228 -40.88 24.66 24.56
CA THR A 228 -41.46 24.66 23.21
C THR A 228 -40.34 24.45 22.20
N PRO A 229 -40.03 23.19 21.85
CA PRO A 229 -38.95 22.95 20.89
C PRO A 229 -39.33 23.25 19.45
N GLY A 230 -40.62 23.29 19.12
CA GLY A 230 -41.07 23.56 17.78
C GLY A 230 -40.88 22.37 16.87
N PRO A 231 -41.03 22.58 15.55
CA PRO A 231 -40.82 21.51 14.56
C PRO A 231 -39.37 21.37 14.13
N PHE A 232 -38.46 21.32 15.10
CA PHE A 232 -37.03 21.19 14.85
C PHE A 232 -36.52 19.91 15.50
N LEU A 233 -35.23 19.64 15.32
CA LEU A 233 -34.60 18.49 15.96
C LEU A 233 -34.24 18.83 17.40
N LYS A 234 -34.02 17.78 18.19
CA LYS A 234 -33.67 17.95 19.60
C LYS A 234 -32.23 18.42 19.72
N VAL A 235 -32.00 19.40 20.59
CA VAL A 235 -30.69 19.99 20.80
C VAL A 235 -30.32 20.06 22.28
N ASP A 236 -31.28 19.83 23.18
CA ASP A 236 -31.07 19.93 24.62
C ASP A 236 -30.46 18.67 25.24
N CYS A 237 -29.84 17.80 24.44
CA CYS A 237 -29.20 16.58 24.93
C CYS A 237 -27.73 16.79 25.28
N ASN A 238 -27.33 18.01 25.60
CA ASN A 238 -25.95 18.31 25.95
C ASN A 238 -25.65 17.91 27.39
N PRO B 42 -6.82 -7.69 -8.35
CA PRO B 42 -6.26 -8.87 -9.01
C PRO B 42 -5.72 -8.56 -10.40
N ASN B 43 -5.93 -9.50 -11.33
CA ASN B 43 -5.47 -9.30 -12.70
C ASN B 43 -6.39 -8.32 -13.42
N PRO B 44 -5.85 -7.50 -14.34
CA PRO B 44 -6.68 -6.49 -15.01
C PRO B 44 -7.62 -7.05 -16.07
N LEU B 45 -7.58 -8.34 -16.37
CA LEU B 45 -8.53 -8.93 -17.31
C LEU B 45 -9.92 -9.00 -16.70
N VAL B 46 -10.01 -9.23 -15.38
CA VAL B 46 -11.29 -9.13 -14.69
C VAL B 46 -11.77 -7.68 -14.66
N ILE B 47 -10.84 -6.74 -14.55
CA ILE B 47 -11.20 -5.32 -14.54
C ILE B 47 -11.65 -4.87 -15.93
N GLU B 48 -11.06 -5.43 -16.98
CA GLU B 48 -11.45 -5.05 -18.35
C GLU B 48 -12.81 -5.62 -18.71
N ARG B 49 -13.13 -6.84 -18.25
CA ARG B 49 -14.44 -7.40 -18.51
C ARG B 49 -15.51 -6.83 -17.58
N PHE B 50 -15.10 -6.22 -16.46
CA PHE B 50 -16.06 -5.52 -15.61
C PHE B 50 -16.31 -4.10 -16.13
N GLN B 51 -15.32 -3.50 -16.79
CA GLN B 51 -15.50 -2.16 -17.35
C GLN B 51 -16.45 -2.18 -18.54
N GLY B 52 -16.58 -3.31 -19.22
CA GLY B 52 -17.49 -3.42 -20.35
C GLY B 52 -18.94 -3.49 -19.96
N VAL B 53 -19.25 -4.26 -18.92
CA VAL B 53 -20.66 -4.43 -18.53
C VAL B 53 -21.18 -3.22 -17.77
N VAL B 54 -20.29 -2.44 -17.15
CA VAL B 54 -20.71 -1.17 -16.56
C VAL B 54 -21.00 -0.15 -17.67
N SER B 55 -20.22 -0.20 -18.75
CA SER B 55 -20.45 0.70 -19.88
C SER B 55 -21.75 0.39 -20.61
N GLN B 56 -22.21 -0.87 -20.55
CA GLN B 56 -23.52 -1.20 -21.10
C GLN B 56 -24.65 -0.76 -20.18
N LEU B 57 -24.37 -0.55 -18.90
CA LEU B 57 -25.39 -0.10 -17.96
C LEU B 57 -25.75 1.36 -18.15
N PHE B 58 -24.88 2.16 -18.77
CA PHE B 58 -25.21 3.56 -19.04
C PHE B 58 -26.26 3.68 -20.13
N GLN B 59 -26.33 2.70 -21.04
CA GLN B 59 -27.36 2.72 -22.08
C GLN B 59 -28.74 2.36 -21.54
N GLN B 60 -28.81 1.70 -20.38
CA GLN B 60 -30.07 1.36 -19.76
C GLN B 60 -30.40 2.26 -18.57
N ARG B 61 -29.66 3.37 -18.43
CA ARG B 61 -29.83 4.37 -17.36
C ARG B 61 -29.71 3.75 -15.97
N ILE B 62 -28.62 3.01 -15.77
CA ILE B 62 -28.33 2.34 -14.50
C ILE B 62 -26.94 2.75 -14.06
N VAL B 63 -26.85 3.38 -12.90
CA VAL B 63 -25.57 3.78 -12.32
C VAL B 63 -25.16 2.74 -11.29
N ARG B 64 -23.88 2.79 -10.89
CA ARG B 64 -23.30 1.78 -10.03
C ARG B 64 -22.67 2.43 -8.82
N LEU B 65 -23.12 2.03 -7.62
CA LEU B 65 -22.51 2.41 -6.36
C LEU B 65 -21.96 1.14 -5.73
N GLY B 66 -20.65 0.94 -5.85
CA GLY B 66 -20.01 -0.27 -5.36
C GLY B 66 -18.77 0.06 -4.55
N GLY B 67 -18.46 -0.85 -3.63
CA GLY B 67 -17.31 -0.68 -2.77
C GLY B 67 -17.54 0.35 -1.68
N ALA B 68 -16.44 0.70 -1.02
CA ALA B 68 -16.49 1.69 0.05
C ALA B 68 -16.65 3.09 -0.54
N VAL B 69 -17.46 3.91 0.12
CA VAL B 69 -17.73 5.27 -0.35
C VAL B 69 -16.53 6.13 0.02
N ASP B 70 -15.70 6.45 -0.98
CA ASP B 70 -14.50 7.26 -0.80
C ASP B 70 -14.71 8.62 -1.45
N ASP B 71 -13.68 9.46 -1.34
CA ASP B 71 -13.77 10.81 -1.90
C ASP B 71 -13.63 10.80 -3.41
N ASP B 72 -12.78 9.93 -3.95
CA ASP B 72 -12.59 9.86 -5.40
C ASP B 72 -13.73 9.12 -6.09
N MET B 73 -14.29 8.09 -5.45
CA MET B 73 -15.38 7.34 -6.06
C MET B 73 -16.69 8.14 -6.07
N ALA B 74 -16.87 9.02 -5.08
CA ALA B 74 -18.06 9.86 -5.05
C ALA B 74 -18.02 10.90 -6.17
N ASN B 75 -16.83 11.37 -6.54
CA ASN B 75 -16.71 12.30 -7.65
C ASN B 75 -16.93 11.60 -9.00
N LEU B 76 -16.69 10.29 -9.06
CA LEU B 76 -17.02 9.54 -10.27
C LEU B 76 -18.51 9.31 -10.39
N LEU B 77 -19.24 9.35 -9.27
CA LEU B 77 -20.68 9.09 -9.28
C LEU B 77 -21.49 10.37 -9.41
N VAL B 78 -20.92 11.51 -9.00
CA VAL B 78 -21.60 12.79 -9.19
C VAL B 78 -21.61 13.16 -10.67
N ALA B 79 -20.49 12.95 -11.36
CA ALA B 79 -20.40 13.30 -12.78
C ALA B 79 -21.21 12.35 -13.65
N GLN B 80 -21.47 11.13 -13.18
CA GLN B 80 -22.26 10.19 -13.97
C GLN B 80 -23.76 10.34 -13.75
N LEU B 81 -24.18 11.11 -12.75
CA LEU B 81 -25.60 11.36 -12.55
C LEU B 81 -26.09 12.56 -13.34
N LEU B 82 -25.25 13.59 -13.49
CA LEU B 82 -25.66 14.77 -14.24
C LEU B 82 -25.65 14.53 -15.75
N TYR B 83 -24.94 13.48 -16.20
CA TYR B 83 -24.91 13.18 -17.62
C TYR B 83 -26.17 12.43 -18.07
N LEU B 84 -26.74 11.61 -17.18
CA LEU B 84 -27.94 10.85 -17.53
C LEU B 84 -29.17 11.74 -17.60
N ASP B 85 -29.14 12.89 -16.93
CA ASP B 85 -30.23 13.84 -17.06
C ASP B 85 -30.19 14.57 -18.39
N SER B 86 -29.00 14.71 -18.98
CA SER B 86 -28.84 15.51 -20.19
C SER B 86 -29.41 14.83 -21.43
N VAL B 87 -29.38 13.50 -21.48
CA VAL B 87 -29.93 12.80 -22.64
C VAL B 87 -31.44 12.70 -22.54
N ASP B 88 -31.98 12.74 -21.31
CA ASP B 88 -33.41 12.71 -21.05
C ASP B 88 -33.63 13.13 -19.60
N ASN B 89 -34.53 14.09 -19.40
CA ASN B 89 -34.82 14.60 -18.06
C ASN B 89 -36.12 14.08 -17.49
N LYS B 90 -36.70 13.04 -18.08
CA LYS B 90 -37.95 12.46 -17.62
C LYS B 90 -37.84 11.00 -17.21
N ARG B 91 -36.96 10.23 -17.84
CA ARG B 91 -36.82 8.82 -17.51
C ARG B 91 -36.06 8.64 -16.20
N ASP B 92 -36.46 7.63 -15.43
CA ASP B 92 -35.86 7.36 -14.14
C ASP B 92 -34.47 6.74 -14.30
N ILE B 93 -33.73 6.74 -13.19
CA ILE B 93 -32.39 6.16 -13.13
C ILE B 93 -32.41 5.08 -12.06
N THR B 94 -32.18 3.84 -12.48
CA THR B 94 -32.16 2.69 -11.56
C THR B 94 -30.80 2.65 -10.89
N MET B 95 -30.72 3.13 -9.65
CA MET B 95 -29.46 3.19 -8.93
C MET B 95 -29.15 1.87 -8.26
N TYR B 96 -28.01 1.28 -8.61
CA TYR B 96 -27.54 0.05 -7.98
C TYR B 96 -26.75 0.39 -6.73
N VAL B 97 -27.20 -0.10 -5.57
CA VAL B 97 -26.59 0.21 -4.28
C VAL B 97 -26.08 -1.09 -3.67
N ASN B 98 -24.76 -1.21 -3.54
CA ASN B 98 -24.14 -2.33 -2.83
C ASN B 98 -22.83 -1.82 -2.26
N SER B 99 -22.83 -1.46 -0.97
CA SER B 99 -21.67 -0.86 -0.33
C SER B 99 -21.55 -1.37 1.10
N PRO B 100 -20.35 -1.78 1.52
CA PRO B 100 -20.14 -2.23 2.90
C PRO B 100 -19.74 -1.14 3.87
N GLY B 101 -19.75 0.12 3.47
CA GLY B 101 -19.37 1.22 4.32
C GLY B 101 -18.78 2.34 3.49
N GLY B 102 -18.10 3.26 4.17
CA GLY B 102 -17.46 4.37 3.51
C GLY B 102 -17.43 5.58 4.42
N SER B 103 -16.94 6.69 3.86
CA SER B 103 -16.85 7.93 4.60
C SER B 103 -18.23 8.59 4.71
N VAL B 104 -18.36 9.49 5.69
CA VAL B 104 -19.64 10.14 5.94
C VAL B 104 -19.81 11.37 5.07
N THR B 105 -18.75 12.18 4.91
CA THR B 105 -18.88 13.39 4.09
C THR B 105 -18.73 13.07 2.61
N ALA B 106 -18.21 11.90 2.26
CA ALA B 106 -18.17 11.50 0.86
C ALA B 106 -19.54 11.08 0.35
N GLY B 107 -20.37 10.49 1.22
CA GLY B 107 -21.73 10.16 0.84
C GLY B 107 -22.70 11.31 0.95
N MET B 108 -22.29 12.42 1.58
CA MET B 108 -23.16 13.58 1.69
C MET B 108 -23.29 14.31 0.36
N ALA B 109 -22.28 14.23 -0.49
CA ALA B 109 -22.39 14.78 -1.84
C ALA B 109 -23.26 13.90 -2.72
N VAL B 110 -23.37 12.60 -2.40
CA VAL B 110 -24.22 11.69 -3.14
C VAL B 110 -25.70 11.92 -2.80
N PHE B 111 -25.98 12.40 -1.58
CA PHE B 111 -27.37 12.48 -1.13
C PHE B 111 -28.12 13.63 -1.80
N ASP B 112 -27.60 14.86 -1.66
CA ASP B 112 -28.35 16.03 -2.10
C ASP B 112 -28.32 16.24 -3.60
N THR B 113 -27.50 15.49 -4.34
CA THR B 113 -27.50 15.58 -5.79
C THR B 113 -28.61 14.75 -6.43
N MET B 114 -29.32 13.94 -5.65
CA MET B 114 -30.43 13.15 -6.19
C MET B 114 -31.76 13.87 -6.01
N ARG B 115 -31.86 14.73 -4.98
CA ARG B 115 -33.12 15.40 -4.69
C ARG B 115 -33.37 16.61 -5.58
N HIS B 116 -32.32 17.21 -6.14
CA HIS B 116 -32.50 18.43 -6.91
C HIS B 116 -32.61 18.18 -8.42
N ILE B 117 -32.17 17.00 -8.89
CA ILE B 117 -32.32 16.69 -10.31
C ILE B 117 -33.79 16.41 -10.63
N ARG B 118 -34.15 16.61 -11.89
CA ARG B 118 -35.54 16.59 -12.33
C ARG B 118 -36.22 15.20 -12.32
N PRO B 119 -35.63 14.11 -12.83
CA PRO B 119 -36.33 12.83 -12.70
C PRO B 119 -36.03 12.16 -11.36
N ASP B 120 -36.92 11.26 -10.98
CA ASP B 120 -36.73 10.50 -9.76
C ASP B 120 -35.69 9.40 -9.95
N VAL B 121 -35.07 9.00 -8.85
CA VAL B 121 -34.03 7.97 -8.85
C VAL B 121 -34.56 6.76 -8.12
N SER B 122 -34.68 5.65 -8.83
CA SER B 122 -35.17 4.39 -8.27
C SER B 122 -33.99 3.63 -7.69
N THR B 123 -33.99 3.44 -6.37
CA THR B 123 -32.90 2.79 -5.67
C THR B 123 -33.26 1.36 -5.30
N CYS B 124 -32.33 0.44 -5.51
CA CYS B 124 -32.52 -0.98 -5.23
C CYS B 124 -31.40 -1.47 -4.32
N CYS B 125 -31.73 -2.42 -3.44
CA CYS B 125 -30.76 -2.98 -2.52
C CYS B 125 -30.37 -4.37 -2.98
N ILE B 126 -29.11 -4.54 -3.38
CA ILE B 126 -28.57 -5.84 -3.78
C ILE B 126 -27.45 -6.21 -2.82
N GLY B 127 -27.60 -7.34 -2.13
CA GLY B 127 -26.55 -7.85 -1.29
C GLY B 127 -26.50 -7.29 0.12
N LEU B 128 -26.00 -6.06 0.25
CA LEU B 128 -25.76 -5.50 1.58
C LEU B 128 -25.85 -3.98 1.52
N ALA B 129 -26.53 -3.40 2.53
CA ALA B 129 -26.57 -1.96 2.73
C ALA B 129 -25.84 -1.62 4.01
N ALA B 130 -25.20 -0.44 4.03
CA ALA B 130 -24.43 0.02 5.17
C ALA B 130 -25.04 1.30 5.71
N SER B 131 -24.33 1.94 6.66
CA SER B 131 -24.81 3.19 7.24
C SER B 131 -24.78 4.32 6.20
N MET B 132 -23.78 4.30 5.31
CA MET B 132 -23.77 5.17 4.14
C MET B 132 -24.36 4.49 2.91
N GLY B 133 -24.80 3.24 3.04
CA GLY B 133 -25.44 2.54 1.94
C GLY B 133 -26.95 2.59 2.01
N ALA B 134 -27.50 2.35 3.20
CA ALA B 134 -28.94 2.43 3.38
C ALA B 134 -29.45 3.86 3.45
N PHE B 135 -28.57 4.83 3.69
CA PHE B 135 -28.95 6.22 3.56
C PHE B 135 -29.17 6.61 2.10
N ILE B 136 -28.43 5.98 1.20
CA ILE B 136 -28.72 6.10 -0.24
C ILE B 136 -30.02 5.39 -0.56
N LEU B 137 -30.30 4.28 0.13
CA LEU B 137 -31.54 3.54 -0.09
C LEU B 137 -32.76 4.32 0.38
N ALA B 138 -32.64 5.04 1.49
CA ALA B 138 -33.77 5.81 2.01
C ALA B 138 -33.98 7.13 1.27
N SER B 139 -32.99 7.58 0.49
CA SER B 139 -33.07 8.85 -0.20
C SER B 139 -33.80 8.78 -1.54
N GLY B 140 -34.33 7.60 -1.91
CA GLY B 140 -35.01 7.46 -3.16
C GLY B 140 -36.42 8.03 -3.14
N GLN B 141 -37.09 7.91 -4.29
CA GLN B 141 -38.46 8.39 -4.41
C GLN B 141 -39.42 7.45 -3.69
N ALA B 142 -40.45 8.03 -3.07
CA ALA B 142 -41.45 7.23 -2.38
C ALA B 142 -42.31 6.48 -3.39
N GLY B 143 -42.46 5.17 -3.19
CA GLY B 143 -43.17 4.33 -4.11
C GLY B 143 -42.31 3.66 -5.16
N LYS B 144 -41.00 3.94 -5.19
CA LYS B 144 -40.09 3.35 -6.17
C LYS B 144 -38.83 2.82 -5.52
N ARG B 145 -38.85 2.57 -4.22
CA ARG B 145 -37.73 1.98 -3.50
C ARG B 145 -37.96 0.48 -3.38
N TYR B 146 -37.11 -0.30 -4.03
CA TYR B 146 -37.27 -1.75 -4.10
C TYR B 146 -36.09 -2.46 -3.44
N SER B 147 -36.29 -3.74 -3.16
CA SER B 147 -35.28 -4.56 -2.51
C SER B 147 -35.54 -6.02 -2.83
N LEU B 148 -34.52 -6.85 -2.60
CA LEU B 148 -34.59 -8.30 -2.72
C LEU B 148 -34.78 -8.94 -1.34
N PRO B 149 -35.51 -10.06 -1.27
CA PRO B 149 -35.88 -10.59 0.06
C PRO B 149 -34.74 -11.22 0.85
N ASN B 150 -33.56 -11.40 0.27
CA ASN B 150 -32.44 -12.02 0.98
C ASN B 150 -31.28 -11.06 1.18
N SER B 151 -31.49 -9.76 0.97
CA SER B 151 -30.46 -8.77 1.21
C SER B 151 -30.53 -8.26 2.64
N ARG B 152 -29.40 -7.74 3.13
CA ARG B 152 -29.29 -7.24 4.49
C ARG B 152 -29.23 -5.72 4.50
N ILE B 153 -30.02 -5.10 5.38
CA ILE B 153 -30.05 -3.65 5.55
C ILE B 153 -29.50 -3.36 6.94
N MET B 154 -28.32 -2.74 6.99
CA MET B 154 -27.62 -2.45 8.24
C MET B 154 -27.51 -0.94 8.41
N ILE B 155 -27.88 -0.45 9.60
CA ILE B 155 -27.85 0.98 9.90
C ILE B 155 -27.28 1.18 11.29
N HIS B 156 -26.46 2.21 11.44
CA HIS B 156 -25.89 2.58 12.73
C HIS B 156 -25.49 4.05 12.68
N GLN B 157 -25.01 4.56 13.81
CA GLN B 157 -24.48 5.90 13.86
C GLN B 157 -23.12 5.96 13.17
N PRO B 158 -22.75 7.09 12.57
CA PRO B 158 -21.47 7.16 11.85
C PRO B 158 -20.28 7.10 12.79
N LEU B 159 -19.21 6.46 12.32
CA LEU B 159 -18.00 6.26 13.09
C LEU B 159 -17.08 7.47 12.94
N GLY B 160 -15.85 7.34 13.41
CA GLY B 160 -14.88 8.41 13.32
C GLY B 160 -13.98 8.40 14.55
N GLY B 161 -13.39 9.56 14.81
CA GLY B 161 -12.49 9.69 15.95
C GLY B 161 -12.08 11.14 16.11
N ALA B 162 -11.47 11.42 17.26
CA ALA B 162 -11.00 12.75 17.60
C ALA B 162 -9.59 12.66 18.18
N GLN B 163 -8.73 13.59 17.78
CA GLN B 163 -7.36 13.63 18.25
C GLN B 163 -6.83 15.05 18.14
N GLY B 164 -6.12 15.48 19.17
CA GLY B 164 -5.56 16.83 19.19
C GLY B 164 -5.61 17.47 20.56
N GLN B 165 -5.75 18.80 20.58
CA GLN B 165 -5.79 19.55 21.83
C GLN B 165 -7.16 19.40 22.48
N ALA B 166 -7.32 19.99 23.67
CA ALA B 166 -8.57 19.88 24.41
C ALA B 166 -9.70 20.64 23.74
N THR B 167 -9.39 21.77 23.07
CA THR B 167 -10.40 22.46 22.29
C THR B 167 -10.66 21.75 20.97
N ASP B 168 -9.69 20.98 20.47
CA ASP B 168 -9.88 20.22 19.24
C ASP B 168 -10.76 18.99 19.45
N ILE B 169 -10.95 18.55 20.70
CA ILE B 169 -11.79 17.39 20.96
C ILE B 169 -13.27 17.77 20.86
N GLU B 170 -13.65 18.86 21.53
CA GLU B 170 -15.07 19.24 21.57
C GLU B 170 -15.55 19.84 20.25
N ILE B 171 -14.63 20.38 19.45
CA ILE B 171 -15.02 20.85 18.12
C ILE B 171 -15.26 19.68 17.18
N GLN B 172 -14.34 18.71 17.16
CA GLN B 172 -14.50 17.52 16.34
C GLN B 172 -15.63 16.62 16.82
N ALA B 173 -16.00 16.71 18.11
CA ALA B 173 -17.18 16.00 18.58
C ALA B 173 -18.45 16.65 18.05
N ASN B 174 -18.44 17.96 17.84
CA ASN B 174 -19.59 18.64 17.26
C ASN B 174 -19.74 18.35 15.77
N GLU B 175 -18.66 17.91 15.10
CA GLU B 175 -18.77 17.54 13.70
C GLU B 175 -19.49 16.21 13.54
N ILE B 176 -19.21 15.24 14.41
CA ILE B 176 -19.88 13.94 14.33
C ILE B 176 -21.31 14.04 14.82
N LEU B 177 -21.58 14.91 15.81
CA LEU B 177 -22.96 15.12 16.23
C LEU B 177 -23.76 15.91 15.21
N HIS B 178 -23.08 16.70 14.37
CA HIS B 178 -23.76 17.29 13.22
C HIS B 178 -24.11 16.22 12.19
N HIS B 179 -23.25 15.21 12.06
CA HIS B 179 -23.56 14.09 11.18
C HIS B 179 -24.54 13.12 11.85
N LYS B 180 -24.62 13.14 13.17
CA LYS B 180 -25.56 12.24 13.87
C LYS B 180 -26.98 12.78 13.82
N LEU B 181 -27.14 14.09 14.01
CA LEU B 181 -28.49 14.65 14.09
C LEU B 181 -29.14 14.84 12.72
N THR B 182 -28.33 15.02 11.67
CA THR B 182 -28.91 15.21 10.35
C THR B 182 -29.33 13.90 9.70
N LEU B 183 -28.58 12.82 9.95
CA LEU B 183 -28.99 11.51 9.45
C LEU B 183 -30.21 10.99 10.19
N ASN B 184 -30.33 11.30 11.48
CA ASN B 184 -31.54 10.97 12.21
C ASN B 184 -32.70 11.89 11.86
N GLY B 185 -32.42 13.10 11.40
CA GLY B 185 -33.46 14.02 10.96
C GLY B 185 -33.97 13.66 9.58
N TYR B 186 -33.08 13.18 8.70
CA TYR B 186 -33.49 12.79 7.36
C TYR B 186 -34.24 11.45 7.37
N LEU B 187 -33.82 10.51 8.22
CA LEU B 187 -34.49 9.22 8.29
C LEU B 187 -35.88 9.29 8.90
N ALA B 188 -36.15 10.33 9.71
CA ALA B 188 -37.49 10.50 10.26
C ALA B 188 -38.47 10.99 9.20
N GLN B 189 -37.97 11.71 8.18
CA GLN B 189 -38.83 12.19 7.12
C GLN B 189 -39.05 11.12 6.05
N PHE B 190 -38.10 10.19 5.89
CA PHE B 190 -38.23 9.15 4.88
C PHE B 190 -39.16 8.03 5.34
N THR B 191 -38.92 7.51 6.55
CA THR B 191 -39.73 6.41 7.06
C THR B 191 -41.03 6.90 7.71
N GLY B 192 -41.11 8.17 8.08
CA GLY B 192 -42.28 8.70 8.73
C GLY B 192 -42.35 8.48 10.22
N GLN B 193 -41.30 7.94 10.82
CA GLN B 193 -41.29 7.68 12.25
C GLN B 193 -40.93 8.95 13.03
N SER B 194 -40.98 8.85 14.35
CA SER B 194 -40.65 9.98 15.21
C SER B 194 -39.14 10.13 15.36
N MET B 195 -38.75 11.17 16.09
CA MET B 195 -37.33 11.46 16.26
C MET B 195 -36.69 10.55 17.31
N GLU B 196 -37.43 10.27 18.40
CA GLU B 196 -36.87 9.50 19.50
C GLU B 196 -36.73 8.02 19.19
N THR B 197 -37.59 7.48 18.31
CA THR B 197 -37.50 6.06 17.99
C THR B 197 -36.39 5.77 16.97
N ILE B 198 -35.89 6.81 16.30
CA ILE B 198 -34.80 6.60 15.34
C ILE B 198 -33.47 6.46 16.08
N THR B 199 -33.18 7.39 16.99
CA THR B 199 -31.89 7.40 17.69
C THR B 199 -31.76 6.27 18.70
N LYS B 200 -32.87 5.63 19.10
CA LYS B 200 -32.81 4.46 19.97
C LYS B 200 -32.35 3.22 19.21
N ASP B 201 -32.48 3.21 17.88
CA ASP B 201 -32.04 2.09 17.05
C ASP B 201 -30.77 2.41 16.27
N THR B 202 -30.48 3.69 16.03
CA THR B 202 -29.32 4.12 15.25
C THR B 202 -28.05 4.18 16.09
N ASP B 203 -28.18 4.24 17.42
CA ASP B 203 -27.00 4.37 18.29
C ASP B 203 -26.18 3.09 18.32
N ARG B 204 -26.78 1.95 18.02
CA ARG B 204 -26.07 0.69 17.90
C ARG B 204 -26.20 0.15 16.48
N ASP B 205 -25.38 -0.86 16.18
CA ASP B 205 -25.43 -1.52 14.88
C ASP B 205 -26.69 -2.37 14.81
N PHE B 206 -27.60 -2.01 13.89
CA PHE B 206 -28.91 -2.65 13.78
C PHE B 206 -29.08 -3.18 12.37
N PHE B 207 -29.27 -4.49 12.25
CA PHE B 207 -29.57 -5.13 10.97
C PHE B 207 -31.08 -5.22 10.78
N MET B 208 -31.50 -5.18 9.53
CA MET B 208 -32.92 -5.19 9.19
C MET B 208 -33.20 -6.22 8.10
N SER B 209 -34.34 -6.87 8.20
CA SER B 209 -34.81 -7.83 7.23
C SER B 209 -35.70 -7.13 6.20
N PRO B 210 -35.76 -7.64 4.97
CA PRO B 210 -36.65 -7.04 3.96
C PRO B 210 -38.13 -7.25 4.26
N GLN B 211 -38.49 -8.25 5.07
CA GLN B 211 -39.89 -8.42 5.45
C GLN B 211 -40.32 -7.35 6.46
N GLU B 212 -39.41 -6.94 7.34
CA GLU B 212 -39.70 -5.88 8.30
C GLU B 212 -39.36 -4.50 7.78
N ALA B 213 -38.69 -4.40 6.63
CA ALA B 213 -38.38 -3.09 6.06
C ALA B 213 -39.59 -2.45 5.43
N ILE B 214 -40.59 -3.25 5.03
CA ILE B 214 -41.84 -2.70 4.54
C ILE B 214 -42.62 -2.05 5.68
N GLU B 215 -42.58 -2.66 6.87
CA GLU B 215 -43.32 -2.12 7.99
C GLU B 215 -42.59 -0.95 8.65
N TYR B 216 -41.30 -0.82 8.42
CA TYR B 216 -40.52 0.24 9.06
C TYR B 216 -40.39 1.48 8.19
N GLY B 217 -40.19 1.33 6.88
CA GLY B 217 -40.16 2.45 5.97
C GLY B 217 -38.88 2.66 5.19
N LEU B 218 -37.98 1.67 5.14
CA LEU B 218 -36.77 1.83 4.35
C LEU B 218 -37.04 1.65 2.85
N VAL B 219 -37.64 0.53 2.47
CA VAL B 219 -38.01 0.26 1.09
C VAL B 219 -39.51 0.23 0.98
N ASP B 220 -40.02 0.49 -0.23
CA ASP B 220 -41.46 0.60 -0.44
C ASP B 220 -42.08 -0.71 -0.93
N ALA B 221 -41.38 -1.44 -1.79
CA ALA B 221 -41.90 -2.69 -2.34
C ALA B 221 -40.76 -3.68 -2.50
N ILE B 222 -41.12 -4.91 -2.88
CA ILE B 222 -40.17 -5.98 -3.10
C ILE B 222 -40.38 -6.52 -4.52
N ILE B 223 -39.35 -6.41 -5.35
CA ILE B 223 -39.41 -6.91 -6.72
C ILE B 223 -38.88 -8.34 -6.73
N SER B 224 -39.75 -9.29 -7.08
CA SER B 224 -39.38 -10.69 -7.12
C SER B 224 -40.28 -11.43 -8.09
N LYS B 225 -39.78 -12.51 -8.65
CA LYS B 225 -40.57 -13.34 -9.55
C LYS B 225 -41.60 -14.14 -8.75
N PRO B 226 -42.72 -14.52 -9.36
CA PRO B 226 -43.68 -15.38 -8.67
C PRO B 226 -43.12 -16.78 -8.45
N GLN B 227 -43.44 -17.36 -7.30
CA GLN B 227 -42.89 -18.64 -6.90
C GLN B 227 -43.54 -19.79 -7.67
N MET B 228 -42.89 -20.93 -7.64
CA MET B 228 -43.40 -22.14 -8.28
C MET B 228 -44.52 -22.76 -7.45
N LEU B 229 -45.43 -23.45 -8.13
CA LEU B 229 -46.55 -24.12 -7.47
C LEU B 229 -46.04 -25.38 -6.80
N GLN B 230 -45.50 -25.21 -5.60
CA GLN B 230 -44.94 -26.32 -4.84
C GLN B 230 -46.04 -27.09 -4.13
N SER B 231 -46.07 -28.40 -4.34
CA SER B 231 -47.06 -29.24 -3.68
C SER B 231 -46.67 -29.48 -2.23
N ARG B 232 -47.68 -29.58 -1.37
CA ARG B 232 -47.45 -29.77 0.05
C ARG B 232 -47.15 -31.25 0.34
N GLU B 233 -46.85 -31.54 1.61
CA GLU B 233 -46.52 -32.89 2.04
C GLU B 233 -47.73 -33.73 2.38
N VAL B 234 -48.94 -33.19 2.20
CA VAL B 234 -50.24 -33.82 2.49
C VAL B 234 -50.34 -34.31 3.94
N PRO C 17 -10.10 -14.38 -24.89
CA PRO C 17 -10.21 -14.38 -23.43
C PRO C 17 -11.62 -14.70 -22.95
N PHE C 18 -12.07 -14.03 -21.89
CA PHE C 18 -13.40 -14.24 -21.35
C PHE C 18 -14.46 -13.44 -22.08
N GLY C 19 -14.08 -12.48 -22.93
CA GLY C 19 -15.05 -11.73 -23.70
C GLY C 19 -15.66 -12.51 -24.85
N LEU C 20 -14.97 -13.55 -25.32
CA LEU C 20 -15.51 -14.39 -26.38
C LEU C 20 -16.64 -15.28 -25.89
N LEU C 21 -16.60 -15.66 -24.62
CA LEU C 21 -17.64 -16.50 -24.04
C LEU C 21 -18.73 -15.69 -23.33
N LEU C 22 -18.51 -14.41 -23.06
CA LEU C 22 -19.55 -13.58 -22.46
C LEU C 22 -20.68 -13.32 -23.44
N ARG C 23 -20.38 -13.28 -24.73
CA ARG C 23 -21.44 -13.17 -25.74
C ARG C 23 -22.17 -14.50 -25.96
N GLN C 24 -21.59 -15.61 -25.51
CA GLN C 24 -22.21 -16.92 -25.61
C GLN C 24 -22.92 -17.33 -24.32
N ARG C 25 -23.29 -16.32 -23.50
CA ARG C 25 -24.06 -16.48 -22.26
C ARG C 25 -23.36 -17.39 -21.25
N ILE C 26 -22.05 -17.21 -21.10
CA ILE C 26 -21.24 -17.95 -20.15
C ILE C 26 -20.60 -16.97 -19.19
N VAL C 27 -20.73 -17.24 -17.89
CA VAL C 27 -20.07 -16.45 -16.86
C VAL C 27 -19.16 -17.36 -16.05
N PHE C 28 -18.19 -16.75 -15.39
CA PHE C 28 -17.16 -17.48 -14.65
C PHE C 28 -17.10 -16.97 -13.22
N LEU C 29 -17.41 -17.85 -12.26
CA LEU C 29 -17.27 -17.53 -10.84
C LEU C 29 -15.90 -18.01 -10.36
N GLY C 30 -14.88 -17.29 -10.82
CA GLY C 30 -13.52 -17.65 -10.53
C GLY C 30 -12.89 -16.85 -9.40
N GLY C 31 -11.95 -17.48 -8.71
CA GLY C 31 -11.23 -16.84 -7.63
C GLY C 31 -12.04 -16.76 -6.35
N GLU C 32 -11.42 -16.14 -5.35
CA GLU C 32 -12.08 -15.93 -4.07
C GLU C 32 -13.11 -14.83 -4.21
N VAL C 33 -14.36 -15.13 -3.83
CA VAL C 33 -15.45 -14.18 -4.00
C VAL C 33 -15.46 -13.16 -2.84
N GLU C 34 -14.94 -11.97 -3.13
CA GLU C 34 -14.94 -10.87 -2.17
C GLU C 34 -16.10 -9.93 -2.48
N ASP C 35 -16.10 -8.76 -1.84
CA ASP C 35 -17.17 -7.79 -2.06
C ASP C 35 -17.10 -7.18 -3.46
N PHE C 36 -15.89 -7.03 -4.00
CA PHE C 36 -15.75 -6.56 -5.38
C PHE C 36 -15.85 -7.70 -6.37
N GLY C 37 -15.42 -8.91 -5.96
CA GLY C 37 -15.53 -10.06 -6.84
C GLY C 37 -16.96 -10.51 -7.08
N ALA C 38 -17.81 -10.37 -6.06
CA ALA C 38 -19.23 -10.65 -6.24
C ALA C 38 -19.94 -9.57 -7.04
N ASP C 39 -19.41 -8.34 -7.04
CA ASP C 39 -20.03 -7.26 -7.78
C ASP C 39 -19.84 -7.41 -9.29
N ALA C 40 -18.78 -8.10 -9.71
CA ALA C 40 -18.55 -8.28 -11.14
C ALA C 40 -19.46 -9.36 -11.71
N ILE C 41 -19.89 -10.32 -10.90
CA ILE C 41 -20.70 -11.41 -11.42
C ILE C 41 -22.18 -11.06 -11.42
N ILE C 42 -22.67 -10.40 -10.38
CA ILE C 42 -24.10 -10.07 -10.31
C ILE C 42 -24.44 -8.90 -11.20
N SER C 43 -23.44 -8.10 -11.61
CA SER C 43 -23.69 -7.10 -12.65
C SER C 43 -23.79 -7.76 -14.02
N GLN C 44 -23.08 -8.86 -14.25
CA GLN C 44 -23.19 -9.59 -15.51
C GLN C 44 -24.46 -10.42 -15.58
N LEU C 45 -25.03 -10.79 -14.43
CA LEU C 45 -26.21 -11.64 -14.42
C LEU C 45 -27.46 -10.88 -14.86
N LEU C 46 -27.47 -9.56 -14.70
CA LEU C 46 -28.62 -8.76 -15.13
C LEU C 46 -28.45 -8.22 -16.54
N LEU C 47 -27.22 -8.20 -17.07
CA LEU C 47 -27.03 -7.87 -18.48
C LEU C 47 -27.49 -9.01 -19.38
N LEU C 48 -27.23 -10.26 -18.97
CA LEU C 48 -27.72 -11.40 -19.72
C LEU C 48 -29.23 -11.55 -19.58
N ASP C 49 -29.80 -11.04 -18.49
CA ASP C 49 -31.25 -10.92 -18.40
C ASP C 49 -31.77 -9.85 -19.34
N SER C 50 -31.02 -8.76 -19.51
CA SER C 50 -31.44 -7.69 -20.41
C SER C 50 -31.22 -8.04 -21.87
N GLN C 51 -30.26 -8.93 -22.16
CA GLN C 51 -30.03 -9.32 -23.55
C GLN C 51 -31.10 -10.28 -24.03
N ASP C 52 -31.36 -11.35 -23.28
CA ASP C 52 -32.39 -12.31 -23.64
C ASP C 52 -32.93 -12.99 -22.39
N PRO C 53 -34.22 -12.79 -22.07
CA PRO C 53 -34.80 -13.46 -20.89
C PRO C 53 -35.37 -14.83 -21.21
N THR C 54 -35.01 -15.38 -22.37
CA THR C 54 -35.52 -16.67 -22.82
C THR C 54 -34.42 -17.73 -22.93
N LYS C 55 -33.24 -17.35 -23.41
CA LYS C 55 -32.16 -18.32 -23.59
C LYS C 55 -31.54 -18.69 -22.25
N ASP C 56 -30.78 -19.79 -22.26
CA ASP C 56 -30.21 -20.34 -21.04
C ASP C 56 -28.98 -19.54 -20.60
N ILE C 57 -28.71 -19.58 -19.30
CA ILE C 57 -27.55 -18.93 -18.71
C ILE C 57 -26.77 -19.99 -17.92
N LYS C 58 -25.51 -20.18 -18.29
CA LYS C 58 -24.65 -21.17 -17.65
C LYS C 58 -23.65 -20.46 -16.73
N ILE C 59 -23.51 -20.98 -15.52
CA ILE C 59 -22.61 -20.42 -14.51
C ILE C 59 -21.53 -21.45 -14.22
N PHE C 60 -20.27 -21.05 -14.38
CA PHE C 60 -19.13 -21.90 -14.10
C PHE C 60 -18.53 -21.50 -12.76
N ILE C 61 -18.47 -22.44 -11.82
CA ILE C 61 -18.08 -22.17 -10.44
C ILE C 61 -16.71 -22.78 -10.19
N ASN C 62 -15.75 -21.93 -9.79
CA ASN C 62 -14.44 -22.37 -9.31
C ASN C 62 -13.99 -21.36 -8.26
N SER C 63 -14.30 -21.63 -7.00
CA SER C 63 -14.02 -20.69 -5.93
C SER C 63 -13.57 -21.43 -4.68
N PRO C 64 -12.57 -20.92 -3.96
CA PRO C 64 -12.14 -21.55 -2.71
C PRO C 64 -12.89 -21.11 -1.47
N GLY C 65 -13.87 -20.22 -1.61
CA GLY C 65 -14.65 -19.74 -0.50
C GLY C 65 -14.86 -18.24 -0.59
N GLY C 66 -15.49 -17.70 0.44
CA GLY C 66 -15.77 -16.27 0.47
C GLY C 66 -16.66 -15.94 1.65
N SER C 67 -17.08 -14.67 1.69
CA SER C 67 -17.93 -14.20 2.77
C SER C 67 -19.40 -14.50 2.47
N VAL C 68 -20.21 -14.46 3.53
CA VAL C 68 -21.63 -14.77 3.38
C VAL C 68 -22.39 -13.57 2.81
N THR C 69 -21.98 -12.34 3.14
CA THR C 69 -22.73 -11.18 2.71
C THR C 69 -22.46 -10.85 1.24
N ALA C 70 -21.37 -11.37 0.69
CA ALA C 70 -21.11 -11.18 -0.73
C ALA C 70 -21.66 -12.34 -1.56
N GLY C 71 -21.64 -13.55 -1.01
CA GLY C 71 -22.16 -14.70 -1.73
C GLY C 71 -23.67 -14.85 -1.68
N MET C 72 -24.34 -14.13 -0.78
CA MET C 72 -25.79 -14.11 -0.77
C MET C 72 -26.35 -13.20 -1.85
N GLY C 73 -25.56 -12.23 -2.31
CA GLY C 73 -25.97 -11.38 -3.41
C GLY C 73 -25.94 -12.07 -4.75
N ILE C 74 -25.25 -13.22 -4.84
CA ILE C 74 -25.23 -13.97 -6.08
C ILE C 74 -26.43 -14.91 -6.16
N TYR C 75 -26.96 -15.33 -5.00
CA TYR C 75 -28.07 -16.29 -4.99
C TYR C 75 -29.38 -15.63 -5.41
N ASP C 76 -29.69 -14.45 -4.85
CA ASP C 76 -30.95 -13.79 -5.18
C ASP C 76 -30.90 -13.15 -6.57
N ALA C 77 -29.70 -12.79 -7.05
CA ALA C 77 -29.57 -12.32 -8.42
C ALA C 77 -29.72 -13.47 -9.42
N MET C 78 -29.36 -14.68 -9.02
CA MET C 78 -29.58 -15.85 -9.87
C MET C 78 -31.05 -16.26 -9.85
N MET C 79 -31.71 -16.15 -8.70
CA MET C 79 -33.13 -16.47 -8.60
C MET C 79 -34.00 -15.40 -9.22
N LEU C 80 -33.46 -14.20 -9.46
CA LEU C 80 -34.21 -13.15 -10.15
C LEU C 80 -34.30 -13.39 -11.65
N CYS C 81 -33.48 -14.30 -12.19
CA CYS C 81 -33.52 -14.59 -13.61
C CYS C 81 -34.75 -15.40 -13.98
N ARG C 82 -35.56 -14.86 -14.90
CA ARG C 82 -36.77 -15.54 -15.33
C ARG C 82 -36.49 -16.71 -16.25
N ALA C 83 -35.32 -16.75 -16.89
CA ALA C 83 -34.98 -17.83 -17.80
C ALA C 83 -34.46 -19.04 -17.03
N ASP C 84 -34.07 -20.07 -17.76
CA ASP C 84 -33.52 -21.27 -17.15
C ASP C 84 -32.10 -21.01 -16.65
N VAL C 85 -31.75 -21.67 -15.54
CA VAL C 85 -30.47 -21.50 -14.89
C VAL C 85 -29.72 -22.83 -14.93
N ASN C 86 -28.55 -22.83 -15.56
CA ASN C 86 -27.67 -23.99 -15.60
C ASN C 86 -26.45 -23.71 -14.74
N THR C 87 -26.12 -24.63 -13.84
CA THR C 87 -24.99 -24.48 -12.93
C THR C 87 -24.08 -25.68 -13.08
N TYR C 88 -22.83 -25.43 -13.48
CA TYR C 88 -21.84 -26.48 -13.69
C TYR C 88 -20.62 -26.18 -12.83
N CYS C 89 -20.19 -27.18 -12.07
CA CYS C 89 -19.04 -27.03 -11.18
C CYS C 89 -17.79 -27.56 -11.87
N PHE C 90 -16.71 -26.77 -11.84
CA PHE C 90 -15.43 -27.13 -12.43
C PHE C 90 -14.36 -26.98 -11.37
N GLY C 91 -14.08 -28.07 -10.66
CA GLY C 91 -13.00 -28.07 -9.68
C GLY C 91 -13.45 -28.02 -8.23
N LEU C 92 -13.28 -26.87 -7.59
CA LEU C 92 -13.49 -26.73 -6.15
C LEU C 92 -14.70 -25.85 -5.87
N ALA C 93 -15.56 -26.31 -4.96
CA ALA C 93 -16.70 -25.54 -4.44
C ALA C 93 -16.63 -25.65 -2.93
N ALA C 94 -15.88 -24.76 -2.29
CA ALA C 94 -15.59 -24.84 -0.86
C ALA C 94 -16.49 -23.84 -0.12
N SER C 95 -17.60 -24.35 0.43
CA SER C 95 -18.52 -23.71 1.39
C SER C 95 -19.36 -22.59 0.79
N MET C 96 -19.11 -22.22 -0.46
CA MET C 96 -19.89 -21.18 -1.13
C MET C 96 -20.39 -21.64 -2.49
N GLY C 97 -19.58 -22.36 -3.25
CA GLY C 97 -20.02 -22.87 -4.54
C GLY C 97 -20.97 -24.04 -4.45
N ALA C 98 -20.94 -24.79 -3.34
CA ALA C 98 -21.86 -25.91 -3.17
C ALA C 98 -23.29 -25.43 -2.92
N PHE C 99 -23.44 -24.25 -2.29
CA PHE C 99 -24.77 -23.69 -2.10
C PHE C 99 -25.33 -23.15 -3.41
N LEU C 100 -24.48 -22.54 -4.24
CA LEU C 100 -24.90 -22.04 -5.54
C LEU C 100 -25.04 -23.15 -6.58
N LEU C 101 -24.45 -24.33 -6.33
CA LEU C 101 -24.62 -25.45 -7.26
C LEU C 101 -26.02 -26.01 -7.20
N GLY C 102 -26.58 -26.14 -6.00
CA GLY C 102 -27.95 -26.59 -5.86
C GLY C 102 -29.01 -25.53 -6.05
N ALA C 103 -28.60 -24.26 -6.11
CA ALA C 103 -29.54 -23.15 -6.22
C ALA C 103 -30.12 -22.98 -7.61
N GLY C 104 -29.64 -23.71 -8.60
CA GLY C 104 -30.17 -23.63 -9.94
C GLY C 104 -31.46 -24.40 -10.11
N LYS C 105 -31.92 -24.45 -11.36
CA LYS C 105 -33.14 -25.18 -11.68
C LYS C 105 -32.90 -26.68 -11.62
N ARG C 106 -33.91 -27.42 -11.16
CA ARG C 106 -33.81 -28.86 -11.08
C ARG C 106 -33.83 -29.48 -12.47
N GLY C 107 -32.92 -30.42 -12.69
CA GLY C 107 -32.72 -31.02 -14.00
C GLY C 107 -31.59 -30.42 -14.80
N LYS C 108 -31.00 -29.32 -14.34
CA LYS C 108 -29.88 -28.69 -15.04
C LYS C 108 -28.62 -28.60 -14.20
N ARG C 109 -28.67 -28.88 -12.90
CA ARG C 109 -27.48 -28.82 -12.06
C ARG C 109 -26.62 -30.05 -12.30
N ASN C 110 -25.42 -29.85 -12.84
CA ASN C 110 -24.51 -30.93 -13.16
C ASN C 110 -23.12 -30.60 -12.62
N SER C 111 -22.28 -31.63 -12.58
CA SER C 111 -20.92 -31.48 -12.09
C SER C 111 -20.03 -32.54 -12.72
N MET C 112 -18.74 -32.24 -12.79
CA MET C 112 -17.76 -33.18 -13.30
C MET C 112 -17.55 -34.31 -12.29
N PRO C 113 -17.27 -35.54 -12.76
CA PRO C 113 -17.21 -36.68 -11.84
C PRO C 113 -15.99 -36.71 -10.92
N ASN C 114 -15.00 -35.83 -11.09
CA ASN C 114 -13.82 -35.83 -10.25
C ASN C 114 -13.64 -34.49 -9.55
N SER C 115 -14.72 -33.75 -9.33
CA SER C 115 -14.67 -32.50 -8.62
C SER C 115 -14.99 -32.71 -7.14
N ARG C 116 -14.50 -31.80 -6.30
CA ARG C 116 -14.72 -31.86 -4.87
C ARG C 116 -15.81 -30.87 -4.47
N ILE C 117 -16.76 -31.34 -3.67
CA ILE C 117 -17.87 -30.53 -3.19
C ILE C 117 -17.80 -30.51 -1.68
N MET C 118 -17.65 -29.32 -1.10
CA MET C 118 -17.55 -29.15 0.34
C MET C 118 -18.69 -28.26 0.81
N ILE C 119 -19.50 -28.76 1.74
CA ILE C 119 -20.58 -28.00 2.34
C ILE C 119 -20.19 -27.64 3.77
N HIS C 120 -20.51 -26.41 4.18
CA HIS C 120 -20.09 -25.88 5.47
C HIS C 120 -20.98 -24.72 5.85
N GLN C 121 -21.04 -24.43 7.15
CA GLN C 121 -21.72 -23.24 7.64
C GLN C 121 -21.02 -21.99 7.13
N PRO C 122 -21.76 -20.90 6.88
CA PRO C 122 -21.13 -19.68 6.38
C PRO C 122 -20.30 -19.00 7.46
N LEU C 123 -19.09 -18.59 7.08
CA LEU C 123 -18.13 -18.02 8.02
C LEU C 123 -18.54 -16.62 8.44
N GLY C 124 -18.02 -16.20 9.59
CA GLY C 124 -18.31 -14.88 10.12
C GLY C 124 -17.32 -14.49 11.18
N GLY C 125 -17.18 -13.19 11.37
CA GLY C 125 -16.27 -12.66 12.38
C GLY C 125 -16.97 -11.69 13.29
N ALA C 126 -16.47 -11.59 14.52
CA ALA C 126 -17.05 -10.74 15.54
C ALA C 126 -15.95 -10.04 16.33
N SER C 127 -16.06 -8.72 16.45
CA SER C 127 -15.09 -7.92 17.19
C SER C 127 -15.80 -6.65 17.66
N GLY C 128 -15.01 -5.68 18.11
CA GLY C 128 -15.54 -4.41 18.58
C GLY C 128 -16.02 -4.43 20.02
N GLN C 129 -17.21 -3.90 20.26
CA GLN C 129 -17.78 -3.84 21.59
C GLN C 129 -18.38 -5.19 21.97
N ALA C 130 -18.71 -5.34 23.25
CA ALA C 130 -19.45 -6.52 23.69
C ALA C 130 -20.89 -6.47 23.22
N VAL C 131 -21.43 -5.27 22.96
CA VAL C 131 -22.78 -5.15 22.43
C VAL C 131 -22.82 -5.47 20.93
N ASP C 132 -21.68 -5.46 20.25
CA ASP C 132 -21.65 -5.91 18.86
C ASP C 132 -21.72 -7.42 18.78
N ILE C 133 -21.33 -8.12 19.85
CA ILE C 133 -21.42 -9.58 19.87
C ILE C 133 -22.87 -10.01 20.01
N GLU C 134 -23.72 -9.14 20.56
CA GLU C 134 -25.17 -9.35 20.49
C GLU C 134 -25.66 -9.33 19.05
N ILE C 135 -25.13 -8.41 18.24
CA ILE C 135 -25.60 -8.27 16.86
C ILE C 135 -24.93 -9.27 15.93
N GLN C 136 -23.63 -9.53 16.14
CA GLN C 136 -22.90 -10.44 15.26
C GLN C 136 -23.31 -11.90 15.46
N ALA C 137 -23.79 -12.27 16.64
CA ALA C 137 -24.26 -13.64 16.83
C ALA C 137 -25.64 -13.84 16.23
N LYS C 138 -26.44 -12.77 16.15
CA LYS C 138 -27.78 -12.89 15.60
C LYS C 138 -27.76 -13.02 14.07
N GLU C 139 -26.82 -12.36 13.40
CA GLU C 139 -26.78 -12.43 11.94
C GLU C 139 -26.19 -13.77 11.49
N ILE C 140 -25.35 -14.38 12.32
CA ILE C 140 -24.87 -15.73 12.05
C ILE C 140 -26.00 -16.74 12.19
N MET C 141 -26.81 -16.60 13.25
CA MET C 141 -27.96 -17.48 13.43
C MET C 141 -29.05 -17.21 12.40
N TYR C 142 -29.13 -15.98 11.89
CA TYR C 142 -30.09 -15.68 10.83
C TYR C 142 -29.62 -16.25 9.50
N HIS C 143 -28.30 -16.20 9.23
CA HIS C 143 -27.77 -16.77 8.00
C HIS C 143 -27.77 -18.29 8.05
N LYS C 144 -27.64 -18.87 9.24
CA LYS C 144 -27.75 -20.32 9.36
C LYS C 144 -29.17 -20.80 9.17
N ALA C 145 -30.16 -20.06 9.68
CA ALA C 145 -31.55 -20.44 9.50
C ALA C 145 -32.03 -20.16 8.09
N ASN C 146 -31.43 -19.19 7.40
CA ASN C 146 -31.82 -18.90 6.02
C ASN C 146 -31.25 -19.92 5.05
N LEU C 147 -29.98 -20.30 5.23
CA LEU C 147 -29.35 -21.22 4.30
C LEU C 147 -29.85 -22.65 4.48
N ASN C 148 -30.20 -23.04 5.72
CA ASN C 148 -30.69 -24.39 5.95
C ASN C 148 -32.12 -24.56 5.41
N ARG C 149 -32.87 -23.46 5.30
CA ARG C 149 -34.20 -23.54 4.69
C ARG C 149 -34.10 -23.68 3.18
N ILE C 150 -33.14 -23.00 2.57
CA ILE C 150 -32.97 -23.06 1.12
C ILE C 150 -32.36 -24.39 0.70
N MET C 151 -31.36 -24.88 1.44
CA MET C 151 -30.69 -26.13 1.11
C MET C 151 -31.59 -27.35 1.31
N ALA C 152 -32.62 -27.24 2.15
CA ALA C 152 -33.59 -28.32 2.30
C ALA C 152 -34.73 -28.23 1.30
N ASP C 153 -34.75 -27.20 0.44
CA ASP C 153 -35.85 -27.04 -0.51
C ASP C 153 -35.61 -27.85 -1.78
N TYR C 154 -34.48 -27.61 -2.45
CA TYR C 154 -34.20 -28.31 -3.71
C TYR C 154 -33.62 -29.70 -3.51
N CYS C 155 -33.25 -30.06 -2.29
CA CYS C 155 -32.68 -31.37 -2.01
C CYS C 155 -33.71 -32.38 -1.51
N GLN C 156 -34.92 -31.93 -1.16
CA GLN C 156 -36.02 -32.75 -0.63
C GLN C 156 -35.60 -33.52 0.63
N GLN C 157 -34.85 -32.84 1.49
CA GLN C 157 -34.34 -33.41 2.73
C GLN C 157 -34.95 -32.70 3.93
N PRO C 158 -35.16 -33.40 5.05
CA PRO C 158 -35.65 -32.74 6.26
C PRO C 158 -34.57 -31.86 6.89
N LEU C 159 -35.03 -30.99 7.81
CA LEU C 159 -34.12 -30.05 8.45
C LEU C 159 -33.17 -30.71 9.43
N SER C 160 -33.53 -31.89 9.95
CA SER C 160 -32.64 -32.58 10.87
C SER C 160 -31.44 -33.20 10.16
N LYS C 161 -31.60 -33.56 8.89
CA LYS C 161 -30.50 -34.13 8.12
C LYS C 161 -29.56 -33.08 7.55
N ILE C 162 -30.04 -31.85 7.36
CA ILE C 162 -29.18 -30.80 6.82
C ILE C 162 -28.25 -30.25 7.89
N GLU C 163 -28.78 -30.01 9.10
CA GLU C 163 -28.01 -29.34 10.15
C GLU C 163 -26.91 -30.23 10.72
N GLU C 164 -27.09 -31.55 10.70
CA GLU C 164 -26.06 -32.44 11.22
C GLU C 164 -24.94 -32.69 10.23
N ASP C 165 -25.09 -32.30 8.98
CA ASP C 165 -24.05 -32.48 7.97
C ASP C 165 -23.23 -31.23 7.70
N THR C 166 -23.82 -30.04 7.85
CA THR C 166 -23.12 -28.80 7.57
C THR C 166 -22.38 -28.23 8.77
N ASP C 167 -22.40 -28.93 9.91
CA ASP C 167 -21.80 -28.39 11.13
C ASP C 167 -20.29 -28.33 11.05
N ARG C 168 -19.67 -29.25 10.30
CA ARG C 168 -18.23 -29.28 10.12
C ARG C 168 -17.90 -29.29 8.64
N ASP C 169 -16.62 -29.41 8.33
CA ASP C 169 -16.19 -29.55 6.95
C ASP C 169 -16.54 -30.95 6.44
N ARG C 170 -17.21 -31.00 5.29
CA ARG C 170 -17.68 -32.28 4.75
C ARG C 170 -17.44 -32.27 3.23
N TYR C 171 -16.35 -32.89 2.80
CA TYR C 171 -16.10 -33.10 1.39
C TYR C 171 -16.91 -34.31 0.91
N MET C 172 -17.37 -34.23 -0.33
CA MET C 172 -18.17 -35.31 -0.89
C MET C 172 -17.91 -35.42 -2.39
N SER C 173 -18.07 -36.62 -2.90
CA SER C 173 -17.97 -36.95 -4.32
C SER C 173 -19.31 -36.72 -5.00
N PRO C 174 -19.33 -36.53 -6.33
CA PRO C 174 -20.62 -36.39 -7.03
C PRO C 174 -21.47 -37.66 -7.09
N LEU C 175 -20.98 -38.80 -6.61
CA LEU C 175 -21.81 -40.00 -6.56
C LEU C 175 -22.88 -39.89 -5.48
N GLU C 176 -22.48 -39.52 -4.26
CA GLU C 176 -23.46 -39.31 -3.20
C GLU C 176 -24.08 -37.93 -3.24
N ALA C 177 -23.55 -37.02 -4.06
CA ALA C 177 -24.18 -35.72 -4.24
C ALA C 177 -25.39 -35.79 -5.15
N LYS C 178 -25.51 -36.86 -5.94
CA LYS C 178 -26.69 -37.02 -6.79
C LYS C 178 -27.92 -37.41 -5.97
N GLU C 179 -27.76 -38.36 -5.05
CA GLU C 179 -28.86 -38.75 -4.19
C GLU C 179 -29.16 -37.71 -3.11
N TYR C 180 -28.20 -36.83 -2.81
CA TYR C 180 -28.46 -35.77 -1.84
C TYR C 180 -29.37 -34.70 -2.42
N GLY C 181 -29.12 -34.29 -3.67
CA GLY C 181 -29.91 -33.27 -4.31
C GLY C 181 -29.15 -32.05 -4.80
N LEU C 182 -27.82 -32.07 -4.74
CA LEU C 182 -27.04 -30.94 -5.21
C LEU C 182 -26.93 -30.93 -6.73
N ILE C 183 -26.72 -32.10 -7.34
CA ILE C 183 -26.67 -32.23 -8.78
C ILE C 183 -27.81 -33.14 -9.23
N ASP C 184 -28.04 -33.17 -10.53
CA ASP C 184 -29.15 -33.92 -11.11
C ASP C 184 -28.70 -35.01 -12.07
N HIS C 185 -27.75 -34.71 -12.96
CA HIS C 185 -27.26 -35.69 -13.93
C HIS C 185 -25.74 -35.60 -13.98
N ILE C 186 -25.10 -36.77 -14.13
CA ILE C 186 -23.66 -36.84 -14.29
C ILE C 186 -23.32 -36.64 -15.76
N ILE C 187 -22.40 -35.71 -16.04
CA ILE C 187 -22.08 -35.38 -17.43
C ILE C 187 -20.81 -36.03 -17.91
N GLY C 188 -19.94 -36.47 -17.00
CA GLY C 188 -18.70 -37.14 -17.36
C GLY C 188 -18.81 -38.64 -17.54
N GLY C 189 -20.01 -39.19 -17.50
CA GLY C 189 -20.19 -40.62 -17.64
C GLY C 189 -20.22 -41.34 -16.30
N GLU C 190 -19.11 -41.97 -15.93
CA GLU C 190 -19.01 -42.67 -14.65
C GLU C 190 -17.81 -42.16 -13.86
N PRO D 42 8.18 -6.52 -11.23
CA PRO D 42 8.06 -6.97 -12.63
C PRO D 42 7.99 -5.82 -13.62
N ASN D 43 8.36 -6.09 -14.87
CA ASN D 43 8.36 -5.06 -15.90
C ASN D 43 7.03 -5.09 -16.64
N PRO D 44 6.28 -3.97 -16.68
CA PRO D 44 5.01 -3.97 -17.42
C PRO D 44 5.16 -3.94 -18.94
N LEU D 45 6.36 -3.68 -19.44
CA LEU D 45 6.57 -3.63 -20.89
C LEU D 45 6.52 -5.02 -21.52
N VAL D 46 6.95 -6.04 -20.78
CA VAL D 46 7.00 -7.40 -21.31
C VAL D 46 5.62 -8.06 -21.31
N ILE D 47 4.62 -7.45 -20.66
CA ILE D 47 3.31 -8.08 -20.53
C ILE D 47 2.56 -8.05 -21.87
N GLU D 48 2.61 -6.92 -22.58
CA GLU D 48 1.93 -6.85 -23.87
C GLU D 48 2.68 -7.63 -24.95
N ARG D 49 4.00 -7.81 -24.79
CA ARG D 49 4.73 -8.68 -25.69
C ARG D 49 4.46 -10.14 -25.41
N PHE D 50 4.24 -10.49 -24.14
CA PHE D 50 3.85 -11.86 -23.80
C PHE D 50 2.42 -12.16 -24.20
N GLN D 51 1.54 -11.16 -24.14
CA GLN D 51 0.15 -11.36 -24.55
C GLN D 51 0.02 -11.50 -26.06
N GLY D 52 0.94 -10.92 -26.82
CA GLY D 52 0.90 -11.01 -28.26
C GLY D 52 1.33 -12.37 -28.80
N VAL D 53 2.34 -12.97 -28.17
CA VAL D 53 2.85 -14.25 -28.68
C VAL D 53 1.98 -15.43 -28.25
N VAL D 54 1.18 -15.30 -27.19
CA VAL D 54 0.29 -16.38 -26.80
C VAL D 54 -1.01 -16.31 -27.60
N SER D 55 -1.35 -15.10 -28.09
CA SER D 55 -2.55 -14.96 -28.90
C SER D 55 -2.31 -15.39 -30.34
N GLN D 56 -1.09 -15.20 -30.84
CA GLN D 56 -0.75 -15.67 -32.17
C GLN D 56 -0.63 -17.20 -32.21
N LEU D 57 -0.20 -17.80 -31.11
CA LEU D 57 -0.21 -19.25 -31.00
C LEU D 57 -1.60 -19.80 -30.68
N PHE D 58 -2.51 -18.96 -30.18
CA PHE D 58 -3.88 -19.39 -29.95
C PHE D 58 -4.62 -19.59 -31.26
N GLN D 59 -4.23 -18.88 -32.31
CA GLN D 59 -4.81 -19.12 -33.63
C GLN D 59 -4.29 -20.42 -34.23
N GLN D 60 -3.10 -20.86 -33.81
CA GLN D 60 -2.53 -22.13 -34.22
C GLN D 60 -2.84 -23.25 -33.22
N ARG D 61 -3.81 -23.02 -32.31
CA ARG D 61 -4.30 -23.99 -31.34
C ARG D 61 -3.20 -24.48 -30.40
N ILE D 62 -2.53 -23.53 -29.75
CA ILE D 62 -1.49 -23.82 -28.78
C ILE D 62 -1.85 -23.11 -27.47
N VAL D 63 -1.99 -23.87 -26.40
CA VAL D 63 -2.32 -23.32 -25.09
C VAL D 63 -1.08 -23.37 -24.21
N ARG D 64 -1.17 -22.74 -23.04
CA ARG D 64 -0.05 -22.59 -22.13
C ARG D 64 -0.52 -22.76 -20.70
N LEU D 65 0.29 -23.49 -19.91
CA LEU D 65 0.10 -23.63 -18.47
C LEU D 65 0.97 -22.58 -17.80
N GLY D 66 0.35 -21.60 -17.15
CA GLY D 66 1.07 -20.46 -16.62
C GLY D 66 1.50 -20.55 -15.17
N GLY D 67 2.76 -20.91 -14.95
CA GLY D 67 3.33 -20.92 -13.61
C GLY D 67 2.74 -22.01 -12.74
N ALA D 68 2.54 -21.68 -11.47
CA ALA D 68 1.86 -22.60 -10.57
C ALA D 68 0.37 -22.64 -10.89
N VAL D 69 -0.24 -23.81 -10.69
CA VAL D 69 -1.64 -23.99 -11.03
C VAL D 69 -2.50 -23.52 -9.85
N ASP D 70 -3.12 -22.36 -10.02
CA ASP D 70 -4.06 -21.83 -9.03
C ASP D 70 -5.36 -21.45 -9.72
N ASP D 71 -6.24 -20.74 -8.99
CA ASP D 71 -7.61 -20.53 -9.46
C ASP D 71 -7.71 -19.50 -10.58
N ASP D 72 -6.77 -18.57 -10.68
CA ASP D 72 -6.91 -17.50 -11.67
C ASP D 72 -6.57 -17.96 -13.08
N MET D 73 -5.59 -18.84 -13.22
CA MET D 73 -5.21 -19.35 -14.54
C MET D 73 -6.05 -20.55 -14.96
N ALA D 74 -6.59 -21.30 -14.01
CA ALA D 74 -7.35 -22.50 -14.33
C ALA D 74 -8.67 -22.16 -14.99
N ASN D 75 -9.29 -21.04 -14.60
CA ASN D 75 -10.47 -20.54 -15.30
C ASN D 75 -10.09 -19.94 -16.64
N LEU D 76 -8.87 -19.43 -16.77
CA LEU D 76 -8.40 -18.91 -18.04
C LEU D 76 -7.99 -20.04 -18.99
N LEU D 77 -7.44 -21.13 -18.43
CA LEU D 77 -7.01 -22.24 -19.26
C LEU D 77 -8.19 -23.06 -19.76
N VAL D 78 -9.24 -23.21 -18.95
CA VAL D 78 -10.41 -23.96 -19.39
C VAL D 78 -11.23 -23.14 -20.37
N ALA D 79 -11.03 -21.82 -20.38
CA ALA D 79 -11.65 -20.97 -21.40
C ALA D 79 -10.95 -21.12 -22.74
N GLN D 80 -9.68 -21.55 -22.73
CA GLN D 80 -8.93 -21.71 -23.97
C GLN D 80 -9.16 -23.08 -24.61
N LEU D 81 -9.32 -24.13 -23.81
CA LEU D 81 -9.62 -25.45 -24.36
C LEU D 81 -11.07 -25.55 -24.84
N LEU D 82 -11.96 -24.75 -24.26
CA LEU D 82 -13.36 -24.72 -24.68
C LEU D 82 -13.63 -23.64 -25.72
N TYR D 83 -12.61 -23.21 -26.47
CA TYR D 83 -12.78 -22.27 -27.57
C TYR D 83 -12.12 -22.73 -28.86
N LEU D 84 -11.17 -23.66 -28.79
CA LEU D 84 -10.44 -24.07 -29.99
C LEU D 84 -11.24 -25.02 -30.88
N ASP D 85 -12.43 -25.45 -30.45
CA ASP D 85 -13.22 -26.37 -31.24
C ASP D 85 -14.06 -25.67 -32.31
N SER D 86 -14.02 -24.33 -32.36
CA SER D 86 -14.83 -23.59 -33.32
C SER D 86 -14.25 -23.69 -34.73
N VAL D 87 -12.91 -23.74 -34.85
CA VAL D 87 -12.30 -23.88 -36.17
C VAL D 87 -12.48 -25.31 -36.68
N ASP D 88 -12.01 -26.28 -35.91
CA ASP D 88 -12.11 -27.69 -36.28
C ASP D 88 -12.04 -28.53 -35.02
N ASN D 89 -12.82 -29.62 -34.99
CA ASN D 89 -12.85 -30.53 -33.86
C ASN D 89 -12.19 -31.88 -34.18
N LYS D 90 -11.51 -31.98 -35.32
CA LYS D 90 -10.87 -33.23 -35.73
C LYS D 90 -9.35 -33.21 -35.52
N ARG D 91 -8.71 -32.08 -35.79
CA ARG D 91 -7.27 -31.98 -35.63
C ARG D 91 -6.89 -31.88 -34.16
N ASP D 92 -5.64 -32.18 -33.86
CA ASP D 92 -5.16 -32.26 -32.49
C ASP D 92 -4.95 -30.87 -31.89
N ILE D 93 -4.76 -30.84 -30.58
CA ILE D 93 -4.54 -29.61 -29.82
C ILE D 93 -3.18 -29.70 -29.16
N THR D 94 -2.29 -28.75 -29.48
CA THR D 94 -0.96 -28.70 -28.89
C THR D 94 -1.03 -27.98 -27.55
N MET D 95 -0.48 -28.60 -26.51
CA MET D 95 -0.51 -28.08 -25.15
C MET D 95 0.91 -27.92 -24.64
N TYR D 96 1.34 -26.67 -24.45
CA TYR D 96 2.64 -26.40 -23.85
C TYR D 96 2.55 -26.54 -22.33
N VAL D 97 3.34 -27.44 -21.77
CA VAL D 97 3.27 -27.79 -20.35
C VAL D 97 4.55 -27.32 -19.68
N ASN D 98 4.43 -26.37 -18.77
CA ASN D 98 5.57 -25.88 -17.98
C ASN D 98 5.01 -25.31 -16.68
N SER D 99 5.12 -26.07 -15.59
CA SER D 99 4.58 -25.65 -14.30
C SER D 99 5.53 -26.11 -13.19
N PRO D 100 5.95 -25.19 -12.32
CA PRO D 100 6.85 -25.56 -11.21
C PRO D 100 6.13 -25.99 -9.93
N GLY D 101 4.82 -26.12 -9.94
CA GLY D 101 4.08 -26.51 -8.76
C GLY D 101 2.65 -26.04 -8.85
N GLY D 102 2.03 -25.83 -7.68
CA GLY D 102 0.68 -25.33 -7.61
C GLY D 102 -0.22 -26.07 -6.65
N SER D 103 -1.51 -25.76 -6.70
CA SER D 103 -2.49 -26.39 -5.82
C SER D 103 -2.98 -27.71 -6.42
N VAL D 104 -3.97 -28.32 -5.77
CA VAL D 104 -4.46 -29.63 -6.18
C VAL D 104 -5.76 -29.52 -6.98
N THR D 105 -6.73 -28.76 -6.47
CA THR D 105 -8.04 -28.69 -7.10
C THR D 105 -8.05 -27.86 -8.38
N ALA D 106 -7.06 -27.00 -8.58
CA ALA D 106 -6.99 -26.22 -9.82
C ALA D 106 -6.56 -27.08 -11.00
N GLY D 107 -5.62 -28.00 -10.77
CA GLY D 107 -5.19 -28.90 -11.83
C GLY D 107 -6.19 -29.99 -12.16
N MET D 108 -7.10 -30.30 -11.23
CA MET D 108 -8.14 -31.28 -11.52
C MET D 108 -9.23 -30.71 -12.41
N ALA D 109 -9.41 -29.39 -12.40
CA ALA D 109 -10.37 -28.75 -13.29
C ALA D 109 -9.86 -28.69 -14.73
N VAL D 110 -8.55 -28.84 -14.92
CA VAL D 110 -8.01 -28.92 -16.28
C VAL D 110 -7.95 -30.36 -16.76
N PHE D 111 -7.88 -31.31 -15.82
CA PHE D 111 -7.70 -32.73 -16.18
C PHE D 111 -8.96 -33.32 -16.79
N ASP D 112 -10.12 -32.97 -16.25
CA ASP D 112 -11.37 -33.58 -16.70
C ASP D 112 -11.85 -33.03 -18.04
N THR D 113 -11.48 -31.79 -18.38
CA THR D 113 -11.92 -31.22 -19.65
C THR D 113 -11.04 -31.65 -20.82
N MET D 114 -9.81 -32.12 -20.54
CA MET D 114 -8.93 -32.57 -21.60
C MET D 114 -9.38 -33.92 -22.16
N ARG D 115 -9.93 -34.78 -21.30
CA ARG D 115 -10.39 -36.11 -21.73
C ARG D 115 -11.85 -36.13 -22.13
N HIS D 116 -12.55 -35.00 -22.05
CA HIS D 116 -13.98 -34.93 -22.36
C HIS D 116 -14.26 -34.34 -23.74
N ILE D 117 -13.41 -33.41 -24.21
CA ILE D 117 -13.67 -32.75 -25.48
C ILE D 117 -13.39 -33.70 -26.64
N ARG D 118 -13.99 -33.38 -27.78
CA ARG D 118 -13.94 -34.23 -28.98
C ARG D 118 -12.57 -34.33 -29.66
N PRO D 119 -11.78 -33.26 -29.89
CA PRO D 119 -10.45 -33.49 -30.47
C PRO D 119 -9.46 -33.96 -29.42
N ASP D 120 -8.42 -34.63 -29.91
CA ASP D 120 -7.36 -35.13 -29.05
C ASP D 120 -6.46 -33.99 -28.59
N VAL D 121 -6.00 -34.07 -27.35
CA VAL D 121 -5.12 -33.07 -26.76
C VAL D 121 -3.72 -33.64 -26.69
N SER D 122 -2.81 -33.07 -27.47
CA SER D 122 -1.42 -33.49 -27.49
C SER D 122 -0.61 -32.59 -26.57
N THR D 123 -0.20 -33.12 -25.42
CA THR D 123 0.57 -32.37 -24.45
C THR D 123 2.04 -32.35 -24.85
N CYS D 124 2.73 -31.26 -24.51
CA CYS D 124 4.15 -31.09 -24.82
C CYS D 124 4.83 -30.44 -23.63
N CYS D 125 5.70 -31.20 -22.96
CA CYS D 125 6.40 -30.72 -21.78
C CYS D 125 7.77 -30.19 -22.18
N ILE D 126 7.98 -28.89 -22.02
CA ILE D 126 9.26 -28.25 -22.30
C ILE D 126 9.74 -27.56 -21.02
N GLY D 127 10.90 -27.97 -20.53
CA GLY D 127 11.46 -27.37 -19.33
C GLY D 127 11.35 -28.22 -18.10
N LEU D 128 10.46 -27.85 -17.18
CA LEU D 128 10.30 -28.56 -15.92
C LEU D 128 8.82 -28.77 -15.65
N ALA D 129 8.45 -30.00 -15.33
CA ALA D 129 7.08 -30.37 -14.99
C ALA D 129 7.01 -30.84 -13.56
N ALA D 130 6.06 -30.32 -12.80
CA ALA D 130 5.87 -30.67 -11.40
C ALA D 130 4.93 -31.88 -11.30
N SER D 131 4.46 -32.16 -10.08
CA SER D 131 3.58 -33.30 -9.87
C SER D 131 2.22 -33.07 -10.51
N MET D 132 1.73 -31.83 -10.47
CA MET D 132 0.50 -31.50 -11.19
C MET D 132 0.76 -31.25 -12.67
N GLY D 133 1.96 -30.82 -13.04
CA GLY D 133 2.29 -30.58 -14.43
C GLY D 133 2.49 -31.87 -15.22
N ALA D 134 3.13 -32.86 -14.60
CA ALA D 134 3.28 -34.15 -15.25
C ALA D 134 1.99 -34.95 -15.29
N PHE D 135 1.07 -34.67 -14.36
CA PHE D 135 -0.25 -35.30 -14.44
C PHE D 135 -1.07 -34.74 -15.59
N ILE D 136 -0.89 -33.46 -15.89
CA ILE D 136 -1.52 -32.87 -17.08
C ILE D 136 -0.89 -33.44 -18.35
N LEU D 137 0.43 -33.65 -18.32
CA LEU D 137 1.12 -34.26 -19.45
C LEU D 137 0.71 -35.71 -19.66
N ALA D 138 0.47 -36.44 -18.57
CA ALA D 138 0.05 -37.83 -18.67
C ALA D 138 -1.43 -37.97 -19.01
N SER D 139 -2.21 -36.90 -18.90
CA SER D 139 -3.65 -36.94 -19.18
C SER D 139 -3.97 -36.69 -20.64
N GLY D 140 -2.98 -36.69 -21.52
CA GLY D 140 -3.21 -36.49 -22.94
C GLY D 140 -3.71 -37.75 -23.62
N GLN D 141 -3.77 -37.67 -24.95
CA GLN D 141 -4.20 -38.81 -25.74
C GLN D 141 -3.11 -39.88 -25.76
N ALA D 142 -3.54 -41.14 -25.67
CA ALA D 142 -2.59 -42.25 -25.69
C ALA D 142 -1.98 -42.39 -27.08
N GLY D 143 -0.65 -42.26 -27.15
CA GLY D 143 0.06 -42.27 -28.40
C GLY D 143 0.34 -40.89 -28.97
N LYS D 144 -0.17 -39.83 -28.35
CA LYS D 144 0.03 -38.46 -28.82
C LYS D 144 0.64 -37.58 -27.74
N ARG D 145 1.27 -38.18 -26.74
CA ARG D 145 1.96 -37.44 -25.69
C ARG D 145 3.42 -37.32 -26.08
N TYR D 146 3.80 -36.16 -26.62
CA TYR D 146 5.14 -35.92 -27.12
C TYR D 146 5.89 -34.97 -26.19
N SER D 147 7.22 -35.06 -26.24
CA SER D 147 8.10 -34.21 -25.46
C SER D 147 9.47 -34.20 -26.13
N LEU D 148 10.44 -33.63 -25.42
CA LEU D 148 11.85 -33.59 -25.79
C LEU D 148 12.68 -34.26 -24.71
N PRO D 149 13.79 -34.92 -25.07
CA PRO D 149 14.51 -35.74 -24.08
C PRO D 149 15.38 -34.96 -23.09
N ASN D 150 15.24 -33.64 -22.99
CA ASN D 150 16.02 -32.84 -22.06
C ASN D 150 15.22 -32.32 -20.88
N SER D 151 13.92 -32.60 -20.83
CA SER D 151 13.08 -32.09 -19.74
C SER D 151 13.29 -32.91 -18.47
N ARG D 152 12.67 -32.47 -17.39
CA ARG D 152 12.67 -33.17 -16.11
C ARG D 152 11.23 -33.43 -15.68
N ILE D 153 10.93 -34.68 -15.35
CA ILE D 153 9.59 -35.10 -14.96
C ILE D 153 9.61 -35.47 -13.49
N MET D 154 8.83 -34.76 -12.69
CA MET D 154 8.72 -35.00 -11.26
C MET D 154 7.29 -35.39 -10.92
N ILE D 155 7.13 -36.50 -10.20
CA ILE D 155 5.82 -36.96 -9.73
C ILE D 155 5.92 -37.32 -8.26
N HIS D 156 4.96 -36.84 -7.47
CA HIS D 156 4.89 -37.15 -6.05
C HIS D 156 3.45 -36.94 -5.58
N GLN D 157 3.21 -37.28 -4.31
CA GLN D 157 1.93 -36.99 -3.70
C GLN D 157 1.78 -35.48 -3.52
N PRO D 158 0.57 -34.94 -3.69
CA PRO D 158 0.41 -33.48 -3.72
C PRO D 158 0.59 -32.84 -2.35
N LEU D 159 1.08 -31.61 -2.36
CA LEU D 159 1.34 -30.85 -1.14
C LEU D 159 0.03 -30.37 -0.53
N GLY D 160 0.05 -30.12 0.76
CA GLY D 160 -1.15 -29.65 1.43
C GLY D 160 -0.88 -29.29 2.88
N GLY D 161 -1.94 -28.82 3.54
CA GLY D 161 -1.86 -28.44 4.94
C GLY D 161 -3.20 -28.67 5.61
N ALA D 162 -3.19 -28.49 6.93
CA ALA D 162 -4.39 -28.70 7.74
C ALA D 162 -4.34 -27.77 8.95
N GLN D 163 -5.46 -27.09 9.21
CA GLN D 163 -5.54 -26.13 10.30
C GLN D 163 -6.96 -26.11 10.85
N GLY D 164 -7.08 -26.18 12.16
CA GLY D 164 -8.39 -26.10 12.81
C GLY D 164 -8.37 -26.86 14.12
N GLN D 165 -9.53 -27.42 14.45
CA GLN D 165 -9.72 -28.18 15.67
C GLN D 165 -9.20 -29.61 15.50
N ALA D 166 -9.55 -30.48 16.46
CA ALA D 166 -9.06 -31.86 16.42
C ALA D 166 -9.73 -32.67 15.33
N THR D 167 -11.06 -32.56 15.22
CA THR D 167 -11.77 -33.27 14.16
C THR D 167 -11.61 -32.61 12.79
N ASP D 168 -11.16 -31.35 12.77
CA ASP D 168 -10.86 -30.66 11.51
C ASP D 168 -9.60 -31.23 10.88
N ILE D 169 -8.66 -31.70 11.70
CA ILE D 169 -7.40 -32.25 11.19
C ILE D 169 -7.65 -33.55 10.43
N GLU D 170 -8.42 -34.47 11.03
CA GLU D 170 -8.68 -35.76 10.39
C GLU D 170 -9.62 -35.64 9.19
N ILE D 171 -10.42 -34.58 9.12
CA ILE D 171 -11.25 -34.36 7.94
C ILE D 171 -10.40 -33.90 6.76
N GLN D 172 -9.53 -32.92 6.99
CA GLN D 172 -8.68 -32.40 5.92
C GLN D 172 -7.55 -33.35 5.56
N ALA D 173 -7.21 -34.29 6.45
CA ALA D 173 -6.23 -35.30 6.10
C ALA D 173 -6.83 -36.40 5.23
N ASN D 174 -8.14 -36.60 5.33
CA ASN D 174 -8.79 -37.65 4.53
C ASN D 174 -8.95 -37.23 3.08
N GLU D 175 -9.15 -35.94 2.81
CA GLU D 175 -9.27 -35.49 1.43
C GLU D 175 -7.93 -35.40 0.74
N ILE D 176 -6.84 -35.22 1.49
CA ILE D 176 -5.51 -35.32 0.91
C ILE D 176 -5.20 -36.76 0.54
N LEU D 177 -5.56 -37.71 1.40
CA LEU D 177 -5.43 -39.12 1.07
C LEU D 177 -6.42 -39.54 -0.01
N HIS D 178 -7.56 -38.86 -0.12
CA HIS D 178 -8.44 -39.07 -1.25
C HIS D 178 -7.81 -38.51 -2.53
N HIS D 179 -7.14 -37.35 -2.43
CA HIS D 179 -6.39 -36.83 -3.56
C HIS D 179 -5.12 -37.64 -3.81
N LYS D 180 -4.60 -38.33 -2.80
CA LYS D 180 -3.48 -39.25 -3.01
C LYS D 180 -3.93 -40.47 -3.80
N LEU D 181 -5.13 -40.98 -3.51
CA LEU D 181 -5.62 -42.19 -4.18
C LEU D 181 -6.04 -41.90 -5.62
N THR D 182 -6.60 -40.71 -5.87
CA THR D 182 -7.07 -40.38 -7.22
C THR D 182 -5.92 -40.01 -8.15
N LEU D 183 -4.88 -39.35 -7.62
CA LEU D 183 -3.72 -39.02 -8.45
C LEU D 183 -2.90 -40.27 -8.76
N ASN D 184 -2.72 -41.15 -7.77
CA ASN D 184 -2.02 -42.40 -8.02
C ASN D 184 -2.88 -43.43 -8.73
N GLY D 185 -4.20 -43.27 -8.70
CA GLY D 185 -5.08 -44.21 -9.39
C GLY D 185 -5.15 -43.95 -10.88
N TYR D 186 -5.18 -42.67 -11.27
CA TYR D 186 -5.21 -42.34 -12.69
C TYR D 186 -3.84 -42.53 -13.34
N LEU D 187 -2.76 -42.38 -12.57
CA LEU D 187 -1.43 -42.63 -13.12
C LEU D 187 -1.17 -44.12 -13.33
N ALA D 188 -1.84 -44.97 -12.56
CA ALA D 188 -1.72 -46.41 -12.78
C ALA D 188 -2.47 -46.86 -14.03
N GLN D 189 -3.51 -46.11 -14.42
CA GLN D 189 -4.24 -46.43 -15.64
C GLN D 189 -3.58 -45.84 -16.87
N PHE D 190 -2.90 -44.70 -16.74
CA PHE D 190 -2.24 -44.07 -17.88
C PHE D 190 -0.94 -44.79 -18.22
N THR D 191 -0.13 -45.11 -17.21
CA THR D 191 1.13 -45.78 -17.44
C THR D 191 1.00 -47.30 -17.53
N GLY D 192 -0.10 -47.86 -17.05
CA GLY D 192 -0.31 -49.29 -17.10
C GLY D 192 0.39 -50.09 -16.02
N GLN D 193 0.92 -49.43 -14.99
CA GLN D 193 1.61 -50.12 -13.92
C GLN D 193 0.61 -50.60 -12.87
N SER D 194 1.12 -51.28 -11.83
CA SER D 194 0.29 -51.77 -10.76
C SER D 194 -0.02 -50.65 -9.76
N MET D 195 -0.86 -50.98 -8.78
CA MET D 195 -1.24 -50.00 -7.76
C MET D 195 -0.10 -49.77 -6.77
N GLU D 196 0.63 -50.83 -6.40
CA GLU D 196 1.74 -50.72 -5.47
C GLU D 196 2.94 -49.99 -6.08
N THR D 197 3.07 -50.00 -7.40
CA THR D 197 4.23 -49.39 -8.05
C THR D 197 4.15 -47.86 -7.98
N ILE D 198 2.94 -47.30 -8.07
CA ILE D 198 2.79 -45.85 -8.08
C ILE D 198 2.99 -45.27 -6.69
N THR D 199 2.48 -45.94 -5.66
CA THR D 199 2.56 -45.37 -4.31
C THR D 199 3.96 -45.47 -3.72
N LYS D 200 4.77 -46.41 -4.21
CA LYS D 200 6.13 -46.58 -3.69
C LYS D 200 7.16 -45.77 -4.47
N ASP D 201 6.81 -45.25 -5.64
CA ASP D 201 7.71 -44.37 -6.39
C ASP D 201 7.40 -42.89 -6.19
N THR D 202 6.13 -42.52 -6.05
CA THR D 202 5.74 -41.14 -5.84
C THR D 202 5.59 -40.79 -4.37
N ASP D 203 6.24 -41.54 -3.48
CA ASP D 203 6.18 -41.20 -2.06
C ASP D 203 6.99 -39.95 -1.73
N ARG D 204 8.13 -39.76 -2.40
CA ARG D 204 8.94 -38.56 -2.24
C ARG D 204 9.22 -37.93 -3.59
N ASP D 205 10.14 -36.98 -3.64
CA ASP D 205 10.52 -36.34 -4.90
C ASP D 205 11.22 -37.35 -5.81
N PHE D 206 10.65 -37.55 -7.00
CA PHE D 206 11.11 -38.57 -7.94
C PHE D 206 11.27 -37.90 -9.30
N PHE D 207 12.51 -37.54 -9.64
CA PHE D 207 12.82 -36.86 -10.89
C PHE D 207 13.20 -37.90 -11.94
N MET D 208 12.65 -37.76 -13.15
CA MET D 208 12.95 -38.66 -14.25
C MET D 208 13.33 -37.86 -15.49
N SER D 209 13.98 -38.54 -16.42
CA SER D 209 14.27 -38.06 -17.76
C SER D 209 13.31 -38.70 -18.76
N PRO D 210 13.03 -38.04 -19.88
CA PRO D 210 12.14 -38.66 -20.89
C PRO D 210 12.75 -39.86 -21.60
N GLN D 211 14.06 -40.09 -21.48
CA GLN D 211 14.64 -41.33 -21.97
C GLN D 211 14.21 -42.51 -21.12
N GLU D 212 14.01 -42.29 -19.82
CA GLU D 212 13.52 -43.34 -18.94
C GLU D 212 12.03 -43.21 -18.61
N ALA D 213 11.42 -42.05 -18.91
CA ALA D 213 9.97 -41.92 -18.74
C ALA D 213 9.21 -42.63 -19.85
N ILE D 214 9.85 -42.88 -20.99
CA ILE D 214 9.21 -43.63 -22.07
C ILE D 214 9.11 -45.11 -21.72
N GLU D 215 9.91 -45.59 -20.77
CA GLU D 215 9.80 -46.97 -20.31
C GLU D 215 8.74 -47.12 -19.22
N TYR D 216 8.50 -46.06 -18.45
CA TYR D 216 7.51 -46.14 -17.38
C TYR D 216 6.10 -45.92 -17.92
N GLY D 217 5.92 -44.93 -18.78
CA GLY D 217 4.62 -44.68 -19.37
C GLY D 217 4.14 -43.24 -19.27
N LEU D 218 5.03 -42.32 -18.93
CA LEU D 218 4.67 -40.91 -18.86
C LEU D 218 4.64 -40.28 -20.24
N VAL D 219 5.73 -40.40 -20.99
CA VAL D 219 5.85 -39.81 -22.32
C VAL D 219 5.80 -40.93 -23.35
N ASP D 220 4.96 -40.76 -24.38
CA ASP D 220 4.81 -41.78 -25.39
C ASP D 220 5.95 -41.78 -26.40
N ALA D 221 6.38 -40.60 -26.85
CA ALA D 221 7.45 -40.50 -27.82
C ALA D 221 8.16 -39.16 -27.63
N ILE D 222 9.40 -39.11 -28.11
CA ILE D 222 10.23 -37.91 -28.01
C ILE D 222 10.29 -37.23 -29.36
N ILE D 223 10.45 -35.91 -29.34
CA ILE D 223 10.55 -35.09 -30.55
C ILE D 223 11.96 -34.54 -30.64
N SER D 224 12.70 -34.98 -31.66
CA SER D 224 14.06 -34.52 -31.89
C SER D 224 14.40 -34.72 -33.36
N LYS D 225 15.08 -33.74 -33.93
CA LYS D 225 15.47 -33.84 -35.33
C LYS D 225 16.63 -34.84 -35.48
N PRO D 226 16.71 -35.54 -36.62
CA PRO D 226 17.85 -36.44 -36.82
C PRO D 226 19.13 -35.65 -37.09
N GLN D 227 20.16 -35.95 -36.30
CA GLN D 227 21.43 -35.26 -36.40
C GLN D 227 22.35 -35.96 -37.39
N MET D 228 23.27 -35.19 -37.96
CA MET D 228 24.28 -35.76 -38.85
C MET D 228 25.30 -36.54 -38.03
N LEU D 229 25.74 -37.68 -38.58
CA LEU D 229 26.70 -38.53 -37.90
C LEU D 229 28.07 -37.85 -37.89
N GLN D 230 28.70 -37.81 -36.72
CA GLN D 230 29.99 -37.15 -36.57
C GLN D 230 31.12 -38.15 -36.76
N SER D 231 32.23 -37.66 -37.31
CA SER D 231 33.42 -38.49 -37.54
C SER D 231 34.13 -38.66 -36.21
N ARG D 232 33.86 -39.78 -35.53
CA ARG D 232 34.49 -40.06 -34.25
C ARG D 232 35.91 -40.56 -34.44
N GLU D 233 36.64 -40.64 -33.33
CA GLU D 233 38.02 -41.09 -33.37
C GLU D 233 38.08 -42.61 -33.57
N VAL D 234 39.14 -43.06 -34.24
CA VAL D 234 39.33 -44.47 -34.51
C VAL D 234 40.47 -45.02 -33.66
N PRO E 17 10.79 -0.29 -30.23
CA PRO E 17 11.52 -1.05 -29.20
C PRO E 17 11.74 -2.51 -29.58
N PHE E 18 11.25 -3.43 -28.75
CA PHE E 18 11.43 -4.85 -29.02
C PHE E 18 10.43 -5.37 -30.05
N GLY E 19 9.24 -4.77 -30.12
CA GLY E 19 8.25 -5.21 -31.07
C GLY E 19 8.52 -4.78 -32.50
N LEU E 20 9.37 -3.77 -32.68
CA LEU E 20 9.69 -3.29 -34.03
C LEU E 20 10.67 -4.22 -34.74
N LEU E 21 11.37 -5.08 -34.01
CA LEU E 21 12.30 -6.04 -34.60
C LEU E 21 11.86 -7.48 -34.40
N LEU E 22 10.71 -7.72 -33.78
CA LEU E 22 10.28 -9.08 -33.49
C LEU E 22 9.82 -9.82 -34.75
N ARG E 23 9.41 -9.08 -35.78
CA ARG E 23 8.98 -9.70 -37.03
C ARG E 23 10.14 -10.22 -37.87
N GLN E 24 11.37 -9.82 -37.56
CA GLN E 24 12.55 -10.28 -38.28
C GLN E 24 13.36 -11.28 -37.46
N ARG E 25 12.69 -11.97 -36.52
CA ARG E 25 13.27 -13.02 -35.67
C ARG E 25 14.45 -12.51 -34.85
N ILE E 26 14.17 -11.54 -33.99
CA ILE E 26 15.14 -10.98 -33.06
C ILE E 26 14.69 -11.32 -31.65
N VAL E 27 15.51 -12.10 -30.96
CA VAL E 27 15.19 -12.58 -29.60
C VAL E 27 16.19 -11.94 -28.65
N PHE E 28 15.67 -11.24 -27.63
CA PHE E 28 16.49 -10.60 -26.61
C PHE E 28 16.30 -11.32 -25.29
N LEU E 29 17.37 -11.91 -24.78
CA LEU E 29 17.33 -12.56 -23.47
C LEU E 29 17.79 -11.59 -22.38
N GLY E 30 16.98 -10.55 -22.17
CA GLY E 30 17.33 -9.54 -21.19
C GLY E 30 16.85 -9.90 -19.79
N GLY E 31 17.60 -9.41 -18.80
CA GLY E 31 17.25 -9.62 -17.42
C GLY E 31 17.60 -11.00 -16.91
N GLU E 32 17.26 -11.24 -15.65
CA GLU E 32 17.50 -12.50 -14.99
C GLU E 32 16.52 -13.56 -15.50
N VAL E 33 17.03 -14.77 -15.70
CA VAL E 33 16.23 -15.87 -16.25
C VAL E 33 15.41 -16.44 -15.10
N GLU E 34 14.12 -16.17 -15.12
CA GLU E 34 13.18 -16.64 -14.11
C GLU E 34 12.15 -17.57 -14.76
N ASP E 35 11.15 -17.96 -13.98
CA ASP E 35 10.14 -18.88 -14.48
C ASP E 35 9.20 -18.20 -15.48
N PHE E 36 8.92 -16.91 -15.27
CA PHE E 36 8.06 -16.17 -16.20
C PHE E 36 8.86 -15.52 -17.32
N GLY E 37 10.11 -15.14 -17.05
CA GLY E 37 10.94 -14.49 -18.05
C GLY E 37 11.41 -15.42 -19.14
N ALA E 38 11.83 -16.64 -18.76
CA ALA E 38 12.27 -17.61 -19.76
C ALA E 38 11.10 -18.19 -20.53
N ASP E 39 9.90 -18.20 -19.93
CA ASP E 39 8.72 -18.73 -20.61
C ASP E 39 8.30 -17.80 -21.75
N ALA E 40 8.53 -16.49 -21.60
CA ALA E 40 8.27 -15.56 -22.68
C ALA E 40 9.25 -15.75 -23.84
N ILE E 41 10.43 -16.29 -23.57
CA ILE E 41 11.39 -16.59 -24.63
C ILE E 41 11.00 -17.87 -25.36
N ILE E 42 10.50 -18.86 -24.62
CA ILE E 42 10.11 -20.13 -25.23
C ILE E 42 8.85 -19.97 -26.07
N SER E 43 7.88 -19.18 -25.57
CA SER E 43 6.61 -19.02 -26.28
C SER E 43 6.75 -18.21 -27.55
N GLN E 44 7.73 -17.31 -27.62
CA GLN E 44 7.98 -16.60 -28.86
C GLN E 44 8.91 -17.36 -29.80
N LEU E 45 9.61 -18.38 -29.30
CA LEU E 45 10.48 -19.18 -30.15
C LEU E 45 9.68 -20.14 -31.02
N LEU E 46 8.57 -20.67 -30.50
CA LEU E 46 7.71 -21.55 -31.29
C LEU E 46 6.92 -20.78 -32.34
N LEU E 47 6.78 -19.46 -32.19
CA LEU E 47 6.07 -18.67 -33.19
C LEU E 47 6.90 -18.48 -34.44
N LEU E 48 8.22 -18.34 -34.29
CA LEU E 48 9.08 -18.02 -35.42
C LEU E 48 9.33 -19.20 -36.34
N ASP E 49 9.36 -20.42 -35.80
CA ASP E 49 9.57 -21.60 -36.65
C ASP E 49 8.29 -22.01 -37.37
N SER E 50 7.12 -21.70 -36.80
CA SER E 50 5.86 -22.10 -37.40
C SER E 50 5.50 -21.23 -38.60
N GLN E 51 6.03 -20.01 -38.69
CA GLN E 51 5.71 -19.14 -39.81
C GLN E 51 6.66 -19.34 -40.99
N ASP E 52 7.95 -19.60 -40.73
CA ASP E 52 8.91 -19.82 -41.79
C ASP E 52 10.06 -20.69 -41.29
N PRO E 53 10.19 -21.92 -41.78
CA PRO E 53 11.25 -22.82 -41.29
C PRO E 53 12.55 -22.79 -42.09
N THR E 54 12.75 -21.84 -43.00
CA THR E 54 13.93 -21.84 -43.85
C THR E 54 14.90 -20.71 -43.54
N LYS E 55 14.43 -19.61 -42.98
CA LYS E 55 15.34 -18.51 -42.69
C LYS E 55 15.81 -18.57 -41.23
N ASP E 56 16.90 -17.87 -40.96
CA ASP E 56 17.58 -17.96 -39.68
C ASP E 56 16.88 -17.11 -38.62
N ILE E 57 17.10 -17.49 -37.36
CA ILE E 57 16.55 -16.80 -36.20
C ILE E 57 17.72 -16.29 -35.37
N LYS E 58 17.75 -14.98 -35.11
CA LYS E 58 18.82 -14.35 -34.34
C LYS E 58 18.40 -14.21 -32.89
N ILE E 59 19.33 -14.53 -31.98
CA ILE E 59 19.08 -14.50 -30.55
C ILE E 59 20.19 -13.67 -29.91
N PHE E 60 19.81 -12.59 -29.22
CA PHE E 60 20.76 -11.75 -28.52
C PHE E 60 20.86 -12.16 -27.06
N ILE E 61 22.07 -12.04 -26.50
CA ILE E 61 22.38 -12.53 -25.16
C ILE E 61 22.90 -11.37 -24.33
N ASN E 62 22.13 -10.98 -23.30
CA ASN E 62 22.60 -10.02 -22.30
C ASN E 62 21.89 -10.36 -20.98
N SER E 63 22.53 -11.20 -20.17
CA SER E 63 21.91 -11.67 -18.94
C SER E 63 22.94 -12.04 -17.91
N PRO E 64 22.77 -11.66 -16.64
CA PRO E 64 23.72 -12.03 -15.59
C PRO E 64 23.49 -13.39 -14.95
N GLY E 65 22.69 -14.26 -15.56
CA GLY E 65 22.42 -15.57 -15.00
C GLY E 65 20.96 -15.88 -14.86
N GLY E 66 20.62 -16.87 -14.03
CA GLY E 66 19.23 -17.23 -13.82
C GLY E 66 19.12 -18.62 -13.21
N SER E 67 17.95 -19.21 -13.41
CA SER E 67 17.64 -20.51 -12.83
C SER E 67 18.25 -21.64 -13.65
N VAL E 68 18.30 -22.82 -13.04
CA VAL E 68 18.91 -23.98 -13.69
C VAL E 68 17.93 -24.65 -14.65
N THR E 69 16.69 -24.84 -14.21
CA THR E 69 15.70 -25.50 -15.05
C THR E 69 15.07 -24.52 -16.03
N ALA E 70 15.01 -23.23 -15.69
CA ALA E 70 14.46 -22.24 -16.61
C ALA E 70 15.47 -21.89 -17.70
N GLY E 71 16.75 -21.76 -17.34
CA GLY E 71 17.78 -21.46 -18.33
C GLY E 71 18.06 -22.61 -19.27
N MET E 72 17.77 -23.84 -18.82
CA MET E 72 17.87 -25.00 -19.70
C MET E 72 16.72 -25.03 -20.70
N GLY E 73 15.63 -24.33 -20.40
CA GLY E 73 14.46 -24.34 -21.29
C GLY E 73 14.65 -23.56 -22.58
N ILE E 74 15.66 -22.68 -22.62
CA ILE E 74 15.91 -21.95 -23.86
C ILE E 74 16.74 -22.81 -24.83
N TYR E 75 17.61 -23.67 -24.30
CA TYR E 75 18.52 -24.44 -25.15
C TYR E 75 17.79 -25.52 -25.93
N ASP E 76 16.94 -26.30 -25.26
CA ASP E 76 16.24 -27.38 -25.93
C ASP E 76 15.10 -26.89 -26.81
N ALA E 77 14.59 -25.67 -26.57
CA ALA E 77 13.59 -25.09 -27.45
C ALA E 77 14.21 -24.57 -28.73
N MET E 78 15.44 -24.07 -28.67
CA MET E 78 16.15 -23.64 -29.86
C MET E 78 16.58 -24.83 -30.71
N MET E 79 16.80 -26.00 -30.08
CA MET E 79 17.08 -27.22 -30.82
C MET E 79 15.82 -27.88 -31.37
N LEU E 80 14.64 -27.42 -30.96
CA LEU E 80 13.40 -27.97 -31.47
C LEU E 80 13.08 -27.47 -32.86
N CYS E 81 13.48 -26.23 -33.18
CA CYS E 81 13.20 -25.67 -34.50
C CYS E 81 14.13 -26.28 -35.55
N ARG E 82 13.65 -26.33 -36.78
CA ARG E 82 14.37 -26.94 -37.89
C ARG E 82 15.13 -25.93 -38.74
N ALA E 83 15.08 -24.65 -38.39
CA ALA E 83 15.75 -23.61 -39.17
C ALA E 83 17.15 -23.36 -38.62
N ASP E 84 17.80 -22.31 -39.10
CA ASP E 84 19.14 -21.95 -38.65
C ASP E 84 19.06 -21.00 -37.46
N VAL E 85 20.13 -21.01 -36.66
CA VAL E 85 20.18 -20.27 -35.40
C VAL E 85 21.45 -19.42 -35.38
N ASN E 86 21.28 -18.12 -35.17
CA ASN E 86 22.39 -17.21 -34.93
C ASN E 86 22.31 -16.69 -33.50
N THR E 87 23.46 -16.62 -32.84
CA THR E 87 23.54 -16.18 -31.45
C THR E 87 24.60 -15.11 -31.30
N TYR E 88 24.24 -14.00 -30.67
CA TYR E 88 25.15 -12.90 -30.42
C TYR E 88 25.11 -12.56 -28.94
N CYS E 89 26.29 -12.28 -28.37
CA CYS E 89 26.42 -11.98 -26.94
C CYS E 89 26.73 -10.50 -26.76
N PHE E 90 25.93 -9.84 -25.93
CA PHE E 90 26.13 -8.44 -25.59
C PHE E 90 26.44 -8.34 -24.09
N GLY E 91 27.58 -7.73 -23.77
CA GLY E 91 27.95 -7.50 -22.38
C GLY E 91 28.40 -8.74 -21.65
N LEU E 92 27.62 -9.17 -20.65
CA LEU E 92 27.99 -10.26 -19.77
C LEU E 92 27.01 -11.40 -19.91
N ALA E 93 27.54 -12.62 -19.96
CA ALA E 93 26.72 -13.84 -19.98
C ALA E 93 27.29 -14.78 -18.92
N ALA E 94 26.55 -14.94 -17.82
CA ALA E 94 27.05 -15.65 -16.64
C ALA E 94 26.31 -16.98 -16.49
N SER E 95 26.88 -18.04 -17.09
CA SER E 95 26.54 -19.46 -16.93
C SER E 95 25.16 -19.85 -17.44
N MET E 96 24.37 -18.91 -17.93
CA MET E 96 23.08 -19.20 -18.56
C MET E 96 23.02 -18.71 -19.99
N GLY E 97 23.44 -17.47 -20.25
CA GLY E 97 23.60 -17.02 -21.61
C GLY E 97 24.88 -17.50 -22.25
N ALA E 98 25.91 -17.78 -21.44
CA ALA E 98 27.16 -18.30 -21.98
C ALA E 98 27.02 -19.75 -22.40
N PHE E 99 26.20 -20.53 -21.68
CA PHE E 99 25.84 -21.86 -22.15
C PHE E 99 24.94 -21.78 -23.38
N LEU E 100 24.11 -20.74 -23.47
CA LEU E 100 23.27 -20.51 -24.63
C LEU E 100 23.98 -19.81 -25.77
N LEU E 101 25.20 -19.30 -25.53
CA LEU E 101 25.95 -18.67 -26.62
C LEU E 101 26.52 -19.71 -27.58
N GLY E 102 27.12 -20.77 -27.04
CA GLY E 102 27.62 -21.85 -27.85
C GLY E 102 26.59 -22.88 -28.27
N ALA E 103 25.33 -22.68 -27.89
CA ALA E 103 24.27 -23.63 -28.20
C ALA E 103 23.89 -23.65 -29.67
N GLY E 104 24.23 -22.61 -30.43
CA GLY E 104 23.94 -22.58 -31.84
C GLY E 104 24.88 -23.46 -32.64
N LYS E 105 24.63 -23.48 -33.96
CA LYS E 105 25.45 -24.28 -34.85
C LYS E 105 26.81 -23.62 -35.08
N ARG E 106 27.74 -24.40 -35.61
CA ARG E 106 29.09 -23.92 -35.86
C ARG E 106 29.13 -23.02 -37.08
N GLY E 107 29.91 -21.94 -36.99
CA GLY E 107 30.07 -21.00 -38.08
C GLY E 107 29.30 -19.71 -37.89
N LYS E 108 28.24 -19.72 -37.10
CA LYS E 108 27.40 -18.55 -36.90
C LYS E 108 27.28 -18.22 -35.41
N ARG E 109 28.38 -18.33 -34.69
CA ARG E 109 28.45 -17.95 -33.28
C ARG E 109 29.43 -16.79 -33.17
N ASN E 110 28.91 -15.57 -33.35
CA ASN E 110 29.71 -14.37 -33.31
C ASN E 110 29.59 -13.69 -31.96
N SER E 111 30.62 -12.91 -31.61
CA SER E 111 30.66 -12.24 -30.33
C SER E 111 31.37 -10.91 -30.48
N MET E 112 31.06 -9.99 -29.57
CA MET E 112 31.65 -8.66 -29.55
C MET E 112 33.04 -8.70 -28.94
N PRO E 113 33.95 -7.82 -29.37
CA PRO E 113 35.33 -7.86 -28.86
C PRO E 113 35.50 -7.46 -27.41
N ASN E 114 34.49 -6.82 -26.79
CA ASN E 114 34.59 -6.40 -25.39
C ASN E 114 33.59 -7.11 -24.49
N SER E 115 32.88 -8.12 -25.00
CA SER E 115 31.88 -8.81 -24.20
C SER E 115 32.56 -9.81 -23.27
N ARG E 116 32.06 -9.89 -22.04
CA ARG E 116 32.63 -10.78 -21.04
C ARG E 116 31.92 -12.13 -21.06
N ILE E 117 32.71 -13.20 -21.05
CA ILE E 117 32.19 -14.56 -21.08
C ILE E 117 32.52 -15.19 -19.73
N MET E 118 31.48 -15.49 -18.96
CA MET E 118 31.62 -16.03 -17.61
C MET E 118 31.19 -17.49 -17.60
N ILE E 119 32.08 -18.36 -17.12
CA ILE E 119 31.82 -19.79 -17.01
C ILE E 119 31.66 -20.14 -15.54
N HIS E 120 30.54 -20.79 -15.20
CA HIS E 120 30.22 -21.07 -13.81
C HIS E 120 29.30 -22.28 -13.76
N GLN E 121 29.40 -23.05 -12.66
CA GLN E 121 28.47 -24.16 -12.49
C GLN E 121 27.17 -23.65 -11.86
N PRO E 122 26.03 -24.26 -12.20
CA PRO E 122 24.76 -23.79 -11.66
C PRO E 122 24.59 -24.13 -10.18
N LEU E 123 23.55 -23.57 -9.59
CA LEU E 123 23.26 -23.71 -8.17
C LEU E 123 22.15 -24.75 -7.96
N GLY E 124 21.67 -24.84 -6.72
CA GLY E 124 20.62 -25.78 -6.37
C GLY E 124 19.80 -25.25 -5.20
N GLY E 125 18.87 -26.09 -4.75
CA GLY E 125 18.02 -25.73 -3.63
C GLY E 125 17.28 -26.90 -3.01
N ALA E 126 17.31 -26.97 -1.68
CA ALA E 126 16.61 -28.02 -0.93
C ALA E 126 16.34 -27.52 0.48
N SER E 127 15.18 -27.88 1.02
CA SER E 127 14.73 -27.36 2.31
C SER E 127 14.26 -28.44 3.27
N GLY E 128 13.79 -29.58 2.77
CA GLY E 128 13.08 -30.54 3.60
C GLY E 128 13.95 -31.51 4.38
N GLN E 129 13.61 -32.80 4.29
CA GLN E 129 14.29 -33.83 5.05
C GLN E 129 15.71 -34.06 4.51
N ALA E 130 16.51 -34.82 5.26
CA ALA E 130 17.85 -35.14 4.81
C ALA E 130 17.85 -36.10 3.63
N VAL E 131 16.79 -36.90 3.49
CA VAL E 131 16.66 -37.73 2.29
C VAL E 131 16.18 -36.87 1.11
N ASP E 132 15.60 -35.70 1.39
CA ASP E 132 15.28 -34.75 0.33
C ASP E 132 16.49 -33.93 -0.10
N ILE E 133 17.54 -33.88 0.73
CA ILE E 133 18.78 -33.21 0.34
C ILE E 133 19.50 -34.03 -0.72
N GLU E 134 19.58 -35.35 -0.51
CA GLU E 134 20.29 -36.23 -1.44
C GLU E 134 19.54 -36.46 -2.74
N ILE E 135 18.22 -36.24 -2.75
CA ILE E 135 17.47 -36.27 -4.00
C ILE E 135 17.85 -35.07 -4.86
N GLN E 136 17.89 -33.88 -4.26
CA GLN E 136 18.33 -32.68 -4.98
C GLN E 136 19.83 -32.70 -5.24
N ALA E 137 20.61 -33.49 -4.49
CA ALA E 137 22.04 -33.59 -4.76
C ALA E 137 22.31 -34.36 -6.03
N LYS E 138 21.67 -35.53 -6.20
CA LYS E 138 21.81 -36.29 -7.43
C LYS E 138 21.02 -35.67 -8.58
N GLU E 139 20.07 -34.78 -8.28
CA GLU E 139 19.38 -34.05 -9.34
C GLU E 139 20.27 -32.98 -9.96
N ILE E 140 21.08 -32.30 -9.14
CA ILE E 140 22.06 -31.36 -9.68
C ILE E 140 23.35 -32.05 -10.10
N MET E 141 23.59 -33.28 -9.62
CA MET E 141 24.71 -34.06 -10.14
C MET E 141 24.41 -34.58 -11.54
N TYR E 142 23.12 -34.80 -11.84
CA TYR E 142 22.74 -35.17 -13.19
C TYR E 142 22.75 -33.97 -14.12
N HIS E 143 22.40 -32.79 -13.62
CA HIS E 143 22.44 -31.59 -14.46
C HIS E 143 23.87 -31.14 -14.73
N LYS E 144 24.78 -31.39 -13.80
CA LYS E 144 26.19 -31.05 -14.03
C LYS E 144 26.81 -31.97 -15.08
N ALA E 145 26.50 -33.26 -15.01
CA ALA E 145 26.97 -34.20 -16.03
C ALA E 145 26.25 -34.04 -17.36
N ASN E 146 25.08 -33.40 -17.38
CA ASN E 146 24.36 -33.20 -18.63
C ASN E 146 24.99 -32.08 -19.45
N LEU E 147 25.26 -30.93 -18.82
CA LEU E 147 25.82 -29.80 -19.54
C LEU E 147 27.28 -30.00 -19.93
N ASN E 148 28.02 -30.83 -19.20
CA ASN E 148 29.40 -31.13 -19.59
C ASN E 148 29.44 -31.99 -20.85
N ARG E 149 28.41 -32.82 -21.08
CA ARG E 149 28.32 -33.55 -22.33
C ARG E 149 27.92 -32.62 -23.48
N ILE E 150 27.07 -31.62 -23.20
CA ILE E 150 26.63 -30.70 -24.24
C ILE E 150 27.73 -29.71 -24.61
N MET E 151 28.41 -29.15 -23.60
CA MET E 151 29.43 -28.13 -23.85
C MET E 151 30.68 -28.70 -24.51
N ALA E 152 30.93 -30.00 -24.34
CA ALA E 152 32.05 -30.65 -25.01
C ALA E 152 31.73 -31.03 -26.45
N ASP E 153 30.48 -30.87 -26.90
CA ASP E 153 30.11 -31.26 -28.26
C ASP E 153 30.49 -30.18 -29.26
N TYR E 154 30.08 -28.93 -29.01
CA TYR E 154 30.34 -27.84 -29.94
C TYR E 154 31.68 -27.15 -29.71
N CYS E 155 32.49 -27.66 -28.78
CA CYS E 155 33.78 -27.06 -28.49
C CYS E 155 34.96 -27.95 -28.84
N GLN E 156 34.73 -29.25 -29.09
CA GLN E 156 35.76 -30.26 -29.40
C GLN E 156 36.81 -30.33 -28.30
N GLN E 157 36.35 -30.37 -27.05
CA GLN E 157 37.21 -30.43 -25.89
C GLN E 157 36.93 -31.70 -25.09
N PRO E 158 37.95 -32.30 -24.48
CA PRO E 158 37.72 -33.51 -23.69
C PRO E 158 37.01 -33.20 -22.37
N LEU E 159 36.51 -34.25 -21.75
CA LEU E 159 35.73 -34.11 -20.52
C LEU E 159 36.59 -33.84 -19.30
N SER E 160 37.91 -34.04 -19.40
CA SER E 160 38.78 -33.83 -18.24
C SER E 160 39.01 -32.35 -17.98
N LYS E 161 39.27 -31.58 -19.04
CA LYS E 161 39.54 -30.15 -18.88
C LYS E 161 38.28 -29.30 -18.79
N ILE E 162 37.13 -29.83 -19.25
CA ILE E 162 35.89 -29.06 -19.23
C ILE E 162 35.18 -29.18 -17.89
N GLU E 163 35.56 -30.14 -17.04
CA GLU E 163 34.96 -30.24 -15.72
C GLU E 163 35.64 -29.30 -14.72
N GLU E 164 36.96 -29.12 -14.84
CA GLU E 164 37.68 -28.20 -13.97
C GLU E 164 37.47 -26.74 -14.33
N ASP E 165 37.10 -26.47 -15.59
CA ASP E 165 36.83 -25.08 -15.99
C ASP E 165 35.53 -24.58 -15.39
N THR E 166 34.57 -25.47 -15.18
CA THR E 166 33.31 -25.12 -14.53
C THR E 166 33.41 -25.14 -13.02
N ASP E 167 34.56 -25.50 -12.45
CA ASP E 167 34.71 -25.55 -11.00
C ASP E 167 34.82 -24.14 -10.43
N ARG E 168 35.80 -23.37 -10.90
CA ARG E 168 36.02 -22.02 -10.42
C ARG E 168 35.44 -21.01 -11.40
N ASP E 169 35.22 -19.80 -10.89
CA ASP E 169 34.67 -18.72 -11.71
C ASP E 169 35.77 -18.11 -12.57
N ARG E 170 35.51 -18.03 -13.87
CA ARG E 170 36.51 -17.54 -14.83
C ARG E 170 35.83 -16.65 -15.85
N TYR E 171 36.19 -15.38 -15.85
CA TYR E 171 35.74 -14.45 -16.88
C TYR E 171 36.69 -14.52 -18.06
N MET E 172 36.15 -14.83 -19.24
CA MET E 172 36.95 -15.13 -20.41
C MET E 172 36.80 -14.03 -21.45
N SER E 173 37.93 -13.57 -21.98
CA SER E 173 37.94 -12.64 -23.09
C SER E 173 37.64 -13.38 -24.40
N PRO E 174 37.02 -12.70 -25.37
CA PRO E 174 36.72 -13.37 -26.66
C PRO E 174 37.94 -13.67 -27.51
N LEU E 175 39.13 -13.21 -27.14
CA LEU E 175 40.34 -13.60 -27.87
C LEU E 175 40.68 -15.06 -27.62
N GLU E 176 40.57 -15.51 -26.36
CA GLU E 176 40.81 -16.91 -26.04
C GLU E 176 39.56 -17.76 -26.18
N ALA E 177 38.39 -17.15 -26.36
CA ALA E 177 37.16 -17.91 -26.56
C ALA E 177 37.04 -18.45 -27.97
N LYS E 178 37.79 -17.89 -28.93
CA LYS E 178 37.75 -18.40 -30.30
C LYS E 178 38.47 -19.74 -30.41
N GLU E 179 39.64 -19.87 -29.77
CA GLU E 179 40.37 -21.13 -29.78
C GLU E 179 39.77 -22.16 -28.83
N TYR E 180 38.95 -21.72 -27.88
CA TYR E 180 38.30 -22.65 -26.96
C TYR E 180 37.13 -23.40 -27.60
N GLY E 181 36.57 -22.85 -28.68
CA GLY E 181 35.47 -23.49 -29.36
C GLY E 181 34.08 -23.03 -28.96
N LEU E 182 33.98 -22.06 -28.05
CA LEU E 182 32.66 -21.59 -27.64
C LEU E 182 32.07 -20.62 -28.67
N ILE E 183 32.89 -19.73 -29.23
CA ILE E 183 32.43 -18.82 -30.27
C ILE E 183 33.11 -19.19 -31.58
N ASP E 184 32.70 -18.56 -32.67
CA ASP E 184 33.25 -18.85 -33.99
C ASP E 184 33.91 -17.65 -34.64
N HIS E 185 33.30 -16.46 -34.54
CA HIS E 185 33.84 -15.27 -35.17
C HIS E 185 33.76 -14.10 -34.21
N ILE E 186 34.46 -13.02 -34.55
CA ILE E 186 34.47 -11.79 -33.77
C ILE E 186 34.02 -10.67 -34.69
N ILE E 187 32.95 -9.96 -34.27
CA ILE E 187 32.40 -8.88 -35.09
C ILE E 187 33.34 -7.68 -35.01
N GLY E 188 33.84 -7.25 -36.16
CA GLY E 188 34.76 -6.14 -36.26
C GLY E 188 36.19 -6.55 -36.57
N GLY E 189 36.59 -7.76 -36.21
CA GLY E 189 37.92 -8.26 -36.47
C GLY E 189 38.93 -7.97 -35.37
N GLU E 190 38.70 -6.96 -34.55
CA GLU E 190 39.62 -6.62 -33.48
C GLU E 190 38.88 -5.98 -32.31
N VAL F 54 7.27 10.86 -24.86
CA VAL F 54 8.68 10.64 -25.16
C VAL F 54 8.83 9.88 -26.47
N SER F 55 7.70 9.67 -27.16
CA SER F 55 7.72 8.95 -28.42
C SER F 55 8.02 9.86 -29.60
N GLN F 56 7.99 11.18 -29.42
CA GLN F 56 8.29 12.09 -30.50
C GLN F 56 9.77 12.17 -30.83
N LEU F 57 10.64 11.74 -29.90
CA LEU F 57 12.07 11.75 -30.16
C LEU F 57 12.51 10.57 -31.01
N PHE F 58 11.70 9.51 -31.08
CA PHE F 58 12.09 8.33 -31.84
C PHE F 58 12.02 8.57 -33.34
N GLN F 59 11.07 9.41 -33.78
CA GLN F 59 10.99 9.75 -35.19
C GLN F 59 12.02 10.78 -35.60
N GLN F 60 12.56 11.55 -34.66
CA GLN F 60 13.60 12.53 -34.92
C GLN F 60 15.00 11.96 -34.72
N ARG F 61 15.13 10.63 -34.60
CA ARG F 61 16.39 9.91 -34.39
C ARG F 61 17.11 10.37 -33.13
N ILE F 62 16.34 10.58 -32.06
CA ILE F 62 16.88 10.97 -30.76
C ILE F 62 16.54 9.89 -29.75
N VAL F 63 17.57 9.29 -29.15
CA VAL F 63 17.39 8.33 -28.07
C VAL F 63 17.78 9.01 -26.76
N ARG F 64 17.23 8.51 -25.66
CA ARG F 64 17.42 9.13 -24.34
C ARG F 64 18.19 8.17 -23.43
N LEU F 65 19.30 8.65 -22.90
CA LEU F 65 20.10 7.90 -21.92
C LEU F 65 19.90 8.60 -20.59
N GLY F 66 18.93 8.12 -19.82
CA GLY F 66 18.57 8.75 -18.56
C GLY F 66 18.61 7.78 -17.41
N GLY F 67 19.14 8.25 -16.28
CA GLY F 67 19.24 7.43 -15.09
C GLY F 67 20.43 6.49 -15.13
N ALA F 68 20.49 5.65 -14.10
CA ALA F 68 21.57 4.66 -14.01
C ALA F 68 21.35 3.55 -15.03
N VAL F 69 22.44 3.12 -15.66
CA VAL F 69 22.38 2.11 -16.70
C VAL F 69 22.43 0.72 -16.05
N ASP F 70 21.41 -0.09 -16.32
CA ASP F 70 21.34 -1.48 -15.88
C ASP F 70 20.97 -2.36 -17.08
N ASP F 71 20.61 -3.61 -16.79
CA ASP F 71 20.51 -4.62 -17.84
C ASP F 71 19.29 -4.41 -18.75
N ASP F 72 18.15 -4.01 -18.18
CA ASP F 72 16.97 -3.81 -19.01
C ASP F 72 17.01 -2.50 -19.78
N MET F 73 17.74 -1.50 -19.25
CA MET F 73 17.92 -0.26 -20.00
C MET F 73 18.90 -0.44 -21.15
N ALA F 74 19.95 -1.24 -20.94
CA ALA F 74 20.92 -1.49 -22.00
C ALA F 74 20.34 -2.35 -23.11
N ASN F 75 19.38 -3.22 -22.80
CA ASN F 75 18.71 -3.99 -23.85
C ASN F 75 17.76 -3.10 -24.63
N LEU F 76 17.17 -2.09 -23.99
CA LEU F 76 16.26 -1.20 -24.69
C LEU F 76 17.02 -0.15 -25.49
N LEU F 77 18.21 0.24 -25.02
CA LEU F 77 18.99 1.28 -25.70
C LEU F 77 19.62 0.78 -26.99
N VAL F 78 20.08 -0.48 -27.01
CA VAL F 78 20.64 -1.03 -28.25
C VAL F 78 19.53 -1.46 -29.20
N ALA F 79 18.32 -1.64 -28.69
CA ALA F 79 17.19 -1.96 -29.55
C ALA F 79 16.75 -0.75 -30.37
N GLN F 80 16.90 0.45 -29.81
CA GLN F 80 16.61 1.66 -30.56
C GLN F 80 17.74 1.97 -31.55
N LEU F 81 18.94 1.47 -31.27
CA LEU F 81 20.06 1.68 -32.18
C LEU F 81 20.03 0.70 -33.36
N LEU F 82 19.37 -0.44 -33.20
CA LEU F 82 19.20 -1.35 -34.33
C LEU F 82 18.22 -0.82 -35.36
N TYR F 83 17.30 0.05 -34.94
CA TYR F 83 16.25 0.52 -35.84
C TYR F 83 16.64 1.82 -36.54
N LEU F 84 17.40 2.68 -35.86
CA LEU F 84 17.71 3.99 -36.43
C LEU F 84 18.74 3.91 -37.54
N ASP F 85 19.66 2.94 -37.48
CA ASP F 85 20.59 2.73 -38.58
C ASP F 85 19.98 1.94 -39.72
N SER F 86 18.92 1.17 -39.45
CA SER F 86 18.31 0.34 -40.47
C SER F 86 17.42 1.16 -41.40
N VAL F 87 16.83 2.25 -40.90
CA VAL F 87 16.00 3.09 -41.77
C VAL F 87 16.86 4.02 -42.60
N ASP F 88 18.04 4.39 -42.11
CA ASP F 88 18.93 5.30 -42.83
C ASP F 88 20.35 5.08 -42.31
N ASN F 89 21.28 4.80 -43.21
CA ASN F 89 22.68 4.60 -42.85
C ASN F 89 23.55 5.81 -43.17
N LYS F 90 22.93 6.98 -43.35
CA LYS F 90 23.66 8.20 -43.66
C LYS F 90 23.47 9.28 -42.60
N ARG F 91 22.25 9.44 -42.09
CA ARG F 91 21.99 10.48 -41.10
C ARG F 91 22.48 10.06 -39.72
N ASP F 92 22.97 11.02 -38.95
CA ASP F 92 23.52 10.76 -37.63
C ASP F 92 22.40 10.54 -36.60
N ILE F 93 22.80 10.09 -35.42
CA ILE F 93 21.90 9.86 -34.31
C ILE F 93 22.40 10.68 -33.12
N THR F 94 21.57 11.59 -32.63
CA THR F 94 21.92 12.45 -31.51
C THR F 94 21.36 11.86 -30.23
N MET F 95 22.22 11.71 -29.22
CA MET F 95 21.87 11.09 -27.96
C MET F 95 22.10 12.08 -26.82
N TYR F 96 21.11 12.18 -25.94
CA TYR F 96 21.18 13.06 -24.77
C TYR F 96 21.54 12.19 -23.56
N VAL F 97 22.78 12.32 -23.09
CA VAL F 97 23.29 11.47 -22.03
C VAL F 97 23.14 12.19 -20.70
N ASN F 98 22.46 11.55 -19.74
CA ASN F 98 22.30 12.09 -18.38
C ASN F 98 22.26 10.89 -17.44
N SER F 99 23.42 10.54 -16.88
CA SER F 99 23.55 9.36 -16.03
C SER F 99 24.47 9.63 -14.86
N PRO F 100 24.12 9.18 -13.66
CA PRO F 100 25.01 9.31 -12.50
C PRO F 100 25.91 8.11 -12.24
N GLY F 101 25.94 7.14 -13.14
CA GLY F 101 26.73 5.94 -12.97
C GLY F 101 25.96 4.74 -13.46
N GLY F 102 26.39 3.55 -13.05
CA GLY F 102 25.74 2.32 -13.42
C GLY F 102 26.68 1.15 -13.33
N SER F 103 26.28 0.05 -13.97
CA SER F 103 27.02 -1.20 -13.91
C SER F 103 28.23 -1.16 -14.83
N VAL F 104 29.15 -2.11 -14.62
CA VAL F 104 30.34 -2.19 -15.45
C VAL F 104 30.03 -2.75 -16.83
N THR F 105 29.33 -3.88 -16.90
CA THR F 105 29.04 -4.52 -18.18
C THR F 105 27.88 -3.88 -18.92
N ALA F 106 27.06 -3.07 -18.24
CA ALA F 106 25.95 -2.40 -18.92
C ALA F 106 26.41 -1.22 -19.74
N GLY F 107 27.38 -0.46 -19.24
CA GLY F 107 27.94 0.62 -20.04
C GLY F 107 28.83 0.14 -21.16
N MET F 108 29.44 -1.04 -21.00
CA MET F 108 30.25 -1.62 -22.06
C MET F 108 29.41 -2.31 -23.12
N ALA F 109 28.13 -2.58 -22.84
CA ALA F 109 27.27 -3.21 -23.82
C ALA F 109 26.72 -2.19 -24.83
N VAL F 110 26.69 -0.91 -24.44
CA VAL F 110 26.26 0.13 -25.37
C VAL F 110 27.44 0.84 -26.02
N PHE F 111 28.66 0.58 -25.55
CA PHE F 111 29.83 1.26 -26.12
C PHE F 111 30.21 0.64 -27.47
N ASP F 112 30.21 -0.69 -27.56
CA ASP F 112 30.67 -1.38 -28.76
C ASP F 112 29.68 -1.30 -29.91
N THR F 113 28.37 -1.23 -29.62
CA THR F 113 27.38 -1.21 -30.69
C THR F 113 27.33 0.15 -31.39
N MET F 114 27.82 1.21 -30.75
CA MET F 114 27.88 2.51 -31.41
C MET F 114 29.04 2.57 -32.40
N ARG F 115 30.07 1.74 -32.20
CA ARG F 115 31.19 1.69 -33.14
C ARG F 115 30.81 0.94 -34.42
N HIS F 116 29.77 0.10 -34.35
CA HIS F 116 29.33 -0.66 -35.52
C HIS F 116 28.41 0.15 -36.43
N ILE F 117 27.92 1.31 -35.96
CA ILE F 117 27.06 2.16 -36.78
C ILE F 117 27.91 2.80 -37.89
N ARG F 118 27.60 2.45 -39.14
CA ARG F 118 28.39 2.94 -40.28
C ARG F 118 28.28 4.45 -40.56
N PRO F 119 27.24 5.19 -40.17
CA PRO F 119 27.42 6.65 -40.05
C PRO F 119 27.85 7.04 -38.66
N ASP F 120 28.35 8.27 -38.55
CA ASP F 120 28.81 8.78 -37.27
C ASP F 120 27.62 9.13 -36.38
N VAL F 121 27.90 9.25 -35.08
CA VAL F 121 26.89 9.59 -34.09
C VAL F 121 27.31 10.88 -33.39
N SER F 122 26.35 11.52 -32.74
CA SER F 122 26.57 12.75 -32.00
C SER F 122 26.09 12.56 -30.57
N THR F 123 26.90 13.00 -29.61
CA THR F 123 26.60 12.87 -28.19
C THR F 123 26.58 14.24 -27.55
N CYS F 124 25.49 14.56 -26.85
CA CYS F 124 25.32 15.85 -26.19
C CYS F 124 25.06 15.62 -24.71
N CYS F 125 25.89 16.23 -23.87
CA CYS F 125 25.75 16.09 -22.43
C CYS F 125 24.61 16.97 -21.92
N ILE F 126 23.73 16.39 -21.12
CA ILE F 126 22.62 17.10 -20.51
C ILE F 126 22.79 16.99 -19.00
N GLY F 127 23.28 18.06 -18.38
CA GLY F 127 23.36 18.12 -16.93
C GLY F 127 24.61 17.53 -16.32
N LEU F 128 24.70 16.21 -16.27
CA LEU F 128 25.79 15.55 -15.54
C LEU F 128 26.01 14.15 -16.11
N ALA F 129 27.29 13.75 -16.12
CA ALA F 129 27.68 12.39 -16.49
C ALA F 129 28.76 11.96 -15.52
N ALA F 130 28.44 11.01 -14.65
CA ALA F 130 29.31 10.60 -13.55
C ALA F 130 29.86 9.20 -13.81
N SER F 131 31.06 9.16 -14.40
CA SER F 131 31.95 8.00 -14.50
C SER F 131 31.45 6.86 -15.38
N MET F 132 30.24 6.98 -15.91
CA MET F 132 29.74 6.00 -16.87
C MET F 132 29.18 6.65 -18.13
N GLY F 133 28.49 7.79 -17.99
CA GLY F 133 28.03 8.53 -19.15
C GLY F 133 29.12 9.27 -19.88
N ALA F 134 30.16 9.72 -19.16
CA ALA F 134 31.25 10.44 -19.80
C ALA F 134 32.09 9.52 -20.68
N PHE F 135 32.10 8.22 -20.40
CA PHE F 135 32.74 7.27 -21.29
C PHE F 135 31.97 7.12 -22.59
N ILE F 136 30.64 7.31 -22.55
CA ILE F 136 29.85 7.27 -23.77
C ILE F 136 30.04 8.55 -24.58
N LEU F 137 30.36 9.67 -23.91
CA LEU F 137 30.66 10.90 -24.62
C LEU F 137 31.98 10.81 -25.37
N ALA F 138 33.02 10.27 -24.72
CA ALA F 138 34.35 10.23 -25.33
C ALA F 138 34.47 9.20 -26.44
N SER F 139 33.53 8.25 -26.52
CA SER F 139 33.55 7.23 -27.56
C SER F 139 32.85 7.66 -28.84
N GLY F 140 32.41 8.91 -28.91
CA GLY F 140 31.75 9.41 -30.11
C GLY F 140 32.75 9.79 -31.19
N GLN F 141 32.19 10.32 -32.27
CA GLN F 141 33.01 10.74 -33.41
C GLN F 141 33.74 12.05 -33.08
N ALA F 142 34.98 12.16 -33.57
CA ALA F 142 35.73 13.40 -33.41
C ALA F 142 35.12 14.50 -34.25
N GLY F 143 34.81 15.63 -33.61
CA GLY F 143 34.10 16.70 -34.26
C GLY F 143 32.59 16.68 -34.05
N LYS F 144 32.07 15.68 -33.34
CA LYS F 144 30.64 15.57 -33.07
C LYS F 144 30.33 15.46 -31.59
N ARG F 145 31.31 15.67 -30.71
CA ARG F 145 31.12 15.57 -29.27
C ARG F 145 30.77 16.96 -28.74
N TYR F 146 29.50 17.18 -28.47
CA TYR F 146 28.99 18.45 -27.98
C TYR F 146 28.61 18.33 -26.50
N SER F 147 28.50 19.48 -25.85
CA SER F 147 28.13 19.54 -24.44
C SER F 147 27.54 20.90 -24.13
N LEU F 148 26.75 20.95 -23.07
CA LEU F 148 26.21 22.22 -22.59
C LEU F 148 27.33 23.04 -21.95
N PRO F 149 27.26 24.38 -22.03
CA PRO F 149 28.31 25.21 -21.41
C PRO F 149 28.34 25.17 -19.90
N ASN F 150 27.23 24.82 -19.24
CA ASN F 150 27.20 24.71 -17.79
C ASN F 150 26.90 23.28 -17.33
N SER F 151 27.34 22.28 -18.09
CA SER F 151 27.17 20.89 -17.71
C SER F 151 28.31 20.46 -16.80
N ARG F 152 28.41 19.17 -16.52
CA ARG F 152 29.46 18.66 -15.65
C ARG F 152 29.90 17.29 -16.13
N ILE F 153 31.21 17.09 -16.17
CA ILE F 153 31.82 15.82 -16.61
C ILE F 153 32.67 15.31 -15.46
N MET F 154 32.39 14.08 -15.02
CA MET F 154 33.11 13.45 -13.92
C MET F 154 33.70 12.13 -14.40
N ILE F 155 34.99 11.93 -14.16
CA ILE F 155 35.70 10.72 -14.55
C ILE F 155 36.15 10.01 -13.28
N HIS F 156 35.74 8.75 -13.14
CA HIS F 156 36.06 7.94 -11.97
C HIS F 156 36.00 6.49 -12.40
N GLN F 157 36.68 5.64 -11.64
CA GLN F 157 36.60 4.20 -11.86
C GLN F 157 35.19 3.71 -11.53
N PRO F 158 34.67 2.72 -12.25
CA PRO F 158 33.29 2.29 -12.02
C PRO F 158 33.15 1.47 -10.74
N LEU F 159 31.93 1.44 -10.24
CA LEU F 159 31.61 0.72 -9.01
C LEU F 159 31.47 -0.77 -9.31
N GLY F 160 31.49 -1.59 -8.27
CA GLY F 160 31.36 -3.03 -8.41
C GLY F 160 31.80 -3.78 -7.19
N GLY F 161 31.05 -4.83 -6.82
CA GLY F 161 31.31 -5.58 -5.62
C GLY F 161 32.04 -6.88 -5.87
N ALA F 162 32.35 -7.58 -4.78
CA ALA F 162 33.03 -8.87 -4.82
C ALA F 162 32.43 -9.74 -3.72
N GLN F 163 31.43 -10.55 -4.09
CA GLN F 163 30.74 -11.43 -3.17
C GLN F 163 31.06 -12.88 -3.51
N GLY F 164 31.50 -13.64 -2.51
CA GLY F 164 31.81 -15.04 -2.70
C GLY F 164 32.99 -15.44 -1.85
N GLN F 165 33.59 -16.58 -2.21
CA GLN F 165 34.69 -17.18 -1.48
C GLN F 165 35.95 -16.31 -1.60
N ALA F 166 36.91 -16.55 -0.70
CA ALA F 166 38.19 -15.85 -0.74
C ALA F 166 38.98 -16.17 -2.00
N THR F 167 38.82 -17.39 -2.54
CA THR F 167 39.37 -17.71 -3.85
C THR F 167 38.53 -17.05 -4.96
N ASP F 168 37.25 -16.82 -4.70
CA ASP F 168 36.37 -16.22 -5.70
C ASP F 168 36.54 -14.70 -5.79
N ILE F 169 36.75 -14.03 -4.66
CA ILE F 169 36.83 -12.57 -4.68
C ILE F 169 38.16 -12.08 -5.25
N GLU F 170 39.18 -12.93 -5.33
CA GLU F 170 40.44 -12.50 -5.94
C GLU F 170 40.45 -12.75 -7.44
N ILE F 171 39.70 -13.75 -7.91
CA ILE F 171 39.64 -14.02 -9.34
C ILE F 171 38.62 -13.10 -10.02
N GLN F 172 37.67 -12.54 -9.26
CA GLN F 172 36.74 -11.58 -9.83
C GLN F 172 37.21 -10.14 -9.69
N ALA F 173 38.15 -9.87 -8.76
CA ALA F 173 38.81 -8.57 -8.72
C ALA F 173 39.83 -8.40 -9.81
N ASN F 174 40.33 -9.51 -10.37
CA ASN F 174 41.20 -9.43 -11.54
C ASN F 174 40.43 -8.94 -12.76
N GLU F 175 39.14 -9.25 -12.84
CA GLU F 175 38.30 -8.72 -13.91
C GLU F 175 38.06 -7.23 -13.73
N ILE F 176 37.90 -6.78 -12.48
CA ILE F 176 37.79 -5.35 -12.20
C ILE F 176 39.11 -4.65 -12.51
N LEU F 177 40.24 -5.28 -12.22
CA LEU F 177 41.53 -4.75 -12.65
C LEU F 177 41.69 -4.83 -14.16
N HIS F 178 41.06 -5.83 -14.79
CA HIS F 178 41.02 -5.87 -16.25
C HIS F 178 40.04 -4.85 -16.82
N HIS F 179 38.98 -4.53 -16.07
CA HIS F 179 38.06 -3.49 -16.49
C HIS F 179 38.68 -2.10 -16.35
N LYS F 180 39.59 -1.94 -15.37
CA LYS F 180 40.27 -0.66 -15.23
C LYS F 180 41.29 -0.45 -16.33
N LEU F 181 41.94 -1.53 -16.80
CA LEU F 181 42.85 -1.41 -17.92
C LEU F 181 42.11 -1.27 -19.24
N THR F 182 40.87 -1.77 -19.31
CA THR F 182 40.08 -1.64 -20.53
C THR F 182 39.47 -0.24 -20.63
N LEU F 183 39.00 0.30 -19.52
CA LEU F 183 38.39 1.63 -19.53
C LEU F 183 39.44 2.72 -19.74
N ASN F 184 40.53 2.67 -18.97
CA ASN F 184 41.59 3.65 -19.12
C ASN F 184 42.41 3.45 -20.39
N GLY F 185 42.43 2.24 -20.93
CA GLY F 185 43.14 1.98 -22.18
C GLY F 185 42.39 2.53 -23.38
N TYR F 186 41.07 2.49 -23.33
CA TYR F 186 40.27 3.04 -24.42
C TYR F 186 40.08 4.54 -24.28
N LEU F 187 40.06 5.07 -23.05
CA LEU F 187 39.89 6.51 -22.85
C LEU F 187 41.14 7.28 -23.24
N ALA F 188 42.32 6.64 -23.14
CA ALA F 188 43.55 7.31 -23.51
C ALA F 188 43.67 7.50 -25.01
N GLN F 189 43.07 6.60 -25.79
CA GLN F 189 43.08 6.73 -27.25
C GLN F 189 42.05 7.73 -27.74
N PHE F 190 41.04 8.05 -26.93
CA PHE F 190 40.00 8.99 -27.35
C PHE F 190 40.37 10.44 -27.03
N THR F 191 41.20 10.66 -26.01
CA THR F 191 41.57 12.00 -25.61
C THR F 191 42.94 12.43 -26.09
N GLY F 192 43.76 11.51 -26.62
CA GLY F 192 45.07 11.84 -27.12
C GLY F 192 46.13 12.09 -26.08
N GLN F 193 45.83 11.88 -24.79
CA GLN F 193 46.80 12.12 -23.74
C GLN F 193 47.65 10.88 -23.50
N SER F 194 48.55 10.98 -22.52
CA SER F 194 49.44 9.87 -22.19
C SER F 194 48.69 8.82 -21.37
N MET F 195 49.35 7.68 -21.19
CA MET F 195 48.75 6.59 -20.42
C MET F 195 48.81 6.85 -18.92
N GLU F 196 49.80 7.63 -18.47
CA GLU F 196 49.97 7.88 -17.04
C GLU F 196 48.93 8.84 -16.48
N THR F 197 48.56 9.88 -17.24
CA THR F 197 47.65 10.89 -16.73
C THR F 197 46.20 10.40 -16.66
N ILE F 198 45.86 9.36 -17.42
CA ILE F 198 44.52 8.79 -17.33
C ILE F 198 44.40 7.90 -16.09
N THR F 199 45.44 7.12 -15.79
CA THR F 199 45.42 6.26 -14.61
C THR F 199 45.68 7.02 -13.32
N LYS F 200 46.09 8.29 -13.40
CA LYS F 200 46.37 9.10 -12.22
C LYS F 200 45.15 9.77 -11.64
N ASP F 201 44.18 10.17 -12.47
CA ASP F 201 43.01 10.90 -12.00
C ASP F 201 41.75 10.05 -11.94
N THR F 202 41.78 8.80 -12.40
CA THR F 202 40.59 7.95 -12.41
C THR F 202 40.36 7.25 -11.07
N ASP F 203 41.28 7.35 -10.12
CA ASP F 203 41.10 6.68 -8.84
C ASP F 203 40.14 7.45 -7.93
N ARG F 204 40.28 8.77 -7.89
CA ARG F 204 39.35 9.62 -7.14
C ARG F 204 38.45 10.37 -8.11
N ASP F 205 37.34 10.90 -7.56
CA ASP F 205 36.38 11.61 -8.39
C ASP F 205 36.92 13.00 -8.75
N PHE F 206 36.88 13.33 -10.04
CA PHE F 206 37.37 14.60 -10.53
C PHE F 206 36.33 15.20 -11.47
N PHE F 207 35.73 16.30 -11.05
CA PHE F 207 34.76 17.01 -11.88
C PHE F 207 35.49 17.92 -12.87
N MET F 208 34.94 18.00 -14.08
CA MET F 208 35.56 18.76 -15.15
C MET F 208 34.56 19.76 -15.72
N SER F 209 34.98 21.02 -15.84
CA SER F 209 34.15 22.03 -16.46
C SER F 209 34.09 21.80 -17.96
N PRO F 210 33.00 22.23 -18.63
CA PRO F 210 32.94 22.10 -20.09
C PRO F 210 33.92 22.99 -20.84
N GLN F 211 34.43 24.05 -20.21
CA GLN F 211 35.45 24.87 -20.85
C GLN F 211 36.79 24.15 -20.89
N GLU F 212 37.15 23.46 -19.80
CA GLU F 212 38.40 22.71 -19.75
C GLU F 212 38.27 21.30 -20.31
N ALA F 213 37.06 20.88 -20.69
CA ALA F 213 36.89 19.56 -21.28
C ALA F 213 37.33 19.54 -22.74
N ILE F 214 37.37 20.71 -23.38
CA ILE F 214 37.79 20.78 -24.78
C ILE F 214 39.30 20.66 -24.90
N GLU F 215 40.04 21.29 -24.00
CA GLU F 215 41.50 21.22 -24.06
C GLU F 215 42.01 19.88 -23.56
N TYR F 216 41.25 19.20 -22.70
CA TYR F 216 41.64 17.88 -22.23
C TYR F 216 41.31 16.80 -23.25
N GLY F 217 40.25 16.97 -24.03
CA GLY F 217 39.86 16.01 -25.04
C GLY F 217 38.61 15.23 -24.75
N LEU F 218 37.79 15.65 -23.78
CA LEU F 218 36.54 14.95 -23.50
C LEU F 218 35.50 15.26 -24.55
N VAL F 219 35.26 16.54 -24.82
CA VAL F 219 34.33 16.98 -25.86
C VAL F 219 35.11 17.73 -26.92
N ASP F 220 34.44 17.99 -28.05
CA ASP F 220 35.03 18.70 -29.17
C ASP F 220 34.59 20.15 -29.26
N ALA F 221 33.32 20.44 -28.99
CA ALA F 221 32.80 21.79 -29.05
C ALA F 221 31.63 21.91 -28.07
N ILE F 222 31.10 23.12 -27.95
CA ILE F 222 29.95 23.39 -27.09
C ILE F 222 28.91 24.14 -27.91
N ILE F 223 27.65 23.96 -27.57
CA ILE F 223 26.54 24.62 -28.25
C ILE F 223 26.11 25.81 -27.41
N SER F 224 26.52 27.02 -27.82
CA SER F 224 26.19 28.24 -27.11
C SER F 224 25.03 28.97 -27.75
N LYS F 225 25.14 29.28 -29.05
CA LYS F 225 24.13 29.98 -29.86
C LYS F 225 23.69 31.33 -29.29
N PRO G 17 -6.26 19.85 -22.72
CA PRO G 17 -5.39 19.37 -21.65
C PRO G 17 -3.98 19.91 -21.78
N PHE G 18 -2.98 19.07 -21.50
CA PHE G 18 -1.59 19.48 -21.68
C PHE G 18 -1.20 19.52 -23.15
N GLY G 19 -1.84 18.71 -24.00
CA GLY G 19 -1.56 18.75 -25.43
C GLY G 19 -2.15 19.94 -26.13
N LEU G 20 -3.20 20.56 -25.57
CA LEU G 20 -3.76 21.76 -26.17
C LEU G 20 -2.85 22.96 -25.96
N LEU G 21 -2.15 23.01 -24.81
CA LEU G 21 -1.19 24.08 -24.59
C LEU G 21 0.13 23.84 -25.30
N LEU G 22 0.41 22.59 -25.71
CA LEU G 22 1.66 22.29 -26.39
C LEU G 22 1.67 22.82 -27.82
N ARG G 23 0.53 22.72 -28.51
CA ARG G 23 0.44 23.26 -29.87
C ARG G 23 0.34 24.79 -29.88
N GLN G 24 -0.05 25.40 -28.76
CA GLN G 24 0.04 26.85 -28.59
C GLN G 24 1.35 27.28 -27.94
N ARG G 25 2.34 26.38 -27.89
CA ARG G 25 3.71 26.65 -27.44
C ARG G 25 3.77 27.14 -26.00
N ILE G 26 3.02 26.47 -25.12
CA ILE G 26 3.02 26.77 -23.69
C ILE G 26 3.26 25.47 -22.94
N VAL G 27 4.36 25.40 -22.19
CA VAL G 27 4.71 24.22 -21.43
C VAL G 27 4.58 24.52 -19.94
N PHE G 28 4.56 23.46 -19.15
CA PHE G 28 4.38 23.55 -17.70
C PHE G 28 5.54 22.87 -16.98
N LEU G 29 6.02 23.51 -15.92
CA LEU G 29 7.07 22.98 -15.06
C LEU G 29 6.48 22.85 -13.65
N GLY G 30 5.85 21.71 -13.39
CA GLY G 30 5.17 21.48 -12.12
C GLY G 30 5.80 20.35 -11.34
N GLY G 31 5.64 20.40 -10.02
CA GLY G 31 6.14 19.36 -9.15
C GLY G 31 7.63 19.50 -8.85
N GLU G 32 8.14 18.48 -8.17
CA GLU G 32 9.55 18.44 -7.81
C GLU G 32 10.41 18.13 -9.04
N VAL G 33 11.51 18.86 -9.17
CA VAL G 33 12.40 18.73 -10.31
C VAL G 33 13.27 17.49 -10.10
N GLU G 34 13.14 16.51 -10.98
CA GLU G 34 13.92 15.29 -10.95
C GLU G 34 14.72 15.17 -12.26
N ASP G 35 15.48 14.08 -12.37
CA ASP G 35 16.25 13.84 -13.58
C ASP G 35 15.35 13.34 -14.70
N PHE G 36 14.31 12.58 -14.37
CA PHE G 36 13.36 12.13 -15.39
C PHE G 36 12.45 13.26 -15.86
N GLY G 37 12.15 14.21 -14.98
CA GLY G 37 11.36 15.36 -15.37
C GLY G 37 12.14 16.50 -16.00
N ALA G 38 13.46 16.42 -15.99
CA ALA G 38 14.28 17.49 -16.56
C ALA G 38 14.29 17.44 -18.08
N ASP G 39 14.65 16.28 -18.65
CA ASP G 39 14.79 16.15 -20.09
C ASP G 39 13.46 16.13 -20.83
N ALA G 40 12.34 15.97 -20.13
CA ALA G 40 11.03 16.07 -20.78
C ALA G 40 10.72 17.50 -21.18
N ILE G 41 11.21 18.47 -20.39
CA ILE G 41 11.00 19.87 -20.73
C ILE G 41 12.02 20.34 -21.76
N ILE G 42 13.23 19.78 -21.74
CA ILE G 42 14.26 20.17 -22.69
C ILE G 42 13.94 19.64 -24.09
N SER G 43 13.35 18.45 -24.17
CA SER G 43 13.05 17.84 -25.46
C SER G 43 11.91 18.57 -26.17
N GLN G 44 10.95 19.11 -25.41
CA GLN G 44 9.87 19.86 -26.02
C GLN G 44 10.22 21.33 -26.23
N LEU G 45 11.28 21.83 -25.61
CA LEU G 45 11.69 23.21 -25.83
C LEU G 45 12.42 23.38 -27.16
N LEU G 46 13.24 22.40 -27.54
CA LEU G 46 13.93 22.45 -28.82
C LEU G 46 13.01 22.15 -29.99
N LEU G 47 11.89 21.46 -29.75
CA LEU G 47 10.93 21.21 -30.81
C LEU G 47 10.16 22.48 -31.18
N LEU G 48 9.92 23.35 -30.20
CA LEU G 48 9.25 24.62 -30.49
C LEU G 48 10.18 25.60 -31.17
N ASP G 49 11.49 25.52 -30.90
CA ASP G 49 12.44 26.41 -31.55
C ASP G 49 12.69 26.02 -33.00
N SER G 50 12.60 24.72 -33.30
CA SER G 50 12.78 24.27 -34.67
C SER G 50 11.54 24.54 -35.53
N GLN G 51 10.36 24.60 -34.90
CA GLN G 51 9.13 24.87 -35.65
C GLN G 51 9.02 26.35 -35.99
N ASP G 52 9.18 27.22 -34.99
CA ASP G 52 9.08 28.65 -35.21
C ASP G 52 10.10 29.39 -34.34
N PRO G 53 11.19 29.90 -34.93
CA PRO G 53 12.19 30.63 -34.15
C PRO G 53 11.83 32.08 -33.88
N THR G 54 10.62 32.52 -34.24
CA THR G 54 10.19 33.90 -34.04
C THR G 54 9.13 34.01 -32.94
N LYS G 55 8.31 32.98 -32.77
CA LYS G 55 7.21 33.00 -31.80
C LYS G 55 7.75 32.71 -30.41
N ASP G 56 7.27 33.48 -29.43
CA ASP G 56 7.71 33.35 -28.05
C ASP G 56 7.16 32.08 -27.41
N ILE G 57 7.85 31.62 -26.37
CA ILE G 57 7.47 30.41 -25.63
C ILE G 57 7.17 30.82 -24.20
N LYS G 58 5.95 30.56 -23.76
CA LYS G 58 5.52 30.87 -22.40
C LYS G 58 5.65 29.63 -21.53
N ILE G 59 6.33 29.77 -20.39
CA ILE G 59 6.50 28.67 -19.44
C ILE G 59 5.80 29.02 -18.13
N PHE G 60 5.46 27.99 -17.37
CA PHE G 60 4.84 28.14 -16.06
C PHE G 60 5.63 27.31 -15.06
N ILE G 61 6.15 27.96 -14.02
CA ILE G 61 7.05 27.33 -13.06
C ILE G 61 6.31 27.21 -11.73
N ASN G 62 6.19 25.97 -11.23
CA ASN G 62 5.64 25.69 -9.90
C ASN G 62 6.45 24.52 -9.34
N SER G 63 7.51 24.84 -8.60
CA SER G 63 8.41 23.82 -8.10
C SER G 63 8.81 24.13 -6.66
N PRO G 64 8.73 23.14 -5.76
CA PRO G 64 9.17 23.35 -4.38
C PRO G 64 10.64 23.02 -4.12
N GLY G 65 11.43 22.80 -5.16
CA GLY G 65 12.83 22.45 -5.04
C GLY G 65 13.28 21.60 -6.20
N GLY G 66 14.47 21.05 -6.06
CA GLY G 66 15.03 20.21 -7.11
C GLY G 66 16.54 20.11 -6.96
N SER G 67 17.12 19.27 -7.81
CA SER G 67 18.55 19.07 -7.82
C SER G 67 19.24 20.16 -8.63
N VAL G 68 20.45 20.54 -8.20
CA VAL G 68 21.20 21.56 -8.90
C VAL G 68 21.82 21.04 -10.20
N THR G 69 21.89 19.72 -10.37
CA THR G 69 22.44 19.16 -11.59
C THR G 69 21.43 19.17 -12.73
N ALA G 70 20.18 18.76 -12.44
CA ALA G 70 19.14 18.73 -13.46
C ALA G 70 18.50 20.09 -13.66
N GLY G 71 18.58 20.99 -12.67
CA GLY G 71 17.98 22.31 -12.82
C GLY G 71 18.77 23.22 -13.73
N MET G 72 20.08 23.02 -13.83
CA MET G 72 20.90 23.81 -14.74
C MET G 72 20.65 23.45 -16.20
N GLY G 73 20.17 22.23 -16.47
CA GLY G 73 19.85 21.85 -17.83
C GLY G 73 18.64 22.57 -18.38
N ILE G 74 17.73 22.98 -17.51
CA ILE G 74 16.59 23.79 -17.93
C ILE G 74 17.04 25.21 -18.25
N TYR G 75 18.06 25.70 -17.53
CA TYR G 75 18.58 27.04 -17.79
C TYR G 75 19.39 27.07 -19.08
N ASP G 76 20.14 26.00 -19.37
CA ASP G 76 20.88 25.94 -20.63
C ASP G 76 19.96 25.69 -21.81
N ALA G 77 18.79 25.08 -21.58
CA ALA G 77 17.84 24.87 -22.68
C ALA G 77 17.18 26.18 -23.10
N MET G 78 16.91 27.08 -22.15
CA MET G 78 16.34 28.37 -22.49
C MET G 78 17.38 29.28 -23.12
N MET G 79 18.65 29.12 -22.77
CA MET G 79 19.71 29.87 -23.44
C MET G 79 19.99 29.32 -24.83
N LEU G 80 19.71 28.03 -25.05
CA LEU G 80 19.87 27.44 -26.37
C LEU G 80 18.72 27.82 -27.30
N CYS G 81 17.57 28.22 -26.75
CA CYS G 81 16.44 28.62 -27.56
C CYS G 81 16.72 29.97 -28.22
N ARG G 82 16.61 30.00 -29.55
CA ARG G 82 16.87 31.24 -30.28
C ARG G 82 15.73 32.24 -30.10
N ALA G 83 14.50 31.74 -30.00
CA ALA G 83 13.36 32.62 -29.80
C ALA G 83 13.32 33.12 -28.35
N ASP G 84 12.54 34.18 -28.15
CA ASP G 84 12.38 34.74 -26.81
C ASP G 84 11.51 33.84 -25.95
N VAL G 85 11.72 33.91 -24.64
CA VAL G 85 10.99 33.10 -23.68
C VAL G 85 10.24 34.01 -22.72
N ASN G 86 9.08 33.54 -22.27
CA ASN G 86 8.27 34.24 -21.29
C ASN G 86 8.06 33.31 -20.10
N THR G 87 8.19 33.85 -18.90
CA THR G 87 8.04 33.07 -17.68
C THR G 87 6.80 33.50 -16.91
N TYR G 88 6.26 32.57 -16.12
CA TYR G 88 5.11 32.82 -15.27
C TYR G 88 5.28 32.00 -13.99
N CYS G 89 5.20 32.66 -12.85
CA CYS G 89 5.40 32.02 -11.55
C CYS G 89 4.05 31.97 -10.84
N PHE G 90 3.54 30.76 -10.64
CA PHE G 90 2.34 30.53 -9.86
C PHE G 90 2.61 29.43 -8.85
N GLY G 91 2.01 29.54 -7.67
CA GLY G 91 2.22 28.54 -6.64
C GLY G 91 3.48 28.77 -5.84
N LEU G 92 4.51 27.97 -6.10
CA LEU G 92 5.76 28.01 -5.35
C LEU G 92 6.94 28.15 -6.29
N ALA G 93 8.01 28.77 -5.78
CA ALA G 93 9.30 28.82 -6.47
C ALA G 93 10.37 28.81 -5.38
N ALA G 94 10.86 27.61 -5.06
CA ALA G 94 11.74 27.40 -3.92
C ALA G 94 13.09 26.89 -4.42
N SER G 95 14.06 27.80 -4.48
CA SER G 95 15.51 27.57 -4.63
C SER G 95 15.94 27.07 -6.01
N MET G 96 14.98 26.73 -6.87
CA MET G 96 15.23 26.32 -8.25
C MET G 96 14.34 27.07 -9.24
N GLY G 97 13.08 27.34 -8.87
CA GLY G 97 12.20 28.07 -9.75
C GLY G 97 12.44 29.56 -9.75
N ALA G 98 12.98 30.10 -8.65
CA ALA G 98 13.32 31.51 -8.61
C ALA G 98 14.56 31.80 -9.45
N PHE G 99 15.44 30.81 -9.61
CA PHE G 99 16.57 30.96 -10.52
C PHE G 99 16.12 30.90 -11.97
N LEU G 100 15.14 30.05 -12.27
CA LEU G 100 14.59 29.98 -13.62
C LEU G 100 13.58 31.08 -13.90
N LEU G 101 13.17 31.84 -12.87
CA LEU G 101 12.24 32.94 -13.07
C LEU G 101 12.93 34.12 -13.74
N GLY G 102 14.03 34.60 -13.14
CA GLY G 102 14.74 35.75 -13.70
C GLY G 102 15.59 35.43 -14.90
N ALA G 103 15.78 34.15 -15.22
CA ALA G 103 16.67 33.73 -16.31
C ALA G 103 16.10 33.95 -17.69
N GLY G 104 14.85 34.42 -17.81
CA GLY G 104 14.26 34.70 -19.10
C GLY G 104 14.69 36.06 -19.65
N LYS G 105 13.99 36.47 -20.70
CA LYS G 105 14.28 37.75 -21.33
C LYS G 105 13.76 38.90 -20.48
N ARG G 106 14.55 39.96 -20.38
CA ARG G 106 14.18 41.13 -19.60
C ARG G 106 13.05 41.88 -20.29
N GLY G 107 12.04 42.27 -19.50
CA GLY G 107 10.86 42.93 -20.02
C GLY G 107 9.69 42.02 -20.29
N LYS G 108 9.89 40.70 -20.29
CA LYS G 108 8.85 39.72 -20.53
C LYS G 108 8.81 38.70 -19.40
N ARG G 109 8.87 39.19 -18.16
CA ARG G 109 8.85 38.35 -16.97
C ARG G 109 7.66 38.76 -16.12
N ASN G 110 6.62 37.92 -16.13
CA ASN G 110 5.41 38.16 -15.37
C ASN G 110 5.19 37.04 -14.37
N SER G 111 4.30 37.28 -13.41
CA SER G 111 3.95 36.27 -12.40
C SER G 111 2.62 36.64 -11.79
N MET G 112 2.19 35.81 -10.85
CA MET G 112 1.00 36.08 -10.07
C MET G 112 1.30 37.17 -9.02
N PRO G 113 0.30 37.98 -8.67
CA PRO G 113 0.55 39.07 -7.71
C PRO G 113 0.69 38.61 -6.26
N ASN G 114 0.54 37.32 -5.96
CA ASN G 114 0.68 36.82 -4.60
C ASN G 114 1.59 35.61 -4.50
N SER G 115 2.28 35.26 -5.59
CA SER G 115 3.18 34.11 -5.58
C SER G 115 4.42 34.40 -4.74
N ARG G 116 5.00 33.34 -4.19
CA ARG G 116 6.15 33.45 -3.29
C ARG G 116 7.44 33.14 -4.05
N ILE G 117 8.50 33.86 -3.70
CA ILE G 117 9.81 33.70 -4.33
C ILE G 117 10.82 33.39 -3.23
N MET G 118 11.53 32.28 -3.37
CA MET G 118 12.51 31.84 -2.39
C MET G 118 13.89 31.77 -3.05
N ILE G 119 14.81 32.60 -2.58
CA ILE G 119 16.18 32.61 -3.08
C ILE G 119 17.07 32.01 -1.99
N HIS G 120 17.47 30.75 -2.18
CA HIS G 120 18.30 30.05 -1.23
C HIS G 120 19.20 29.07 -1.97
N GLN G 121 20.33 28.74 -1.34
CA GLN G 121 21.28 27.82 -1.94
C GLN G 121 20.73 26.40 -1.96
N PRO G 122 21.15 25.57 -2.92
CA PRO G 122 20.71 24.17 -2.93
C PRO G 122 21.38 23.36 -1.82
N LEU G 123 20.81 22.19 -1.58
CA LEU G 123 21.26 21.29 -0.52
C LEU G 123 22.05 20.13 -1.11
N GLY G 124 22.60 19.31 -0.22
CA GLY G 124 23.38 18.16 -0.64
C GLY G 124 23.95 17.37 0.52
N GLY G 125 24.12 16.07 0.33
CA GLY G 125 24.68 15.19 1.34
C GLY G 125 26.05 14.69 0.91
N ALA G 126 26.93 14.47 1.88
CA ALA G 126 28.29 14.03 1.63
C ALA G 126 28.64 12.86 2.54
N SER G 127 29.23 11.83 1.96
CA SER G 127 29.65 10.64 2.71
C SER G 127 30.76 9.94 1.92
N GLY G 128 31.53 9.12 2.63
CA GLY G 128 32.56 8.32 1.98
C GLY G 128 33.97 8.55 2.48
N GLN G 129 34.93 8.47 1.56
CA GLN G 129 36.35 8.60 1.86
C GLN G 129 36.69 10.04 2.26
N ALA G 130 37.88 10.20 2.85
CA ALA G 130 38.32 11.52 3.28
C ALA G 130 38.68 12.40 2.09
N VAL G 131 39.29 11.82 1.05
CA VAL G 131 39.51 12.56 -0.19
C VAL G 131 38.20 12.76 -0.94
N ASP G 132 37.23 11.87 -0.75
CA ASP G 132 35.92 11.98 -1.39
C ASP G 132 35.09 13.12 -0.82
N ILE G 133 35.31 13.50 0.44
CA ILE G 133 34.50 14.55 1.06
C ILE G 133 34.93 15.92 0.54
N GLU G 134 36.24 16.16 0.46
CA GLU G 134 36.74 17.47 0.03
C GLU G 134 36.53 17.74 -1.45
N ILE G 135 36.26 16.70 -2.25
CA ILE G 135 35.93 16.92 -3.65
C ILE G 135 34.52 17.49 -3.79
N GLN G 136 33.54 16.85 -3.14
CA GLN G 136 32.17 17.33 -3.21
C GLN G 136 31.92 18.53 -2.30
N ALA G 137 32.85 18.86 -1.39
CA ALA G 137 32.70 20.06 -0.59
C ALA G 137 32.97 21.31 -1.43
N LYS G 138 34.04 21.29 -2.23
CA LYS G 138 34.31 22.39 -3.14
C LYS G 138 33.46 22.33 -4.40
N GLU G 139 32.83 21.19 -4.68
CA GLU G 139 31.94 21.10 -5.82
C GLU G 139 30.64 21.85 -5.58
N ILE G 140 30.05 21.68 -4.39
CA ILE G 140 28.84 22.42 -4.03
C ILE G 140 29.16 23.89 -3.73
N MET G 141 30.42 24.20 -3.43
CA MET G 141 30.83 25.61 -3.34
C MET G 141 31.00 26.22 -4.72
N TYR G 142 31.51 25.44 -5.68
CA TYR G 142 31.58 25.91 -7.05
C TYR G 142 30.20 26.02 -7.68
N HIS G 143 29.25 25.16 -7.26
CA HIS G 143 27.86 25.34 -7.65
C HIS G 143 27.25 26.56 -6.98
N LYS G 144 27.67 26.87 -5.75
CA LYS G 144 27.21 28.08 -5.09
C LYS G 144 27.82 29.32 -5.72
N ALA G 145 29.08 29.22 -6.17
CA ALA G 145 29.73 30.37 -6.79
C ALA G 145 29.22 30.61 -8.20
N ASN G 146 28.87 29.54 -8.93
CA ASN G 146 28.35 29.71 -10.29
C ASN G 146 26.91 30.19 -10.30
N LEU G 147 26.12 29.77 -9.31
CA LEU G 147 24.72 30.21 -9.25
C LEU G 147 24.61 31.66 -8.81
N ASN G 148 25.63 32.18 -8.10
CA ASN G 148 25.59 33.57 -7.67
C ASN G 148 26.00 34.52 -8.79
N ARG G 149 27.02 34.15 -9.57
CA ARG G 149 27.48 35.02 -10.65
C ARG G 149 26.56 35.01 -11.86
N ILE G 150 25.76 33.95 -12.04
CA ILE G 150 24.82 33.91 -13.15
C ILE G 150 23.57 34.72 -12.82
N MET G 151 23.06 34.60 -11.59
CA MET G 151 21.87 35.32 -11.18
C MET G 151 22.11 36.81 -10.96
N ALA G 152 23.37 37.24 -10.90
CA ALA G 152 23.70 38.64 -10.73
C ALA G 152 23.77 39.40 -12.05
N ASP G 153 23.62 38.72 -13.18
CA ASP G 153 23.70 39.40 -14.47
C ASP G 153 22.40 40.08 -14.84
N TYR G 154 21.29 39.33 -14.83
CA TYR G 154 20.00 39.87 -15.24
C TYR G 154 19.28 40.64 -14.14
N CYS G 155 19.85 40.71 -12.94
CA CYS G 155 19.24 41.44 -11.84
C CYS G 155 19.79 42.84 -11.66
N GLN G 156 20.92 43.16 -12.30
CA GLN G 156 21.61 44.45 -12.21
C GLN G 156 21.96 44.79 -10.75
N GLN G 157 22.48 43.80 -10.04
CA GLN G 157 22.83 43.91 -8.64
C GLN G 157 24.31 43.59 -8.45
N PRO G 158 24.94 44.19 -7.44
CA PRO G 158 26.34 43.84 -7.14
C PRO G 158 26.47 42.42 -6.60
N LEU G 159 27.68 41.87 -6.72
CA LEU G 159 27.93 40.49 -6.33
C LEU G 159 27.96 40.30 -4.82
N SER G 160 28.45 41.30 -4.08
CA SER G 160 28.54 41.16 -2.63
C SER G 160 27.17 41.25 -1.95
N LYS G 161 26.22 41.95 -2.59
CA LYS G 161 24.88 42.06 -2.01
C LYS G 161 24.01 40.86 -2.34
N ILE G 162 24.22 40.25 -3.52
CA ILE G 162 23.40 39.12 -3.93
C ILE G 162 23.90 37.80 -3.37
N GLU G 163 25.12 37.76 -2.84
CA GLU G 163 25.66 36.54 -2.26
C GLU G 163 25.29 36.36 -0.80
N GLU G 164 24.81 37.41 -0.14
CA GLU G 164 24.36 37.31 1.24
C GLU G 164 22.85 37.23 1.37
N ASP G 165 22.11 37.69 0.36
CA ASP G 165 20.65 37.57 0.39
C ASP G 165 20.19 36.14 0.13
N THR G 166 20.99 35.36 -0.59
CA THR G 166 20.65 33.97 -0.82
C THR G 166 20.96 33.08 0.39
N ASP G 167 21.74 33.57 1.35
CA ASP G 167 22.00 32.81 2.56
C ASP G 167 20.83 32.87 3.53
N ARG G 168 20.05 33.94 3.53
CA ARG G 168 18.89 34.06 4.39
C ARG G 168 17.75 33.21 3.82
N ASP G 169 17.20 32.32 4.65
CA ASP G 169 16.14 31.42 4.22
C ASP G 169 14.76 32.03 4.49
N ARG G 170 14.53 33.19 3.87
CA ARG G 170 13.27 33.90 4.00
C ARG G 170 12.68 34.15 2.62
N TYR G 171 11.37 33.95 2.50
CA TYR G 171 10.69 34.12 1.23
C TYR G 171 10.57 35.60 0.86
N MET G 172 10.20 35.86 -0.38
CA MET G 172 10.16 37.21 -0.91
C MET G 172 8.80 37.49 -1.54
N SER G 173 8.14 38.54 -1.07
CA SER G 173 6.91 39.00 -1.69
C SER G 173 7.21 39.61 -3.06
N PRO G 174 6.28 39.55 -4.01
CA PRO G 174 6.53 40.13 -5.34
C PRO G 174 6.53 41.65 -5.37
N LEU G 175 6.20 42.34 -4.28
CA LEU G 175 6.26 43.79 -4.26
C LEU G 175 7.72 44.27 -4.25
N GLU G 176 8.54 43.69 -3.38
CA GLU G 176 9.96 44.05 -3.32
C GLU G 176 10.80 43.29 -4.33
N ALA G 177 10.22 42.35 -5.07
CA ALA G 177 10.97 41.64 -6.10
C ALA G 177 11.15 42.48 -7.35
N LYS G 178 10.34 43.53 -7.53
CA LYS G 178 10.43 44.35 -8.73
C LYS G 178 11.64 45.26 -8.71
N GLU G 179 11.86 45.97 -7.59
CA GLU G 179 13.03 46.84 -7.52
C GLU G 179 14.31 46.05 -7.24
N TYR G 180 14.17 44.79 -6.83
CA TYR G 180 15.34 43.92 -6.68
C TYR G 180 15.96 43.54 -8.02
N GLY G 181 15.19 43.58 -9.10
CA GLY G 181 15.69 43.27 -10.42
C GLY G 181 15.46 41.85 -10.89
N LEU G 182 14.84 41.02 -10.06
CA LEU G 182 14.58 39.63 -10.47
C LEU G 182 13.42 39.54 -11.46
N ILE G 183 12.42 40.41 -11.31
CA ILE G 183 11.22 40.37 -12.14
C ILE G 183 10.97 41.77 -12.68
N ASP G 184 10.24 41.84 -13.80
CA ASP G 184 9.96 43.09 -14.48
C ASP G 184 8.52 43.57 -14.28
N HIS G 185 7.53 42.74 -14.59
CA HIS G 185 6.13 43.13 -14.53
C HIS G 185 5.35 42.18 -13.64
N ILE G 186 4.26 42.69 -13.07
CA ILE G 186 3.35 41.92 -12.23
C ILE G 186 1.96 41.98 -12.87
N ILE G 187 1.35 40.81 -13.06
CA ILE G 187 0.01 40.75 -13.63
C ILE G 187 -1.00 41.19 -12.58
N GLY G 188 -1.72 42.27 -12.88
CA GLY G 188 -2.73 42.78 -11.96
C GLY G 188 -2.60 44.26 -11.69
N GLY G 189 -1.74 44.94 -12.44
CA GLY G 189 -1.57 46.37 -12.29
C GLY G 189 -0.84 46.82 -11.05
N GLU G 190 -0.20 45.89 -10.33
CA GLU G 190 0.61 46.14 -9.13
C GLU G 190 -0.18 46.82 -8.00
N GLU G 191 -1.48 46.53 -7.86
CA GLU G 191 -2.22 46.97 -6.69
C GLU G 191 -2.78 45.82 -5.88
N ALA G 192 -2.82 44.61 -6.43
CA ALA G 192 -3.35 43.44 -5.74
C ALA G 192 -2.31 42.71 -4.92
N VAL G 193 -1.06 43.21 -4.86
CA VAL G 193 -0.02 42.54 -4.10
C VAL G 193 -0.20 42.85 -2.62
N PHE G 194 -0.38 41.81 -1.83
CA PHE G 194 -0.59 41.95 -0.39
C PHE G 194 0.71 41.67 0.36
N ASN G 195 0.97 42.48 1.38
CA ASN G 195 2.18 42.34 2.18
C ASN G 195 2.09 41.13 3.12
N SER H 30 11.78 13.84 60.53
CA SER H 30 11.47 13.99 59.11
C SER H 30 10.07 14.59 58.92
N LYS H 31 9.89 15.82 59.37
CA LYS H 31 8.62 16.52 59.25
C LYS H 31 8.44 17.21 57.92
N LYS H 32 9.45 17.19 57.05
CA LYS H 32 9.38 17.81 55.74
C LYS H 32 9.99 16.88 54.70
N VAL H 33 9.36 16.80 53.54
CA VAL H 33 9.85 16.01 52.43
C VAL H 33 10.33 16.94 51.33
N PHE H 34 11.30 16.46 50.55
CA PHE H 34 11.92 17.24 49.48
C PHE H 34 11.95 16.38 48.22
N MET H 35 11.21 16.81 47.19
CA MET H 35 11.14 16.09 45.92
C MET H 35 11.52 17.05 44.80
N ILE H 36 12.60 16.73 44.09
CA ILE H 36 13.03 17.56 42.97
C ILE H 36 12.15 17.26 41.76
N ILE H 37 11.58 18.31 41.18
CA ILE H 37 10.67 18.20 40.04
C ILE H 37 11.44 18.58 38.79
N ASN H 38 11.74 17.57 37.95
CA ASN H 38 12.41 17.81 36.68
C ASN H 38 11.93 16.74 35.71
N SER H 39 10.90 17.10 34.91
CA SER H 39 10.31 16.17 33.97
C SER H 39 9.60 16.95 32.88
N PHE H 40 9.35 16.28 31.76
CA PHE H 40 8.61 16.87 30.66
C PHE H 40 7.11 16.63 30.74
N GLY H 41 6.65 15.97 31.80
CA GLY H 41 5.23 15.73 31.99
C GLY H 41 4.73 14.52 31.22
N GLY H 42 3.55 14.07 31.61
CA GLY H 42 2.90 12.94 30.97
C GLY H 42 1.41 13.10 30.88
N SER H 43 0.67 12.07 31.29
CA SER H 43 -0.79 12.16 31.31
C SER H 43 -1.25 13.04 32.46
N VAL H 44 -2.43 13.64 32.29
CA VAL H 44 -2.99 14.53 33.31
C VAL H 44 -3.55 13.76 34.49
N GLY H 45 -3.82 12.46 34.33
CA GLY H 45 -4.31 11.67 35.44
C GLY H 45 -3.25 11.37 36.47
N ASN H 46 -1.99 11.31 36.05
CA ASN H 46 -0.89 11.07 36.98
C ASN H 46 -0.53 12.32 37.76
N GLY H 47 -0.73 13.50 37.17
CA GLY H 47 -0.48 14.75 37.89
C GLY H 47 -1.53 15.07 38.94
N ILE H 48 -2.71 14.47 38.85
CA ILE H 48 -3.74 14.67 39.86
C ILE H 48 -3.39 13.89 41.12
N THR H 49 -2.85 12.68 40.96
CA THR H 49 -2.57 11.80 42.10
C THR H 49 -1.42 12.33 42.94
N VAL H 50 -0.39 12.89 42.32
CA VAL H 50 0.74 13.43 43.08
C VAL H 50 0.35 14.73 43.80
N HIS H 51 -0.62 15.46 43.24
CA HIS H 51 -1.08 16.68 43.90
C HIS H 51 -2.00 16.36 45.08
N ASP H 52 -2.84 15.34 44.95
CA ASP H 52 -3.72 14.96 46.04
C ASP H 52 -2.98 14.25 47.18
N ALA H 53 -1.87 13.59 46.86
CA ALA H 53 -1.12 12.89 47.91
C ALA H 53 -0.29 13.84 48.75
N LEU H 54 0.19 14.94 48.17
CA LEU H 54 1.00 15.89 48.92
C LEU H 54 0.15 16.75 49.86
N GLN H 55 -1.13 16.92 49.55
CA GLN H 55 -2.05 17.69 50.39
C GLN H 55 -2.79 16.81 51.40
N PHE H 56 -2.39 15.55 51.54
CA PHE H 56 -3.03 14.60 52.45
C PHE H 56 -2.18 14.25 53.65
N ILE H 57 -0.86 14.15 53.49
CA ILE H 57 0.01 13.74 54.58
C ILE H 57 0.15 14.85 55.61
N LYS H 58 0.41 14.45 56.86
CA LYS H 58 0.51 15.40 57.95
C LYS H 58 1.83 16.15 57.97
N ALA H 59 2.88 15.57 57.39
CA ALA H 59 4.18 16.22 57.36
C ALA H 59 4.20 17.34 56.33
N GLY H 60 5.18 18.22 56.46
CA GLY H 60 5.33 19.30 55.49
C GLY H 60 5.84 18.79 54.15
N SER H 61 5.50 19.54 53.11
CA SER H 61 5.85 19.17 51.74
C SER H 61 6.53 20.35 51.08
N LEU H 62 7.83 20.23 50.83
CA LEU H 62 8.62 21.26 50.17
C LEU H 62 8.92 20.80 48.75
N THR H 63 8.52 21.62 47.78
CA THR H 63 8.65 21.28 46.37
C THR H 63 9.61 22.24 45.69
N LEU H 64 10.60 21.68 45.01
CA LEU H 64 11.57 22.47 44.25
C LEU H 64 11.59 21.95 42.82
N ALA H 65 11.53 22.87 41.87
CA ALA H 65 11.49 22.53 40.45
C ALA H 65 12.84 22.83 39.82
N LEU H 66 13.24 22.00 38.85
CA LEU H 66 14.41 22.23 38.04
C LEU H 66 14.05 22.03 36.58
N GLY H 67 14.43 22.98 35.74
CA GLY H 67 14.12 22.90 34.31
C GLY H 67 12.77 23.54 33.99
N VAL H 68 11.76 22.69 33.75
CA VAL H 68 10.41 23.15 33.44
C VAL H 68 9.43 22.42 34.34
N ALA H 69 8.18 22.89 34.30
CA ALA H 69 7.06 22.26 35.02
C ALA H 69 5.91 22.14 34.04
N ALA H 70 5.67 20.94 33.54
CA ALA H 70 4.62 20.68 32.56
C ALA H 70 3.27 20.52 33.27
N SER H 71 2.27 20.04 32.53
CA SER H 71 0.92 19.90 33.09
C SER H 71 0.85 18.82 34.15
N ALA H 72 1.69 17.79 34.05
CA ALA H 72 1.77 16.78 35.10
C ALA H 72 2.74 17.16 36.20
N ALA H 73 3.55 18.20 36.00
CA ALA H 73 4.55 18.62 36.97
C ALA H 73 4.15 19.87 37.75
N SER H 74 3.40 20.79 37.12
CA SER H 74 2.97 22.00 37.80
C SER H 74 1.89 21.73 38.86
N LEU H 75 1.17 20.63 38.73
CA LEU H 75 0.24 20.24 39.79
C LEU H 75 0.98 19.78 41.03
N ALA H 76 2.17 19.18 40.85
CA ALA H 76 3.03 18.89 42.00
C ALA H 76 3.70 20.16 42.52
N LEU H 77 3.90 21.15 41.65
CA LEU H 77 4.39 22.45 42.09
C LEU H 77 3.34 23.18 42.91
N ALA H 78 2.08 23.15 42.46
CA ALA H 78 0.98 23.72 43.23
C ALA H 78 0.55 22.84 44.38
N GLY H 79 0.92 21.55 44.36
CA GLY H 79 0.58 20.63 45.44
C GLY H 79 1.34 20.83 46.73
N GLY H 80 2.46 21.56 46.68
CA GLY H 80 3.20 21.87 47.88
C GLY H 80 2.51 22.92 48.72
N THR H 81 2.99 23.06 49.95
CA THR H 81 2.44 24.07 50.84
C THR H 81 2.89 25.45 50.43
N ILE H 82 2.05 26.45 50.70
CA ILE H 82 2.35 27.82 50.29
C ILE H 82 3.37 28.43 51.25
N GLY H 83 4.50 28.89 50.71
CA GLY H 83 5.56 29.48 51.49
C GLY H 83 6.93 28.91 51.20
N GLU H 84 7.03 27.69 50.69
CA GLU H 84 8.31 27.02 50.45
C GLU H 84 8.36 26.42 49.06
N ARG H 85 7.83 27.13 48.06
CA ARG H 85 7.92 26.71 46.66
C ARG H 85 9.01 27.53 45.99
N TYR H 86 10.12 26.89 45.66
CA TYR H 86 11.31 27.55 45.14
C TYR H 86 11.55 27.19 43.69
N VAL H 87 11.90 28.18 42.87
CA VAL H 87 12.32 27.99 41.49
C VAL H 87 13.58 28.80 41.25
N THR H 88 14.47 28.26 40.41
CA THR H 88 15.74 28.91 40.12
C THR H 88 15.57 29.96 39.02
N GLU H 89 16.67 30.63 38.69
CA GLU H 89 16.63 31.67 37.66
C GLU H 89 16.50 31.09 36.27
N GLY H 90 17.06 29.91 36.03
CA GLY H 90 16.93 29.23 34.75
C GLY H 90 15.68 28.39 34.62
N CYS H 91 14.83 28.38 35.63
CA CYS H 91 13.63 27.56 35.62
C CYS H 91 12.52 28.21 34.82
N HIS H 92 11.82 27.40 34.04
CA HIS H 92 10.66 27.84 33.27
C HIS H 92 9.43 27.09 33.75
N THR H 93 8.28 27.46 33.19
CA THR H 93 7.01 26.85 33.57
C THR H 93 6.09 26.87 32.35
N MET H 94 5.59 25.70 31.95
CA MET H 94 4.75 25.57 30.77
C MET H 94 3.40 25.01 31.18
N ILE H 95 2.34 25.78 30.94
CA ILE H 95 0.98 25.40 31.30
C ILE H 95 0.18 25.24 30.02
N HIS H 96 -0.53 24.12 29.90
CA HIS H 96 -1.32 23.84 28.71
C HIS H 96 -2.44 22.87 29.05
N GLN H 97 -3.47 22.86 28.22
CA GLN H 97 -4.59 21.95 28.42
C GLN H 97 -4.20 20.53 27.98
N PRO H 98 -4.70 19.50 28.67
CA PRO H 98 -4.31 18.13 28.34
C PRO H 98 -4.94 17.65 27.03
N GLU H 99 -4.21 16.80 26.32
CA GLU H 99 -4.66 16.22 25.07
C GLU H 99 -5.36 14.89 25.35
N GLY H 100 -5.64 14.14 24.31
CA GLY H 100 -6.27 12.84 24.45
C GLY H 100 -7.07 12.50 23.19
N GLY H 101 -8.22 11.87 23.41
CA GLY H 101 -9.09 11.48 22.33
C GLY H 101 -8.79 10.09 21.79
N LEU H 102 -9.83 9.46 21.26
CA LEU H 102 -9.72 8.12 20.69
C LEU H 102 -10.80 7.96 19.62
N ASN H 103 -10.75 6.82 18.93
CA ASN H 103 -11.69 6.51 17.86
C ASN H 103 -12.83 5.67 18.40
N GLY H 104 -14.04 5.93 17.91
CA GLY H 104 -15.20 5.19 18.36
C GLY H 104 -16.41 5.49 17.53
N GLN H 105 -17.58 5.37 18.16
CA GLN H 105 -18.86 5.62 17.49
C GLN H 105 -19.17 7.12 17.54
N ALA H 106 -20.40 7.49 17.20
CA ALA H 106 -20.78 8.89 17.19
C ALA H 106 -21.02 9.41 18.60
N SER H 107 -21.85 8.71 19.38
CA SER H 107 -22.17 9.14 20.73
C SER H 107 -21.05 8.84 21.72
N ASP H 108 -20.07 8.03 21.35
CA ASP H 108 -18.96 7.75 22.26
C ASP H 108 -18.00 8.94 22.35
N ILE H 109 -17.88 9.72 21.29
CA ILE H 109 -17.03 10.91 21.32
C ILE H 109 -17.70 12.01 22.14
N TRP H 110 -19.03 12.03 22.21
CA TRP H 110 -19.72 13.05 22.99
C TRP H 110 -19.55 12.82 24.50
N ILE H 111 -19.32 11.58 24.91
CA ILE H 111 -19.13 11.30 26.34
C ILE H 111 -17.76 11.77 26.81
N ASP H 112 -16.70 11.43 26.06
CA ASP H 112 -15.36 11.77 26.53
C ASP H 112 -15.01 13.23 26.29
N SER H 113 -15.66 13.89 25.33
CA SER H 113 -15.44 15.32 25.14
C SER H 113 -16.01 16.13 26.30
N GLN H 114 -17.09 15.64 26.92
CA GLN H 114 -17.56 16.24 28.16
C GLN H 114 -16.63 15.93 29.33
N GLU H 115 -15.85 14.85 29.23
CA GLU H 115 -14.90 14.51 30.29
C GLU H 115 -13.63 15.34 30.19
N ILE H 116 -13.14 15.58 28.97
CA ILE H 116 -11.96 16.43 28.78
C ILE H 116 -12.28 17.87 29.16
N MET H 117 -13.50 18.33 28.86
CA MET H 117 -13.92 19.66 29.31
C MET H 117 -14.13 19.71 30.82
N LYS H 118 -14.41 18.57 31.45
CA LYS H 118 -14.54 18.54 32.90
C LYS H 118 -13.19 18.40 33.60
N ILE H 119 -12.24 17.70 32.96
CA ILE H 119 -10.88 17.62 33.50
C ILE H 119 -10.19 18.98 33.35
N ARG H 120 -10.44 19.67 32.23
CA ARG H 120 -9.90 21.01 32.03
C ARG H 120 -10.48 22.01 33.03
N LEU H 121 -11.72 21.80 33.47
CA LEU H 121 -12.26 22.59 34.56
C LEU H 121 -11.77 22.11 35.91
N ASP H 122 -11.35 20.84 36.00
CA ASP H 122 -10.85 20.31 37.27
C ASP H 122 -9.45 20.83 37.57
N VAL H 123 -8.60 20.94 36.55
CA VAL H 123 -7.26 21.50 36.77
C VAL H 123 -7.34 23.02 36.90
N ALA H 124 -8.42 23.64 36.42
CA ALA H 124 -8.60 25.07 36.63
C ALA H 124 -8.99 25.39 38.07
N GLU H 125 -9.60 24.43 38.77
CA GLU H 125 -9.91 24.64 40.18
C GLU H 125 -8.65 24.57 41.04
N ILE H 126 -7.66 23.79 40.63
CA ILE H 126 -6.42 23.69 41.38
C ILE H 126 -5.57 24.94 41.19
N TYR H 127 -5.55 25.47 39.97
CA TYR H 127 -4.76 26.67 39.69
C TYR H 127 -5.42 27.92 40.26
N SER H 128 -6.73 27.90 40.46
CA SER H 128 -7.41 29.05 41.04
C SER H 128 -7.34 29.04 42.56
N LEU H 129 -7.16 27.87 43.17
CA LEU H 129 -7.10 27.80 44.63
C LEU H 129 -5.69 28.03 45.15
N SER H 130 -4.68 27.44 44.49
CA SER H 130 -3.31 27.54 44.96
C SER H 130 -2.66 28.88 44.61
N THR H 131 -3.08 29.52 43.52
CA THR H 131 -2.48 30.77 43.07
C THR H 131 -3.40 31.97 43.28
N TYR H 132 -4.63 31.76 43.77
CA TYR H 132 -5.62 32.79 44.06
C TYR H 132 -5.95 33.65 42.84
N ARG H 133 -6.00 33.02 41.65
CA ARG H 133 -6.37 33.64 40.39
C ARG H 133 -7.85 33.40 40.10
N PRO H 134 -8.50 34.29 39.35
CA PRO H 134 -9.90 34.06 38.97
C PRO H 134 -10.03 32.91 37.99
N ARG H 135 -11.23 32.34 37.95
CA ARG H 135 -11.48 31.14 37.14
C ARG H 135 -11.52 31.47 35.65
N HIS H 136 -11.96 32.68 35.29
CA HIS H 136 -12.05 33.04 33.88
C HIS H 136 -10.68 33.35 33.27
N LYS H 137 -9.71 33.74 34.10
CA LYS H 137 -8.38 34.05 33.60
C LYS H 137 -7.48 32.81 33.52
N ILE H 138 -7.83 31.75 34.24
CA ILE H 138 -7.06 30.51 34.14
C ILE H 138 -7.33 29.83 32.79
N LEU H 139 -8.59 29.80 32.37
CA LEU H 139 -8.95 29.14 31.12
C LEU H 139 -8.46 29.90 29.89
N ARG H 140 -8.19 31.21 30.03
CA ARG H 140 -7.62 31.96 28.92
C ARG H 140 -6.15 31.60 28.71
N ASP H 141 -5.42 31.37 29.80
CA ASP H 141 -4.03 30.95 29.68
C ASP H 141 -3.91 29.45 29.43
N LEU H 142 -4.92 28.67 29.81
CA LEU H 142 -4.94 27.23 29.54
C LEU H 142 -5.36 26.92 28.11
N ASP H 143 -5.84 27.91 27.36
CA ASP H 143 -6.29 27.66 26.00
C ASP H 143 -5.13 27.39 25.04
N ARG H 144 -3.97 27.99 25.30
CA ARG H 144 -2.80 27.82 24.45
C ARG H 144 -1.61 27.42 25.31
N ASP H 145 -0.54 27.00 24.63
CA ASP H 145 0.71 26.61 25.29
C ASP H 145 1.35 27.87 25.87
N PHE H 146 1.18 28.08 27.18
CA PHE H 146 1.65 29.28 27.83
C PHE H 146 2.93 28.98 28.60
N TYR H 147 4.01 29.66 28.23
CA TYR H 147 5.30 29.51 28.88
C TYR H 147 5.55 30.67 29.83
N LEU H 148 6.24 30.37 30.93
CA LEU H 148 6.54 31.37 31.95
C LEU H 148 8.04 31.37 32.24
N THR H 149 8.55 32.54 32.61
CA THR H 149 9.94 32.70 32.98
C THR H 149 10.09 32.50 34.49
N ALA H 150 11.26 32.84 35.03
CA ALA H 150 11.45 32.76 36.47
C ALA H 150 10.84 33.97 37.18
N MET H 151 10.70 35.09 36.48
CA MET H 151 10.18 36.30 37.10
C MET H 151 8.65 36.28 37.21
N GLU H 152 7.98 35.93 36.11
CA GLU H 152 6.51 35.97 36.09
C GLU H 152 5.88 34.76 36.76
N THR H 153 6.65 33.72 37.08
CA THR H 153 6.10 32.61 37.86
C THR H 153 5.84 33.03 39.30
N ILE H 154 6.69 33.91 39.84
CA ILE H 154 6.46 34.45 41.17
C ILE H 154 5.28 35.42 41.14
N TYR H 155 5.15 36.18 40.05
CA TYR H 155 4.04 37.12 39.92
C TYR H 155 2.71 36.45 39.66
N TYR H 156 2.71 35.23 39.10
CA TYR H 156 1.46 34.53 38.84
C TYR H 156 0.94 33.85 40.09
N GLY H 157 1.81 33.15 40.82
CA GLY H 157 1.40 32.50 42.05
C GLY H 157 1.72 31.01 42.08
N LEU H 158 2.38 30.52 41.04
CA LEU H 158 2.74 29.11 40.99
C LEU H 158 3.88 28.80 41.95
N ALA H 159 4.77 29.74 42.21
CA ALA H 159 5.87 29.59 43.14
C ALA H 159 5.79 30.69 44.21
N ASP H 160 6.80 30.74 45.07
CA ASP H 160 6.84 31.70 46.17
C ASP H 160 7.99 32.69 46.07
N GLU H 161 9.22 32.21 45.89
CA GLU H 161 10.37 33.09 45.75
C GLU H 161 11.42 32.42 44.88
N ILE H 162 12.41 33.22 44.48
CA ILE H 162 13.49 32.73 43.63
C ILE H 162 14.46 31.90 44.46
N ALA H 163 14.75 30.70 44.00
CA ALA H 163 15.69 29.84 44.70
C ALA H 163 17.12 30.34 44.54
N THR H 164 17.96 29.99 45.50
CA THR H 164 19.37 30.36 45.50
C THR H 164 20.14 29.24 46.21
N ASN H 165 21.38 29.53 46.61
CA ASN H 165 22.19 28.53 47.31
C ASN H 165 21.67 28.29 48.72
N GLU H 166 21.31 29.37 49.44
CA GLU H 166 20.94 29.30 50.85
C GLU H 166 19.63 28.56 51.11
N VAL H 167 18.71 28.54 50.15
CA VAL H 167 17.41 27.91 50.39
C VAL H 167 17.52 26.38 50.30
N MET H 168 18.60 25.89 49.71
CA MET H 168 18.83 24.46 49.62
C MET H 168 20.03 24.00 50.45
N HIS H 169 20.82 24.94 50.98
CA HIS H 169 21.87 24.55 51.94
C HIS H 169 21.26 24.11 53.27
N SER H 170 20.13 24.69 53.65
CA SER H 170 19.43 24.26 54.85
C SER H 170 18.68 22.95 54.65
N ILE H 171 18.42 22.56 53.40
CA ILE H 171 17.73 21.31 53.13
C ILE H 171 18.66 20.13 53.36
N VAL H 172 19.89 20.21 52.84
CA VAL H 172 20.82 19.08 52.92
C VAL H 172 21.41 18.90 54.31
N GLU H 173 21.29 19.89 55.19
CA GLU H 173 21.84 19.76 56.55
C GLU H 173 20.80 19.33 57.56
N MET H 174 19.51 19.43 57.24
CA MET H 174 18.47 18.97 58.17
C MET H 174 18.16 17.49 57.98
N THR H 175 18.46 16.93 56.82
CA THR H 175 18.20 15.52 56.55
C THR H 175 19.33 14.61 57.02
N ASN H 176 20.42 15.16 57.55
CA ASN H 176 21.51 14.34 58.05
C ASN H 176 21.22 13.74 59.43
N GLN H 177 20.30 14.31 60.17
CA GLN H 177 19.98 13.81 61.51
C GLN H 177 18.57 13.22 61.54
N TYR I 8 15.06 0.93 61.65
CA TYR I 8 15.03 1.88 62.75
C TYR I 8 16.34 2.69 63.00
N PRO I 9 17.55 2.13 62.84
CA PRO I 9 18.72 3.00 62.80
C PRO I 9 18.81 3.75 61.49
N GLU I 10 19.49 4.90 61.54
CA GLU I 10 19.63 5.75 60.36
C GLU I 10 20.74 5.23 59.45
N GLY I 11 20.47 5.25 58.15
CA GLY I 11 21.44 4.83 57.16
C GLY I 11 22.42 5.93 56.81
N ARG I 12 23.39 6.18 57.69
CA ARG I 12 24.33 7.25 57.47
C ARG I 12 25.35 6.86 56.39
N PRO I 13 25.79 7.81 55.56
CA PRO I 13 26.80 7.50 54.56
C PRO I 13 28.20 7.53 55.15
N LEU I 14 29.12 6.90 54.42
CA LEU I 14 30.53 6.85 54.80
C LEU I 14 31.38 7.49 53.71
N PHE I 15 32.42 8.21 54.13
CA PHE I 15 33.29 8.94 53.23
C PHE I 15 34.72 8.42 53.31
N LEU I 16 35.61 9.10 52.59
CA LEU I 16 37.00 8.68 52.49
C LEU I 16 37.80 8.68 53.79
N PRO I 17 37.62 9.60 54.76
CA PRO I 17 38.27 9.40 56.06
C PRO I 17 37.62 8.32 56.93
N GLU I 18 36.52 7.71 56.49
CA GLU I 18 35.85 6.69 57.29
C GLU I 18 35.68 5.34 56.60
N ALA I 19 35.49 5.32 55.27
CA ALA I 19 35.24 4.07 54.56
C ALA I 19 36.50 3.47 53.95
N GLU I 20 37.68 3.84 54.44
CA GLU I 20 38.90 3.23 53.93
C GLU I 20 39.13 1.84 54.50
N ARG I 21 38.43 1.48 55.58
CA ARG I 21 38.53 0.15 56.16
C ARG I 21 37.50 -0.82 55.60
N PHE I 22 36.53 -0.34 54.82
CA PHE I 22 35.49 -1.18 54.25
C PHE I 22 35.83 -1.70 52.87
N GLY I 23 37.04 -1.46 52.39
CA GLY I 23 37.47 -1.98 51.09
C GLY I 23 37.13 -1.05 49.94
N ASN I 24 37.62 -1.46 48.77
CA ASN I 24 37.41 -0.71 47.54
C ASN I 24 36.00 -0.94 46.99
N PRO I 25 35.44 0.04 46.28
CA PRO I 25 34.13 -0.16 45.64
C PRO I 25 34.23 -1.17 44.50
N PRO I 26 33.18 -1.95 44.27
CA PRO I 26 33.29 -3.03 43.27
C PRO I 26 33.17 -2.56 41.83
N ASP I 27 32.32 -1.57 41.54
CA ASP I 27 32.00 -1.19 40.18
C ASP I 27 32.66 0.15 39.85
N LEU I 28 33.01 0.31 38.57
CA LEU I 28 33.80 1.43 38.06
C LEU I 28 33.14 2.82 38.21
N PRO I 29 31.80 2.98 38.08
CA PRO I 29 31.23 4.28 38.50
C PRO I 29 31.33 4.55 40.00
N SER I 30 31.42 3.52 40.84
CA SER I 30 31.53 3.76 42.27
C SER I 30 32.95 4.08 42.70
N LEU I 31 33.96 3.71 41.91
CA LEU I 31 35.32 4.21 42.17
C LEU I 31 35.40 5.70 41.85
N LEU I 32 34.74 6.13 40.78
CA LEU I 32 34.74 7.55 40.42
C LEU I 32 33.91 8.39 41.37
N LEU I 33 32.85 7.82 41.94
CA LEU I 33 32.04 8.55 42.92
C LEU I 33 32.78 8.74 44.23
N GLN I 34 33.63 7.79 44.61
CA GLN I 34 34.44 7.95 45.81
C GLN I 34 35.56 8.96 45.60
N GLN I 35 36.07 9.07 44.37
CA GLN I 35 37.13 10.00 44.04
C GLN I 35 36.61 11.39 43.66
N ARG I 36 35.30 11.63 43.83
CA ARG I 36 34.62 12.90 43.54
C ARG I 36 34.80 13.30 42.08
N VAL I 37 34.73 12.33 41.18
CA VAL I 37 34.93 12.53 39.74
C VAL I 37 33.68 12.04 39.03
N ILE I 38 33.07 12.90 38.22
CA ILE I 38 31.89 12.53 37.44
C ILE I 38 32.29 12.48 35.97
N TYR I 39 32.18 11.29 35.39
CA TYR I 39 32.53 11.05 33.99
C TYR I 39 31.25 10.88 33.20
N ILE I 40 31.01 11.79 32.26
CA ILE I 40 29.83 11.77 31.41
C ILE I 40 30.23 11.26 30.04
N SER I 41 29.81 10.05 29.70
CA SER I 41 30.08 9.46 28.40
C SER I 41 28.83 9.29 27.56
N MET I 42 27.71 9.90 27.97
CA MET I 42 26.44 9.74 27.31
C MET I 42 25.82 11.11 27.10
N PRO I 43 25.15 11.33 25.96
CA PRO I 43 24.42 12.59 25.76
C PRO I 43 23.28 12.77 26.75
N PHE I 44 22.75 13.99 26.78
CA PHE I 44 21.82 14.42 27.82
C PHE I 44 20.43 13.82 27.62
N LEU I 45 20.24 12.60 28.11
CA LEU I 45 18.98 11.89 28.14
C LEU I 45 18.28 12.13 29.47
N PRO I 46 16.95 11.98 29.52
CA PRO I 46 16.25 12.10 30.82
C PRO I 46 16.60 11.01 31.82
N SER I 47 17.16 9.89 31.39
CA SER I 47 17.58 8.85 32.33
C SER I 47 18.91 9.20 32.98
N VAL I 48 19.83 9.80 32.22
CA VAL I 48 21.17 10.07 32.74
C VAL I 48 21.26 11.39 33.50
N THR I 49 20.24 12.25 33.40
CA THR I 49 20.29 13.51 34.15
C THR I 49 19.81 13.36 35.58
N GLU I 50 19.14 12.25 35.91
CA GLU I 50 18.67 12.06 37.28
C GLU I 50 19.80 11.59 38.20
N LEU I 51 20.79 10.89 37.65
CA LEU I 51 21.88 10.38 38.47
C LEU I 51 22.89 11.48 38.82
N VAL I 52 23.08 12.44 37.90
CA VAL I 52 24.04 13.50 38.13
C VAL I 52 23.49 14.54 39.13
N VAL I 53 22.16 14.61 39.27
CA VAL I 53 21.58 15.46 40.32
C VAL I 53 21.74 14.79 41.68
N ALA I 54 21.56 13.47 41.73
CA ALA I 54 21.76 12.75 42.99
C ALA I 54 23.23 12.60 43.34
N GLN I 55 24.12 12.78 42.36
CA GLN I 55 25.55 12.67 42.64
C GLN I 55 26.07 13.90 43.38
N CYS I 56 25.68 15.10 42.94
CA CYS I 56 26.08 16.30 43.67
C CYS I 56 25.30 16.46 44.97
N TYR I 57 24.12 15.85 45.05
CA TYR I 57 23.40 15.80 46.31
C TYR I 57 24.09 14.87 47.30
N TYR I 58 24.74 13.82 46.81
CA TYR I 58 25.47 12.91 47.68
C TYR I 58 26.81 13.51 48.11
N LEU I 59 27.44 14.28 47.23
CA LEU I 59 28.73 14.90 47.57
C LEU I 59 28.56 16.04 48.56
N ASP I 60 27.40 16.67 48.58
CA ASP I 60 27.10 17.73 49.54
C ASP I 60 26.22 17.24 50.69
N PHE I 61 26.11 15.92 50.87
CA PHE I 61 25.24 15.37 51.90
C PHE I 61 25.93 15.39 53.27
N ASP I 62 27.03 14.68 53.41
CA ASP I 62 27.74 14.56 54.68
C ASP I 62 29.24 14.69 54.49
N ASP I 63 29.65 15.63 53.64
CA ASP I 63 31.07 15.88 53.42
C ASP I 63 31.65 16.64 54.61
N ARG I 64 32.86 16.26 55.02
CA ARG I 64 33.44 16.86 56.22
C ARG I 64 34.00 18.25 55.94
N ASN I 65 34.83 18.40 54.92
CA ASN I 65 35.49 19.66 54.65
C ASN I 65 34.70 20.53 53.67
N ARG I 66 34.02 19.91 52.70
CA ARG I 66 33.24 20.55 51.64
C ARG I 66 34.05 21.55 50.83
N GLN I 67 35.35 21.31 50.65
CA GLN I 67 36.22 22.22 49.92
C GLN I 67 37.08 21.56 48.86
N ARG I 68 37.02 20.25 48.71
CA ARG I 68 37.79 19.58 47.67
C ARG I 68 37.17 19.85 46.30
N PRO I 69 37.99 20.11 45.27
CA PRO I 69 37.43 20.45 43.95
C PRO I 69 36.83 19.23 43.27
N ILE I 70 35.64 19.42 42.71
CA ILE I 70 34.92 18.36 42.02
C ILE I 70 35.36 18.35 40.56
N TYR I 71 35.85 17.19 40.11
CA TYR I 71 36.30 17.02 38.74
C TYR I 71 35.13 16.57 37.87
N VAL I 72 34.85 17.32 36.81
CA VAL I 72 33.75 17.02 35.90
C VAL I 72 34.36 16.74 34.53
N TYR I 73 34.35 15.48 34.12
CA TYR I 73 34.81 15.06 32.81
C TYR I 73 33.61 14.83 31.91
N LEU I 74 33.53 15.58 30.82
CA LEU I 74 32.37 15.56 29.93
C LEU I 74 32.78 15.04 28.56
N ASN I 75 31.98 14.12 28.01
CA ASN I 75 32.15 13.62 26.65
C ASN I 75 30.76 13.25 26.13
N SER I 76 30.14 14.21 25.44
CA SER I 76 28.76 14.03 25.01
C SER I 76 28.48 14.98 23.84
N THR I 77 27.32 14.80 23.23
CA THR I 77 26.83 15.68 22.19
C THR I 77 25.94 16.78 22.74
N GLY I 78 25.74 16.84 24.06
CA GLY I 78 24.81 17.77 24.64
C GLY I 78 23.38 17.36 24.36
N CYS I 79 22.64 18.19 23.61
CA CYS I 79 21.29 17.87 23.18
C CYS I 79 21.16 17.87 21.66
N ILE I 80 22.24 18.13 20.93
CA ILE I 80 22.23 18.19 19.48
C ILE I 80 23.15 17.10 18.96
N ASN I 81 22.62 16.19 18.15
CA ASN I 81 23.39 15.06 17.66
C ASN I 81 24.24 15.49 16.46
N ASP I 82 24.89 14.51 15.82
CA ASP I 82 25.78 14.83 14.70
C ASP I 82 25.01 15.19 13.43
N LYS I 83 23.78 14.68 13.30
CA LYS I 83 22.98 14.97 12.11
C LYS I 83 22.37 16.37 12.14
N GLY I 84 22.17 16.94 13.32
CA GLY I 84 21.67 18.31 13.46
C GLY I 84 20.36 18.44 14.19
N GLN I 85 19.56 17.38 14.31
CA GLN I 85 18.27 17.49 14.98
C GLN I 85 18.47 17.46 16.50
N ALA I 86 17.39 17.80 17.21
CA ALA I 86 17.43 17.87 18.66
C ALA I 86 16.92 16.56 19.27
N ILE I 87 17.83 15.78 19.85
CA ILE I 87 17.43 14.59 20.60
C ILE I 87 16.90 14.93 21.97
N SER I 88 17.18 16.13 22.48
CA SER I 88 16.63 16.62 23.73
C SER I 88 16.39 18.12 23.58
N ALA I 89 16.06 18.79 24.66
CA ALA I 89 15.81 20.22 24.64
C ALA I 89 16.80 20.94 25.55
N ASP I 90 16.89 22.26 25.36
CA ASP I 90 17.88 23.07 26.07
C ASP I 90 17.52 23.33 27.52
N ASN I 91 16.28 23.02 27.92
CA ASN I 91 15.86 23.27 29.30
C ASN I 91 16.47 22.25 30.27
N GLU I 92 16.93 21.11 29.75
CA GLU I 92 17.55 20.09 30.60
C GLU I 92 18.91 20.55 31.12
N PHE I 93 19.61 21.40 30.37
CA PHE I 93 20.89 21.93 30.82
C PHE I 93 20.73 22.93 31.98
N TYR I 94 19.56 23.55 32.10
CA TYR I 94 19.32 24.49 33.19
C TYR I 94 19.24 23.77 34.53
N ALA I 95 18.86 22.50 34.54
CA ALA I 95 18.88 21.72 35.77
C ALA I 95 20.29 21.25 36.11
N ILE I 96 21.18 21.22 35.14
CA ILE I 96 22.55 20.77 35.38
C ILE I 96 23.37 21.86 36.04
N TRP I 97 23.30 23.08 35.50
CA TRP I 97 24.12 24.17 36.02
C TRP I 97 23.61 24.68 37.36
N ALA I 98 22.29 24.60 37.59
CA ALA I 98 21.74 25.02 38.87
C ALA I 98 22.07 24.03 39.98
N ALA I 99 22.27 22.76 39.64
CA ALA I 99 22.63 21.76 40.65
C ALA I 99 24.13 21.67 40.86
N LEU I 100 24.93 21.95 39.82
CA LEU I 100 26.38 21.86 39.96
C LEU I 100 26.94 23.08 40.69
N GLY I 101 26.44 24.27 40.38
CA GLY I 101 26.88 25.49 41.03
C GLY I 101 26.33 25.75 42.40
N PHE I 102 25.48 24.86 42.92
CA PHE I 102 24.92 25.04 44.26
C PHE I 102 25.95 24.76 45.34
N THR I 103 26.82 23.78 45.12
CA THR I 103 27.75 23.33 46.15
C THR I 103 28.86 24.35 46.38
N ARG I 104 29.38 24.37 47.61
CA ARG I 104 30.45 25.29 47.96
C ARG I 104 31.79 24.86 47.36
N ALA I 105 31.91 23.62 46.91
CA ALA I 105 33.16 23.14 46.34
C ALA I 105 33.38 23.74 44.96
N PRO I 106 34.64 24.03 44.59
CA PRO I 106 34.91 24.53 43.24
C PRO I 106 34.74 23.43 42.20
N LEU I 107 34.44 23.85 40.97
CA LEU I 107 34.11 22.93 39.88
C LEU I 107 35.27 22.94 38.89
N TYR I 108 36.08 21.88 38.91
CA TYR I 108 37.15 21.69 37.95
C TYR I 108 36.60 20.94 36.75
N THR I 109 36.59 21.57 35.59
CA THR I 109 35.95 21.01 34.40
C THR I 109 36.99 20.53 33.41
N GLY I 110 36.76 19.35 32.85
CA GLY I 110 37.64 18.80 31.84
C GLY I 110 36.85 18.24 30.67
N VAL I 111 37.53 18.14 29.53
CA VAL I 111 36.95 17.62 28.30
C VAL I 111 37.88 16.54 27.77
N THR I 112 37.29 15.45 27.25
CA THR I 112 38.08 14.38 26.64
C THR I 112 38.16 14.54 25.13
N TRP I 113 37.01 14.48 24.46
CA TRP I 113 36.96 14.61 23.01
C TRP I 113 36.11 15.77 22.53
N LYS I 114 34.84 15.81 22.92
CA LYS I 114 33.86 16.64 22.24
C LYS I 114 32.94 17.32 23.25
N ALA I 115 32.40 18.47 22.83
CA ALA I 115 31.46 19.23 23.63
C ALA I 115 30.60 20.03 22.66
N GLN I 116 29.41 19.50 22.33
CA GLN I 116 28.59 20.03 21.24
C GLN I 116 27.49 20.91 21.80
N ASN I 117 27.81 22.19 21.99
CA ASN I 117 26.90 23.32 22.14
C ASN I 117 26.12 23.37 23.45
N GLN I 118 26.26 22.33 24.28
CA GLN I 118 25.71 22.34 25.63
C GLN I 118 26.77 22.02 26.66
N ALA I 119 27.65 21.07 26.35
CA ALA I 119 28.78 20.78 27.23
C ALA I 119 29.93 21.77 27.04
N ALA I 120 29.93 22.52 25.94
CA ALA I 120 30.99 23.51 25.73
C ALA I 120 30.80 24.75 26.59
N VAL I 121 29.55 25.16 26.82
CA VAL I 121 29.31 26.29 27.71
C VAL I 121 29.47 25.86 29.18
N LEU I 122 29.36 24.56 29.46
CA LEU I 122 29.69 24.05 30.79
C LEU I 122 31.19 23.90 30.97
N LEU I 123 31.95 23.83 29.88
CA LEU I 123 33.41 23.73 29.98
C LEU I 123 34.02 25.02 30.48
N SER I 124 33.55 26.17 29.97
CA SER I 124 34.04 27.46 30.43
C SER I 124 33.41 27.89 31.74
N ALA I 125 32.35 27.21 32.19
CA ALA I 125 31.64 27.59 33.40
C ALA I 125 32.30 27.11 34.68
N GLY I 126 33.47 26.46 34.60
CA GLY I 126 34.15 25.97 35.77
C GLY I 126 34.96 27.05 36.47
N GLN I 127 35.84 26.59 37.36
CA GLN I 127 36.70 27.52 38.09
C GLN I 127 37.81 28.04 37.17
N LYS I 128 37.98 29.36 37.18
CA LYS I 128 38.96 30.00 36.32
C LYS I 128 40.38 29.69 36.80
N GLY I 129 41.25 29.34 35.85
CA GLY I 129 42.61 28.94 36.16
C GLY I 129 42.82 27.44 36.22
N HIS I 130 41.76 26.64 36.07
CA HIS I 130 41.89 25.19 36.13
C HIS I 130 41.06 24.47 35.08
N ARG I 131 40.77 25.11 33.94
CA ARG I 131 40.06 24.46 32.85
C ARG I 131 41.00 23.47 32.15
N TYR I 132 40.88 22.20 32.51
CA TYR I 132 41.72 21.16 31.94
C TYR I 132 41.13 20.68 30.62
N SER I 133 42.00 20.23 29.72
CA SER I 133 41.58 19.79 28.40
C SER I 133 42.65 18.88 27.80
N PHE I 134 42.21 17.93 26.99
CA PHE I 134 43.15 17.13 26.22
C PHE I 134 43.70 17.95 25.06
N PRO I 135 44.95 17.73 24.67
CA PRO I 135 45.57 18.56 23.61
C PRO I 135 45.08 18.26 22.21
N HIS I 136 44.18 17.29 22.01
CA HIS I 136 43.68 16.96 20.68
C HIS I 136 42.17 16.80 20.67
N ALA I 137 41.46 17.61 21.45
CA ALA I 137 40.01 17.54 21.51
C ALA I 137 39.38 18.56 20.55
N LYS I 138 38.07 18.47 20.40
CA LYS I 138 37.30 19.38 19.56
C LYS I 138 36.22 20.07 20.41
N ILE I 139 36.09 21.38 20.24
CA ILE I 139 35.13 22.19 20.96
C ILE I 139 34.26 22.91 19.93
N SER I 140 32.94 22.88 20.14
CA SER I 140 32.00 23.50 19.21
C SER I 140 30.94 24.28 19.98
N THR I 141 30.74 25.54 19.59
CA THR I 141 29.69 26.39 20.14
C THR I 141 28.79 26.84 19.01
N ALA I 142 27.56 26.35 19.00
CA ALA I 142 26.54 26.71 18.03
C ALA I 142 25.25 27.01 18.76
N PRO I 143 24.39 27.86 18.20
CA PRO I 143 23.07 28.11 18.81
C PRO I 143 22.20 26.87 18.73
N PRO I 144 21.41 26.59 19.78
CA PRO I 144 20.65 25.34 19.82
C PRO I 144 19.42 25.39 18.92
N VAL I 145 18.89 24.20 18.64
CA VAL I 145 17.72 24.03 17.80
C VAL I 145 16.59 23.44 18.64
N MET I 146 15.41 23.36 18.04
CA MET I 146 14.22 22.82 18.67
C MET I 146 13.74 21.60 17.90
N ASN I 147 12.98 20.73 18.58
CA ASN I 147 12.47 19.51 17.99
C ASN I 147 11.24 19.82 17.12
N ARG I 148 10.56 18.77 16.66
CA ARG I 148 9.45 18.92 15.74
C ARG I 148 8.22 19.44 16.49
N VAL I 149 7.82 20.68 16.18
CA VAL I 149 6.66 21.31 16.77
C VAL I 149 5.73 21.75 15.63
N PHE I 150 4.47 21.31 15.71
CA PHE I 150 3.49 21.61 14.67
C PHE I 150 2.42 22.50 15.30
N GLY I 151 2.50 23.81 15.02
CA GLY I 151 1.55 24.75 15.59
C GLY I 151 1.13 25.84 14.65
N GLN I 152 0.49 26.87 15.20
CA GLN I 152 -0.02 28.00 14.42
C GLN I 152 1.04 29.10 14.36
N ALA I 153 0.65 30.31 13.93
CA ALA I 153 1.58 31.42 13.85
C ALA I 153 2.01 31.91 15.23
N VAL I 154 1.11 31.89 16.21
CA VAL I 154 1.48 32.29 17.56
C VAL I 154 2.21 31.18 18.30
N ASP I 155 2.19 29.95 17.78
CA ASP I 155 2.94 28.87 18.41
C ASP I 155 4.42 28.94 18.02
N ALA I 156 4.72 29.45 16.82
CA ALA I 156 6.11 29.65 16.43
C ALA I 156 6.72 30.87 17.10
N GLN I 157 5.89 31.81 17.58
CA GLN I 157 6.42 32.98 18.26
C GLN I 157 6.88 32.63 19.67
N LEU I 158 6.12 31.79 20.37
CA LEU I 158 6.52 31.38 21.72
C LEU I 158 7.71 30.42 21.69
N GLN I 159 7.87 29.67 20.60
CA GLN I 159 9.06 28.84 20.46
C GLN I 159 10.28 29.69 20.09
N ALA I 160 10.06 30.85 19.46
CA ALA I 160 11.16 31.77 19.21
C ALA I 160 11.62 32.45 20.49
N ASN I 161 10.73 32.61 21.46
CA ASN I 161 11.12 33.19 22.75
C ASN I 161 11.91 32.22 23.60
N GLU I 162 11.73 30.90 23.39
CA GLU I 162 12.50 29.92 24.15
C GLU I 162 13.95 29.89 23.67
N LEU I 163 14.17 30.02 22.36
CA LEU I 163 15.53 30.14 21.84
C LEU I 163 16.10 31.53 22.05
N ASP I 164 15.25 32.54 22.27
CA ASP I 164 15.75 33.87 22.63
C ASP I 164 16.38 33.84 24.02
N TYR I 165 15.75 33.11 24.96
CA TYR I 165 16.32 32.98 26.29
C TYR I 165 17.49 32.00 26.31
N ALA I 166 17.60 31.15 25.28
CA ALA I 166 18.72 30.22 25.20
C ALA I 166 20.01 30.94 24.84
N THR I 167 19.95 31.88 23.89
CA THR I 167 21.15 32.64 23.52
C THR I 167 21.50 33.68 24.58
N LYS I 168 20.51 34.19 25.30
CA LYS I 168 20.78 35.16 26.35
C LYS I 168 21.38 34.52 27.60
N TYR I 169 21.04 33.27 27.87
CA TYR I 169 21.61 32.59 29.03
C TYR I 169 22.98 32.01 28.71
N TYR I 170 23.19 31.56 27.48
CA TYR I 170 24.48 30.99 27.12
C TYR I 170 25.56 32.06 26.95
N ALA I 171 25.18 33.25 26.48
CA ALA I 171 26.13 34.34 26.38
C ALA I 171 26.47 34.96 27.72
N ALA I 172 25.57 34.84 28.71
CA ALA I 172 25.87 35.34 30.05
C ALA I 172 26.90 34.47 30.75
N ILE I 173 26.96 33.18 30.41
CA ILE I 173 28.01 32.32 30.97
C ILE I 173 29.35 32.63 30.29
N LEU I 174 29.34 32.84 28.97
CA LEU I 174 30.57 33.14 28.25
C LEU I 174 31.09 34.55 28.55
N ALA I 175 30.21 35.47 28.95
CA ALA I 175 30.68 36.80 29.32
C ALA I 175 31.37 36.79 30.68
N ARG I 176 30.94 35.91 31.59
CA ARG I 176 31.59 35.77 32.88
C ARG I 176 32.89 34.98 32.78
N SER I 177 32.98 34.04 31.83
CA SER I 177 34.17 33.22 31.69
C SER I 177 35.26 33.94 30.88
N THR I 178 34.95 34.28 29.63
CA THR I 178 35.93 34.90 28.75
C THR I 178 36.15 36.38 29.01
N GLY I 179 35.28 37.01 29.80
CA GLY I 179 35.43 38.43 30.09
C GLY I 179 35.08 39.34 28.93
N LYS I 180 33.99 39.05 28.23
CA LYS I 180 33.53 39.84 27.10
C LYS I 180 32.18 40.46 27.41
N ASP I 181 31.63 41.18 26.43
CA ASP I 181 30.33 41.80 26.58
C ASP I 181 29.22 40.79 26.29
N LEU I 182 27.97 41.24 26.43
CA LEU I 182 26.84 40.35 26.18
C LEU I 182 26.62 40.14 24.69
N GLU I 183 26.78 41.20 23.89
CA GLU I 183 26.60 41.09 22.44
C GLU I 183 27.82 40.53 21.73
N THR I 184 28.98 40.53 22.40
CA THR I 184 30.19 39.98 21.76
C THR I 184 30.14 38.46 21.70
N CYS I 185 29.64 37.82 22.76
CA CYS I 185 29.55 36.36 22.77
C CYS I 185 28.45 35.84 21.85
N GLN I 186 27.44 36.66 21.55
CA GLN I 186 26.42 36.24 20.60
C GLN I 186 26.92 36.31 19.17
N LYS I 187 27.79 37.28 18.86
CA LYS I 187 28.33 37.42 17.52
C LYS I 187 29.49 36.45 17.26
N GLN I 188 30.26 36.10 18.29
CA GLN I 188 31.43 35.24 18.11
C GLN I 188 31.05 33.76 18.18
N TYR I 189 30.26 33.38 19.17
CA TYR I 189 29.98 31.96 19.42
C TYR I 189 28.63 31.51 18.90
N LEU I 190 27.55 32.21 19.29
CA LEU I 190 26.19 31.73 19.09
C LEU I 190 25.57 32.20 17.78
N SER I 191 26.38 32.45 16.74
CA SER I 191 25.81 32.85 15.46
C SER I 191 25.79 31.67 14.47
N ARG I 192 26.93 31.03 14.26
CA ARG I 192 27.04 29.97 13.27
C ARG I 192 27.66 28.74 13.91
N LYS I 193 27.48 27.60 13.26
CA LYS I 193 28.01 26.33 13.74
C LYS I 193 29.50 26.26 13.39
N ARG I 194 30.34 26.69 14.32
CA ARG I 194 31.78 26.70 14.14
C ARG I 194 32.43 25.71 15.11
N TYR I 195 33.73 25.51 14.95
CA TYR I 195 34.49 24.59 15.78
C TYR I 195 35.74 25.28 16.31
N PHE I 196 36.28 24.72 17.39
CA PHE I 196 37.45 25.28 18.05
C PHE I 196 38.45 24.17 18.32
N SER I 197 39.73 24.47 18.12
CA SER I 197 40.79 23.55 18.45
C SER I 197 41.23 23.77 19.90
N VAL I 198 42.38 23.21 20.26
CA VAL I 198 42.86 23.33 21.64
C VAL I 198 43.76 24.54 21.81
N LYS I 199 44.58 24.84 20.79
CA LYS I 199 45.60 25.89 20.93
C LYS I 199 45.00 27.29 20.91
N GLU I 200 44.11 27.56 19.95
CA GLU I 200 43.54 28.90 19.84
C GLU I 200 42.40 29.14 20.83
N ALA I 201 41.90 28.09 21.49
CA ALA I 201 40.89 28.30 22.52
C ALA I 201 41.49 28.86 23.80
N TYR I 202 42.78 28.64 24.02
CA TYR I 202 43.47 29.24 25.15
C TYR I 202 43.64 30.75 24.96
N GLU I 203 43.88 31.18 23.72
CA GLU I 203 43.94 32.62 23.44
C GLU I 203 42.55 33.25 23.45
N GLU I 204 41.51 32.48 23.09
CA GLU I 204 40.16 33.00 23.12
C GLU I 204 39.61 33.08 24.54
N GLY I 205 39.94 32.11 25.38
CA GLY I 205 39.49 32.08 26.75
C GLY I 205 38.60 30.91 27.14
N LEU I 206 38.57 29.85 26.33
CA LEU I 206 37.74 28.69 26.67
C LEU I 206 38.44 27.80 27.69
N VAL I 207 39.68 27.40 27.42
CA VAL I 207 40.47 26.60 28.34
C VAL I 207 41.67 27.40 28.79
N ASP I 208 42.33 26.90 29.83
CA ASP I 208 43.52 27.53 30.39
C ASP I 208 44.77 26.67 30.27
N LYS I 209 44.71 25.41 30.72
CA LYS I 209 45.86 24.52 30.69
C LYS I 209 45.42 23.15 30.20
N LEU I 210 46.36 22.21 30.20
CA LEU I 210 46.08 20.83 29.85
C LEU I 210 45.71 20.06 31.11
N VAL I 211 45.63 18.74 31.01
CA VAL I 211 45.33 17.89 32.16
C VAL I 211 46.56 17.82 33.06
N PRO I 212 46.40 17.72 34.38
CA PRO I 212 47.57 17.65 35.26
C PRO I 212 48.28 16.31 35.14
N GLY I 213 49.61 16.36 35.15
CA GLY I 213 50.42 15.18 34.98
C GLY I 213 50.59 14.72 33.56
N PHE I 214 50.29 15.57 32.58
CA PHE I 214 50.42 15.20 31.18
C PHE I 214 51.88 15.28 30.73
N MET I 215 52.34 14.23 30.06
CA MET I 215 53.70 14.18 29.56
C MET I 215 53.74 13.26 28.34
N LEU I 216 54.43 13.71 27.29
CA LEU I 216 54.52 12.93 26.07
C LEU I 216 55.49 11.76 26.26
N ASN I 217 55.18 10.64 25.59
CA ASN I 217 56.04 9.47 25.67
C ASN I 217 57.35 9.68 24.91
N ARG I 218 57.34 10.53 23.89
CA ARG I 218 58.57 10.89 23.20
C ARG I 218 59.39 11.89 24.00
N PHE I 219 58.72 12.78 24.74
CA PHE I 219 59.44 13.71 25.61
C PHE I 219 60.02 13.00 26.83
N ARG I 220 59.44 11.87 27.24
CA ARG I 220 60.03 11.07 28.30
C ARG I 220 61.25 10.30 27.80
N LYS I 221 61.27 9.94 26.51
CA LYS I 221 62.44 9.29 25.93
C LYS I 221 63.59 10.27 25.76
N MET I 222 63.28 11.56 25.55
CA MET I 222 64.33 12.57 25.45
C MET I 222 65.00 12.83 26.79
N GLN I 223 64.27 12.64 27.89
CA GLN I 223 64.88 12.77 29.21
C GLN I 223 65.79 11.60 29.54
N LYS I 224 65.49 10.41 29.00
CA LYS I 224 66.31 9.23 29.24
C LYS I 224 67.53 9.22 28.31
N SER J 30 53.33 -3.33 41.14
CA SER J 30 53.81 -1.96 41.08
C SER J 30 52.73 -1.03 40.51
N LYS J 31 53.13 -0.14 39.60
CA LYS J 31 52.22 0.83 39.01
C LYS J 31 52.12 0.68 37.50
N LYS J 32 52.60 -0.42 36.93
CA LYS J 32 52.55 -0.61 35.49
C LYS J 32 51.15 -0.95 35.02
N VAL J 33 50.82 -0.49 33.81
CA VAL J 33 49.52 -0.72 33.20
C VAL J 33 49.73 -1.60 31.97
N PHE J 34 49.02 -2.73 31.92
CA PHE J 34 49.14 -3.68 30.83
C PHE J 34 47.80 -3.74 30.09
N MET J 35 47.78 -3.22 28.87
CA MET J 35 46.59 -3.22 28.03
C MET J 35 46.80 -4.11 26.82
N ILE J 36 45.73 -4.76 26.38
CA ILE J 36 45.73 -5.61 25.21
C ILE J 36 44.94 -4.93 24.10
N ILE J 37 45.44 -5.06 22.87
CA ILE J 37 44.93 -4.30 21.73
C ILE J 37 44.29 -5.28 20.75
N ASN J 38 42.98 -5.16 20.56
CA ASN J 38 42.26 -5.99 19.59
C ASN J 38 41.00 -5.23 19.16
N SER J 39 41.05 -4.64 17.96
CA SER J 39 39.91 -3.91 17.41
C SER J 39 40.04 -3.86 15.90
N PHE J 40 38.98 -4.28 15.21
CA PHE J 40 38.96 -4.29 13.75
C PHE J 40 38.26 -3.08 13.15
N GLY J 41 37.70 -2.22 13.96
CA GLY J 41 37.01 -1.04 13.47
C GLY J 41 36.92 0.01 14.54
N GLY J 42 35.81 0.73 14.55
CA GLY J 42 35.57 1.78 15.51
C GLY J 42 35.84 3.16 14.92
N SER J 43 35.37 4.17 15.64
CA SER J 43 35.55 5.55 15.21
C SER J 43 36.97 6.01 15.45
N VAL J 44 37.40 7.00 14.66
CA VAL J 44 38.75 7.55 14.78
C VAL J 44 38.91 8.40 16.03
N GLY J 45 37.84 9.05 16.49
CA GLY J 45 37.93 9.89 17.69
C GLY J 45 38.08 9.11 18.97
N ASN J 46 37.61 7.86 19.00
CA ASN J 46 37.80 7.02 20.18
C ASN J 46 39.22 6.51 20.33
N GLY J 47 40.00 6.46 19.23
CA GLY J 47 41.38 6.05 19.34
C GLY J 47 42.30 7.14 19.86
N ILE J 48 41.93 8.40 19.63
CA ILE J 48 42.76 9.49 20.13
C ILE J 48 42.52 9.72 21.62
N THR J 49 41.32 9.39 22.11
CA THR J 49 41.02 9.55 23.53
C THR J 49 41.78 8.53 24.37
N VAL J 50 41.85 7.29 23.91
CA VAL J 50 42.64 6.28 24.61
C VAL J 50 44.13 6.45 24.38
N HIS J 51 44.53 7.30 23.42
CA HIS J 51 45.95 7.63 23.27
C HIS J 51 46.43 8.53 24.39
N ASP J 52 45.78 9.69 24.57
CA ASP J 52 46.19 10.62 25.62
C ASP J 52 45.79 10.15 27.01
N ALA J 53 44.90 9.15 27.11
CA ALA J 53 44.63 8.55 28.40
C ALA J 53 45.79 7.69 28.88
N LEU J 54 46.63 7.23 27.96
CA LEU J 54 47.85 6.51 28.31
C LEU J 54 49.08 7.41 28.34
N GLN J 55 48.94 8.68 27.94
CA GLN J 55 50.08 9.60 27.95
C GLN J 55 50.29 10.23 29.32
N PHE J 56 49.21 10.65 29.98
CA PHE J 56 49.31 11.38 31.24
C PHE J 56 49.52 10.47 32.44
N ILE J 57 49.63 9.15 32.24
CA ILE J 57 49.98 8.25 33.33
C ILE J 57 51.45 8.46 33.71
N LYS J 58 51.72 8.53 35.02
CA LYS J 58 53.07 8.77 35.49
C LYS J 58 53.99 7.58 35.24
N ALA J 59 53.49 6.37 35.49
CA ALA J 59 54.28 5.17 35.28
C ALA J 59 54.24 4.75 33.82
N GLY J 60 55.00 3.71 33.49
CA GLY J 60 55.05 3.21 32.13
C GLY J 60 53.82 2.43 31.75
N SER J 61 53.71 2.16 30.45
CA SER J 61 52.57 1.42 29.90
C SER J 61 53.07 0.48 28.81
N LEU J 62 52.55 -0.75 28.83
CA LEU J 62 52.90 -1.77 27.84
C LEU J 62 51.66 -2.10 27.03
N THR J 63 51.80 -2.02 25.70
CA THR J 63 50.70 -2.31 24.78
C THR J 63 51.07 -3.53 23.94
N LEU J 64 50.17 -4.50 23.88
CA LEU J 64 50.37 -5.73 23.12
C LEU J 64 49.28 -5.82 22.06
N ALA J 65 49.67 -5.82 20.79
CA ALA J 65 48.74 -5.85 19.68
C ALA J 65 48.48 -7.28 19.26
N LEU J 66 47.20 -7.65 19.16
CA LEU J 66 46.80 -9.00 18.78
C LEU J 66 45.70 -8.93 17.74
N GLY J 67 45.80 -9.77 16.72
CA GLY J 67 44.78 -9.87 15.69
C GLY J 67 44.90 -8.83 14.60
N VAL J 68 44.48 -7.60 14.90
CA VAL J 68 44.58 -6.46 13.99
C VAL J 68 44.88 -5.20 14.80
N ALA J 69 45.05 -4.09 14.08
CA ALA J 69 45.18 -2.77 14.70
C ALA J 69 44.53 -1.78 13.74
N ALA J 70 43.30 -1.38 14.03
CA ALA J 70 42.55 -0.46 13.19
C ALA J 70 42.94 0.98 13.50
N SER J 71 42.16 1.93 13.00
CA SER J 71 42.46 3.35 13.23
C SER J 71 42.25 3.74 14.69
N ALA J 72 41.33 3.07 15.37
CA ALA J 72 41.15 3.29 16.81
C ALA J 72 42.14 2.48 17.63
N ALA J 73 42.70 1.42 17.05
CA ALA J 73 43.59 0.53 17.79
C ALA J 73 45.06 0.84 17.58
N SER J 74 45.44 1.40 16.42
CA SER J 74 46.84 1.75 16.20
C SER J 74 47.25 2.97 17.02
N LEU J 75 46.31 3.87 17.31
CA LEU J 75 46.62 4.99 18.18
C LEU J 75 46.77 4.53 19.64
N ALA J 76 46.05 3.48 20.03
CA ALA J 76 46.25 2.91 21.35
C ALA J 76 47.56 2.12 21.43
N LEU J 77 48.02 1.59 20.30
CA LEU J 77 49.28 0.87 20.27
C LEU J 77 50.47 1.82 20.41
N ALA J 78 50.40 2.99 19.77
CA ALA J 78 51.47 3.98 19.88
C ALA J 78 51.39 4.80 21.15
N GLY J 79 50.29 4.70 21.91
CA GLY J 79 50.15 5.45 23.14
C GLY J 79 50.95 4.91 24.30
N GLY J 80 51.46 3.68 24.18
CA GLY J 80 52.26 3.10 25.23
C GLY J 80 53.66 3.67 25.30
N THR J 81 54.41 3.20 26.29
CA THR J 81 55.79 3.63 26.47
C THR J 81 56.67 3.04 25.38
N ILE J 82 57.52 3.88 24.79
CA ILE J 82 58.41 3.43 23.72
C ILE J 82 59.47 2.50 24.28
N GLY J 83 59.59 1.31 23.69
CA GLY J 83 60.44 0.26 24.21
C GLY J 83 59.67 -0.94 24.73
N GLU J 84 58.36 -0.79 24.96
CA GLU J 84 57.52 -1.88 25.44
C GLU J 84 56.38 -2.20 24.48
N ARG J 85 56.47 -1.76 23.23
CA ARG J 85 55.41 -2.00 22.24
C ARG J 85 55.78 -3.24 21.43
N TYR J 86 54.86 -4.21 21.38
CA TYR J 86 55.10 -5.47 20.69
C TYR J 86 53.91 -5.80 19.78
N VAL J 87 54.24 -6.28 18.58
CA VAL J 87 53.25 -6.71 17.60
C VAL J 87 53.57 -8.14 17.20
N THR J 88 52.57 -9.03 17.30
CA THR J 88 52.75 -10.41 16.93
C THR J 88 52.81 -10.56 15.41
N GLU J 89 53.21 -11.76 14.97
CA GLU J 89 53.27 -12.05 13.54
C GLU J 89 51.88 -12.16 12.93
N GLY J 90 50.90 -12.60 13.70
CA GLY J 90 49.53 -12.69 13.23
C GLY J 90 48.76 -11.38 13.24
N CYS J 91 49.29 -10.35 13.90
CA CYS J 91 48.61 -9.06 13.96
C CYS J 91 48.96 -8.22 12.73
N HIS J 92 48.00 -7.42 12.28
CA HIS J 92 48.16 -6.59 11.10
C HIS J 92 47.73 -5.17 11.43
N THR J 93 48.70 -4.25 11.44
CA THR J 93 48.43 -2.84 11.67
C THR J 93 47.77 -2.23 10.43
N MET J 94 46.79 -1.35 10.66
CA MET J 94 46.08 -0.71 9.56
C MET J 94 45.91 0.77 9.86
N ILE J 95 46.19 1.60 8.85
CA ILE J 95 46.02 3.04 8.93
C ILE J 95 44.80 3.41 8.09
N HIS J 96 43.85 4.11 8.70
CA HIS J 96 42.59 4.42 8.06
C HIS J 96 42.31 5.92 8.16
N GLN J 97 41.66 6.45 7.14
CA GLN J 97 41.25 7.84 7.12
C GLN J 97 40.07 8.06 8.07
N PRO J 98 39.89 9.29 8.58
CA PRO J 98 38.72 9.57 9.43
C PRO J 98 37.39 9.50 8.68
N GLU J 99 36.57 8.51 9.02
CA GLU J 99 35.24 8.38 8.43
C GLU J 99 34.24 9.20 9.24
N GLY J 100 33.37 9.93 8.54
CA GLY J 100 32.40 10.77 9.21
C GLY J 100 31.10 10.85 8.43
N GLY J 101 30.05 11.27 9.13
CA GLY J 101 28.75 11.49 8.52
C GLY J 101 28.40 12.96 8.48
N LEU J 102 28.10 13.47 7.29
CA LEU J 102 27.89 14.90 7.08
C LEU J 102 26.52 15.15 6.47
N ASN J 103 25.81 16.13 7.04
CA ASN J 103 24.48 16.50 6.56
C ASN J 103 24.19 17.92 7.01
N GLY J 104 23.76 18.77 6.07
CA GLY J 104 23.43 20.13 6.41
C GLY J 104 23.29 20.98 5.15
N GLN J 105 23.34 22.28 5.35
CA GLN J 105 23.25 23.24 4.26
C GLN J 105 24.61 23.40 3.59
N ALA J 106 24.69 24.32 2.62
CA ALA J 106 25.96 24.58 1.94
C ALA J 106 26.93 25.33 2.83
N SER J 107 26.43 26.15 3.77
CA SER J 107 27.32 26.83 4.70
C SER J 107 27.82 25.88 5.78
N ASP J 108 27.03 24.89 6.16
CA ASP J 108 27.43 23.93 7.18
C ASP J 108 28.26 22.78 6.62
N ILE J 109 28.29 22.59 5.30
CA ILE J 109 29.02 21.46 4.73
C ILE J 109 30.50 21.80 4.56
N TRP J 110 30.85 23.09 4.66
CA TRP J 110 32.25 23.48 4.50
C TRP J 110 32.98 23.48 5.83
N ILE J 111 32.29 23.78 6.93
CA ILE J 111 32.94 23.91 8.22
C ILE J 111 33.31 22.56 8.83
N ASP J 112 32.50 21.52 8.63
CA ASP J 112 32.81 20.20 9.15
C ASP J 112 33.74 19.40 8.25
N SER J 113 33.77 19.71 6.95
CA SER J 113 34.73 19.05 6.06
C SER J 113 36.14 19.58 6.29
N GLN J 114 36.27 20.82 6.75
CA GLN J 114 37.56 21.33 7.18
C GLN J 114 38.04 20.68 8.47
N GLU J 115 37.12 20.18 9.29
CA GLU J 115 37.51 19.44 10.49
C GLU J 115 38.13 18.09 10.12
N ILE J 116 37.72 17.51 8.98
CA ILE J 116 38.35 16.30 8.48
C ILE J 116 39.79 16.58 8.07
N MET J 117 40.06 17.79 7.57
CA MET J 117 41.43 18.18 7.32
C MET J 117 42.20 18.41 8.61
N LYS J 118 41.51 18.80 9.68
CA LYS J 118 42.17 18.97 10.97
C LYS J 118 42.43 17.63 11.65
N ILE J 119 41.56 16.65 11.47
CA ILE J 119 41.79 15.32 12.03
C ILE J 119 42.89 14.60 11.26
N ARG J 120 42.91 14.78 9.93
CA ARG J 120 43.99 14.23 9.11
C ARG J 120 45.32 14.90 9.41
N LEU J 121 45.30 16.17 9.83
CA LEU J 121 46.49 16.81 10.35
C LEU J 121 46.82 16.33 11.76
N ASP J 122 45.81 15.85 12.50
CA ASP J 122 46.04 15.41 13.87
C ASP J 122 46.64 14.02 13.93
N VAL J 123 46.10 13.07 13.16
CA VAL J 123 46.62 11.71 13.19
C VAL J 123 47.95 11.58 12.46
N ALA J 124 48.25 12.50 11.53
CA ALA J 124 49.56 12.51 10.91
C ALA J 124 50.61 13.16 11.80
N GLU J 125 50.18 14.01 12.73
CA GLU J 125 51.12 14.62 13.67
C GLU J 125 51.58 13.62 14.71
N ILE J 126 50.66 12.81 15.26
CA ILE J 126 51.03 11.81 16.25
C ILE J 126 51.84 10.70 15.62
N TYR J 127 51.56 10.37 14.35
CA TYR J 127 52.35 9.37 13.65
C TYR J 127 53.73 9.89 13.30
N SER J 128 53.91 11.22 13.25
CA SER J 128 55.22 11.78 12.92
C SER J 128 56.11 11.89 14.15
N LEU J 129 55.55 12.31 15.29
CA LEU J 129 56.36 12.51 16.48
C LEU J 129 56.74 11.21 17.17
N SER J 130 56.06 10.10 16.84
CA SER J 130 56.27 8.85 17.56
C SER J 130 56.98 7.79 16.74
N THR J 131 57.12 7.97 15.42
CA THR J 131 57.69 6.94 14.56
C THR J 131 58.99 7.37 13.87
N TYR J 132 59.55 8.53 14.25
CA TYR J 132 60.76 9.11 13.64
C TYR J 132 60.63 9.31 12.14
N ARG J 133 59.44 9.71 11.68
CA ARG J 133 59.18 9.85 10.25
C ARG J 133 58.77 11.28 9.91
N PRO J 134 59.12 11.77 8.72
CA PRO J 134 58.66 13.10 8.32
C PRO J 134 57.17 13.12 8.01
N ARG J 135 56.59 14.32 8.05
CA ARG J 135 55.16 14.49 7.87
C ARG J 135 54.73 14.35 6.41
N HIS J 136 55.66 14.50 5.46
CA HIS J 136 55.28 14.43 4.05
C HIS J 136 55.08 12.99 3.60
N LYS J 137 55.92 12.06 4.10
CA LYS J 137 55.81 10.67 3.68
C LYS J 137 54.62 9.98 4.32
N ILE J 138 54.21 10.40 5.52
CA ILE J 138 53.02 9.83 6.14
C ILE J 138 51.75 10.34 5.48
N LEU J 139 51.73 11.63 5.09
CA LEU J 139 50.56 12.21 4.44
C LEU J 139 50.36 11.66 3.03
N ARG J 140 51.41 11.08 2.43
CA ARG J 140 51.25 10.35 1.18
C ARG J 140 50.70 8.95 1.40
N ASP J 141 50.56 8.53 2.66
CA ASP J 141 49.96 7.23 2.96
C ASP J 141 48.52 7.32 3.45
N LEU J 142 48.07 8.50 3.87
CA LEU J 142 46.70 8.66 4.38
C LEU J 142 45.65 8.86 3.29
N ASP J 143 46.05 9.09 2.04
CA ASP J 143 45.06 9.27 0.98
C ASP J 143 44.42 7.96 0.56
N ARG J 144 45.07 6.83 0.81
CA ARG J 144 44.54 5.51 0.48
C ARG J 144 44.72 4.58 1.68
N ASP J 145 43.70 3.77 1.94
CA ASP J 145 43.79 2.78 3.01
C ASP J 145 44.78 1.68 2.62
N PHE J 146 45.61 1.27 3.57
CA PHE J 146 46.63 0.25 3.32
C PHE J 146 46.91 -0.49 4.61
N TYR J 147 46.95 -1.82 4.51
CA TYR J 147 47.25 -2.67 5.66
C TYR J 147 48.75 -2.91 5.76
N LEU J 148 49.23 -3.05 6.99
CA LEU J 148 50.64 -3.28 7.26
C LEU J 148 50.82 -4.62 7.94
N THR J 149 52.01 -5.19 7.79
CA THR J 149 52.35 -6.46 8.40
C THR J 149 53.18 -6.20 9.66
N ALA J 150 53.69 -7.28 10.25
CA ALA J 150 54.53 -7.13 11.45
C ALA J 150 55.92 -6.61 11.10
N MET J 151 56.43 -6.94 9.92
CA MET J 151 57.75 -6.47 9.51
C MET J 151 57.73 -5.00 9.14
N GLU J 152 56.61 -4.51 8.57
CA GLU J 152 56.49 -3.10 8.24
C GLU J 152 56.14 -2.25 9.46
N THR J 153 55.74 -2.87 10.58
CA THR J 153 55.45 -2.11 11.78
C THR J 153 56.74 -1.63 12.45
N ILE J 154 57.76 -2.47 12.50
CA ILE J 154 59.03 -2.07 13.09
C ILE J 154 59.80 -1.16 12.14
N TYR J 155 59.61 -1.32 10.83
CA TYR J 155 60.32 -0.49 9.87
C TYR J 155 59.79 0.94 9.86
N TYR J 156 58.48 1.11 10.03
CA TYR J 156 57.91 2.45 10.07
C TYR J 156 58.14 3.12 11.42
N GLY J 157 58.11 2.35 12.50
CA GLY J 157 58.32 2.87 13.83
C GLY J 157 57.10 2.88 14.73
N LEU J 158 56.04 2.15 14.36
CA LEU J 158 54.86 2.10 15.22
C LEU J 158 55.09 1.25 16.46
N ALA J 159 55.98 0.26 16.36
CA ALA J 159 56.34 -0.62 17.47
C ALA J 159 57.85 -0.64 17.64
N ASP J 160 58.31 -1.53 18.51
CA ASP J 160 59.74 -1.63 18.82
C ASP J 160 60.32 -3.01 18.56
N GLU J 161 59.62 -4.07 18.97
CA GLU J 161 60.13 -5.43 18.81
C GLU J 161 59.04 -6.31 18.21
N ILE J 162 59.48 -7.42 17.61
CA ILE J 162 58.57 -8.43 17.09
C ILE J 162 58.16 -9.35 18.22
N ALA J 163 56.85 -9.49 18.44
CA ALA J 163 56.34 -10.36 19.51
C ALA J 163 56.34 -11.80 19.00
N THR J 164 57.51 -12.42 19.07
CA THR J 164 57.67 -13.82 18.70
C THR J 164 57.34 -14.69 19.92
N ASN J 165 57.64 -15.99 19.83
CA ASN J 165 57.36 -16.90 20.93
C ASN J 165 58.35 -16.71 22.07
N GLU J 166 59.56 -16.23 21.78
CA GLU J 166 60.58 -16.10 22.80
C GLU J 166 60.33 -14.89 23.70
N VAL J 167 59.98 -13.74 23.11
CA VAL J 167 59.80 -12.54 23.91
C VAL J 167 58.40 -12.53 24.55
N MET J 168 57.50 -13.38 24.06
CA MET J 168 56.21 -13.56 24.71
C MET J 168 56.33 -14.21 26.07
N HIS J 169 57.36 -15.04 26.29
CA HIS J 169 57.62 -15.60 27.61
C HIS J 169 58.05 -14.53 28.60
N SER J 170 58.66 -13.45 28.12
CA SER J 170 59.01 -12.34 29.01
C SER J 170 57.78 -11.53 29.40
N ILE J 171 56.75 -11.51 28.56
CA ILE J 171 55.51 -10.82 28.92
C ILE J 171 54.75 -11.61 29.98
N VAL J 172 54.89 -12.94 29.97
CA VAL J 172 54.23 -13.77 30.98
C VAL J 172 54.87 -13.56 32.35
N GLU J 173 56.21 -13.51 32.40
CA GLU J 173 56.88 -13.28 33.67
C GLU J 173 56.82 -11.82 34.12
N MET J 174 56.57 -10.88 33.21
CA MET J 174 56.44 -9.48 33.62
C MET J 174 55.09 -9.22 34.28
N THR J 175 54.02 -9.85 33.77
CA THR J 175 52.70 -9.71 34.37
C THR J 175 52.51 -10.63 35.59
N ASN J 176 53.48 -11.49 35.89
CA ASN J 176 53.38 -12.33 37.07
C ASN J 176 53.90 -11.62 38.32
N GLN J 177 54.93 -10.77 38.17
CA GLN J 177 55.45 -10.05 39.32
C GLN J 177 54.58 -8.85 39.68
N VAL J 178 53.97 -8.22 38.68
CA VAL J 178 53.14 -7.05 38.95
C VAL J 178 51.76 -7.46 39.49
N TRP J 179 51.33 -8.69 39.24
CA TRP J 179 50.06 -9.16 39.78
C TRP J 179 50.23 -9.80 41.15
N SER J 180 51.38 -10.42 41.40
CA SER J 180 51.63 -10.99 42.73
C SER J 180 51.95 -9.93 43.77
N TYR J 181 52.31 -8.71 43.34
CA TYR J 181 52.47 -7.61 44.28
C TYR J 181 51.13 -7.19 44.87
N HIS J 182 50.04 -7.33 44.10
CA HIS J 182 48.71 -7.12 44.62
C HIS J 182 48.11 -8.39 45.20
N ASP J 183 48.59 -9.56 44.76
CA ASP J 183 48.10 -10.82 45.31
C ASP J 183 48.76 -11.19 46.63
N SER J 184 49.92 -10.60 46.93
CA SER J 184 50.52 -10.81 48.26
C SER J 184 49.70 -10.14 49.34
N LYS J 185 49.11 -8.98 49.03
CA LYS J 185 48.15 -8.37 49.94
C LYS J 185 46.85 -9.15 49.98
N GLN J 186 46.48 -9.80 48.87
CA GLN J 186 45.29 -10.65 48.86
C GLN J 186 45.50 -11.92 49.67
N GLU J 187 46.73 -12.45 49.70
CA GLU J 187 47.00 -13.65 50.47
C GLU J 187 46.99 -13.37 51.97
N ARG J 188 47.29 -12.12 52.36
CA ARG J 188 47.28 -11.77 53.79
C ARG J 188 45.87 -11.46 54.28
N LEU J 189 44.96 -11.07 53.38
CA LEU J 189 43.59 -10.80 53.79
C LEU J 189 42.77 -12.08 53.92
N LEU J 190 43.05 -13.10 53.11
CA LEU J 190 42.33 -14.36 53.26
C LEU J 190 42.78 -15.13 54.50
N GLU J 191 44.04 -15.00 54.90
CA GLU J 191 44.51 -15.65 56.11
C GLU J 191 44.06 -14.93 57.37
N SER J 192 43.86 -13.61 57.29
CA SER J 192 43.35 -12.86 58.43
C SER J 192 41.87 -13.09 58.65
N ARG J 193 41.11 -13.33 57.57
CA ARG J 193 39.68 -13.60 57.71
C ARG J 193 39.43 -15.02 58.23
N ALA J 194 40.34 -15.94 57.94
CA ALA J 194 40.19 -17.32 58.39
C ALA J 194 40.81 -17.50 59.78
N ARG K 1 48.64 -19.70 50.48
CA ARG K 1 48.63 -20.30 49.15
C ARG K 1 47.18 -20.33 48.63
N LYS K 2 47.02 -20.39 47.30
CA LYS K 2 45.72 -20.21 46.67
C LYS K 2 44.79 -21.41 46.80
N LEU K 3 45.26 -22.54 47.32
CA LEU K 3 44.36 -23.68 47.49
C LEU K 3 43.42 -23.48 48.67
N SER K 4 43.80 -22.67 49.66
CA SER K 4 42.88 -22.28 50.70
C SER K 4 41.86 -21.25 50.20
N HIS K 5 42.24 -20.46 49.18
CA HIS K 5 41.28 -19.57 48.55
C HIS K 5 40.29 -20.35 47.69
N LEU K 6 40.68 -21.53 47.19
CA LEU K 6 39.77 -22.34 46.40
C LEU K 6 38.68 -22.94 47.27
N ARG K 7 39.01 -23.32 48.51
CA ARG K 7 38.01 -23.86 49.42
C ARG K 7 37.17 -22.78 50.06
N LYS K 8 37.66 -21.53 50.08
CA LYS K 8 36.92 -20.45 50.70
C LYS K 8 36.00 -19.75 49.71
N LYS K 9 36.42 -19.64 48.44
CA LYS K 9 35.58 -19.01 47.43
C LYS K 9 34.39 -19.88 47.06
N LEU K 10 34.57 -21.21 47.07
CA LEU K 10 33.47 -22.12 46.79
C LEU K 10 32.44 -22.16 47.91
N TRP K 11 32.81 -21.70 49.12
CA TRP K 11 31.85 -21.62 50.21
C TRP K 11 31.05 -20.33 50.16
N LYS K 12 31.67 -19.24 49.72
CA LYS K 12 31.05 -17.92 49.77
C LYS K 12 30.78 -17.32 48.40
N GLU K 13 31.79 -17.22 47.54
CA GLU K 13 31.69 -16.41 46.32
C GLU K 13 31.60 -17.24 45.05
N ALA K 14 31.58 -18.56 45.14
CA ALA K 14 31.42 -19.38 43.95
C ALA K 14 30.28 -20.38 44.06
N GLY K 15 30.01 -20.90 45.25
CA GLY K 15 28.98 -21.89 45.45
C GLY K 15 27.57 -21.34 45.46
N PRO K 16 27.24 -20.51 46.45
CA PRO K 16 25.89 -19.88 46.49
C PRO K 16 25.64 -18.90 45.35
N PRO K 17 26.66 -18.32 44.71
CA PRO K 17 26.45 -17.86 43.33
C PRO K 17 26.12 -19.01 42.41
N PRO K 18 24.94 -19.00 41.79
CA PRO K 18 24.49 -20.15 41.00
C PRO K 18 25.02 -20.20 39.57
N ASP K 19 25.94 -19.31 39.19
CA ASP K 19 26.47 -19.32 37.84
C ASP K 19 27.44 -20.49 37.65
N LEU K 20 27.24 -21.26 36.59
CA LEU K 20 28.10 -22.42 36.33
C LEU K 20 29.45 -22.02 35.74
N ALA K 21 29.57 -20.81 35.19
CA ALA K 21 30.85 -20.36 34.65
C ALA K 21 31.85 -20.04 35.75
N THR K 22 31.37 -19.67 36.93
CA THR K 22 32.26 -19.39 38.05
C THR K 22 32.80 -20.67 38.67
N ARG K 23 31.94 -21.67 38.86
CA ARG K 23 32.37 -22.94 39.43
C ARG K 23 33.26 -23.71 38.47
N LEU K 24 33.07 -23.53 37.16
CA LEU K 24 33.97 -24.13 36.18
C LEU K 24 35.31 -23.41 36.12
N PHE K 25 35.32 -22.12 36.49
CA PHE K 25 36.56 -21.34 36.47
C PHE K 25 37.49 -21.75 37.61
N SER K 26 36.94 -22.17 38.74
CA SER K 26 37.76 -22.53 39.89
C SER K 26 38.40 -23.91 39.75
N GLU K 27 37.84 -24.78 38.91
CA GLU K 27 38.36 -26.13 38.73
C GLU K 27 39.36 -26.23 37.60
N ARG K 28 39.90 -25.09 37.14
CA ARG K 28 40.88 -25.01 36.04
C ARG K 28 40.34 -25.63 34.75
N ILE K 29 39.07 -25.38 34.46
CA ILE K 29 38.41 -25.89 33.25
C ILE K 29 37.90 -24.69 32.48
N MET K 30 38.46 -24.46 31.28
CA MET K 30 38.09 -23.33 30.45
C MET K 30 37.42 -23.86 29.19
N TYR K 31 36.12 -23.55 29.06
CA TYR K 31 35.26 -24.14 28.03
C TYR K 31 34.80 -23.05 27.08
N LEU K 32 35.06 -23.24 25.78
CA LEU K 32 34.61 -22.32 24.74
C LEU K 32 33.35 -22.91 24.11
N GLY K 33 32.19 -22.39 24.52
CA GLY K 33 30.93 -22.89 24.01
C GLY K 33 30.22 -21.94 23.09
N MET K 34 30.45 -20.65 23.26
CA MET K 34 29.84 -19.62 22.44
C MET K 34 30.60 -19.46 21.13
N PRO K 35 29.94 -18.97 20.08
CA PRO K 35 30.67 -18.58 18.87
C PRO K 35 31.59 -17.40 19.14
N ILE K 36 32.77 -17.44 18.52
CA ILE K 36 33.82 -16.47 18.82
C ILE K 36 33.44 -15.12 18.22
N ASP K 37 33.44 -14.09 19.05
CA ASP K 37 33.14 -12.72 18.62
C ASP K 37 34.04 -11.78 19.41
N SER K 38 33.69 -10.49 19.41
CA SER K 38 34.49 -9.49 20.14
C SER K 38 34.34 -9.66 21.64
N SER K 39 33.24 -10.24 22.12
CA SER K 39 33.06 -10.44 23.55
C SER K 39 33.67 -11.75 24.03
N VAL K 40 33.78 -12.75 23.15
CA VAL K 40 34.32 -14.05 23.56
C VAL K 40 35.84 -14.00 23.64
N ALA K 41 36.50 -13.38 22.65
CA ALA K 41 37.96 -13.40 22.58
C ALA K 41 38.61 -12.58 23.70
N GLU K 42 37.96 -11.51 24.15
CA GLU K 42 38.48 -10.77 25.29
C GLU K 42 38.21 -11.49 26.59
N LEU K 43 37.15 -12.31 26.65
CA LEU K 43 36.87 -13.09 27.84
C LEU K 43 37.80 -14.29 27.94
N LEU K 44 38.16 -14.88 26.80
CA LEU K 44 39.11 -16.00 26.81
C LEU K 44 40.53 -15.53 27.12
N THR K 45 40.88 -14.30 26.74
CA THR K 45 42.20 -13.78 27.05
C THR K 45 42.31 -13.36 28.52
N ALA K 46 41.22 -12.82 29.08
CA ALA K 46 41.23 -12.40 30.47
C ALA K 46 41.26 -13.59 31.43
N GLN K 47 40.68 -14.72 31.02
CA GLN K 47 40.76 -15.92 31.85
C GLN K 47 42.13 -16.57 31.76
N LEU K 48 42.85 -16.36 30.66
CA LEU K 48 44.20 -16.89 30.52
C LEU K 48 45.23 -16.10 31.31
N PHE K 49 44.96 -14.83 31.59
CA PHE K 49 45.88 -14.04 32.40
C PHE K 49 45.82 -14.44 33.87
N VAL K 50 44.69 -15.00 34.31
CA VAL K 50 44.56 -15.41 35.69
C VAL K 50 45.12 -16.82 35.91
N LEU K 51 44.92 -17.73 34.96
CA LEU K 51 45.28 -19.13 35.14
C LEU K 51 46.78 -19.38 35.12
N VAL K 52 47.54 -18.51 34.45
CA VAL K 52 48.99 -18.68 34.41
C VAL K 52 49.67 -18.17 35.67
N GLN K 53 48.92 -17.60 36.62
CA GLN K 53 49.54 -16.90 37.73
C GLN K 53 49.64 -17.76 38.98
N GLU K 54 48.57 -18.50 39.32
CA GLU K 54 48.48 -19.05 40.68
C GLU K 54 49.26 -20.35 40.82
N ALA K 55 49.41 -21.10 39.73
CA ALA K 55 49.96 -22.45 39.80
C ALA K 55 50.44 -22.86 38.42
N PRO K 56 51.44 -23.76 38.34
CA PRO K 56 51.79 -24.39 37.06
C PRO K 56 50.99 -25.66 36.80
N ASP K 57 49.87 -25.83 37.51
CA ASP K 57 49.03 -27.02 37.38
C ASP K 57 48.38 -27.05 35.99
N PRO K 58 48.09 -28.24 35.46
CA PRO K 58 47.52 -28.32 34.11
C PRO K 58 46.08 -27.82 34.04
N ILE K 59 45.74 -27.26 32.89
CA ILE K 59 44.45 -26.63 32.64
C ILE K 59 43.73 -27.42 31.55
N PHE K 60 42.45 -27.71 31.76
CA PHE K 60 41.64 -28.41 30.77
C PHE K 60 40.96 -27.40 29.85
N PHE K 61 41.01 -27.68 28.55
CA PHE K 61 40.46 -26.79 27.53
C PHE K 61 39.51 -27.58 26.64
N TYR K 62 38.22 -27.24 26.69
CA TYR K 62 37.20 -27.91 25.90
C TYR K 62 36.74 -26.98 24.78
N ILE K 63 36.62 -27.52 23.58
CA ILE K 63 36.23 -26.76 22.39
C ILE K 63 34.93 -27.34 21.86
N ASN K 64 33.87 -26.51 21.86
CA ASN K 64 32.60 -26.92 21.27
C ASN K 64 31.94 -25.66 20.70
N SER K 65 32.17 -25.41 19.41
CA SER K 65 31.60 -24.25 18.74
C SER K 65 31.56 -24.50 17.25
N THR K 66 30.82 -23.63 16.55
CA THR K 66 30.79 -23.61 15.10
C THR K 66 31.80 -22.63 14.51
N GLY K 67 32.80 -22.26 15.31
CA GLY K 67 33.80 -21.29 14.88
C GLY K 67 33.38 -19.87 15.17
N ILE K 68 33.62 -18.97 14.22
CA ILE K 68 33.25 -17.57 14.39
C ILE K 68 31.84 -17.31 13.86
N ALA K 69 31.54 -17.81 12.66
CA ALA K 69 30.22 -17.60 12.08
C ALA K 69 29.85 -18.81 11.24
N LYS K 70 28.56 -19.11 11.19
CA LYS K 70 28.04 -20.17 10.35
C LYS K 70 27.94 -19.68 8.90
N SER K 71 27.82 -20.63 7.97
CA SER K 71 27.71 -20.30 6.56
C SER K 71 26.35 -19.70 6.19
N THR K 72 25.34 -19.83 7.06
CA THR K 72 24.01 -19.31 6.80
C THR K 72 23.68 -18.11 7.69
N THR K 73 24.68 -17.30 8.03
CA THR K 73 24.47 -16.11 8.85
C THR K 73 25.49 -15.06 8.44
N LYS K 74 25.51 -13.95 9.18
CA LYS K 74 26.44 -12.86 8.88
C LYS K 74 27.86 -13.23 9.28
N PHE K 75 28.81 -12.86 8.41
CA PHE K 75 30.21 -13.19 8.60
C PHE K 75 30.97 -12.00 9.18
N GLY K 76 32.04 -12.29 9.89
CA GLY K 76 32.84 -11.26 10.52
C GLY K 76 34.30 -11.29 10.11
N ASN K 77 35.20 -11.28 11.11
CA ASN K 77 36.63 -11.32 10.87
C ASN K 77 37.22 -12.55 11.55
N GLU K 78 38.39 -12.97 11.04
CA GLU K 78 39.02 -14.21 11.47
C GLU K 78 40.29 -13.96 12.28
N HIS K 79 40.58 -12.71 12.63
CA HIS K 79 41.83 -12.39 13.31
C HIS K 79 41.79 -12.68 14.79
N GLU K 80 40.59 -12.85 15.37
CA GLU K 80 40.49 -13.12 16.80
C GLU K 80 40.85 -14.56 17.15
N ALA K 81 40.87 -15.46 16.17
CA ALA K 81 41.28 -16.85 16.43
C ALA K 81 42.79 -16.97 16.59
N ILE K 82 43.56 -16.11 15.90
CA ILE K 82 45.00 -16.09 16.06
C ILE K 82 45.38 -15.44 17.39
N ALA K 83 44.58 -14.47 17.86
CA ALA K 83 44.89 -13.76 19.10
C ALA K 83 44.77 -14.67 20.32
N VAL K 84 43.83 -15.62 20.31
CA VAL K 84 43.77 -16.62 21.37
C VAL K 84 44.70 -17.80 21.08
N TYR K 85 45.21 -17.92 19.86
CA TYR K 85 46.17 -18.97 19.54
C TYR K 85 47.56 -18.62 20.06
N SER K 86 48.03 -17.42 19.74
CA SER K 86 49.36 -16.99 20.18
C SER K 86 49.40 -16.68 21.67
N MET K 87 48.25 -16.40 22.29
CA MET K 87 48.22 -16.22 23.73
C MET K 87 48.43 -17.53 24.48
N MET K 88 47.85 -18.62 23.97
CA MET K 88 47.99 -19.92 24.61
C MET K 88 49.19 -20.71 24.12
N LYS K 89 49.92 -20.21 23.12
CA LYS K 89 51.07 -20.93 22.60
C LYS K 89 52.27 -20.80 23.53
N GLY K 90 52.43 -19.64 24.17
CA GLY K 90 53.52 -19.44 25.11
C GLY K 90 53.30 -20.04 26.48
N VAL K 91 52.08 -20.51 26.76
CA VAL K 91 51.76 -21.12 28.05
C VAL K 91 52.32 -22.53 28.16
N GLN K 92 52.61 -23.19 27.03
CA GLN K 92 52.87 -24.63 26.99
C GLN K 92 54.14 -25.01 27.76
N LYS K 93 55.14 -24.14 27.78
CA LYS K 93 56.31 -24.40 28.59
C LYS K 93 56.15 -23.92 30.02
N TYR K 94 55.19 -23.03 30.27
CA TYR K 94 54.90 -22.60 31.64
C TYR K 94 53.85 -23.48 32.31
N CYS K 95 52.80 -23.86 31.57
CA CYS K 95 51.71 -24.66 32.11
C CYS K 95 51.25 -25.69 31.09
N PRO K 96 51.03 -26.94 31.50
CA PRO K 96 50.49 -27.92 30.55
C PRO K 96 49.03 -27.63 30.21
N ILE K 97 48.69 -27.80 28.94
CA ILE K 97 47.35 -27.51 28.43
C ILE K 97 46.78 -28.80 27.85
N TYR K 98 45.65 -29.23 28.40
CA TYR K 98 44.92 -30.40 27.90
C TYR K 98 43.76 -29.92 27.04
N THR K 99 43.70 -30.43 25.81
CA THR K 99 42.70 -30.02 24.83
C THR K 99 41.93 -31.25 24.37
N LEU K 100 40.60 -31.18 24.47
CA LEU K 100 39.73 -32.29 24.07
C LEU K 100 38.59 -31.71 23.25
N CYS K 101 38.25 -32.37 22.15
CA CYS K 101 37.20 -31.93 21.24
C CYS K 101 35.89 -32.60 21.62
N VAL K 102 34.94 -31.81 22.09
CA VAL K 102 33.58 -32.27 22.33
C VAL K 102 32.66 -31.61 21.31
N GLY K 103 31.62 -32.33 20.91
CA GLY K 103 30.67 -31.81 19.94
C GLY K 103 31.21 -31.68 18.53
N ASN K 104 31.41 -30.44 18.09
CA ASN K 104 31.86 -30.15 16.73
C ASN K 104 32.95 -29.09 16.77
N ALA K 105 33.65 -28.95 15.64
CA ALA K 105 34.72 -27.96 15.50
C ALA K 105 34.72 -27.49 14.05
N PHE K 106 34.09 -26.35 13.79
CA PHE K 106 33.99 -25.80 12.44
C PHE K 106 35.03 -24.71 12.24
N GLY K 107 35.89 -24.88 11.24
CA GLY K 107 36.81 -23.85 10.83
C GLY K 107 37.93 -23.54 11.81
N GLU K 108 37.83 -22.38 12.46
CA GLU K 108 38.88 -21.91 13.36
C GLU K 108 38.94 -22.67 14.67
N ALA K 109 37.89 -23.44 15.00
CA ALA K 109 37.91 -24.24 16.21
C ALA K 109 38.91 -25.40 16.13
N ALA K 110 39.23 -25.85 14.92
CA ALA K 110 40.26 -26.86 14.74
C ALA K 110 41.67 -26.28 14.86
N LEU K 111 41.81 -24.96 14.71
CA LEU K 111 43.12 -24.33 14.87
C LEU K 111 43.53 -24.32 16.34
N LEU K 112 42.57 -24.11 17.24
CA LEU K 112 42.83 -24.20 18.67
C LEU K 112 42.91 -25.65 19.14
N LEU K 113 42.43 -26.59 18.34
CA LEU K 113 42.56 -28.01 18.68
C LEU K 113 44.01 -28.47 18.57
N SER K 114 44.70 -28.05 17.51
CA SER K 114 46.12 -28.36 17.34
C SER K 114 47.02 -27.43 18.16
N ALA K 115 46.45 -26.43 18.83
CA ALA K 115 47.23 -25.50 19.64
C ALA K 115 47.55 -26.04 21.02
N GLY K 116 47.14 -27.26 21.35
CA GLY K 116 47.45 -27.87 22.63
C GLY K 116 48.85 -28.45 22.67
N SER K 117 49.20 -28.97 23.83
CA SER K 117 50.51 -29.59 24.02
C SER K 117 50.56 -30.93 23.29
N PRO K 118 51.73 -31.31 22.78
CA PRO K 118 51.86 -32.64 22.15
C PRO K 118 51.76 -33.75 23.19
N GLY K 119 50.97 -34.76 22.85
CA GLY K 119 50.67 -35.83 23.78
C GLY K 119 49.45 -35.59 24.65
N LYS K 120 48.82 -34.42 24.56
CA LYS K 120 47.64 -34.10 25.35
C LYS K 120 46.42 -33.74 24.52
N ARG K 121 46.57 -33.56 23.21
CA ARG K 121 45.42 -33.29 22.35
C ARG K 121 44.61 -34.57 22.15
N ALA K 122 43.28 -34.42 22.18
CA ALA K 122 42.40 -35.56 22.07
C ALA K 122 41.08 -35.13 21.45
N ALA K 123 40.27 -36.12 21.07
CA ALA K 123 38.94 -35.91 20.53
C ALA K 123 38.06 -37.07 20.92
N LEU K 124 36.76 -36.91 20.70
CA LEU K 124 35.79 -37.94 21.07
C LEU K 124 35.59 -38.90 19.90
N ARG K 125 34.58 -39.76 20.01
CA ARG K 125 34.36 -40.80 19.01
C ARG K 125 33.61 -40.25 17.79
N SER K 126 32.64 -39.37 18.00
CA SER K 126 31.82 -38.82 16.94
C SER K 126 32.04 -37.33 16.77
N SER K 127 33.30 -36.90 16.84
CA SER K 127 33.62 -35.50 16.62
C SER K 127 33.65 -35.19 15.13
N THR K 128 33.72 -33.89 14.82
CA THR K 128 33.75 -33.42 13.44
C THR K 128 34.74 -32.26 13.33
N ILE K 129 35.70 -32.39 12.42
CA ILE K 129 36.72 -31.37 12.20
C ILE K 129 36.55 -30.84 10.78
N MET K 130 36.39 -29.53 10.65
CA MET K 130 36.14 -28.88 9.38
C MET K 130 37.25 -27.90 9.05
N LEU K 131 37.85 -28.06 7.87
CA LEU K 131 38.86 -27.13 7.38
C LEU K 131 38.22 -26.14 6.41
N ARG K 132 37.51 -25.18 6.99
CA ARG K 132 36.76 -24.19 6.22
C ARG K 132 37.70 -23.12 5.66
N GLN K 133 37.21 -22.39 4.66
CA GLN K 133 37.94 -21.30 4.05
C GLN K 133 37.38 -19.96 4.53
N PRO K 134 38.06 -19.26 5.43
CA PRO K 134 37.53 -17.98 5.93
C PRO K 134 38.08 -16.76 5.20
N LEU K 135 37.46 -15.56 5.27
CA LEU K 135 36.11 -15.25 5.75
C LEU K 135 35.79 -14.00 4.89
N GLN K 136 34.80 -13.18 5.31
CA GLN K 136 34.53 -11.84 4.79
C GLN K 136 34.15 -11.87 3.30
N ARG K 137 32.97 -12.44 3.06
CA ARG K 137 32.42 -12.50 1.71
C ARG K 137 31.98 -11.13 1.20
N LEU K 138 31.73 -10.18 2.10
CA LEU K 138 31.23 -8.86 1.71
C LEU K 138 32.36 -8.02 1.12
N GLY K 139 32.22 -7.63 -0.14
CA GLY K 139 33.20 -6.80 -0.80
C GLY K 139 32.61 -5.73 -1.69
N GLY K 140 31.42 -5.23 -1.34
CA GLY K 140 30.68 -4.31 -2.18
C GLY K 140 31.09 -2.86 -2.13
N MET K 141 32.22 -2.54 -1.52
CA MET K 141 32.66 -1.15 -1.39
C MET K 141 33.58 -0.78 -2.56
N GLN K 142 34.32 0.32 -2.41
CA GLN K 142 35.07 0.94 -3.50
C GLN K 142 36.19 0.04 -4.03
N ALA K 143 36.34 0.02 -5.36
CA ALA K 143 37.28 -0.85 -6.05
C ALA K 143 38.74 -0.48 -5.82
N SER K 144 39.03 0.69 -5.21
CA SER K 144 40.40 1.06 -4.94
C SER K 144 41.00 0.31 -3.76
N ASP K 145 40.19 -0.39 -2.98
CA ASP K 145 40.63 -1.09 -1.78
C ASP K 145 40.54 -2.61 -1.93
N ILE K 146 40.05 -3.10 -3.07
CA ILE K 146 39.97 -4.55 -3.26
C ILE K 146 41.34 -5.14 -3.60
N ASP K 147 42.25 -4.34 -4.18
CA ASP K 147 43.58 -4.85 -4.50
C ASP K 147 44.40 -5.11 -3.25
N ILE K 148 44.19 -4.32 -2.19
CA ILE K 148 44.84 -4.64 -0.91
C ILE K 148 44.05 -5.66 -0.12
N TYR K 149 42.79 -5.90 -0.48
CA TYR K 149 42.02 -7.00 0.10
C TYR K 149 42.42 -8.35 -0.51
N ARG K 150 42.97 -8.33 -1.73
CA ARG K 150 43.57 -9.55 -2.27
C ARG K 150 44.86 -9.88 -1.54
N LYS K 151 45.57 -8.86 -1.07
CA LYS K 151 46.77 -9.09 -0.27
C LYS K 151 46.41 -9.64 1.12
N ILE K 152 45.27 -9.21 1.65
CA ILE K 152 44.85 -9.66 2.98
C ILE K 152 44.44 -11.13 2.94
N THR K 153 43.63 -11.50 1.94
CA THR K 153 43.15 -12.88 1.86
C THR K 153 44.26 -13.86 1.46
N ARG K 154 45.34 -13.35 0.85
CA ARG K 154 46.46 -14.23 0.50
C ARG K 154 47.39 -14.46 1.67
N GLU K 155 47.69 -13.41 2.45
CA GLU K 155 48.61 -13.56 3.56
C GLU K 155 47.95 -14.15 4.79
N LYS K 156 46.63 -14.04 4.93
CA LYS K 156 45.95 -14.68 6.05
C LYS K 156 45.86 -16.19 5.84
N THR K 157 45.69 -16.64 4.59
CA THR K 157 45.75 -18.06 4.30
C THR K 157 47.17 -18.59 4.40
N ALA K 158 48.17 -17.70 4.27
CA ALA K 158 49.56 -18.13 4.43
C ALA K 158 49.92 -18.34 5.89
N THR K 159 49.50 -17.43 6.77
CA THR K 159 49.85 -17.56 8.18
C THR K 159 48.96 -18.58 8.89
N MET K 160 47.78 -18.86 8.36
CA MET K 160 46.95 -19.92 8.93
C MET K 160 47.50 -21.29 8.58
N ALA K 161 47.98 -21.45 7.34
CA ALA K 161 48.63 -22.70 6.96
C ALA K 161 50.00 -22.85 7.60
N LYS K 162 50.66 -21.73 7.94
CA LYS K 162 51.94 -21.81 8.64
C LYS K 162 51.75 -22.27 10.08
N TYR K 163 50.72 -21.76 10.76
CA TYR K 163 50.45 -22.18 12.12
C TYR K 163 49.91 -23.60 12.19
N LEU K 164 49.21 -24.04 11.14
CA LEU K 164 48.71 -25.42 11.12
C LEU K 164 49.83 -26.40 10.81
N ALA K 165 50.79 -26.01 9.97
CA ALA K 165 51.92 -26.88 9.68
C ALA K 165 52.93 -26.94 10.81
N ALA K 166 52.93 -25.95 11.72
CA ALA K 166 53.82 -26.00 12.86
C ALA K 166 53.35 -26.97 13.93
N CYS K 167 52.06 -27.33 13.91
CA CYS K 167 51.51 -28.27 14.87
C CYS K 167 51.30 -29.66 14.29
N THR K 168 50.83 -29.75 13.05
CA THR K 168 50.59 -31.03 12.41
C THR K 168 51.82 -31.62 11.74
N LYS K 169 52.89 -30.82 11.61
CA LYS K 169 54.18 -31.22 11.02
C LYS K 169 54.00 -31.72 9.58
N LYS K 170 53.25 -30.96 8.79
CA LYS K 170 52.94 -31.30 7.41
C LYS K 170 53.43 -30.19 6.48
N THR K 171 53.21 -30.39 5.19
CA THR K 171 53.60 -29.41 4.18
C THR K 171 52.53 -28.34 4.06
N GLU K 172 52.96 -27.10 3.80
CA GLU K 172 52.04 -25.98 3.73
C GLU K 172 51.15 -26.04 2.49
N GLU K 173 51.62 -26.69 1.42
CA GLU K 173 50.80 -26.81 0.21
C GLU K 173 49.67 -27.81 0.37
N GLN K 174 49.77 -28.73 1.34
CA GLN K 174 48.68 -29.65 1.61
C GLN K 174 47.55 -28.99 2.39
N ILE K 175 47.82 -27.87 3.06
CA ILE K 175 46.78 -27.17 3.81
C ILE K 175 45.89 -26.37 2.86
N MET K 176 46.47 -25.77 1.82
CA MET K 176 45.66 -25.06 0.83
C MET K 176 44.90 -26.01 -0.07
N THR K 177 45.32 -27.27 -0.18
CA THR K 177 44.57 -28.25 -0.95
C THR K 177 43.26 -28.60 -0.25
N ASP K 178 43.27 -28.63 1.08
CA ASP K 178 42.05 -28.86 1.85
C ASP K 178 41.22 -27.60 2.04
N PHE K 179 41.73 -26.44 1.64
CA PHE K 179 41.00 -25.19 1.75
C PHE K 179 40.15 -24.89 0.51
N THR K 180 40.28 -25.69 -0.55
CA THR K 180 39.48 -25.45 -1.75
C THR K 180 38.04 -25.89 -1.55
N ARG K 181 37.82 -26.98 -0.82
CA ARG K 181 36.50 -27.51 -0.54
C ARG K 181 36.34 -27.75 0.95
N PRO K 182 35.15 -27.56 1.50
CA PRO K 182 34.93 -27.83 2.93
C PRO K 182 34.95 -29.31 3.26
N ARG K 183 36.15 -29.89 3.32
CA ARG K 183 36.30 -31.31 3.57
C ARG K 183 36.16 -31.62 5.06
N TYR K 184 35.24 -32.51 5.39
CA TYR K 184 35.08 -32.95 6.77
C TYR K 184 36.14 -33.99 7.11
N PHE K 185 36.41 -34.14 8.40
CA PHE K 185 37.48 -35.00 8.88
C PHE K 185 36.95 -35.94 9.95
N ASN K 186 37.19 -37.23 9.77
CA ASN K 186 36.91 -38.23 10.80
C ASN K 186 38.04 -38.20 11.84
N PRO K 187 37.70 -38.17 13.14
CA PRO K 187 38.76 -38.18 14.17
C PRO K 187 39.55 -39.48 14.24
N TYR K 188 39.06 -40.58 13.68
CA TYR K 188 39.82 -41.83 13.68
C TYR K 188 40.99 -41.76 12.72
N GLU K 189 40.83 -41.04 11.60
CA GLU K 189 41.94 -40.83 10.67
C GLU K 189 42.64 -39.49 10.87
N ALA K 190 42.18 -38.68 11.82
CA ALA K 190 42.83 -37.40 12.09
C ALA K 190 44.13 -37.56 12.86
N VAL K 191 44.35 -38.72 13.48
CA VAL K 191 45.62 -38.98 14.16
C VAL K 191 46.74 -39.15 13.14
N SER K 192 46.43 -39.73 11.98
CA SER K 192 47.41 -39.84 10.91
C SER K 192 47.62 -38.51 10.20
N TYR K 193 46.64 -37.60 10.24
CA TYR K 193 46.80 -36.29 9.64
C TYR K 193 47.63 -35.35 10.49
N GLY K 194 47.66 -35.57 11.80
CA GLY K 194 48.45 -34.77 12.71
C GLY K 194 47.68 -33.74 13.51
N LEU K 195 46.35 -33.73 13.44
CA LEU K 195 45.57 -32.75 14.17
C LEU K 195 45.47 -33.09 15.65
N ILE K 196 45.24 -34.35 15.98
CA ILE K 196 45.09 -34.80 17.35
C ILE K 196 46.12 -35.89 17.63
N ASP K 197 46.41 -36.09 18.91
CA ASP K 197 47.39 -37.08 19.34
C ASP K 197 46.75 -38.45 19.57
N THR K 198 45.55 -38.49 20.15
CA THR K 198 44.86 -39.75 20.40
C THR K 198 43.36 -39.49 20.38
N VAL K 199 42.59 -40.57 20.47
CA VAL K 199 41.13 -40.50 20.56
C VAL K 199 40.70 -41.24 21.82
N LEU K 200 40.09 -40.52 22.74
CA LEU K 200 39.61 -41.12 23.98
C LEU K 200 38.34 -41.91 23.72
N GLU K 201 38.35 -43.18 24.11
CA GLU K 201 37.27 -44.13 23.87
C GLU K 201 36.45 -44.34 25.14
N PRO K 202 35.15 -44.60 25.03
CA PRO K 202 34.34 -44.89 26.21
C PRO K 202 34.66 -46.26 26.80
N LYS K 203 34.12 -46.51 27.99
CA LYS K 203 34.40 -47.76 28.69
C LYS K 203 33.68 -48.94 28.06
N GLU K 204 32.51 -48.72 27.47
CA GLU K 204 31.74 -49.77 26.82
C GLU K 204 31.45 -49.34 25.39
N GLU K 205 32.12 -50.00 24.44
CA GLU K 205 31.92 -49.69 23.02
C GLU K 205 30.65 -50.37 22.53
N ARG K 206 29.69 -49.57 22.06
CA ARG K 206 28.44 -50.09 21.53
C ARG K 206 28.08 -49.44 20.20
N ALA K 207 29.11 -49.01 19.46
CA ALA K 207 28.91 -48.40 18.14
C ALA K 207 29.29 -49.44 17.09
N VAL K 208 28.30 -50.21 16.66
CA VAL K 208 28.51 -51.26 15.67
C VAL K 208 28.68 -50.64 14.29
N PHE K 209 29.60 -51.20 13.50
CA PHE K 209 29.84 -50.70 12.16
C PHE K 209 28.72 -51.11 11.21
N LYS K 210 28.72 -50.49 10.02
CA LYS K 210 27.71 -50.74 9.01
C LYS K 210 28.27 -51.50 7.81
N ASP K 211 29.45 -52.10 7.93
CA ASP K 211 30.05 -52.83 6.82
C ASP K 211 29.42 -54.20 6.59
N TRP K 212 28.62 -54.70 7.53
CA TRP K 212 27.91 -55.95 7.34
C TRP K 212 26.58 -55.78 6.61
N GLU K 213 26.25 -54.56 6.20
CA GLU K 213 25.03 -54.34 5.43
C GLU K 213 25.14 -54.90 4.03
N LYS K 214 26.34 -54.91 3.46
CA LYS K 214 26.58 -55.44 2.12
C LYS K 214 26.45 -56.96 2.16
N MET K 215 25.29 -57.46 1.74
CA MET K 215 25.01 -58.89 1.76
C MET K 215 25.56 -59.63 0.55
N GLY K 216 26.17 -58.93 -0.40
CA GLY K 216 26.71 -59.56 -1.59
C GLY K 216 25.62 -59.97 -2.57
N SER K 217 24.94 -58.98 -3.14
CA SER K 217 23.89 -59.26 -4.11
C SER K 217 24.50 -59.71 -5.43
N GLU K 218 23.82 -60.67 -6.08
CA GLU K 218 24.31 -61.23 -7.33
C GLU K 218 24.07 -60.28 -8.48
N ILE K 219 24.82 -60.48 -9.56
CA ILE K 219 24.70 -59.68 -10.77
C ILE K 219 23.47 -60.12 -11.53
N ALA K 220 22.68 -59.16 -12.00
CA ALA K 220 21.47 -59.47 -12.76
C ALA K 220 21.82 -59.97 -14.17
N ASP K 221 20.83 -60.57 -14.82
CA ASP K 221 21.03 -61.11 -16.15
C ASP K 221 21.10 -59.99 -17.19
N LEU K 222 21.80 -60.25 -18.29
CA LEU K 222 21.96 -59.26 -19.33
C LEU K 222 20.70 -59.10 -20.17
N GLY K 223 19.81 -60.08 -20.17
CA GLY K 223 18.58 -60.00 -20.94
C GLY K 223 17.38 -59.60 -20.12
N LEU K 224 17.60 -58.75 -19.12
CA LEU K 224 16.53 -58.25 -18.26
C LEU K 224 16.57 -56.74 -18.25
N TRP K 225 15.50 -56.12 -18.73
CA TRP K 225 15.37 -54.66 -18.72
C TRP K 225 15.03 -54.22 -17.31
N ASP K 226 16.03 -53.69 -16.60
CA ASP K 226 15.83 -53.28 -15.21
C ASP K 226 15.01 -52.01 -15.12
N ASP K 227 14.25 -51.88 -14.04
CA ASP K 227 13.44 -50.70 -13.83
C ASP K 227 14.29 -49.53 -13.33
N GLU K 228 13.73 -48.33 -13.42
CA GLU K 228 14.41 -47.11 -13.02
C GLU K 228 13.96 -46.63 -11.64
N GLU K 229 13.65 -47.56 -10.74
CA GLU K 229 13.21 -47.21 -9.39
C GLU K 229 14.40 -46.67 -8.60
N GLN K 230 14.15 -45.59 -7.86
CA GLN K 230 15.23 -44.84 -7.24
C GLN K 230 15.82 -45.59 -6.04
N PRO K 231 17.13 -45.42 -5.79
CA PRO K 231 17.75 -46.10 -4.63
C PRO K 231 17.30 -45.52 -3.31
N LEU K 232 16.45 -46.27 -2.60
CA LEU K 232 15.95 -45.86 -1.28
C LEU K 232 16.09 -47.04 -0.33
N PRO K 233 17.00 -46.97 0.66
CA PRO K 233 17.18 -48.08 1.61
C PRO K 233 16.19 -48.03 2.77
N CYS L 41 8.84 -22.11 38.22
CA CYS L 41 10.15 -22.46 38.74
C CYS L 41 10.95 -21.21 39.07
N ARG L 42 10.30 -20.06 38.98
CA ARG L 42 10.92 -18.77 39.26
C ARG L 42 11.14 -18.48 40.76
N PRO L 43 10.24 -18.85 41.69
CA PRO L 43 10.63 -18.78 43.12
C PRO L 43 11.68 -19.83 43.45
N PRO L 44 12.69 -19.46 44.25
CA PRO L 44 13.76 -20.41 44.57
C PRO L 44 13.41 -21.31 45.75
N GLY L 45 14.34 -22.18 46.13
CA GLY L 45 14.15 -23.06 47.27
C GLY L 45 15.26 -22.96 48.28
N GLN L 46 15.58 -24.07 48.96
CA GLN L 46 16.65 -24.12 49.93
C GLN L 46 17.42 -25.42 49.80
N ARG L 47 18.72 -25.37 50.09
CA ARG L 47 19.52 -26.59 50.06
C ARG L 47 19.60 -27.24 51.44
N GLN L 48 20.25 -26.58 52.40
CA GLN L 48 20.10 -26.95 53.80
C GLN L 48 19.87 -25.79 54.75
N SER L 49 20.40 -24.59 54.49
CA SER L 49 20.18 -23.44 55.36
C SER L 49 19.98 -22.12 54.63
N GLU L 50 20.31 -22.01 53.35
CA GLU L 50 20.25 -20.75 52.63
C GLU L 50 19.39 -20.90 51.38
N TRP L 51 19.09 -19.77 50.76
CA TRP L 51 18.23 -19.75 49.58
C TRP L 51 19.03 -20.07 48.34
N VAL L 52 18.59 -21.09 47.60
CA VAL L 52 19.21 -21.50 46.34
C VAL L 52 18.08 -21.73 45.35
N ASP L 53 18.37 -21.55 44.07
CA ASP L 53 17.36 -21.71 43.02
C ASP L 53 16.95 -23.17 42.88
N LEU L 54 15.81 -23.38 42.21
CA LEU L 54 15.19 -24.70 42.17
C LEU L 54 15.97 -25.66 41.27
N TRP L 55 16.46 -25.17 40.12
CA TRP L 55 17.24 -26.02 39.23
C TRP L 55 18.63 -26.28 39.78
N GLU L 56 19.17 -25.35 40.58
CA GLU L 56 20.48 -25.54 41.19
C GLU L 56 20.41 -26.32 42.50
N ALA L 57 19.23 -26.39 43.13
CA ALA L 57 19.08 -27.25 44.29
C ALA L 57 19.11 -28.72 43.91
N TYR L 58 18.55 -29.07 42.75
CA TYR L 58 18.61 -30.43 42.26
C TYR L 58 19.97 -30.74 41.64
N THR L 59 20.75 -29.72 41.28
CA THR L 59 22.11 -29.94 40.81
C THR L 59 22.99 -30.49 41.94
N TYR L 60 22.83 -29.96 43.16
CA TYR L 60 23.51 -30.53 44.31
C TYR L 60 22.91 -31.87 44.72
N GLN L 61 21.64 -32.13 44.37
CA GLN L 61 21.01 -33.41 44.58
C GLN L 61 21.18 -34.36 43.39
N LYS L 62 22.04 -33.99 42.43
CA LYS L 62 22.42 -34.82 41.28
C LYS L 62 21.23 -35.14 40.38
N VAL L 63 20.32 -34.19 40.24
CA VAL L 63 19.17 -34.30 39.33
C VAL L 63 19.27 -33.17 38.31
N VAL L 64 19.24 -33.53 37.03
CA VAL L 64 19.36 -32.57 35.94
C VAL L 64 17.99 -32.40 35.28
N PHE L 65 17.57 -31.16 35.11
CA PHE L 65 16.30 -30.84 34.47
C PHE L 65 16.56 -30.18 33.13
N ILE L 66 15.82 -30.62 32.10
CA ILE L 66 15.85 -30.00 30.78
C ILE L 66 14.41 -29.74 30.39
N LYS L 67 14.03 -28.46 30.30
CA LYS L 67 12.65 -28.09 30.01
C LYS L 67 12.47 -27.42 28.65
N GLU L 68 13.48 -26.71 28.15
CA GLU L 68 13.37 -26.01 26.88
C GLU L 68 13.91 -26.88 25.74
N ALA L 69 13.89 -26.33 24.53
CA ALA L 69 14.40 -27.03 23.37
C ALA L 69 15.92 -27.06 23.39
N ILE L 70 16.48 -28.03 22.66
CA ILE L 70 17.93 -28.21 22.58
C ILE L 70 18.46 -27.28 21.50
N THR L 71 19.12 -26.20 21.92
CA THR L 71 19.70 -25.23 21.01
C THR L 71 21.21 -25.21 21.26
N GLU L 72 21.96 -24.33 20.60
CA GLU L 72 23.41 -24.29 20.78
C GLU L 72 23.79 -23.69 22.13
N ASP L 73 22.99 -22.75 22.64
CA ASP L 73 23.36 -22.07 23.87
C ASP L 73 23.04 -22.88 25.12
N VAL L 74 21.94 -23.65 25.09
CA VAL L 74 21.59 -24.43 26.28
C VAL L 74 22.36 -25.73 26.32
N ALA L 75 22.92 -26.16 25.19
CA ALA L 75 23.77 -27.35 25.19
C ALA L 75 25.15 -27.07 25.74
N ASN L 76 25.57 -25.80 25.73
CA ASN L 76 26.86 -25.45 26.34
C ASN L 76 26.78 -25.49 27.86
N ASN L 77 25.59 -25.25 28.40
CA ASN L 77 25.40 -25.33 29.85
C ASN L 77 25.14 -26.75 30.33
N MET L 78 24.72 -27.64 29.45
CA MET L 78 24.44 -29.02 29.86
C MET L 78 25.71 -29.86 29.88
N ILE L 79 26.56 -29.74 28.86
CA ILE L 79 27.79 -30.52 28.84
C ILE L 79 28.85 -29.95 29.78
N ALA L 80 28.69 -28.70 30.23
CA ALA L 80 29.54 -28.18 31.30
C ALA L 80 29.03 -28.62 32.66
N LEU L 81 27.75 -28.96 32.75
CA LEU L 81 27.18 -29.45 34.01
C LEU L 81 27.48 -30.93 34.21
N THR L 82 27.64 -31.69 33.12
CA THR L 82 27.95 -33.11 33.24
C THR L 82 29.40 -33.31 33.70
N LEU L 83 30.30 -32.44 33.26
CA LEU L 83 31.70 -32.55 33.69
C LEU L 83 31.89 -32.04 35.11
N TYR L 84 31.00 -31.16 35.58
CA TYR L 84 31.13 -30.64 36.94
C TYR L 84 30.67 -31.67 37.98
N LEU L 85 29.59 -32.39 37.69
CA LEU L 85 29.14 -33.44 38.61
C LEU L 85 30.01 -34.68 38.53
N ASP L 86 30.69 -34.90 37.40
CA ASP L 86 31.60 -36.03 37.29
C ASP L 86 32.88 -35.81 38.11
N SER L 87 33.31 -34.56 38.25
CA SER L 87 34.53 -34.27 39.00
C SER L 87 34.31 -34.33 40.50
N LEU L 88 33.08 -34.11 40.97
CA LEU L 88 32.82 -34.11 42.41
C LEU L 88 32.71 -35.52 42.96
N ASP L 89 31.72 -36.29 42.50
CA ASP L 89 31.53 -37.65 42.95
C ASP L 89 31.15 -38.52 41.76
N GLN L 90 31.11 -39.83 41.99
CA GLN L 90 30.80 -40.81 40.95
C GLN L 90 29.52 -41.55 41.36
N LYS L 91 28.38 -41.02 40.96
CA LYS L 91 27.09 -41.63 41.21
C LYS L 91 26.23 -41.55 39.95
N ARG L 92 25.01 -42.07 40.04
CA ARG L 92 24.11 -42.10 38.91
C ARG L 92 23.48 -40.73 38.68
N ILE L 93 23.47 -40.29 37.43
CA ILE L 93 22.93 -38.98 37.06
C ILE L 93 21.53 -39.17 36.51
N TYR L 94 20.60 -38.32 36.93
CA TYR L 94 19.21 -38.38 36.50
C TYR L 94 18.90 -37.21 35.56
N TYR L 95 18.27 -37.51 34.43
CA TYR L 95 17.92 -36.51 33.42
C TYR L 95 16.41 -36.53 33.19
N TRP L 96 15.76 -35.41 33.46
CA TRP L 96 14.34 -35.24 33.21
C TRP L 96 14.18 -34.32 31.99
N LEU L 97 13.54 -34.83 30.94
CA LEU L 97 13.50 -34.15 29.65
C LEU L 97 12.11 -33.63 29.34
N ASN L 98 12.06 -32.45 28.72
CA ASN L 98 10.84 -31.88 28.17
C ASN L 98 11.08 -31.28 26.78
N VAL L 99 11.95 -31.91 26.00
CA VAL L 99 12.41 -31.36 24.72
C VAL L 99 11.33 -31.50 23.65
N PRO L 100 10.87 -30.41 23.06
CA PRO L 100 9.92 -30.50 21.94
C PRO L 100 10.57 -30.58 20.57
N GLY L 101 11.88 -30.73 20.49
CA GLY L 101 12.61 -30.71 19.24
C GLY L 101 13.88 -29.91 19.41
N GLY L 102 14.75 -29.98 18.40
CA GLY L 102 15.99 -29.23 18.46
C GLY L 102 16.84 -29.53 17.24
N ASP L 103 18.08 -29.04 17.29
CA ASP L 103 19.02 -29.23 16.21
C ASP L 103 19.77 -30.54 16.38
N VAL L 104 20.56 -30.88 15.36
CA VAL L 104 21.23 -32.18 15.34
C VAL L 104 22.62 -32.09 15.97
N VAL L 105 23.37 -31.04 15.65
CA VAL L 105 24.76 -30.89 16.09
C VAL L 105 24.90 -30.63 17.59
N PRO L 106 24.12 -29.73 18.26
CA PRO L 106 24.27 -29.65 19.72
C PRO L 106 23.69 -30.83 20.48
N THR L 107 22.82 -31.64 19.85
CA THR L 107 22.32 -32.83 20.52
C THR L 107 23.39 -33.91 20.61
N LEU L 108 24.23 -34.03 19.57
CA LEU L 108 25.33 -34.98 19.60
C LEU L 108 26.44 -34.56 20.55
N ALA L 109 26.50 -33.27 20.91
CA ALA L 109 27.45 -32.82 21.93
C ALA L 109 27.06 -33.32 23.31
N LEU L 110 25.76 -33.40 23.58
CA LEU L 110 25.29 -33.90 24.88
C LEU L 110 25.28 -35.43 24.92
N TYR L 111 25.17 -36.08 23.76
CA TYR L 111 25.15 -37.53 23.74
C TYR L 111 26.53 -38.12 23.99
N ASP L 112 27.58 -37.49 23.44
CA ASP L 112 28.93 -38.01 23.58
C ASP L 112 29.49 -37.80 24.99
N THR L 113 28.94 -36.85 25.75
CA THR L 113 29.38 -36.65 27.13
C THR L 113 28.82 -37.71 28.08
N MET L 114 27.78 -38.45 27.67
CA MET L 114 27.24 -39.50 28.52
C MET L 114 28.17 -40.71 28.55
N GLN L 115 28.81 -41.02 27.43
CA GLN L 115 29.72 -42.16 27.36
C GLN L 115 31.15 -41.82 27.78
N TYR L 116 31.52 -40.53 27.75
CA TYR L 116 32.88 -40.14 28.11
C TYR L 116 33.11 -40.17 29.62
N VAL L 117 32.08 -39.84 30.40
CA VAL L 117 32.24 -39.79 31.86
C VAL L 117 32.32 -41.20 32.43
N ARG L 118 32.98 -41.33 33.57
CA ARG L 118 33.18 -42.60 34.24
C ARG L 118 32.05 -42.95 35.20
N SER L 119 31.02 -42.11 35.29
CA SER L 119 29.89 -42.36 36.15
C SER L 119 28.75 -42.98 35.35
N LYS L 120 27.69 -43.37 36.06
CA LYS L 120 26.51 -43.96 35.45
C LYS L 120 25.45 -42.91 35.21
N THR L 121 24.49 -43.24 34.34
CA THR L 121 23.43 -42.33 33.96
C THR L 121 22.09 -43.06 33.95
N ALA L 122 21.02 -42.26 34.03
CA ALA L 122 19.66 -42.79 34.01
C ALA L 122 18.73 -41.70 33.48
N THR L 123 18.03 -42.00 32.39
CA THR L 123 17.12 -41.05 31.76
C THR L 123 15.68 -41.39 32.12
N VAL L 124 14.97 -40.40 32.65
CA VAL L 124 13.58 -40.57 33.06
C VAL L 124 12.73 -39.56 32.28
N CYS L 125 11.60 -40.02 31.75
CA CYS L 125 10.77 -39.22 30.85
C CYS L 125 9.50 -38.76 31.56
N TYR L 126 9.22 -37.46 31.46
CA TYR L 126 7.94 -36.90 31.84
C TYR L 126 7.57 -35.82 30.85
N GLY L 127 6.30 -35.79 30.44
CA GLY L 127 5.87 -34.85 29.44
C GLY L 127 6.01 -35.37 28.02
N LEU L 128 7.02 -34.88 27.30
CA LEU L 128 7.19 -35.24 25.90
C LEU L 128 8.65 -35.03 25.49
N CYS L 129 9.13 -35.94 24.64
CA CYS L 129 10.45 -35.83 24.01
C CYS L 129 10.27 -36.04 22.51
N LEU L 130 10.34 -34.95 21.74
CA LEU L 130 10.10 -34.98 20.31
C LEU L 130 11.40 -34.72 19.56
N GLY L 131 11.53 -35.33 18.39
CA GLY L 131 12.68 -35.12 17.54
C GLY L 131 13.96 -35.74 18.07
N MET L 132 15.00 -34.91 18.23
CA MET L 132 16.26 -35.38 18.77
C MET L 132 16.22 -35.53 20.29
N GLY L 133 15.18 -35.03 20.95
CA GLY L 133 15.04 -35.26 22.38
C GLY L 133 14.67 -36.68 22.72
N GLY L 134 13.99 -37.37 21.81
CA GLY L 134 13.68 -38.77 22.02
C GLY L 134 14.88 -39.67 21.86
N PHE L 135 15.88 -39.23 21.09
CA PHE L 135 17.12 -40.00 20.96
C PHE L 135 17.94 -39.97 22.25
N LEU L 136 17.85 -38.87 23.01
CA LEU L 136 18.60 -38.75 24.26
C LEU L 136 17.99 -39.62 25.36
N LEU L 137 16.74 -40.07 25.19
CA LEU L 137 16.18 -41.07 26.09
C LEU L 137 16.94 -42.39 26.00
N THR L 138 17.35 -42.78 24.79
CA THR L 138 18.11 -44.00 24.56
C THR L 138 19.62 -43.76 24.56
N ALA L 139 20.08 -42.70 25.22
CA ALA L 139 21.51 -42.41 25.29
C ALA L 139 22.22 -43.37 26.23
N GLY L 140 21.82 -43.40 27.49
CA GLY L 140 22.41 -44.27 28.48
C GLY L 140 21.35 -44.89 29.38
N GLY L 141 21.84 -45.67 30.34
CA GLY L 141 20.96 -46.38 31.26
C GLY L 141 20.21 -47.51 30.58
N GLU L 142 20.92 -48.30 29.78
CA GLU L 142 20.29 -49.38 29.03
C GLU L 142 19.94 -50.57 29.91
N LYS L 143 20.63 -50.73 31.05
CA LYS L 143 20.42 -51.88 31.92
C LYS L 143 19.37 -51.55 32.98
N GLY L 144 18.16 -51.29 32.51
CA GLY L 144 17.04 -51.04 33.39
C GLY L 144 17.03 -49.68 34.05
N TYR L 145 17.28 -48.61 33.29
CA TYR L 145 17.28 -47.27 33.86
C TYR L 145 16.63 -46.26 32.91
N ARG L 146 15.66 -46.69 32.13
CA ARG L 146 14.91 -45.81 31.24
C ARG L 146 13.45 -45.82 31.69
N PHE L 147 13.05 -44.78 32.42
CA PHE L 147 11.70 -44.67 32.97
C PHE L 147 10.91 -43.63 32.19
N ALA L 148 9.58 -43.75 32.27
CA ALA L 148 8.70 -42.85 31.56
C ALA L 148 7.34 -42.82 32.26
N MET L 149 6.67 -41.68 32.14
CA MET L 149 5.31 -41.55 32.62
C MET L 149 4.36 -42.33 31.71
N PRO L 150 3.21 -42.77 32.22
CA PRO L 150 2.25 -43.51 31.37
C PRO L 150 1.60 -42.68 30.28
N HIS L 151 1.72 -41.35 30.30
CA HIS L 151 1.13 -40.49 29.28
C HIS L 151 2.18 -39.68 28.53
N SER L 152 3.40 -40.21 28.39
CA SER L 152 4.45 -39.51 27.67
C SER L 152 4.30 -39.73 26.16
N ILE L 153 4.42 -38.65 25.40
CA ILE L 153 4.34 -38.72 23.94
C ILE L 153 5.75 -38.83 23.39
N LEU L 154 6.04 -39.95 22.73
CA LEU L 154 7.35 -40.22 22.16
C LEU L 154 7.33 -39.95 20.66
N MET L 155 8.50 -39.64 20.11
CA MET L 155 8.61 -39.26 18.71
C MET L 155 10.00 -39.62 18.21
N MET L 156 10.07 -40.34 17.09
CA MET L 156 11.33 -40.75 16.48
C MET L 156 11.26 -40.48 14.99
N HIS L 157 12.26 -39.74 14.48
CA HIS L 157 12.33 -39.44 13.05
C HIS L 157 13.78 -39.18 12.68
N HIS L 158 14.05 -39.22 11.38
CA HIS L 158 15.40 -39.00 10.88
C HIS L 158 15.76 -37.52 11.01
N PRO L 159 17.03 -37.20 11.29
CA PRO L 159 17.43 -35.79 11.41
C PRO L 159 17.45 -35.08 10.06
N SER L 160 17.60 -33.76 10.12
CA SER L 160 17.52 -32.94 8.92
C SER L 160 18.62 -31.88 8.96
N GLY L 161 18.75 -31.17 7.84
CA GLY L 161 19.71 -30.08 7.74
C GLY L 161 19.41 -29.24 6.52
N ALA L 162 20.08 -28.09 6.44
CA ALA L 162 19.89 -27.16 5.34
C ALA L 162 21.15 -26.35 5.15
N SER L 163 21.72 -26.43 3.94
CA SER L 163 22.91 -25.66 3.59
C SER L 163 22.94 -25.53 2.07
N ARG L 164 22.90 -24.30 1.58
CA ARG L 164 22.85 -24.04 0.14
C ARG L 164 24.11 -23.30 -0.30
N GLY L 165 24.19 -23.07 -1.61
CA GLY L 165 25.33 -22.39 -2.19
C GLY L 165 25.80 -23.02 -3.48
N GLN L 166 27.09 -23.38 -3.53
CA GLN L 166 27.65 -24.01 -4.71
C GLN L 166 27.15 -25.45 -4.85
N ALA L 167 27.13 -25.94 -6.09
CA ALA L 167 26.71 -27.32 -6.33
C ALA L 167 27.78 -28.32 -5.91
N SER L 168 29.05 -27.92 -5.91
CA SER L 168 30.12 -28.81 -5.49
C SER L 168 30.14 -29.04 -3.99
N GLU L 169 29.82 -28.01 -3.20
CA GLU L 169 29.73 -28.18 -1.76
C GLU L 169 28.41 -28.80 -1.33
N MET L 170 27.42 -28.86 -2.22
CA MET L 170 26.17 -29.54 -1.90
C MET L 170 26.35 -31.05 -1.86
N HIS L 171 27.35 -31.58 -2.59
CA HIS L 171 27.65 -33.00 -2.52
C HIS L 171 28.35 -33.35 -1.21
N ILE L 172 29.13 -32.41 -0.66
CA ILE L 172 29.86 -32.69 0.58
C ILE L 172 28.92 -32.66 1.78
N GLU L 173 27.98 -31.70 1.81
CA GLU L 173 27.04 -31.65 2.93
C GLU L 173 25.99 -32.73 2.81
N SER L 174 25.74 -33.25 1.61
CA SER L 174 24.86 -34.40 1.47
C SER L 174 25.52 -35.66 2.01
N ARG L 175 26.84 -35.79 1.85
CA ARG L 175 27.56 -36.89 2.46
C ARG L 175 27.61 -36.76 3.98
N GLU L 176 27.59 -35.53 4.48
CA GLU L 176 27.57 -35.33 5.93
C GLU L 176 26.19 -35.66 6.51
N LEU L 177 25.12 -35.33 5.77
CA LEU L 177 23.78 -35.65 6.25
C LEU L 177 23.45 -37.14 6.08
N VAL L 178 24.03 -37.79 5.08
CA VAL L 178 23.89 -39.24 4.97
C VAL L 178 24.66 -39.96 6.06
N ARG L 179 25.90 -39.54 6.35
CA ARG L 179 26.70 -40.14 7.41
C ARG L 179 26.16 -39.83 8.80
N MET L 180 25.35 -38.78 8.95
CA MET L 180 24.67 -38.52 10.21
C MET L 180 23.38 -39.29 10.34
N ARG L 181 22.80 -39.72 9.22
CA ARG L 181 21.51 -40.42 9.25
C ARG L 181 21.67 -41.88 9.66
N ASP L 182 22.65 -42.57 9.07
CA ASP L 182 22.82 -43.99 9.37
C ASP L 182 23.51 -44.20 10.72
N TYR L 183 24.35 -43.24 11.13
CA TYR L 183 25.01 -43.36 12.43
C TYR L 183 24.02 -43.13 13.58
N LEU L 184 23.03 -42.28 13.39
CA LEU L 184 21.98 -42.10 14.38
C LEU L 184 21.06 -43.30 14.45
N SER L 185 20.95 -44.05 13.35
CA SER L 185 20.14 -45.27 13.35
C SER L 185 20.89 -46.46 13.92
N LEU L 186 22.22 -46.44 13.87
CA LEU L 186 23.00 -47.53 14.43
C LEU L 186 23.01 -47.49 15.95
N LEU L 187 22.91 -46.30 16.55
CA LEU L 187 22.87 -46.19 18.00
C LEU L 187 21.50 -46.57 18.55
N THR L 188 20.43 -46.31 17.80
CA THR L 188 19.09 -46.71 18.23
C THR L 188 18.88 -48.22 18.05
N SER L 189 19.62 -48.84 17.12
CA SER L 189 19.49 -50.28 16.94
C SER L 189 20.21 -51.05 18.03
N ASN L 190 21.32 -50.52 18.54
CA ASN L 190 22.08 -51.21 19.58
C ASN L 190 21.46 -51.00 20.96
N ALA L 191 20.84 -49.84 21.18
CA ALA L 191 20.26 -49.55 22.48
C ALA L 191 18.91 -50.23 22.68
N THR L 192 18.09 -50.29 21.63
CA THR L 192 16.75 -50.88 21.72
C THR L 192 16.71 -52.33 21.29
N GLY L 193 17.76 -52.85 20.67
CA GLY L 193 17.77 -54.21 20.21
C GLY L 193 17.04 -54.47 18.91
N GLN L 194 16.58 -53.42 18.24
CA GLN L 194 15.88 -53.55 16.98
C GLN L 194 16.86 -53.84 15.85
N PRO L 195 16.42 -54.52 14.79
CA PRO L 195 17.28 -54.70 13.62
C PRO L 195 17.55 -53.38 12.90
N TYR L 196 18.70 -53.31 12.25
CA TYR L 196 19.13 -52.08 11.61
C TYR L 196 18.32 -51.78 10.35
N ASP L 197 17.85 -52.81 9.65
CA ASP L 197 17.08 -52.60 8.42
C ASP L 197 15.68 -52.09 8.70
N ARG L 198 15.16 -52.27 9.92
CA ARG L 198 13.82 -51.79 10.23
C ARG L 198 13.82 -50.33 10.66
N VAL L 199 14.94 -49.84 11.21
CA VAL L 199 15.01 -48.46 11.66
C VAL L 199 15.10 -47.51 10.46
N ILE L 200 15.74 -47.95 9.38
CA ILE L 200 15.87 -47.11 8.19
C ILE L 200 14.50 -46.96 7.50
N ARG L 201 13.69 -48.02 7.49
CA ARG L 201 12.41 -47.97 6.81
C ARG L 201 11.35 -47.26 7.65
N GLU L 202 11.40 -47.41 8.98
CA GLU L 202 10.33 -46.87 9.82
C GLU L 202 10.59 -45.42 10.22
N LEU L 203 11.81 -45.10 10.66
CA LEU L 203 12.11 -43.76 11.15
C LEU L 203 12.35 -42.75 10.04
N SER L 204 12.35 -43.17 8.77
CA SER L 204 12.43 -42.21 7.68
C SER L 204 11.14 -41.42 7.53
N ARG L 205 10.01 -42.03 7.87
CA ARG L 205 8.72 -41.37 7.85
C ARG L 205 8.38 -40.89 9.26
N ASN L 206 7.16 -40.42 9.45
CA ASN L 206 6.71 -39.95 10.76
C ASN L 206 6.31 -41.13 11.63
N LYS L 207 6.84 -41.19 12.85
CA LYS L 207 6.59 -42.31 13.75
C LYS L 207 6.41 -41.79 15.16
N TRP L 208 5.33 -42.20 15.82
CA TRP L 208 5.03 -41.78 17.18
C TRP L 208 4.72 -43.01 18.03
N MET L 209 5.14 -42.96 19.29
CA MET L 209 5.00 -44.10 20.19
C MET L 209 4.33 -43.66 21.49
N ASP L 210 3.45 -44.52 21.98
CA ASP L 210 2.89 -44.47 23.33
C ASP L 210 3.74 -45.34 24.25
N PRO L 211 3.65 -45.15 25.57
CA PRO L 211 4.46 -45.98 26.48
C PRO L 211 4.08 -47.46 26.51
N LYS L 212 2.93 -47.85 25.96
CA LYS L 212 2.61 -49.27 25.86
C LYS L 212 3.43 -49.94 24.77
N GLN L 213 3.67 -49.24 23.65
CA GLN L 213 4.50 -49.79 22.59
C GLN L 213 5.98 -49.56 22.83
N ALA L 214 6.33 -48.64 23.74
CA ALA L 214 7.73 -48.38 24.04
C ALA L 214 8.37 -49.48 24.86
N ILE L 215 7.57 -50.32 25.51
CA ILE L 215 8.12 -51.46 26.25
C ILE L 215 8.52 -52.57 25.29
N GLU L 216 7.62 -52.93 24.36
CA GLU L 216 7.89 -54.01 23.43
C GLU L 216 8.90 -53.63 22.36
N TYR L 217 9.10 -52.32 22.12
CA TYR L 217 10.10 -51.88 21.16
C TYR L 217 11.48 -51.69 21.77
N GLY L 218 11.60 -51.81 23.09
CA GLY L 218 12.88 -51.66 23.74
C GLY L 218 13.38 -50.24 23.87
N MET L 219 12.50 -49.25 23.70
CA MET L 219 12.93 -47.86 23.80
C MET L 219 13.05 -47.41 25.25
N ILE L 220 12.14 -47.85 26.11
CA ILE L 220 12.22 -47.58 27.54
C ILE L 220 12.33 -48.91 28.28
N ASP L 221 12.70 -48.83 29.55
CA ASP L 221 12.88 -50.01 30.38
C ASP L 221 11.69 -50.27 31.29
N LYS L 222 11.28 -49.29 32.10
CA LYS L 222 10.16 -49.44 33.01
C LYS L 222 9.23 -48.26 32.87
N VAL L 223 8.00 -48.43 33.36
CA VAL L 223 6.99 -47.38 33.37
C VAL L 223 6.76 -46.95 34.81
N LEU L 224 6.73 -45.64 35.03
CA LEU L 224 6.52 -45.11 36.38
C LEU L 224 5.07 -45.27 36.81
N THR L 225 4.88 -45.74 38.04
CA THR L 225 3.55 -45.93 38.60
C THR L 225 3.12 -44.66 39.32
N THR L 226 2.03 -44.74 40.09
CA THR L 226 1.53 -43.61 40.86
C THR L 226 2.44 -43.25 42.03
N PRO L 227 2.98 -44.21 42.83
CA PRO L 227 3.97 -43.66 43.77
C PRO L 227 5.34 -43.45 43.12
N LYS M 31 3.28 -30.34 53.65
CA LYS M 31 2.74 -31.69 53.52
C LYS M 31 1.81 -31.79 52.32
N LYS M 32 0.68 -31.10 52.41
CA LYS M 32 -0.32 -31.10 51.33
C LYS M 32 -0.06 -29.92 50.41
N VAL M 33 0.02 -30.19 49.11
CA VAL M 33 0.31 -29.15 48.13
C VAL M 33 -0.95 -28.33 47.88
N PHE M 34 -0.79 -27.01 47.77
CA PHE M 34 -1.88 -26.09 47.53
C PHE M 34 -1.46 -25.11 46.44
N MET M 35 -2.19 -25.11 45.32
CA MET M 35 -1.86 -24.29 44.18
C MET M 35 -3.10 -23.56 43.69
N ILE M 36 -2.87 -22.42 43.03
CA ILE M 36 -3.95 -21.61 42.45
C ILE M 36 -4.01 -21.90 40.96
N ILE M 37 -5.21 -22.24 40.48
CA ILE M 37 -5.43 -22.58 39.08
C ILE M 37 -6.04 -21.38 38.38
N ASN M 38 -5.33 -20.84 37.41
CA ASN M 38 -5.80 -19.68 36.65
C ASN M 38 -5.11 -19.69 35.28
N SER M 39 -5.86 -20.01 34.24
CA SER M 39 -5.32 -20.06 32.89
C SER M 39 -6.45 -19.87 31.89
N PHE M 40 -6.20 -19.05 30.87
CA PHE M 40 -7.18 -18.79 29.82
C PHE M 40 -6.73 -19.31 28.46
N GLY M 41 -5.49 -19.78 28.34
CA GLY M 41 -5.00 -20.28 27.07
C GLY M 41 -3.85 -21.24 27.28
N GLY M 42 -3.23 -21.62 26.17
CA GLY M 42 -2.12 -22.55 26.21
C GLY M 42 -2.44 -23.88 25.56
N SER M 43 -1.41 -24.62 25.17
CA SER M 43 -1.61 -25.92 24.54
C SER M 43 -2.02 -26.96 25.58
N VAL M 44 -2.78 -27.95 25.13
CA VAL M 44 -3.21 -29.02 26.03
C VAL M 44 -2.12 -30.05 26.26
N GLY M 45 -1.03 -30.00 25.48
CA GLY M 45 0.08 -30.91 25.72
C GLY M 45 0.82 -30.61 27.00
N ASN M 46 0.85 -29.34 27.41
CA ASN M 46 1.42 -28.98 28.71
C ASN M 46 0.48 -29.33 29.86
N GLY M 47 -0.81 -29.52 29.58
CA GLY M 47 -1.72 -29.95 30.62
C GLY M 47 -1.53 -31.41 31.01
N ILE M 48 -0.98 -32.22 30.09
CA ILE M 48 -0.65 -33.60 30.41
C ILE M 48 0.61 -33.68 31.26
N THR M 49 1.53 -32.72 31.13
CA THR M 49 2.73 -32.71 31.96
C THR M 49 2.40 -32.39 33.40
N VAL M 50 1.52 -31.42 33.62
CA VAL M 50 1.11 -31.07 34.99
C VAL M 50 0.08 -32.04 35.55
N HIS M 51 -0.52 -32.89 34.72
CA HIS M 51 -1.45 -33.89 35.23
C HIS M 51 -0.71 -35.01 35.94
N ASP M 52 0.24 -35.65 35.25
CA ASP M 52 0.98 -36.77 35.82
C ASP M 52 1.92 -36.35 36.94
N ALA M 53 2.30 -35.06 37.01
CA ALA M 53 3.13 -34.60 38.10
C ALA M 53 2.35 -34.51 39.41
N LEU M 54 1.02 -34.35 39.33
CA LEU M 54 0.21 -34.25 40.54
C LEU M 54 -0.03 -35.63 41.15
N GLN M 55 -0.18 -36.66 40.34
CA GLN M 55 -0.31 -38.02 40.87
C GLN M 55 1.03 -38.60 41.30
N PHE M 56 2.14 -37.98 40.92
CA PHE M 56 3.44 -38.43 41.39
C PHE M 56 3.67 -38.10 42.87
N ILE M 57 2.95 -37.10 43.39
CA ILE M 57 3.05 -36.78 44.81
C ILE M 57 2.31 -37.83 45.61
N LYS M 58 2.93 -38.32 46.69
CA LYS M 58 2.31 -39.36 47.50
C LYS M 58 1.17 -38.79 48.34
N ALA M 59 1.31 -37.57 48.82
CA ALA M 59 0.29 -36.95 49.66
C ALA M 59 -0.86 -36.42 48.80
N GLY M 60 -1.86 -35.86 49.47
CA GLY M 60 -3.01 -35.33 48.78
C GLY M 60 -2.72 -34.00 48.09
N SER M 61 -3.69 -33.56 47.29
CA SER M 61 -3.56 -32.33 46.54
C SER M 61 -4.84 -31.51 46.67
N LEU M 62 -4.67 -30.20 46.84
CA LEU M 62 -5.78 -29.26 46.96
C LEU M 62 -5.77 -28.35 45.75
N THR M 63 -6.75 -28.51 44.87
CA THR M 63 -6.88 -27.72 43.65
C THR M 63 -8.02 -26.73 43.82
N LEU M 64 -7.70 -25.45 43.79
CA LEU M 64 -8.67 -24.37 43.94
C LEU M 64 -8.60 -23.48 42.72
N ALA M 65 -9.65 -23.50 41.91
CA ALA M 65 -9.70 -22.76 40.66
C ALA M 65 -10.28 -21.37 40.89
N LEU M 66 -9.69 -20.38 40.23
CA LEU M 66 -10.12 -18.98 40.34
C LEU M 66 -10.24 -18.39 38.95
N GLY M 67 -11.38 -17.73 38.69
CA GLY M 67 -11.59 -17.08 37.41
C GLY M 67 -11.80 -18.01 36.25
N VAL M 68 -10.81 -18.11 35.37
CA VAL M 68 -10.89 -18.89 34.15
C VAL M 68 -10.12 -20.19 34.33
N ALA M 69 -10.67 -21.28 33.80
CA ALA M 69 -10.01 -22.57 33.77
C ALA M 69 -10.08 -23.10 32.34
N ALA M 70 -8.95 -23.07 31.64
CA ALA M 70 -8.89 -23.48 30.24
C ALA M 70 -8.79 -25.00 30.15
N SER M 71 -8.49 -25.51 28.95
CA SER M 71 -8.36 -26.94 28.75
C SER M 71 -7.08 -27.48 29.40
N ALA M 72 -6.02 -26.67 29.41
CA ALA M 72 -4.81 -27.08 30.11
C ALA M 72 -4.97 -26.93 31.62
N ALA M 73 -5.87 -26.04 32.06
CA ALA M 73 -6.08 -25.84 33.49
C ALA M 73 -7.09 -26.83 34.05
N SER M 74 -8.03 -27.32 33.24
CA SER M 74 -9.01 -28.27 33.74
C SER M 74 -8.42 -29.67 33.92
N LEU M 75 -7.32 -29.96 33.22
CA LEU M 75 -6.63 -31.23 33.43
C LEU M 75 -5.94 -31.27 34.78
N ALA M 76 -5.41 -30.14 35.25
CA ALA M 76 -4.87 -30.06 36.60
C ALA M 76 -5.97 -29.97 37.64
N LEU M 77 -7.15 -29.48 37.25
CA LEU M 77 -8.27 -29.42 38.19
C LEU M 77 -8.88 -30.80 38.41
N ALA M 78 -8.99 -31.60 37.35
CA ALA M 78 -9.50 -32.96 37.46
C ALA M 78 -8.44 -33.93 37.96
N GLY M 79 -7.16 -33.58 37.86
CA GLY M 79 -6.09 -34.45 38.29
C GLY M 79 -5.84 -34.47 39.78
N GLY M 80 -6.52 -33.63 40.54
CA GLY M 80 -6.35 -33.60 41.99
C GLY M 80 -7.08 -34.74 42.67
N THR M 81 -6.97 -34.73 44.00
CA THR M 81 -7.60 -35.78 44.80
C THR M 81 -9.11 -35.57 44.87
N ILE M 82 -9.86 -36.67 44.85
CA ILE M 82 -11.31 -36.61 44.93
C ILE M 82 -11.72 -36.25 46.36
N GLY M 83 -12.49 -35.19 46.49
CA GLY M 83 -12.91 -34.69 47.79
C GLY M 83 -12.25 -33.40 48.21
N GLU M 84 -11.26 -32.91 47.44
CA GLU M 84 -10.56 -31.68 47.77
C GLU M 84 -10.33 -30.82 46.53
N ARG M 85 -11.35 -30.68 45.69
CA ARG M 85 -11.30 -29.82 44.51
C ARG M 85 -12.33 -28.72 44.69
N TYR M 86 -11.86 -27.53 45.05
CA TYR M 86 -12.74 -26.41 45.36
C TYR M 86 -12.90 -25.49 44.15
N VAL M 87 -14.03 -24.79 44.11
CA VAL M 87 -14.35 -23.86 43.04
C VAL M 87 -15.20 -22.74 43.62
N THR M 88 -15.08 -21.55 43.07
CA THR M 88 -15.81 -20.39 43.56
C THR M 88 -17.14 -20.26 42.81
N GLU M 89 -17.90 -19.22 43.17
CA GLU M 89 -19.21 -19.01 42.56
C GLU M 89 -19.09 -18.40 41.16
N GLY M 90 -18.05 -17.61 40.92
CA GLY M 90 -17.86 -16.95 39.64
C GLY M 90 -16.86 -17.60 38.70
N CYS M 91 -16.35 -18.78 39.03
CA CYS M 91 -15.36 -19.44 38.19
C CYS M 91 -16.03 -20.26 37.10
N HIS M 92 -15.33 -20.37 35.96
CA HIS M 92 -15.81 -21.14 34.83
C HIS M 92 -14.71 -22.07 34.36
N THR M 93 -15.12 -23.15 33.68
CA THR M 93 -14.21 -24.16 33.17
C THR M 93 -14.41 -24.32 31.68
N MET M 94 -13.35 -24.17 30.91
CA MET M 94 -13.39 -24.29 29.46
C MET M 94 -12.96 -25.69 29.05
N ILE M 95 -13.83 -26.39 28.32
CA ILE M 95 -13.57 -27.74 27.86
C ILE M 95 -13.67 -27.76 26.34
N HIS M 96 -12.58 -28.12 25.68
CA HIS M 96 -12.57 -28.19 24.21
C HIS M 96 -11.51 -29.19 23.77
N GLN M 97 -11.59 -29.54 22.49
CA GLN M 97 -10.66 -30.51 21.91
C GLN M 97 -9.29 -29.86 21.66
N PRO M 98 -8.24 -30.66 21.53
CA PRO M 98 -6.92 -30.11 21.17
C PRO M 98 -6.91 -29.46 19.80
N GLU M 99 -5.96 -28.54 19.64
CA GLU M 99 -5.75 -27.82 18.39
C GLU M 99 -4.29 -27.93 17.98
N GLY M 100 -4.03 -27.87 16.68
CA GLY M 100 -2.67 -27.98 16.17
C GLY M 100 -2.54 -27.34 14.80
N GLY M 101 -1.29 -27.19 14.39
CA GLY M 101 -0.98 -26.64 13.08
C GLY M 101 -0.16 -27.60 12.24
N LEU M 102 -0.72 -28.02 11.10
CA LEU M 102 -0.11 -29.04 10.26
C LEU M 102 0.15 -28.48 8.87
N ASN M 103 1.37 -28.67 8.39
CA ASN M 103 1.76 -28.24 7.05
C ASN M 103 2.97 -29.05 6.62
N GLY M 104 2.99 -29.43 5.34
CA GLY M 104 4.11 -30.17 4.80
C GLY M 104 3.73 -31.23 3.80
N GLN M 105 4.48 -32.34 3.79
CA GLN M 105 4.26 -33.41 2.83
C GLN M 105 2.98 -34.17 3.13
N ALA M 106 2.53 -34.98 2.17
CA ALA M 106 1.22 -35.62 2.29
C ALA M 106 1.21 -36.73 3.32
N SER M 107 2.35 -37.39 3.55
CA SER M 107 2.36 -38.59 4.38
C SER M 107 2.32 -38.28 5.88
N ASP M 108 3.03 -37.26 6.34
CA ASP M 108 3.10 -37.03 7.78
C ASP M 108 1.87 -36.30 8.32
N ILE M 109 1.02 -35.78 7.43
CA ILE M 109 -0.26 -35.25 7.88
C ILE M 109 -1.16 -36.38 8.36
N TRP M 110 -1.15 -37.51 7.64
CA TRP M 110 -1.96 -38.67 8.04
C TRP M 110 -1.46 -39.30 9.33
N ILE M 111 -0.15 -39.28 9.56
CA ILE M 111 0.39 -39.79 10.81
C ILE M 111 0.06 -38.84 11.96
N ASP M 112 0.15 -37.53 11.71
CA ASP M 112 -0.19 -36.56 12.73
C ASP M 112 -1.69 -36.37 12.89
N SER M 113 -2.49 -36.83 11.92
CA SER M 113 -3.94 -36.83 12.11
C SER M 113 -4.36 -37.85 13.17
N GLN M 114 -3.66 -38.98 13.24
CA GLN M 114 -3.90 -39.95 14.30
C GLN M 114 -3.33 -39.48 15.63
N GLU M 115 -2.43 -38.49 15.61
CA GLU M 115 -1.87 -37.96 16.86
C GLU M 115 -2.88 -37.11 17.59
N ILE M 116 -3.53 -36.19 16.88
CA ILE M 116 -4.53 -35.32 17.51
C ILE M 116 -5.80 -36.09 17.86
N MET M 117 -6.08 -37.19 17.14
CA MET M 117 -7.24 -38.01 17.47
C MET M 117 -7.05 -38.78 18.77
N LYS M 118 -5.88 -39.42 18.93
CA LYS M 118 -5.65 -40.20 20.13
C LYS M 118 -5.29 -39.34 21.34
N ILE M 119 -4.84 -38.11 21.13
CA ILE M 119 -4.69 -37.17 22.24
C ILE M 119 -6.05 -36.76 22.77
N ARG M 120 -7.01 -36.52 21.86
CA ARG M 120 -8.39 -36.27 22.26
C ARG M 120 -9.02 -37.49 22.91
N LEU M 121 -8.63 -38.69 22.49
CA LEU M 121 -9.07 -39.90 23.18
C LEU M 121 -8.32 -40.12 24.49
N ASP M 122 -7.13 -39.54 24.63
CA ASP M 122 -6.39 -39.67 25.88
C ASP M 122 -6.98 -38.77 26.96
N VAL M 123 -7.30 -37.52 26.61
CA VAL M 123 -7.87 -36.60 27.58
C VAL M 123 -9.33 -36.93 27.91
N ALA M 124 -9.99 -37.73 27.06
CA ALA M 124 -11.31 -38.24 27.42
C ALA M 124 -11.22 -39.30 28.51
N GLU M 125 -10.19 -40.14 28.45
CA GLU M 125 -9.96 -41.13 29.50
C GLU M 125 -9.42 -40.51 30.78
N ILE M 126 -8.80 -39.33 30.70
CA ILE M 126 -8.38 -38.62 31.90
C ILE M 126 -9.59 -38.10 32.65
N TYR M 127 -10.56 -37.52 31.94
CA TYR M 127 -11.77 -37.03 32.59
C TYR M 127 -12.66 -38.16 33.06
N SER M 128 -12.63 -39.32 32.38
CA SER M 128 -13.52 -40.43 32.71
C SER M 128 -13.17 -41.10 34.04
N LEU M 129 -11.94 -40.92 34.53
CA LEU M 129 -11.56 -41.53 35.80
C LEU M 129 -12.12 -40.75 36.99
N SER M 130 -12.62 -39.53 36.78
CA SER M 130 -13.14 -38.71 37.85
C SER M 130 -14.65 -38.50 37.77
N THR M 131 -15.20 -38.33 36.57
CA THR M 131 -16.61 -38.00 36.44
C THR M 131 -17.53 -39.22 36.46
N TYR M 132 -16.97 -40.44 36.31
CA TYR M 132 -17.70 -41.72 36.34
C TYR M 132 -18.83 -41.76 35.30
N ARG M 133 -18.56 -41.22 34.12
CA ARG M 133 -19.49 -41.17 33.01
C ARG M 133 -19.03 -42.07 31.88
N PRO M 134 -19.93 -42.53 31.02
CA PRO M 134 -19.51 -43.26 29.82
C PRO M 134 -18.73 -42.37 28.86
N ARG M 135 -17.80 -42.99 28.13
CA ARG M 135 -16.84 -42.26 27.32
C ARG M 135 -17.44 -41.68 26.05
N HIS M 136 -18.52 -42.26 25.53
CA HIS M 136 -19.09 -41.77 24.28
C HIS M 136 -19.82 -40.44 24.45
N LYS M 137 -20.28 -40.14 25.67
CA LYS M 137 -20.93 -38.86 25.93
C LYS M 137 -19.92 -37.74 26.13
N ILE M 138 -18.68 -38.05 26.48
CA ILE M 138 -17.67 -37.02 26.67
C ILE M 138 -17.09 -36.57 25.33
N LEU M 139 -17.07 -37.45 24.34
CA LEU M 139 -16.61 -37.06 23.00
C LEU M 139 -17.60 -36.15 22.30
N ARG M 140 -18.89 -36.23 22.67
CA ARG M 140 -19.86 -35.30 22.13
C ARG M 140 -19.70 -33.91 22.74
N ASP M 141 -19.29 -33.84 24.01
CA ASP M 141 -19.03 -32.55 24.63
C ASP M 141 -17.66 -32.00 24.22
N LEU M 142 -16.76 -32.87 23.78
CA LEU M 142 -15.45 -32.47 23.29
C LEU M 142 -15.45 -32.13 21.80
N ASP M 143 -16.63 -32.14 21.16
CA ASP M 143 -16.71 -31.80 19.75
C ASP M 143 -16.54 -30.29 19.55
N ARG M 144 -17.28 -29.49 20.30
CA ARG M 144 -17.19 -28.04 20.25
C ARG M 144 -16.70 -27.52 21.59
N ASP M 145 -16.64 -26.19 21.71
CA ASP M 145 -16.26 -25.57 22.97
C ASP M 145 -17.40 -25.71 23.98
N PHE M 146 -17.04 -26.12 25.20
CA PHE M 146 -18.02 -26.40 26.24
C PHE M 146 -17.64 -25.63 27.50
N TYR M 147 -18.55 -24.78 27.97
CA TYR M 147 -18.33 -23.97 29.15
C TYR M 147 -19.31 -24.38 30.25
N LEU M 148 -18.85 -24.30 31.50
CA LEU M 148 -19.66 -24.66 32.65
C LEU M 148 -19.57 -23.56 33.70
N THR M 149 -20.70 -23.28 34.34
CA THR M 149 -20.72 -22.33 35.46
C THR M 149 -20.46 -23.09 36.75
N ALA M 150 -20.67 -22.44 37.90
CA ALA M 150 -20.37 -23.06 39.17
C ALA M 150 -21.39 -24.11 39.58
N MET M 151 -22.58 -24.13 38.96
CA MET M 151 -23.62 -25.06 39.36
C MET M 151 -23.40 -26.44 38.76
N GLU M 152 -23.34 -26.53 37.43
CA GLU M 152 -23.23 -27.82 36.75
C GLU M 152 -21.81 -28.38 36.73
N THR M 153 -20.84 -27.66 37.30
CA THR M 153 -19.50 -28.23 37.46
C THR M 153 -19.51 -29.34 38.51
N ILE M 154 -20.32 -29.17 39.56
CA ILE M 154 -20.48 -30.22 40.57
C ILE M 154 -21.26 -31.40 39.99
N TYR M 155 -22.23 -31.13 39.11
CA TYR M 155 -23.01 -32.21 38.52
C TYR M 155 -22.21 -33.01 37.50
N TYR M 156 -21.22 -32.38 36.87
CA TYR M 156 -20.39 -33.03 35.87
C TYR M 156 -19.12 -33.63 36.47
N GLY M 157 -18.86 -33.40 37.76
CA GLY M 157 -17.79 -34.09 38.46
C GLY M 157 -16.41 -33.47 38.33
N LEU M 158 -16.30 -32.28 37.74
CA LEU M 158 -15.00 -31.60 37.69
C LEU M 158 -14.62 -31.00 39.03
N ALA M 159 -15.60 -30.65 39.86
CA ALA M 159 -15.31 -30.10 41.18
C ALA M 159 -16.05 -30.90 42.26
N ASP M 160 -15.93 -30.46 43.50
CA ASP M 160 -16.56 -31.15 44.63
C ASP M 160 -17.62 -30.31 45.32
N GLU M 161 -17.29 -29.06 45.68
CA GLU M 161 -18.23 -28.19 46.37
C GLU M 161 -17.88 -26.75 46.03
N ILE M 162 -18.69 -25.82 46.54
CA ILE M 162 -18.52 -24.39 46.31
C ILE M 162 -17.86 -23.77 47.52
N ALA M 163 -16.76 -23.05 47.28
CA ALA M 163 -16.04 -22.38 48.37
C ALA M 163 -16.69 -21.04 48.70
N ASP N 11 16.23 -3.23 67.18
CA ASP N 11 16.68 -2.53 65.99
C ASP N 11 17.84 -3.27 65.33
N ARG N 12 18.70 -3.87 66.15
CA ARG N 12 19.84 -4.60 65.63
C ARG N 12 19.44 -5.97 65.09
N ARG N 13 18.45 -6.61 65.70
CA ARG N 13 18.01 -7.92 65.25
C ARG N 13 17.07 -7.84 64.04
N LYS N 14 16.28 -6.77 63.95
CA LYS N 14 15.34 -6.60 62.86
C LYS N 14 15.98 -5.78 61.75
N PRO N 15 16.20 -6.34 60.57
CA PRO N 15 16.81 -5.55 59.48
C PRO N 15 15.78 -4.60 58.87
N PRO N 16 16.24 -3.47 58.33
CA PRO N 16 15.31 -2.54 57.68
C PRO N 16 14.87 -3.08 56.33
N PRO N 17 13.74 -2.61 55.80
CA PRO N 17 13.32 -3.03 54.45
C PRO N 17 14.24 -2.46 53.39
N PRO N 18 14.58 -3.24 52.37
CA PRO N 18 15.57 -2.78 51.38
C PRO N 18 15.05 -1.77 50.38
N ASP N 19 13.76 -1.81 50.06
CA ASP N 19 13.19 -0.92 49.05
C ASP N 19 11.81 -0.45 49.52
N LEU N 20 11.11 0.24 48.63
CA LEU N 20 9.82 0.86 48.89
C LEU N 20 8.61 -0.09 48.90
N PRO N 21 8.45 -1.08 47.98
CA PRO N 21 7.32 -2.01 48.14
C PRO N 21 7.46 -2.95 49.32
N SER N 22 8.67 -3.20 49.81
CA SER N 22 8.81 -4.01 51.02
C SER N 22 8.48 -3.20 52.27
N LEU N 23 8.62 -1.87 52.20
CA LEU N 23 8.25 -1.03 53.33
C LEU N 23 6.73 -0.94 53.47
N LEU N 24 6.02 -0.84 52.35
CA LEU N 24 4.56 -0.81 52.40
C LEU N 24 3.98 -2.19 52.72
N PHE N 25 4.74 -3.26 52.45
CA PHE N 25 4.30 -4.60 52.80
C PHE N 25 4.35 -4.83 54.30
N ASP N 26 5.30 -4.20 55.00
CA ASP N 26 5.40 -4.36 56.44
C ASP N 26 4.28 -3.65 57.18
N GLN N 27 3.72 -2.59 56.59
CA GLN N 27 2.61 -1.85 57.17
C GLN N 27 1.26 -2.35 56.69
N ARG N 28 1.21 -3.54 56.07
CA ARG N 28 0.01 -4.19 55.56
C ARG N 28 -0.74 -3.31 54.56
N ILE N 29 0.02 -2.75 53.61
CA ILE N 29 -0.53 -1.87 52.58
C ILE N 29 -0.26 -2.52 51.22
N VAL N 30 -1.33 -2.87 50.51
CA VAL N 30 -1.24 -3.46 49.19
C VAL N 30 -1.39 -2.35 48.16
N TYR N 31 -0.43 -2.26 47.24
CA TYR N 31 -0.38 -1.19 46.25
C TYR N 31 -0.62 -1.78 44.86
N LEU N 32 -1.80 -1.49 44.29
CA LEU N 32 -2.12 -1.89 42.92
C LEU N 32 -1.86 -0.69 42.02
N GLY N 33 -0.60 -0.53 41.63
CA GLY N 33 -0.17 0.54 40.76
C GLY N 33 0.03 0.16 39.31
N MET N 34 0.00 -1.13 38.99
CA MET N 34 0.18 -1.69 37.67
C MET N 34 -1.16 -2.09 37.06
N PRO N 35 -1.30 -2.05 35.73
CA PRO N 35 -2.53 -2.52 35.09
C PRO N 35 -2.68 -4.03 35.23
N LEU N 36 -3.92 -4.48 35.00
CA LEU N 36 -4.27 -5.89 35.22
C LEU N 36 -3.69 -6.78 34.14
N VAL N 37 -2.48 -7.26 34.35
CA VAL N 37 -1.83 -8.24 33.46
C VAL N 37 -1.87 -9.58 34.18
N PRO N 38 -1.71 -10.71 33.48
CA PRO N 38 -1.60 -12.00 34.20
C PRO N 38 -0.36 -12.14 35.06
N ALA N 39 0.67 -11.30 34.87
CA ALA N 39 1.86 -11.37 35.71
C ALA N 39 1.63 -10.73 37.07
N VAL N 40 0.71 -9.76 37.16
CA VAL N 40 0.52 -9.06 38.43
C VAL N 40 -0.62 -9.68 39.22
N THR N 41 -1.49 -10.45 38.57
CA THR N 41 -2.60 -11.08 39.28
C THR N 41 -2.15 -12.28 40.10
N GLU N 42 -1.06 -12.94 39.70
CA GLU N 42 -0.54 -14.06 40.48
C GLU N 42 0.18 -13.57 41.73
N LEU N 43 0.62 -12.31 41.75
CA LEU N 43 1.24 -11.75 42.93
C LEU N 43 0.20 -11.29 43.95
N MET N 44 -0.97 -10.83 43.48
CA MET N 44 -2.00 -10.34 44.40
C MET N 44 -2.75 -11.49 45.06
N VAL N 45 -2.86 -12.63 44.38
CA VAL N 45 -3.42 -13.81 45.04
C VAL N 45 -2.39 -14.47 45.97
N ALA N 46 -1.11 -14.11 45.85
CA ALA N 46 -0.11 -14.56 46.80
C ALA N 46 0.08 -13.55 47.92
N GLU N 47 -0.28 -12.29 47.69
CA GLU N 47 -0.16 -11.27 48.74
C GLU N 47 -1.33 -11.35 49.71
N LEU N 48 -2.55 -11.51 49.20
CA LEU N 48 -3.72 -11.56 50.08
C LEU N 48 -3.82 -12.88 50.82
N LEU N 49 -3.32 -13.98 50.23
CA LEU N 49 -3.33 -15.26 50.92
C LEU N 49 -2.24 -15.33 51.98
N TYR N 50 -1.17 -14.54 51.83
CA TYR N 50 -0.14 -14.49 52.85
C TYR N 50 -0.57 -13.68 54.06
N LEU N 51 -1.35 -12.61 53.84
CA LEU N 51 -1.83 -11.79 54.95
C LEU N 51 -2.95 -12.47 55.72
N GLU N 52 -3.64 -13.45 55.12
CA GLU N 52 -4.66 -14.19 55.85
C GLU N 52 -4.04 -15.16 56.84
N LYS N 53 -2.87 -15.72 56.52
CA LYS N 53 -2.19 -16.63 57.42
C LYS N 53 -1.52 -15.91 58.59
N GLN N 54 -1.29 -14.61 58.48
CA GLN N 54 -0.73 -13.81 59.55
C GLN N 54 -1.80 -13.23 60.48
N GLY N 55 -3.06 -13.59 60.28
CA GLY N 55 -4.13 -13.07 61.10
C GLY N 55 -5.36 -12.69 60.29
N ALA N 56 -6.52 -13.22 60.69
CA ALA N 56 -7.78 -12.95 60.00
C ALA N 56 -8.55 -11.80 60.62
N THR N 57 -7.93 -11.03 61.51
CA THR N 57 -8.56 -9.90 62.15
C THR N 57 -7.90 -8.56 61.86
N LEU N 58 -6.66 -8.56 61.36
CA LEU N 58 -5.96 -7.31 61.07
C LEU N 58 -6.47 -6.72 59.75
N PRO N 59 -6.62 -5.39 59.69
CA PRO N 59 -7.11 -4.77 58.45
C PRO N 59 -6.03 -4.73 57.37
N ILE N 60 -6.50 -4.66 56.13
CA ILE N 60 -5.65 -4.62 54.95
C ILE N 60 -5.91 -3.31 54.21
N GLU N 61 -4.86 -2.50 54.06
CA GLU N 61 -4.94 -1.27 53.29
C GLU N 61 -4.67 -1.57 51.83
N MET N 62 -5.53 -1.04 50.95
CA MET N 62 -5.43 -1.30 49.52
C MET N 62 -5.50 0.02 48.76
N LEU N 63 -4.55 0.23 47.85
CA LEU N 63 -4.53 1.39 46.98
C LEU N 63 -4.80 0.95 45.54
N ILE N 64 -5.68 1.66 44.85
CA ILE N 64 -6.12 1.29 43.51
C ILE N 64 -5.67 2.37 42.54
N ASN N 65 -4.77 2.02 41.63
CA ASN N 65 -4.35 2.93 40.55
C ASN N 65 -4.01 2.06 39.34
N SER N 66 -5.00 1.88 38.47
CA SER N 66 -4.84 1.07 37.26
C SER N 66 -5.96 1.41 36.29
N SER N 67 -5.75 1.03 35.04
CA SER N 67 -6.75 1.20 34.00
C SER N 67 -7.60 -0.06 33.79
N GLY N 68 -7.40 -1.09 34.62
CA GLY N 68 -8.16 -2.31 34.49
C GLY N 68 -7.52 -3.33 33.56
N THR N 69 -8.34 -4.18 32.95
CA THR N 69 -7.84 -5.20 32.05
C THR N 69 -7.45 -4.66 30.67
N THR N 70 -7.96 -3.48 30.30
CA THR N 70 -7.66 -2.87 29.01
C THR N 70 -7.02 -1.50 29.25
N ARG N 71 -6.39 -0.99 28.20
CA ARG N 71 -5.81 0.34 28.24
C ARG N 71 -6.91 1.39 28.07
N GLN N 72 -6.58 2.64 28.41
CA GLN N 72 -7.54 3.73 28.30
C GLN N 72 -7.83 4.13 26.86
N ASP N 73 -6.89 3.88 25.94
CA ASP N 73 -7.09 4.23 24.55
C ASP N 73 -7.85 3.18 23.76
N GLY N 74 -8.13 2.02 24.36
CA GLY N 74 -8.83 0.95 23.67
C GLY N 74 -7.99 -0.28 23.39
N GLU N 75 -6.74 -0.33 23.83
CA GLU N 75 -5.89 -1.49 23.58
C GLU N 75 -6.26 -2.63 24.50
N ILE N 76 -6.46 -3.81 23.91
CA ILE N 76 -6.83 -5.01 24.65
C ILE N 76 -5.55 -5.78 24.94
N LEU N 77 -5.13 -5.79 26.20
CA LEU N 77 -3.93 -6.51 26.60
C LEU N 77 -4.24 -7.83 27.32
N SER N 78 -5.43 -7.96 27.88
CA SER N 78 -5.82 -9.18 28.57
C SER N 78 -7.33 -9.33 28.45
N PHE N 79 -7.89 -10.32 29.16
CA PHE N 79 -9.32 -10.57 29.17
C PHE N 79 -9.93 -10.02 30.45
N ASP N 80 -11.27 -10.02 30.50
CA ASP N 80 -11.98 -9.58 31.69
C ASP N 80 -12.10 -10.70 32.73
N SER N 81 -11.67 -11.91 32.40
CA SER N 81 -11.81 -13.05 33.31
C SER N 81 -10.78 -13.02 34.44
N GLU N 82 -9.65 -12.32 34.26
CA GLU N 82 -8.69 -12.19 35.35
C GLU N 82 -9.20 -11.21 36.41
N GLY N 83 -10.12 -10.32 36.05
CA GLY N 83 -10.78 -9.49 37.03
C GLY N 83 -11.76 -10.26 37.91
N VAL N 84 -12.27 -11.38 37.42
CA VAL N 84 -13.16 -12.21 38.21
C VAL N 84 -12.39 -12.92 39.33
N ALA N 85 -11.17 -13.39 39.04
CA ALA N 85 -10.38 -14.09 40.03
C ALA N 85 -9.82 -13.15 41.10
N LEU N 86 -9.74 -11.85 40.80
CA LEU N 86 -9.27 -10.89 41.78
C LEU N 86 -10.31 -10.63 42.87
N THR N 87 -11.59 -10.55 42.48
CA THR N 87 -12.66 -10.38 43.46
C THR N 87 -13.00 -11.67 44.19
N SER N 88 -12.58 -12.82 43.67
CA SER N 88 -12.87 -14.09 44.33
C SER N 88 -12.02 -14.28 45.57
N THR N 89 -10.80 -13.74 45.59
CA THR N 89 -9.97 -13.80 46.78
C THR N 89 -10.45 -12.83 47.85
N MET N 90 -11.12 -11.75 47.45
CA MET N 90 -11.68 -10.81 48.43
C MET N 90 -12.88 -11.40 49.13
N GLY N 91 -13.64 -12.26 48.42
CA GLY N 91 -14.77 -12.93 49.06
C GLY N 91 -14.37 -14.16 49.83
N PHE N 92 -13.28 -14.82 49.42
CA PHE N 92 -12.79 -15.99 50.15
C PHE N 92 -12.12 -15.60 51.45
N ILE N 93 -11.51 -14.42 51.52
CA ILE N 93 -10.86 -13.96 52.73
C ILE N 93 -11.91 -13.51 53.75
N LYS N 94 -11.50 -13.43 55.02
CA LYS N 94 -12.43 -13.17 56.11
C LYS N 94 -11.93 -12.07 57.04
N ASN N 95 -11.18 -11.10 56.52
CA ASN N 95 -10.75 -9.97 57.32
C ASN N 95 -11.30 -8.67 56.74
N PRO N 96 -11.47 -7.63 57.56
CA PRO N 96 -11.92 -6.34 57.01
C PRO N 96 -10.86 -5.70 56.12
N ILE N 97 -11.31 -5.26 54.95
CA ILE N 97 -10.43 -4.67 53.93
C ILE N 97 -10.84 -3.22 53.73
N SER N 98 -9.89 -2.30 53.89
CA SER N 98 -10.10 -0.88 53.65
C SER N 98 -9.37 -0.50 52.37
N THR N 99 -10.13 -0.17 51.33
CA THR N 99 -9.58 0.19 50.04
C THR N 99 -9.65 1.69 49.83
N VAL N 100 -8.64 2.26 49.18
CA VAL N 100 -8.56 3.68 48.89
C VAL N 100 -8.29 3.84 47.40
N ASN N 101 -9.20 4.50 46.69
CA ASN N 101 -9.00 4.78 45.28
C ASN N 101 -8.02 5.93 45.12
N MET N 102 -6.99 5.72 44.31
CA MET N 102 -5.93 6.71 44.09
C MET N 102 -5.91 7.06 42.60
N GLY N 103 -6.65 8.10 42.22
CA GLY N 103 -6.62 8.57 40.85
C GLY N 103 -7.52 7.79 39.91
N LEU N 104 -6.90 7.01 39.02
CA LEU N 104 -7.63 6.35 37.95
C LEU N 104 -8.20 5.01 38.41
N ALA N 105 -9.43 4.72 37.96
CA ALA N 105 -10.09 3.45 38.25
C ALA N 105 -11.05 3.15 37.09
N VAL N 106 -10.58 2.34 36.15
CA VAL N 106 -11.33 1.98 34.94
C VAL N 106 -11.56 0.47 34.95
N GLY N 107 -12.78 0.06 34.61
CA GLY N 107 -13.08 -1.34 34.39
C GLY N 107 -13.19 -2.17 35.65
N TRP N 108 -12.33 -3.17 35.79
CA TRP N 108 -12.38 -4.05 36.95
C TRP N 108 -11.71 -3.45 38.17
N SER N 109 -11.04 -2.30 38.02
CA SER N 109 -10.37 -1.67 39.16
C SER N 109 -11.37 -1.03 40.11
N CYS N 110 -12.52 -0.58 39.60
CA CYS N 110 -13.56 -0.04 40.48
C CYS N 110 -14.47 -1.13 41.02
N VAL N 111 -14.43 -2.32 40.43
CA VAL N 111 -15.20 -3.44 40.98
C VAL N 111 -14.56 -3.94 42.27
N VAL N 112 -13.22 -4.00 42.31
CA VAL N 112 -12.55 -4.38 43.54
C VAL N 112 -12.54 -3.21 44.54
N LEU N 113 -12.79 -2.00 44.05
CA LEU N 113 -12.98 -0.87 44.96
C LEU N 113 -14.32 -0.94 45.66
N SER N 114 -15.36 -1.36 44.94
CA SER N 114 -16.70 -1.47 45.53
C SER N 114 -16.89 -2.76 46.31
N PHE N 115 -16.02 -3.75 46.12
CA PHE N 115 -16.14 -5.04 46.80
C PHE N 115 -15.53 -5.02 48.20
N GLY N 116 -15.03 -3.87 48.67
CA GLY N 116 -14.51 -3.76 50.01
C GLY N 116 -15.61 -3.70 51.06
N ARG N 117 -15.18 -3.53 52.30
CA ARG N 117 -16.11 -3.44 53.42
C ARG N 117 -16.86 -2.11 53.38
N LYS N 118 -18.16 -2.16 53.61
CA LYS N 118 -18.99 -0.95 53.59
C LYS N 118 -18.70 -0.10 54.82
N GLY N 119 -18.40 1.18 54.59
CA GLY N 119 -17.99 2.09 55.62
C GLY N 119 -16.52 2.44 55.60
N TRP N 120 -15.71 1.64 54.91
CA TRP N 120 -14.27 1.87 54.83
C TRP N 120 -13.79 2.13 53.40
N ARG N 121 -14.71 2.24 52.45
CA ARG N 121 -14.34 2.53 51.07
C ARG N 121 -14.05 4.02 50.94
N LYS N 122 -12.80 4.37 50.68
CA LYS N 122 -12.36 5.75 50.63
C LYS N 122 -11.87 6.10 49.22
N SER N 123 -11.83 7.39 48.94
CA SER N 123 -11.39 7.89 47.64
C SER N 123 -10.92 9.33 47.79
N LEU N 124 -10.11 9.76 46.82
CA LEU N 124 -9.65 11.14 46.76
C LEU N 124 -10.75 12.02 46.17
N PRO N 125 -10.76 13.32 46.50
CA PRO N 125 -11.80 14.21 45.95
C PRO N 125 -11.64 14.49 44.46
N HIS N 126 -10.49 14.20 43.85
CA HIS N 126 -10.27 14.45 42.43
C HIS N 126 -9.96 13.16 41.67
N SER N 127 -10.32 12.00 42.21
CA SER N 127 -10.05 10.75 41.55
C SER N 127 -11.01 10.51 40.38
N LEU N 128 -10.67 9.52 39.57
CA LEU N 128 -11.45 9.16 38.39
C LEU N 128 -11.96 7.73 38.51
N ALA N 129 -13.26 7.56 38.33
CA ALA N 129 -13.90 6.24 38.35
C ALA N 129 -14.74 6.07 37.10
N MET N 130 -14.71 4.86 36.55
CA MET N 130 -15.46 4.57 35.32
C MET N 130 -15.74 3.08 35.25
N ILE N 131 -16.91 2.74 34.75
CA ILE N 131 -17.32 1.36 34.50
C ILE N 131 -17.88 1.28 33.08
N GLN N 132 -17.60 0.18 32.40
CA GLN N 132 -18.03 0.00 31.01
C GLN N 132 -18.11 -1.48 30.69
N GLN N 133 -18.50 -1.77 29.45
CA GLN N 133 -18.58 -3.15 28.99
C GLN N 133 -17.17 -3.71 28.75
N PRO N 134 -16.98 -5.01 28.96
CA PRO N 134 -15.67 -5.60 28.70
C PRO N 134 -15.37 -5.72 27.21
N ARG N 135 -14.08 -5.67 26.89
CA ARG N 135 -13.62 -5.71 25.51
C ARG N 135 -13.41 -7.15 25.05
N VAL N 136 -13.65 -7.38 23.76
CA VAL N 136 -13.54 -8.71 23.17
C VAL N 136 -12.50 -8.66 22.04
N PRO N 137 -11.51 -9.56 22.05
CA PRO N 137 -10.55 -9.61 20.93
C PRO N 137 -11.20 -10.24 19.71
N PRO N 138 -10.66 -9.98 18.51
CA PRO N 138 -11.24 -10.59 17.31
C PRO N 138 -10.97 -12.08 17.24
N THR N 139 -11.85 -12.77 16.50
CA THR N 139 -11.77 -14.23 16.38
C THR N 139 -10.88 -14.70 15.24
N GLY N 140 -10.73 -13.90 14.18
CA GLY N 140 -9.86 -14.28 13.09
C GLY N 140 -10.50 -15.13 12.01
N GLN N 141 -11.78 -14.91 11.72
CA GLN N 141 -12.55 -15.54 10.64
C GLN N 141 -12.59 -17.07 10.81
N ARG N 142 -13.17 -17.47 11.94
CA ARG N 142 -13.39 -18.86 12.25
C ARG N 142 -14.81 -19.25 11.80
N GLN N 143 -15.29 -20.40 12.28
CA GLN N 143 -16.55 -20.97 11.82
C GLN N 143 -17.75 -20.19 12.38
N ALA N 144 -18.95 -20.73 12.14
CA ALA N 144 -20.17 -20.04 12.50
C ALA N 144 -20.63 -20.38 13.91
N ILE N 145 -20.56 -21.66 14.29
CA ILE N 145 -21.10 -22.10 15.56
C ILE N 145 -20.20 -21.71 16.74
N GLU N 146 -18.95 -21.33 16.50
CA GLU N 146 -18.09 -20.87 17.58
C GLU N 146 -18.46 -19.45 18.02
N VAL N 147 -19.16 -18.69 17.17
CA VAL N 147 -19.55 -17.34 17.53
C VAL N 147 -20.63 -17.37 18.62
N HIS N 148 -21.53 -18.35 18.55
CA HIS N 148 -22.57 -18.48 19.57
C HIS N 148 -21.99 -18.92 20.91
N ILE N 149 -20.96 -19.76 20.88
CA ILE N 149 -20.29 -20.15 22.12
C ILE N 149 -19.43 -18.99 22.64
N LYS N 150 -18.87 -18.18 21.73
CA LYS N 150 -18.15 -16.99 22.16
C LYS N 150 -19.10 -15.93 22.71
N TRP N 151 -20.30 -15.84 22.14
CA TRP N 151 -21.31 -14.94 22.68
C TRP N 151 -21.84 -15.43 24.02
N ARG N 152 -21.91 -16.75 24.21
CA ARG N 152 -22.25 -17.29 25.52
C ARG N 152 -21.14 -17.06 26.53
N GLU N 153 -19.88 -16.98 26.08
CA GLU N 153 -18.79 -16.60 26.96
C GLU N 153 -18.88 -15.13 27.35
N VAL N 154 -19.42 -14.29 26.47
CA VAL N 154 -19.66 -12.90 26.80
C VAL N 154 -20.81 -12.79 27.81
N LEU N 155 -21.87 -13.58 27.62
CA LEU N 155 -23.03 -13.53 28.51
C LEU N 155 -22.73 -14.04 29.90
N ASP N 156 -21.86 -15.04 30.03
CA ASP N 156 -21.49 -15.53 31.35
C ASP N 156 -20.56 -14.56 32.07
N TYR N 157 -19.74 -13.83 31.32
CA TYR N 157 -18.82 -12.87 31.95
C TYR N 157 -19.47 -11.52 32.18
N LYS N 158 -20.48 -11.17 31.40
CA LYS N 158 -21.21 -9.92 31.65
C LYS N 158 -22.14 -10.07 32.85
N ARG N 159 -22.80 -11.22 32.97
CA ARG N 159 -23.66 -11.46 34.12
C ARG N 159 -22.85 -11.64 35.40
N GLU N 160 -21.63 -12.17 35.29
CA GLU N 160 -20.77 -12.26 36.46
C GLU N 160 -20.24 -10.89 36.88
N LEU N 161 -20.09 -9.97 35.92
CA LEU N 161 -19.67 -8.62 36.26
C LEU N 161 -20.81 -7.83 36.89
N LEU N 162 -22.05 -8.08 36.45
CA LEU N 162 -23.20 -7.43 37.07
C LEU N 162 -23.51 -8.03 38.44
N ARG N 163 -23.11 -9.28 38.67
CA ARG N 163 -23.35 -9.91 39.97
C ARG N 163 -22.42 -9.36 41.03
N MET N 164 -21.14 -9.19 40.70
CA MET N 164 -20.19 -8.64 41.66
C MET N 164 -20.37 -7.14 41.85
N PHE N 165 -20.96 -6.45 40.86
CA PHE N 165 -21.22 -5.03 40.99
C PHE N 165 -22.48 -4.75 41.82
N SER N 166 -23.37 -5.73 41.92
CA SER N 166 -24.61 -5.52 42.66
C SER N 166 -24.42 -5.70 44.16
N LEU N 167 -23.55 -6.64 44.56
CA LEU N 167 -23.31 -6.85 45.98
C LEU N 167 -22.46 -5.74 46.60
N GLY N 168 -21.69 -5.02 45.78
CA GLY N 168 -20.89 -3.93 46.30
C GLY N 168 -21.62 -2.62 46.41
N THR N 169 -22.67 -2.43 45.61
CA THR N 169 -23.43 -1.18 45.61
C THR N 169 -24.83 -1.36 46.17
N GLY N 170 -25.60 -2.30 45.64
CA GLY N 170 -26.98 -2.52 46.06
C GLY N 170 -28.01 -2.28 44.98
N LEU N 171 -27.62 -1.78 43.80
CA LEU N 171 -28.54 -1.50 42.72
C LEU N 171 -28.97 -2.81 42.03
N PRO N 172 -30.17 -2.85 41.46
CA PRO N 172 -30.63 -4.07 40.78
C PRO N 172 -29.87 -4.31 39.48
N VAL N 173 -30.14 -5.49 38.90
CA VAL N 173 -29.41 -5.94 37.72
C VAL N 173 -29.86 -5.16 36.48
N ASP N 174 -31.17 -4.94 36.34
CA ASP N 174 -31.71 -4.24 35.18
C ASP N 174 -31.32 -2.75 35.15
N LYS N 175 -31.10 -2.13 36.31
CA LYS N 175 -30.66 -0.75 36.32
C LYS N 175 -29.18 -0.64 35.95
N LEU N 176 -28.35 -1.55 36.46
CA LEU N 176 -26.92 -1.50 36.21
C LEU N 176 -26.55 -1.93 34.79
N ASP N 177 -27.42 -2.67 34.10
CA ASP N 177 -27.11 -3.12 32.75
C ASP N 177 -27.31 -2.01 31.73
N ALA N 178 -28.27 -1.11 31.97
CA ALA N 178 -28.56 -0.03 31.03
C ALA N 178 -27.51 1.07 31.06
N ASP N 179 -26.92 1.35 32.23
CA ASP N 179 -25.88 2.36 32.31
C ASP N 179 -24.52 1.82 31.89
N MET N 180 -24.39 0.51 31.77
CA MET N 180 -23.12 -0.13 31.41
C MET N 180 -22.96 -0.29 29.90
N GLN N 181 -24.00 0.04 29.12
CA GLN N 181 -23.90 -0.03 27.67
C GLN N 181 -22.99 1.05 27.11
N ARG N 182 -22.97 2.22 27.76
CA ARG N 182 -22.07 3.31 27.42
C ARG N 182 -21.08 3.52 28.55
N PRO N 183 -19.84 3.95 28.24
CA PRO N 183 -18.87 4.19 29.31
C PRO N 183 -19.20 5.44 30.10
N LEU N 184 -19.70 5.26 31.32
CA LEU N 184 -20.14 6.35 32.18
C LEU N 184 -19.07 6.63 33.22
N TYR N 185 -18.53 7.84 33.20
CA TYR N 185 -17.51 8.25 34.16
C TYR N 185 -18.16 8.71 35.45
N MET N 186 -17.51 8.41 36.57
CA MET N 186 -18.06 8.66 37.89
C MET N 186 -17.17 9.66 38.62
N ARG N 187 -17.77 10.75 39.09
CA ARG N 187 -17.11 11.73 39.92
C ARG N 187 -17.09 11.26 41.38
N PRO N 188 -16.14 11.75 42.19
CA PRO N 188 -16.20 11.44 43.62
C PRO N 188 -17.41 12.02 44.33
N GLN N 189 -17.97 13.12 43.84
CA GLN N 189 -19.23 13.60 44.38
C GLN N 189 -20.41 12.80 43.87
N ASP N 190 -20.25 12.13 42.72
CA ASP N 190 -21.32 11.32 42.16
C ASP N 190 -21.29 9.89 42.68
N ALA N 191 -20.14 9.43 43.18
CA ALA N 191 -20.00 8.06 43.65
C ALA N 191 -20.64 7.83 45.01
N LEU N 192 -21.02 8.89 45.73
CA LEU N 192 -21.68 8.72 47.01
C LEU N 192 -23.12 8.26 46.84
N GLU N 193 -23.85 8.87 45.90
CA GLU N 193 -25.23 8.48 45.65
C GLU N 193 -25.34 7.25 44.75
N TYR N 194 -24.25 6.87 44.09
CA TYR N 194 -24.29 5.68 43.22
C TYR N 194 -24.01 4.40 44.00
N GLY N 195 -23.23 4.48 45.07
CA GLY N 195 -22.89 3.32 45.86
C GLY N 195 -21.49 2.78 45.68
N ILE N 196 -20.59 3.55 45.06
CA ILE N 196 -19.23 3.07 44.84
C ILE N 196 -18.41 3.19 46.12
N ILE N 197 -18.33 4.38 46.69
CA ILE N 197 -17.55 4.65 47.89
C ILE N 197 -18.51 5.01 49.02
N ASP N 198 -17.94 5.22 50.21
CA ASP N 198 -18.73 5.52 51.40
C ASP N 198 -18.47 6.90 51.98
N GLU N 199 -17.25 7.42 51.88
CA GLU N 199 -16.95 8.78 52.33
C GLU N 199 -15.76 9.30 51.54
N ILE N 200 -15.54 10.61 51.66
CA ILE N 200 -14.50 11.32 50.90
C ILE N 200 -13.34 11.64 51.83
N ILE N 201 -12.14 11.24 51.43
CA ILE N 201 -10.93 11.60 52.17
C ILE N 201 -10.72 13.10 52.06
N GLU N 202 -10.68 13.78 53.20
CA GLU N 202 -10.54 15.22 53.24
C GLU N 202 -9.05 15.61 53.26
N PRO N 203 -8.71 16.79 52.76
CA PRO N 203 -7.32 17.28 52.90
C PRO N 203 -7.03 17.68 54.34
N ASN N 204 -5.76 17.99 54.57
CA ASN N 204 -5.29 18.35 55.91
C ASN N 204 -5.83 19.73 56.30
N GLU N 205 -6.54 19.80 57.42
CA GLU N 205 -7.10 21.06 57.86
C GLU N 205 -6.02 21.99 58.41
N ASP N 206 -4.92 21.43 58.91
CA ASP N 206 -3.81 22.26 59.35
C ASP N 206 -3.08 22.89 58.16
N LYS N 207 -3.07 22.21 57.03
CA LYS N 207 -2.46 22.78 55.83
C LYS N 207 -3.38 23.81 55.18
N ALA N 208 -4.69 23.69 55.39
CA ALA N 208 -5.64 24.62 54.78
C ALA N 208 -5.64 25.97 55.49
N GLU N 209 -5.58 25.96 56.83
CA GLU N 209 -5.60 27.22 57.57
C GLU N 209 -4.25 27.91 57.54
N LYS N 210 -3.16 27.17 57.34
CA LYS N 210 -1.84 27.79 57.23
C LYS N 210 -1.62 28.40 55.85
N ALA N 211 -2.22 27.82 54.81
CA ALA N 211 -2.09 28.39 53.47
C ALA N 211 -2.99 29.61 53.31
N ALA N 212 -4.15 29.63 53.97
CA ALA N 212 -5.05 30.77 53.89
C ALA N 212 -4.51 31.96 54.68
N GLN N 213 -3.80 31.70 55.77
CA GLN N 213 -3.22 32.78 56.56
C GLN N 213 -1.93 33.31 55.95
N TYR N 214 -1.31 32.58 55.03
CA TYR N 214 -0.08 33.04 54.41
C TYR N 214 -0.33 34.11 53.35
N TRP N 215 -1.44 34.01 52.62
CA TRP N 215 -1.76 35.00 51.60
C TRP N 215 -2.21 36.33 52.19
N ILE N 216 -2.68 36.32 53.43
CA ILE N 216 -3.13 37.56 54.07
C ILE N 216 -1.95 38.30 54.71
N ARG N 217 -1.05 37.56 55.36
CA ARG N 217 0.07 38.17 56.05
C ARG N 217 1.13 38.67 55.06
N SER N 218 1.44 37.87 54.05
CA SER N 218 2.43 38.28 53.06
C SER N 218 1.91 39.33 52.10
N GLY N 219 0.59 39.42 51.91
CA GLY N 219 0.01 40.42 51.05
C GLY N 219 0.02 40.09 49.57
N ARG N 220 0.29 38.84 49.20
CA ARG N 220 0.31 38.45 47.80
C ARG N 220 -1.08 38.28 47.20
N ALA N 221 -2.12 38.23 48.03
CA ALA N 221 -3.49 38.07 47.55
C ALA N 221 -4.13 39.38 47.11
N GLU N 222 -3.47 40.52 47.30
CA GLU N 222 -4.00 41.81 46.87
C GLU N 222 -3.01 42.70 46.15
N SER N 223 -1.70 42.50 46.31
CA SER N 223 -0.72 43.43 45.74
C SER N 223 -0.31 43.07 44.32
N GLU N 224 -0.51 41.82 43.91
CA GLU N 224 -0.09 41.37 42.58
C GLU N 224 -1.19 41.50 41.53
N GLY N 225 -2.12 42.42 41.73
CA GLY N 225 -3.19 42.62 40.76
C GLY N 225 -4.30 41.61 40.84
N ARG N 226 -4.53 40.99 42.00
CA ARG N 226 -5.61 40.03 42.13
C ARG N 226 -6.96 40.71 42.31
N LEU N 227 -6.97 41.95 42.85
CA LEU N 227 -8.23 42.63 43.09
C LEU N 227 -8.87 43.14 41.80
N GLU N 228 -8.04 43.56 40.83
CA GLU N 228 -8.59 44.02 39.56
C GLU N 228 -9.03 42.86 38.68
N GLN N 229 -8.46 41.67 38.86
CA GLN N 229 -8.85 40.52 38.06
C GLN N 229 -10.03 39.78 38.66
N TRP N 230 -10.16 39.74 39.99
CA TRP N 230 -11.34 39.16 40.61
C TRP N 230 -12.56 40.04 40.47
N GLN N 231 -12.37 41.35 40.28
CA GLN N 231 -13.49 42.23 39.98
C GLN N 231 -14.02 41.98 38.58
N GLU N 232 -13.13 41.65 37.64
CA GLU N 232 -13.56 41.33 36.28
C GLU N 232 -14.24 39.96 36.22
N TYR N 233 -13.93 39.07 37.16
CA TYR N 233 -14.63 37.79 37.22
C TYR N 233 -16.07 37.97 37.70
N LEU N 234 -16.29 38.90 38.62
CA LEU N 234 -17.64 39.21 39.05
C LEU N 234 -18.37 40.11 38.07
N SER N 235 -17.64 40.91 37.30
CA SER N 235 -18.27 41.78 36.30
C SER N 235 -18.69 40.98 35.07
N LEU N 236 -17.87 39.99 34.67
CA LEU N 236 -18.26 39.15 33.55
C LEU N 236 -19.39 38.19 33.92
N GLN N 237 -19.45 37.77 35.18
CA GLN N 237 -20.58 36.97 35.64
C GLN N 237 -21.84 37.82 35.78
N GLU N 238 -21.68 39.12 36.03
CA GLU N 238 -22.84 40.01 36.08
C GLU N 238 -23.35 40.30 34.67
N GLU N 239 -22.44 40.45 33.71
CA GLU N 239 -22.86 40.66 32.33
C GLU N 239 -23.42 39.39 31.70
N TYR N 240 -22.95 38.22 32.15
CA TYR N 240 -23.53 36.97 31.67
C TYR N 240 -24.89 36.70 32.30
N ALA N 241 -25.10 37.16 33.54
CA ALA N 241 -26.41 37.02 34.17
C ALA N 241 -27.41 38.03 33.60
N LEU N 242 -26.91 39.13 33.03
CA LEU N 242 -27.80 40.10 32.39
C LEU N 242 -28.16 39.67 30.98
N LYS N 243 -27.33 38.81 30.36
CA LYS N 243 -27.56 38.45 28.97
C LYS N 243 -28.65 37.39 28.84
N ASP N 244 -28.61 36.35 29.69
CA ASP N 244 -29.62 35.29 29.57
C ASP N 244 -30.97 35.73 30.13
N SER N 245 -31.00 36.72 31.01
CA SER N 245 -32.26 37.24 31.51
C SER N 245 -33.00 38.01 30.40
N PHE N 246 -32.25 38.70 29.53
CA PHE N 246 -32.86 39.35 28.38
C PHE N 246 -33.26 38.33 27.31
N ARG N 247 -32.62 37.18 27.27
CA ARG N 247 -33.02 36.12 26.34
C ARG N 247 -34.29 35.43 26.82
N LYS N 248 -34.52 35.40 28.14
CA LYS N 248 -35.68 34.71 28.69
C LYS N 248 -36.93 35.56 28.66
N VAL N 249 -36.82 36.89 28.71
CA VAL N 249 -38.02 37.72 28.69
C VAL N 249 -38.52 37.89 27.26
N MET N 250 -37.64 37.68 26.27
CA MET N 250 -38.06 37.81 24.88
C MET N 250 -38.83 36.57 24.42
N THR N 251 -38.40 35.38 24.85
CA THR N 251 -39.13 34.17 24.52
C THR N 251 -40.39 34.00 25.37
N GLN N 252 -40.51 34.75 26.47
CA GLN N 252 -41.76 34.77 27.21
C GLN N 252 -42.79 35.69 26.55
N ASP N 253 -42.34 36.77 25.92
CA ASP N 253 -43.24 37.61 25.15
C ASP N 253 -43.66 36.95 23.84
N LEU N 254 -42.85 36.02 23.33
CA LEU N 254 -43.24 35.26 22.15
C LEU N 254 -44.34 34.26 22.48
N ARG N 255 -44.24 33.62 23.65
CA ARG N 255 -45.29 32.70 24.09
C ARG N 255 -46.53 33.46 24.55
N ALA N 256 -46.37 34.69 25.04
CA ALA N 256 -47.53 35.50 25.39
C ALA N 256 -48.26 35.98 24.14
N ALA N 257 -47.51 36.32 23.08
CA ALA N 257 -48.13 36.68 21.81
C ALA N 257 -48.68 35.47 21.09
N TYR N 258 -48.14 34.27 21.35
CA TYR N 258 -48.69 33.05 20.75
C TYR N 258 -50.02 32.68 21.40
N ARG N 259 -50.16 32.90 22.71
CA ARG N 259 -51.42 32.64 23.38
C ARG N 259 -52.47 33.70 23.07
N ASP N 260 -52.04 34.92 22.74
CA ASP N 260 -52.99 35.97 22.37
C ASP N 260 -53.53 35.73 20.97
N THR N 261 -52.70 35.24 20.05
CA THR N 261 -53.16 34.92 18.71
C THR N 261 -53.99 33.64 18.69
N SER N 262 -53.76 32.73 19.63
CA SER N 262 -54.54 31.51 19.72
C SER N 262 -55.90 31.73 20.37
N SER N 263 -56.12 32.88 21.02
CA SER N 263 -57.41 33.17 21.63
C SER N 263 -58.47 33.57 20.61
N LYS N 264 -58.06 33.95 19.41
CA LYS N 264 -59.00 34.30 18.34
C LYS N 264 -59.27 33.09 17.45
N LEU N 265 -59.75 32.03 18.08
CA LEU N 265 -60.06 30.78 17.39
C LEU N 265 -61.44 30.29 17.81
N LEU N 266 -62.19 29.77 16.86
CA LEU N 266 -63.54 29.24 17.09
C LEU N 266 -63.57 27.80 16.56
N LYS N 267 -63.20 26.85 17.42
CA LYS N 267 -63.18 25.45 17.03
C LYS N 267 -63.54 24.60 18.24
N ASN N 268 -63.66 23.29 18.03
CA ASN N 268 -64.01 22.35 19.07
C ASN N 268 -62.99 21.22 19.17
N SER N 269 -61.73 21.50 18.79
CA SER N 269 -60.69 20.49 18.86
C SER N 269 -60.17 20.27 20.28
N SER N 270 -60.40 21.22 21.19
CA SER N 270 -59.93 21.07 22.56
C SER N 270 -60.83 20.16 23.38
N ARG N 271 -62.14 20.14 23.09
CA ARG N 271 -63.06 19.29 23.84
C ARG N 271 -63.01 17.83 23.41
N ASN N 272 -62.41 17.54 22.26
CA ASN N 272 -62.28 16.15 21.81
C ASN N 272 -61.20 15.41 22.59
N MET N 273 -60.13 16.11 22.99
CA MET N 273 -59.09 15.48 23.79
C MET N 273 -59.48 15.30 25.25
N GLU N 274 -60.50 16.04 25.71
CA GLU N 274 -60.92 15.91 27.10
C GLU N 274 -61.72 14.64 27.33
N GLN N 275 -62.47 14.18 26.33
CA GLN N 275 -63.30 12.99 26.49
C GLN N 275 -62.49 11.71 26.45
N VAL N 276 -61.38 11.69 25.71
CA VAL N 276 -60.58 10.47 25.61
C VAL N 276 -59.54 10.38 26.73
N GLN N 277 -59.22 11.49 27.38
CA GLN N 277 -58.26 11.50 28.47
C GLN N 277 -58.99 11.29 29.80
N GLU N 278 -58.32 11.55 30.91
CA GLU N 278 -58.90 11.35 32.24
C GLU N 278 -60.01 12.36 32.50
N PHE N 279 -60.85 12.04 33.50
CA PHE N 279 -62.04 12.81 33.79
C PHE N 279 -61.94 13.64 35.06
N LYS N 280 -60.84 13.55 35.80
CA LYS N 280 -60.73 14.28 37.06
C LYS N 280 -60.43 15.75 36.83
N GLU N 281 -59.30 16.04 36.17
CA GLU N 281 -58.83 17.42 36.00
C GLU N 281 -59.51 18.02 34.77
N ARG N 282 -60.75 18.49 34.97
CA ARG N 282 -61.42 19.28 33.95
C ARG N 282 -60.98 20.74 33.99
N LEU N 283 -60.31 21.17 35.05
CA LEU N 283 -59.73 22.49 35.20
C LEU N 283 -58.21 22.41 35.06
N PRO N 284 -57.55 23.52 34.70
CA PRO N 284 -56.08 23.53 34.67
C PRO N 284 -55.50 23.36 36.06
N ASP N 285 -54.82 22.23 36.28
CA ASP N 285 -54.23 21.91 37.57
C ASP N 285 -53.02 21.01 37.35
N ASP N 286 -52.33 20.69 38.44
CA ASP N 286 -51.16 19.83 38.37
C ASP N 286 -51.56 18.38 38.18
N MET N 287 -50.67 17.62 37.53
CA MET N 287 -50.91 16.22 37.26
C MET N 287 -49.86 15.29 37.86
N LEU N 288 -48.76 15.85 38.39
CA LEU N 288 -47.65 15.12 39.03
C LEU N 288 -47.02 14.12 38.07
N THR N 289 -46.55 14.63 36.94
CA THR N 289 -45.95 13.80 35.90
C THR N 289 -44.91 14.63 35.14
N GLU N 290 -44.56 14.16 33.94
CA GLU N 290 -43.63 14.88 33.08
C GLU N 290 -44.20 16.22 32.63
N ASN N 291 -45.48 16.27 32.29
CA ASN N 291 -46.11 17.46 31.72
C ASN N 291 -46.43 18.44 32.84
N ASP N 292 -45.45 19.27 33.16
CA ASP N 292 -45.61 20.35 34.13
C ASP N 292 -45.95 21.62 33.36
N GLU N 293 -47.24 21.92 33.27
CA GLU N 293 -47.72 23.05 32.49
C GLU N 293 -47.47 24.34 33.26
N VAL N 294 -46.70 25.25 32.67
CA VAL N 294 -46.40 26.53 33.29
C VAL N 294 -47.51 27.52 32.97
N ARG N 295 -47.66 28.54 33.82
CA ARG N 295 -48.67 29.57 33.65
C ARG N 295 -47.95 30.91 33.51
N LEU N 296 -47.78 31.35 32.27
CA LEU N 296 -47.05 32.57 31.94
C LEU N 296 -47.79 33.89 32.18
N PRO N 297 -49.11 34.03 31.94
CA PRO N 297 -49.77 35.29 32.35
C PRO N 297 -49.86 35.52 33.85
N PHE N 298 -49.60 34.50 34.68
CA PHE N 298 -49.60 34.68 36.13
C PHE N 298 -48.19 35.02 36.62
N SER N 299 -47.67 36.13 36.10
CA SER N 299 -46.33 36.61 36.43
C SER N 299 -46.36 38.03 36.99
N ARG N 300 -47.44 38.39 37.68
CA ARG N 300 -47.59 39.72 38.26
C ARG N 300 -46.71 39.79 39.52
N ASP N 301 -45.48 40.26 39.35
CA ASP N 301 -44.55 40.32 40.47
C ASP N 301 -44.81 41.53 41.36
N GLY N 302 -44.79 42.73 40.77
CA GLY N 302 -44.98 43.94 41.55
C GLY N 302 -43.85 44.28 42.49
N VAL N 303 -42.62 43.88 42.15
CA VAL N 303 -41.48 44.08 43.03
C VAL N 303 -41.02 45.52 42.94
N LYS N 304 -40.91 46.18 44.08
CA LYS N 304 -40.42 47.55 44.16
C LYS N 304 -38.93 47.64 44.45
N LEU N 305 -38.20 46.53 44.31
CA LEU N 305 -36.76 46.51 44.54
C LEU N 305 -35.94 46.47 43.26
N ALA N 306 -36.45 45.83 42.20
CA ALA N 306 -35.74 45.76 40.93
C ALA N 306 -36.00 47.06 40.17
N ILE N 307 -35.20 48.08 40.51
CA ILE N 307 -35.34 49.39 39.90
C ILE N 307 -34.61 49.40 38.56
N LEU N 308 -35.22 50.05 37.56
CA LEU N 308 -34.59 50.15 36.25
C LEU N 308 -33.44 51.15 36.30
N ASN N 309 -32.44 50.92 35.45
CA ASN N 309 -31.21 51.71 35.48
C ASN N 309 -31.41 53.03 34.75
N ALA N 310 -30.31 53.73 34.47
CA ALA N 310 -30.36 55.02 33.79
C ALA N 310 -30.36 54.84 32.27
N GLU N 311 -31.44 54.23 31.79
CA GLU N 311 -31.65 53.98 30.36
C GLU N 311 -33.00 54.53 29.95
N CYS N 312 -33.00 55.39 28.93
CA CYS N 312 -34.22 55.99 28.41
C CYS N 312 -34.68 55.22 27.19
N TYR N 313 -36.00 55.01 27.09
CA TYR N 313 -36.61 54.29 25.98
C TYR N 313 -37.31 55.22 25.01
N ALA N 314 -36.85 56.47 24.91
CA ALA N 314 -37.43 57.43 23.98
C ALA N 314 -36.88 57.28 22.56
N GLU N 315 -35.91 56.40 22.34
CA GLU N 315 -35.33 56.18 21.03
C GLU N 315 -36.15 55.24 20.15
N ARG N 316 -37.26 54.71 20.67
CA ARG N 316 -38.10 53.81 19.89
C ARG N 316 -38.88 54.61 18.85
N ASN N 317 -38.79 54.19 17.59
CA ASN N 317 -39.46 54.89 16.51
C ASN N 317 -40.96 54.55 16.50
N ILE N 318 -41.70 55.27 15.67
CA ILE N 318 -43.15 55.10 15.54
C ILE N 318 -43.40 54.27 14.28
N ALA N 319 -44.13 53.17 14.44
CA ALA N 319 -44.44 52.26 13.35
C ALA N 319 -45.79 52.63 12.75
N ARG N 320 -46.29 51.77 11.85
CA ARG N 320 -47.58 52.03 11.21
C ARG N 320 -48.73 51.74 12.16
N GLN N 321 -48.59 50.70 12.99
CA GLN N 321 -49.57 50.23 13.97
C GLN N 321 -50.90 49.89 13.30
N VAL N 322 -50.82 48.85 12.45
CA VAL N 322 -51.99 48.36 11.73
C VAL N 322 -52.96 47.71 12.72
N ALA N 323 -54.24 48.07 12.61
CA ALA N 323 -55.25 47.55 13.51
C ALA N 323 -55.56 46.09 13.21
N ALA N 324 -56.26 45.44 14.14
CA ALA N 324 -56.52 44.01 14.02
C ALA N 324 -57.64 43.70 13.05
N ASN N 325 -58.60 44.63 12.87
CA ASN N 325 -59.74 44.39 11.97
C ASN N 325 -59.36 44.79 10.54
N LYS N 326 -58.56 43.92 9.92
CA LYS N 326 -58.10 44.12 8.55
C LYS N 326 -58.35 42.86 7.73
N VAL N 327 -58.53 43.05 6.43
CA VAL N 327 -58.82 41.96 5.51
C VAL N 327 -57.58 41.59 4.69
N SER N 328 -56.47 42.27 4.92
CA SER N 328 -55.25 42.06 4.14
C SER N 328 -54.61 40.73 4.51
N VAL N 329 -54.44 39.86 3.51
CA VAL N 329 -53.86 38.54 3.72
C VAL N 329 -52.50 38.51 3.02
N PRO N 330 -51.52 37.76 3.53
CA PRO N 330 -50.21 37.66 2.86
C PRO N 330 -50.29 36.71 1.67
N ASP N 331 -49.19 36.64 0.92
CA ASP N 331 -49.10 35.80 -0.26
C ASP N 331 -48.89 34.35 0.19
N LYS N 332 -50.00 33.64 0.41
CA LYS N 332 -49.97 32.26 0.85
C LYS N 332 -50.94 31.44 0.02
N TRP N 333 -50.85 30.13 0.18
CA TRP N 333 -51.79 29.21 -0.46
C TRP N 333 -53.16 29.31 0.19
N ARG N 334 -54.20 29.09 -0.61
CA ARG N 334 -55.56 29.23 -0.10
C ARG N 334 -55.92 28.05 0.79
N ALA N 335 -56.44 28.35 1.98
CA ALA N 335 -56.86 27.32 2.92
C ALA N 335 -58.16 27.69 3.64
N ALA N 336 -58.89 28.69 3.14
CA ALA N 336 -60.09 29.19 3.80
C ALA N 336 -61.32 28.39 3.31
N TYR N 337 -61.34 27.11 3.69
CA TYR N 337 -62.47 26.25 3.41
C TYR N 337 -63.49 26.31 4.55
N ALA N 338 -63.05 26.07 5.78
CA ALA N 338 -63.88 26.20 6.97
C ALA N 338 -63.39 27.28 7.91
N ALA N 339 -62.32 27.99 7.55
CA ALA N 339 -61.77 29.05 8.39
C ALA N 339 -62.64 30.30 8.25
N ARG N 340 -63.56 30.46 9.19
CA ARG N 340 -64.43 31.63 9.17
C ARG N 340 -63.67 32.86 9.65
N PRO N 341 -63.96 34.04 9.10
CA PRO N 341 -63.26 35.25 9.55
C PRO N 341 -63.71 35.67 10.94
N ALA N 342 -62.74 35.82 11.84
CA ALA N 342 -63.04 36.23 13.20
C ALA N 342 -63.38 37.72 13.25
N PRO N 343 -64.17 38.16 14.23
CA PRO N 343 -64.39 39.60 14.41
C PRO N 343 -63.14 40.36 14.83
N ALA N 344 -62.22 39.70 15.53
CA ALA N 344 -60.95 40.31 15.89
C ALA N 344 -59.85 40.03 14.87
N ALA N 345 -60.05 39.05 13.99
CA ALA N 345 -59.08 38.73 12.94
C ALA N 345 -59.83 38.33 11.69
N PRO N 346 -60.20 39.30 10.84
CA PRO N 346 -60.97 38.97 9.63
C PRO N 346 -60.12 38.32 8.53
N ALA N 347 -58.80 38.32 8.65
CA ALA N 347 -57.95 37.72 7.62
C ALA N 347 -57.94 36.20 7.68
N ALA N 348 -58.36 35.62 8.80
CA ALA N 348 -58.46 34.16 9.03
C ALA N 348 -57.15 33.41 8.80
N ALA O 1 -27.12 16.86 64.53
CA ALA O 1 -26.24 16.31 63.51
C ALA O 1 -27.03 15.90 62.27
N THR O 2 -26.44 15.02 61.46
CA THR O 2 -27.05 14.53 60.24
C THR O 2 -27.84 13.24 60.45
N ALA O 3 -28.15 12.90 61.71
CA ALA O 3 -28.92 11.69 61.98
C ALA O 3 -30.40 11.86 61.65
N THR O 4 -30.89 13.09 61.56
CA THR O 4 -32.29 13.35 61.25
C THR O 4 -32.59 13.23 59.75
N ALA O 5 -31.57 13.16 58.90
CA ALA O 5 -31.77 13.06 57.45
C ALA O 5 -32.10 11.62 57.09
N ALA O 6 -33.35 11.25 57.34
CA ALA O 6 -33.86 9.91 57.10
C ALA O 6 -35.37 9.98 57.04
N PRO O 7 -36.04 9.07 56.32
CA PRO O 7 -37.51 9.09 56.28
C PRO O 7 -38.19 8.68 57.58
N SER O 8 -37.46 8.21 58.59
CA SER O 8 -38.07 7.86 59.86
C SER O 8 -38.52 9.10 60.64
N GLU O 9 -37.85 10.24 60.45
CA GLU O 9 -38.26 11.46 61.13
C GLU O 9 -39.44 12.15 60.48
N LEU O 10 -39.89 11.69 59.31
CA LEU O 10 -41.07 12.23 58.66
C LEU O 10 -42.28 11.29 58.72
N ASP O 11 -42.09 10.04 59.08
CA ASP O 11 -43.17 9.05 59.13
C ASP O 11 -43.35 8.39 60.48
N ASP O 12 -42.25 8.04 61.16
CA ASP O 12 -42.33 7.37 62.45
C ASP O 12 -42.45 8.34 63.62
N VAL O 13 -42.33 9.64 63.36
CA VAL O 13 -42.53 10.67 64.38
C VAL O 13 -43.94 11.24 64.16
N GLY O 14 -44.65 11.50 65.25
CA GLY O 14 -46.04 11.94 65.19
C GLY O 14 -46.26 13.27 64.50
N VAL O 15 -46.81 13.20 63.29
CA VAL O 15 -47.07 14.37 62.45
C VAL O 15 -48.54 14.31 62.05
N SER O 16 -49.24 15.43 62.20
CA SER O 16 -50.65 15.52 61.85
C SER O 16 -50.84 15.42 60.33
N ALA O 17 -52.09 15.18 59.93
CA ALA O 17 -52.39 14.98 58.52
C ALA O 17 -52.31 16.26 57.70
N ALA O 18 -52.39 17.43 58.34
CA ALA O 18 -52.26 18.68 57.62
C ALA O 18 -50.81 18.97 57.26
N ALA O 19 -49.86 18.53 58.11
CA ALA O 19 -48.46 18.81 57.87
C ALA O 19 -47.78 17.73 57.04
N GLU O 20 -48.19 16.47 57.19
CA GLU O 20 -47.56 15.39 56.45
C GLU O 20 -47.97 15.35 54.99
N SER O 21 -49.08 16.01 54.62
CA SER O 21 -49.46 16.09 53.22
C SER O 21 -48.66 17.15 52.49
N ILE O 22 -48.10 18.11 53.21
CA ILE O 22 -47.28 19.15 52.59
C ILE O 22 -45.91 18.58 52.23
N ILE O 23 -45.33 17.78 53.12
CA ILE O 23 -44.01 17.21 52.87
C ILE O 23 -44.10 16.12 51.81
N GLN O 24 -45.20 15.35 51.81
CA GLN O 24 -45.38 14.31 50.81
C GLN O 24 -45.65 14.89 49.42
N TYR O 25 -46.20 16.10 49.36
CA TYR O 25 -46.38 16.76 48.07
C TYR O 25 -45.07 17.30 47.52
N ALA O 26 -44.09 17.55 48.40
CA ALA O 26 -42.80 18.05 47.95
C ALA O 26 -41.87 16.95 47.48
N ILE O 27 -42.12 15.70 47.86
CA ILE O 27 -41.24 14.60 47.48
C ILE O 27 -41.53 14.15 46.05
N ASN O 28 -42.80 13.88 45.74
CA ASN O 28 -43.16 13.39 44.41
C ASN O 28 -43.14 14.50 43.36
N PHE O 29 -43.16 15.77 43.77
CA PHE O 29 -42.99 16.85 42.81
C PHE O 29 -41.57 16.94 42.30
N ALA O 30 -40.59 16.64 43.15
CA ALA O 30 -39.20 16.61 42.71
C ALA O 30 -38.92 15.39 41.84
N ARG O 31 -39.67 14.30 42.04
CA ARG O 31 -39.51 13.12 41.21
C ARG O 31 -40.18 13.29 39.85
N ALA O 32 -41.32 13.97 39.81
CA ALA O 32 -42.03 14.17 38.56
C ALA O 32 -41.40 15.26 37.70
N SER O 33 -40.63 16.15 38.31
CA SER O 33 -39.96 17.22 37.58
C SER O 33 -38.50 16.90 37.26
N GLU O 34 -38.06 15.66 37.54
CA GLU O 34 -36.76 15.12 37.10
C GLU O 34 -35.57 15.86 37.68
N THR O 35 -35.75 16.55 38.80
CA THR O 35 -34.65 17.12 39.58
C THR O 35 -34.85 16.66 41.02
N TYR O 36 -34.02 15.70 41.44
CA TYR O 36 -34.21 14.99 42.70
C TYR O 36 -33.52 15.71 43.86
N GLU O 37 -33.85 16.98 43.99
CA GLU O 37 -33.41 17.81 45.12
C GLU O 37 -34.62 18.59 45.61
N VAL O 38 -34.72 18.73 46.93
CA VAL O 38 -35.80 19.46 47.57
C VAL O 38 -35.23 20.77 48.08
N HIS O 39 -35.72 21.87 47.53
CA HIS O 39 -35.30 23.21 47.93
C HIS O 39 -36.32 23.81 48.90
N SER O 40 -35.92 24.91 49.54
CA SER O 40 -36.81 25.59 50.47
C SER O 40 -37.93 26.35 49.76
N TRP O 41 -37.78 26.63 48.48
CA TRP O 41 -38.82 27.35 47.74
C TRP O 41 -39.96 26.43 47.33
N MET O 42 -39.69 25.13 47.13
CA MET O 42 -40.75 24.19 46.77
C MET O 42 -41.52 23.68 47.97
N VAL O 43 -41.08 23.99 49.19
CA VAL O 43 -41.91 23.73 50.37
C VAL O 43 -43.08 24.71 50.39
N LEU O 44 -42.85 25.94 49.90
CA LEU O 44 -43.92 26.92 49.78
C LEU O 44 -44.87 26.58 48.63
N MET O 45 -44.44 25.71 47.69
CA MET O 45 -45.34 25.23 46.64
C MET O 45 -46.46 24.36 47.22
N GLY O 46 -46.15 23.61 48.28
CA GLY O 46 -47.16 22.72 48.85
C GLY O 46 -48.20 23.42 49.69
N ILE O 47 -47.82 24.48 50.39
CA ILE O 47 -48.77 25.18 51.25
C ILE O 47 -49.74 26.06 50.46
N LEU O 48 -49.45 26.33 49.18
CA LEU O 48 -50.34 27.09 48.33
C LEU O 48 -51.24 26.20 47.48
N LYS O 49 -50.89 24.93 47.34
CA LYS O 49 -51.75 24.00 46.58
C LYS O 49 -52.89 23.49 47.45
N TYR O 50 -52.62 23.18 48.71
CA TYR O 50 -53.64 22.68 49.63
C TYR O 50 -54.18 23.86 50.44
N GLU O 51 -55.34 24.38 50.02
CA GLU O 51 -55.95 25.52 50.70
C GLU O 51 -56.77 25.12 51.91
N THR O 52 -57.01 23.83 52.13
CA THR O 52 -57.78 23.37 53.27
C THR O 52 -56.99 23.36 54.58
N CYS O 53 -55.68 23.56 54.52
CA CYS O 53 -54.86 23.62 55.72
C CYS O 53 -55.08 24.94 56.46
N THR O 54 -54.67 24.96 57.73
CA THR O 54 -54.87 26.13 58.57
C THR O 54 -53.84 27.22 58.31
N ALA O 55 -52.69 26.88 57.72
CA ALA O 55 -51.70 27.90 57.41
C ALA O 55 -52.05 28.72 56.17
N ALA O 56 -52.96 28.20 55.33
CA ALA O 56 -53.41 28.97 54.17
C ALA O 56 -54.29 30.15 54.57
N LYS O 57 -54.94 30.09 55.73
CA LYS O 57 -55.73 31.21 56.22
C LYS O 57 -54.87 32.31 56.83
N ILE O 58 -53.61 32.01 57.14
CA ILE O 58 -52.70 33.05 57.64
C ILE O 58 -52.28 33.97 56.51
N LEU O 59 -52.09 33.42 55.31
CA LEU O 59 -51.73 34.25 54.16
C LEU O 59 -52.90 35.10 53.67
N LYS O 60 -54.14 34.73 54.01
CA LYS O 60 -55.28 35.56 53.66
C LYS O 60 -55.31 36.83 54.50
N SER O 61 -54.85 36.77 55.74
CA SER O 61 -54.79 37.95 56.59
C SER O 61 -53.55 38.78 56.35
N LEU O 62 -52.53 38.22 55.70
CA LEU O 62 -51.30 38.95 55.42
C LEU O 62 -51.38 39.76 54.13
N GLY O 63 -52.28 39.42 53.22
CA GLY O 63 -52.46 40.18 52.00
C GLY O 63 -52.36 39.37 50.73
N LEU O 64 -52.39 38.05 50.85
CA LEU O 64 -52.35 37.15 49.69
C LEU O 64 -53.67 36.39 49.64
N GLU O 65 -54.66 36.97 48.96
CA GLU O 65 -55.97 36.38 48.79
C GLU O 65 -56.10 35.60 47.50
N ASP O 66 -55.34 35.98 46.47
CA ASP O 66 -55.36 35.32 45.17
C ASP O 66 -54.60 34.00 45.32
N LEU O 67 -55.36 32.90 45.38
CA LEU O 67 -54.78 31.61 45.73
C LEU O 67 -54.09 30.95 44.53
N TYR O 68 -54.74 30.96 43.36
CA TYR O 68 -54.25 30.16 42.25
C TYR O 68 -53.05 30.79 41.53
N GLY O 69 -53.02 32.11 41.42
CA GLY O 69 -51.94 32.78 40.73
C GLY O 69 -50.65 32.81 41.52
N ALA O 70 -50.76 32.86 42.84
CA ALA O 70 -49.58 32.79 43.70
C ALA O 70 -48.95 31.40 43.71
N TRP O 71 -49.74 30.36 43.42
CA TRP O 71 -49.19 29.03 43.22
C TRP O 71 -48.38 28.97 41.92
N ASN O 72 -48.80 29.73 40.91
CA ASN O 72 -48.08 29.76 39.64
C ASN O 72 -47.00 30.82 39.61
N GLU O 73 -47.03 31.79 40.53
CA GLU O 73 -45.99 32.81 40.58
C GLU O 73 -44.67 32.24 41.11
N VAL O 74 -44.75 31.38 42.13
CA VAL O 74 -43.55 30.72 42.63
C VAL O 74 -43.11 29.62 41.66
N LEU O 75 -44.04 29.08 40.87
CA LEU O 75 -43.67 28.13 39.83
C LEU O 75 -42.95 28.81 38.68
N TRP O 76 -43.30 30.08 38.39
CA TRP O 76 -42.56 30.85 37.41
C TRP O 76 -41.22 31.32 37.97
N ALA O 77 -41.16 31.56 39.28
CA ALA O 77 -39.91 32.01 39.90
C ALA O 77 -38.91 30.87 40.01
N LEU O 78 -39.37 29.63 40.08
CA LEU O 78 -38.46 28.49 40.14
C LEU O 78 -37.96 28.08 38.77
N ASN O 79 -38.47 28.69 37.69
CA ASN O 79 -38.08 28.29 36.35
C ASN O 79 -36.93 29.13 35.82
N VAL O 80 -36.98 30.44 36.02
CA VAL O 80 -36.04 31.35 35.37
C VAL O 80 -34.96 31.83 36.34
N CYS O 81 -35.20 31.67 37.65
CA CYS O 81 -34.21 32.11 38.62
C CYS O 81 -33.37 30.95 39.15
N ASP O 82 -34.04 29.93 39.71
CA ASP O 82 -33.33 28.76 40.22
C ASP O 82 -33.07 27.71 39.16
N GLY O 83 -34.01 27.52 38.23
CA GLY O 83 -33.83 26.55 37.16
C GLY O 83 -34.46 25.20 37.46
N LEU O 84 -35.08 24.61 36.45
CA LEU O 84 -35.70 23.29 36.55
C LEU O 84 -35.07 22.34 35.54
N GLN O 85 -33.74 22.34 35.47
CA GLN O 85 -33.02 21.50 34.52
C GLN O 85 -33.10 20.04 34.92
N PRO O 86 -33.58 19.15 34.05
CA PRO O 86 -33.72 17.74 34.41
C PRO O 86 -32.38 17.02 34.44
N ARG O 87 -32.17 16.22 35.49
CA ARG O 87 -30.99 15.37 35.59
C ARG O 87 -31.37 13.95 35.18
N SER O 88 -30.42 13.02 35.27
CA SER O 88 -30.64 11.70 34.66
C SER O 88 -31.48 10.79 35.54
N PHE O 89 -30.94 10.40 36.70
CA PHE O 89 -31.61 9.46 37.60
C PHE O 89 -30.92 9.49 38.95
N VAL O 90 -31.69 9.76 40.01
CA VAL O 90 -31.23 9.65 41.39
C VAL O 90 -32.27 8.85 42.16
N THR O 91 -31.83 7.77 42.81
CA THR O 91 -32.76 6.87 43.51
C THR O 91 -33.26 7.50 44.81
N ASP O 92 -32.35 7.77 45.74
CA ASP O 92 -32.71 8.38 47.02
C ASP O 92 -32.67 9.89 46.89
N ILE O 93 -33.83 10.53 47.05
CA ILE O 93 -33.94 11.97 46.85
C ILE O 93 -33.24 12.70 47.99
N LYS O 94 -32.26 13.52 47.64
CA LYS O 94 -31.46 14.24 48.60
C LYS O 94 -32.09 15.59 48.93
N PHE O 95 -31.84 16.06 50.16
CA PHE O 95 -32.30 17.36 50.61
C PHE O 95 -31.19 18.39 50.45
N ALA O 96 -31.57 19.61 50.07
CA ALA O 96 -30.60 20.68 49.95
C ALA O 96 -30.20 21.18 51.34
N ASP O 97 -29.08 21.92 51.38
CA ASP O 97 -28.58 22.42 52.65
C ASP O 97 -29.45 23.54 53.22
N ARG O 98 -30.11 24.31 52.34
CA ARG O 98 -31.01 25.35 52.81
C ARG O 98 -32.33 24.77 53.30
N ALA O 99 -32.84 23.73 52.63
CA ALA O 99 -34.11 23.14 53.00
C ALA O 99 -33.98 22.16 54.16
N PHE O 100 -32.77 21.65 54.44
CA PHE O 100 -32.59 20.78 55.59
C PHE O 100 -32.71 21.55 56.90
N LYS O 101 -32.34 22.84 56.90
CA LYS O 101 -32.49 23.66 58.09
C LYS O 101 -33.93 24.07 58.35
N VAL O 102 -34.82 23.92 57.36
CA VAL O 102 -36.23 24.21 57.58
C VAL O 102 -36.90 23.04 58.32
N ILE O 103 -36.45 21.82 58.06
CA ILE O 103 -37.10 20.65 58.66
C ILE O 103 -36.68 20.49 60.12
N THR O 104 -35.39 20.72 60.42
CA THR O 104 -34.93 20.52 61.79
C THR O 104 -35.33 21.68 62.69
N ALA O 105 -35.64 22.85 62.11
CA ALA O 105 -36.14 23.96 62.92
C ALA O 105 -37.63 23.85 63.20
N ALA O 106 -38.37 23.23 62.28
CA ALA O 106 -39.80 23.02 62.50
C ALA O 106 -40.05 21.99 63.59
N SER O 107 -39.18 20.98 63.71
CA SER O 107 -39.28 20.04 64.82
C SER O 107 -38.75 20.64 66.11
N ASP O 108 -37.79 21.56 66.01
CA ASP O 108 -37.29 22.24 67.21
C ASP O 108 -38.24 23.29 67.72
N PHE O 109 -39.04 23.90 66.83
CA PHE O 109 -40.04 24.86 67.27
C PHE O 109 -41.22 24.20 67.95
N ALA O 110 -41.53 22.95 67.59
CA ALA O 110 -42.71 22.28 68.13
C ALA O 110 -42.54 21.94 69.61
N VAL O 111 -41.30 21.83 70.08
CA VAL O 111 -41.05 21.74 71.51
C VAL O 111 -41.33 23.08 72.17
N TRP O 112 -40.98 24.18 71.49
CA TRP O 112 -41.22 25.51 72.04
C TRP O 112 -42.67 25.95 71.88
N HIS O 113 -43.37 25.49 70.83
CA HIS O 113 -44.77 25.85 70.68
C HIS O 113 -45.68 25.07 71.62
N GLY O 114 -45.20 23.98 72.19
CA GLY O 114 -46.02 23.16 73.07
C GLY O 114 -46.96 22.22 72.36
N LYS O 115 -46.55 21.70 71.20
CA LYS O 115 -47.38 20.79 70.41
C LYS O 115 -46.62 19.48 70.22
N ASP O 116 -47.29 18.36 70.56
CA ASP O 116 -46.66 17.06 70.41
C ASP O 116 -46.64 16.60 68.96
N LYS O 117 -47.63 17.01 68.17
CA LYS O 117 -47.70 16.66 66.76
C LYS O 117 -47.31 17.85 65.90
N MET O 118 -46.70 17.56 64.76
CA MET O 118 -46.30 18.60 63.82
C MET O 118 -47.52 19.15 63.09
N TYR O 119 -47.70 20.45 63.17
CA TYR O 119 -48.83 21.13 62.55
C TYR O 119 -48.38 21.87 61.30
N SER O 120 -49.36 22.34 60.53
CA SER O 120 -49.06 23.01 59.26
C SER O 120 -48.59 24.45 59.47
N GLU O 121 -48.85 25.04 60.64
CA GLU O 121 -48.33 26.37 60.92
C GLU O 121 -46.84 26.32 61.26
N ASP O 122 -46.34 25.17 61.70
CA ASP O 122 -44.91 25.05 62.00
C ASP O 122 -44.07 25.04 60.74
N VAL O 123 -44.65 24.60 59.60
CA VAL O 123 -43.95 24.69 58.33
C VAL O 123 -43.87 26.14 57.87
N LEU O 124 -44.93 26.92 58.11
CA LEU O 124 -44.93 28.34 57.75
C LEU O 124 -43.99 29.15 58.64
N MET O 125 -43.85 28.76 59.91
CA MET O 125 -42.95 29.47 60.80
C MET O 125 -41.49 29.18 60.48
N ALA O 126 -41.17 27.94 60.12
CA ALA O 126 -39.79 27.58 59.80
C ALA O 126 -39.38 28.13 58.43
N LEU O 127 -40.33 28.29 57.51
CA LEU O 127 -40.02 28.88 56.21
C LEU O 127 -39.79 30.38 56.32
N ALA O 128 -40.49 31.05 57.24
CA ALA O 128 -40.31 32.48 57.40
C ALA O 128 -39.00 32.81 58.12
N ALA O 129 -38.46 31.85 58.89
CA ALA O 129 -37.18 32.08 59.54
C ALA O 129 -36.02 32.05 58.56
N GLY O 130 -36.16 31.28 57.47
CA GLY O 130 -35.13 31.26 56.45
C GLY O 130 -35.15 32.43 55.50
N GLY O 131 -36.25 33.18 55.48
CA GLY O 131 -36.33 34.35 54.61
C GLY O 131 -36.76 34.07 53.19
N VAL O 132 -37.42 32.96 52.93
CA VAL O 132 -37.88 32.67 51.57
C VAL O 132 -39.17 33.40 51.23
N LEU O 133 -39.88 33.93 52.22
CA LEU O 133 -41.09 34.71 51.96
C LEU O 133 -40.79 36.16 51.63
N GLU O 134 -39.60 36.65 52.02
CA GLU O 134 -39.24 38.03 51.71
C GLU O 134 -38.79 38.18 50.26
N ASP O 135 -38.04 37.22 49.74
CA ASP O 135 -37.54 37.31 48.37
C ASP O 135 -38.63 37.01 47.34
N LEU O 136 -39.61 36.18 47.70
CA LEU O 136 -40.67 35.84 46.75
C LEU O 136 -41.73 36.93 46.68
N PHE O 137 -42.06 37.56 47.81
CA PHE O 137 -43.04 38.64 47.87
C PHE O 137 -42.44 39.82 48.63
N PRO O 138 -41.66 40.66 47.94
CA PRO O 138 -41.03 41.80 48.63
C PRO O 138 -41.94 42.99 48.81
N ASP O 139 -42.97 43.14 47.97
CA ASP O 139 -43.85 44.30 48.07
C ASP O 139 -44.79 44.22 49.26
N LEU O 140 -45.14 43.01 49.69
CA LEU O 140 -46.03 42.83 50.84
C LEU O 140 -45.30 42.88 52.17
N ASN O 141 -43.96 42.90 52.15
CA ASN O 141 -43.09 43.00 53.33
C ASN O 141 -43.34 41.85 54.32
N LEU O 142 -43.06 40.63 53.85
CA LEU O 142 -43.17 39.43 54.68
C LEU O 142 -41.97 39.34 55.62
N SER O 143 -42.03 40.13 56.69
CA SER O 143 -40.96 40.15 57.67
C SER O 143 -41.15 39.03 58.70
N PHE O 144 -40.08 38.73 59.42
CA PHE O 144 -40.14 37.69 60.45
C PHE O 144 -40.89 38.17 61.69
N GLU O 145 -40.88 39.47 61.95
CA GLU O 145 -41.59 39.98 63.12
C GLU O 145 -43.09 40.08 62.88
N ARG O 146 -43.52 40.15 61.62
CA ARG O 146 -44.94 40.24 61.32
C ARG O 146 -45.62 38.87 61.44
N VAL O 147 -44.95 37.81 61.00
CA VAL O 147 -45.56 36.48 61.06
C VAL O 147 -45.52 35.92 62.48
N ARG O 148 -44.65 36.46 63.34
CA ARG O 148 -44.61 36.02 64.73
C ARG O 148 -45.81 36.52 65.51
N LYS O 149 -46.43 37.62 65.07
CA LYS O 149 -47.62 38.15 65.71
C LYS O 149 -48.91 37.70 65.05
N ALA O 150 -48.83 37.14 63.84
CA ALA O 150 -50.03 36.71 63.13
C ALA O 150 -50.50 35.33 63.58
N VAL O 151 -49.57 34.42 63.85
CA VAL O 151 -49.94 33.07 64.28
C VAL O 151 -50.41 33.06 65.73
N GLU O 152 -49.81 33.92 66.57
CA GLU O 152 -50.20 33.96 67.98
C GLU O 152 -51.59 34.56 68.19
N LYS O 153 -52.02 35.43 67.28
CA LYS O 153 -53.37 35.98 67.37
C LYS O 153 -54.41 35.03 66.80
N GLU O 154 -54.05 34.24 65.79
CA GLU O 154 -55.01 33.32 65.18
C GLU O 154 -55.15 32.05 66.02
N SER O 155 -54.04 31.45 66.43
CA SER O 155 -54.10 30.22 67.22
C SER O 155 -54.47 30.49 68.67
N GLY O 156 -54.20 31.68 69.17
CA GLY O 156 -54.54 32.02 70.54
C GLY O 156 -53.63 31.40 71.59
N ARG O 157 -52.32 31.41 71.34
CA ARG O 157 -51.36 30.85 72.27
C ARG O 157 -50.05 31.60 72.14
N ARG O 158 -49.46 31.98 73.29
CA ARG O 158 -48.20 32.71 73.30
C ARG O 158 -47.05 31.75 73.01
N TYR O 159 -46.33 32.03 71.92
CA TYR O 159 -45.23 31.19 71.48
C TYR O 159 -43.91 31.84 71.90
N GLN O 160 -43.16 31.17 72.76
CA GLN O 160 -41.92 31.73 73.29
C GLN O 160 -40.72 31.24 72.50
N LEU O 161 -39.76 32.13 72.30
CA LEU O 161 -38.49 31.83 71.66
C LEU O 161 -37.34 32.39 72.51
N PRO O 162 -36.26 31.62 72.70
CA PRO O 162 -35.12 32.09 73.49
C PRO O 162 -34.28 33.13 72.76
N ALA P 9 -18.16 34.66 -47.44
CA ALA P 9 -19.29 34.94 -48.32
C ALA P 9 -20.25 35.92 -47.69
N ALA P 10 -20.41 35.84 -46.38
CA ALA P 10 -21.30 36.71 -45.62
C ALA P 10 -20.54 37.73 -44.78
N LEU P 11 -19.23 37.84 -44.95
CA LEU P 11 -18.41 38.77 -44.18
C LEU P 11 -17.84 39.90 -45.04
N ASP P 12 -17.22 39.58 -46.17
CA ASP P 12 -16.59 40.61 -46.99
C ASP P 12 -17.58 41.31 -47.89
N ILE P 13 -18.57 40.60 -48.43
CA ILE P 13 -19.55 41.16 -49.34
C ILE P 13 -20.95 40.94 -48.75
N THR P 14 -21.91 41.68 -49.30
CA THR P 14 -23.30 41.55 -48.88
C THR P 14 -24.06 40.48 -49.67
N LYS P 15 -23.54 40.06 -50.82
CA LYS P 15 -24.17 39.02 -51.63
C LYS P 15 -23.78 37.66 -51.06
N MET P 16 -24.58 37.21 -50.10
CA MET P 16 -24.34 35.93 -49.42
C MET P 16 -24.99 34.75 -50.12
N THR P 17 -25.40 34.89 -51.38
CA THR P 17 -25.99 33.77 -52.11
C THR P 17 -24.90 32.79 -52.52
N PRO P 18 -24.96 31.54 -52.08
CA PRO P 18 -23.90 30.58 -52.39
C PRO P 18 -24.06 30.00 -53.79
N ILE P 19 -23.19 29.04 -54.10
CA ILE P 19 -23.24 28.35 -55.40
C ILE P 19 -24.40 27.35 -55.41
N HIS P 20 -24.64 26.78 -56.59
CA HIS P 20 -25.80 25.91 -56.78
C HIS P 20 -25.66 24.55 -56.11
N ASP P 21 -24.49 24.21 -55.58
CA ASP P 21 -24.26 22.91 -54.98
C ASP P 21 -24.29 22.92 -53.46
N ARG P 22 -24.64 24.04 -52.84
CA ARG P 22 -24.69 24.13 -51.38
C ARG P 22 -25.65 25.24 -50.99
N VAL P 23 -26.09 25.20 -49.74
CA VAL P 23 -27.00 26.20 -49.17
C VAL P 23 -26.47 26.60 -47.80
N LEU P 24 -27.11 27.61 -47.21
CA LEU P 24 -26.76 28.11 -45.89
C LEU P 24 -27.93 27.94 -44.94
N ILE P 25 -27.60 27.64 -43.68
CA ILE P 25 -28.59 27.39 -42.63
C ILE P 25 -28.23 28.22 -41.41
N ARG P 26 -29.22 28.42 -40.53
CA ARG P 26 -29.02 29.12 -39.26
C ARG P 26 -29.54 28.23 -38.14
N PRO P 27 -28.64 27.58 -37.38
CA PRO P 27 -29.08 26.79 -36.23
C PRO P 27 -29.61 27.65 -35.10
N ILE P 28 -30.58 27.11 -34.37
CA ILE P 28 -31.19 27.80 -33.24
C ILE P 28 -30.61 27.25 -31.95
N GLU P 29 -30.19 28.15 -31.07
CA GLU P 29 -29.61 27.78 -29.78
C GLU P 29 -30.69 27.87 -28.70
N GLU P 30 -30.75 26.85 -27.85
CA GLU P 30 -31.71 26.79 -26.76
C GLU P 30 -31.09 27.29 -25.46
N GLU P 31 -31.94 27.46 -24.45
CA GLU P 31 -31.53 28.04 -23.17
C GLU P 31 -31.12 26.96 -22.18
N GLN P 32 -30.19 26.11 -22.60
CA GLN P 32 -29.63 25.09 -21.72
C GLN P 32 -28.46 25.61 -20.88
N LYS P 33 -27.93 26.79 -21.21
CA LYS P 33 -26.79 27.34 -20.48
C LYS P 33 -27.16 27.85 -19.10
N THR P 34 -28.45 28.10 -18.84
CA THR P 34 -28.86 28.60 -17.53
C THR P 34 -28.75 27.53 -16.45
N ALA P 35 -29.11 26.29 -16.77
CA ALA P 35 -29.07 25.20 -15.81
C ALA P 35 -27.70 24.55 -15.70
N GLY P 36 -26.63 25.22 -16.16
CA GLY P 36 -25.30 24.66 -16.06
C GLY P 36 -24.73 24.62 -14.66
N GLY P 37 -25.28 25.44 -13.75
CA GLY P 37 -24.79 25.43 -12.38
C GLY P 37 -25.17 24.18 -11.61
N ILE P 38 -26.19 23.45 -12.07
CA ILE P 38 -26.58 22.17 -11.50
C ILE P 38 -26.25 21.06 -12.49
N LEU P 39 -26.69 21.23 -13.73
CA LEU P 39 -26.65 20.18 -14.73
C LEU P 39 -25.50 20.40 -15.70
N LEU P 40 -25.41 19.52 -16.70
CA LEU P 40 -24.49 19.73 -17.80
C LEU P 40 -25.03 20.81 -18.73
N PRO P 41 -24.25 21.86 -18.99
CA PRO P 41 -24.82 23.07 -19.61
C PRO P 41 -25.22 22.95 -21.07
N LYS P 42 -24.90 21.85 -21.75
CA LYS P 42 -25.33 21.70 -23.14
C LYS P 42 -25.56 20.23 -23.45
N ALA P 43 -26.15 19.99 -24.62
CA ALA P 43 -26.41 18.64 -25.06
C ALA P 43 -25.12 17.99 -25.56
N PRO P 44 -25.07 16.65 -25.55
CA PRO P 44 -23.97 15.96 -26.23
C PRO P 44 -24.01 16.19 -27.73
N PRO P 45 -22.86 16.07 -28.42
CA PRO P 45 -22.84 16.32 -29.87
C PRO P 45 -23.64 15.27 -30.64
N LYS P 46 -24.61 15.74 -31.41
CA LYS P 46 -25.54 14.89 -32.13
C LYS P 46 -25.95 15.59 -33.42
N ALA P 47 -26.63 14.84 -34.28
CA ALA P 47 -27.16 15.38 -35.53
C ALA P 47 -28.51 16.05 -35.25
N ASN P 48 -29.25 16.33 -36.34
CA ASN P 48 -30.59 16.95 -36.32
C ASN P 48 -30.56 18.31 -35.62
N SER P 49 -29.83 19.25 -36.23
CA SER P 49 -29.64 20.57 -35.64
C SER P 49 -30.89 21.44 -35.74
N ASP P 50 -31.85 21.06 -36.59
CA ASP P 50 -33.16 21.73 -36.75
C ASP P 50 -33.01 23.18 -37.17
N ALA P 51 -32.25 23.42 -38.24
CA ALA P 51 -31.96 24.77 -38.68
C ALA P 51 -32.85 25.17 -39.86
N HIS P 52 -33.18 26.46 -39.91
CA HIS P 52 -33.92 27.02 -41.03
C HIS P 52 -32.96 27.40 -42.15
N ILE P 53 -33.38 27.15 -43.40
CA ILE P 53 -32.56 27.46 -44.56
C ILE P 53 -32.79 28.92 -44.93
N GLY P 54 -31.70 29.69 -44.98
CA GLY P 54 -31.79 31.09 -45.34
C GLY P 54 -31.91 31.30 -46.84
N GLU P 55 -31.02 30.69 -47.60
CA GLU P 55 -31.02 30.77 -49.06
C GLU P 55 -31.26 29.37 -49.61
N VAL P 56 -32.20 29.25 -50.54
CA VAL P 56 -32.58 27.98 -51.14
C VAL P 56 -32.31 28.05 -52.63
N LEU P 57 -31.47 27.14 -53.12
CA LEU P 57 -31.27 26.96 -54.56
C LEU P 57 -31.38 25.46 -54.79
N ALA P 58 -32.38 25.05 -55.57
CA ALA P 58 -32.75 23.63 -55.64
C ALA P 58 -31.79 22.85 -56.52
N VAL P 59 -31.59 23.29 -57.77
CA VAL P 59 -30.89 22.49 -58.76
C VAL P 59 -29.39 22.48 -58.49
N GLY P 60 -28.79 21.29 -58.58
CA GLY P 60 -27.37 21.14 -58.37
C GLY P 60 -26.80 19.94 -59.11
N SER P 61 -25.58 19.52 -58.72
CA SER P 61 -24.96 18.37 -59.37
C SER P 61 -25.57 17.07 -58.85
N ASP P 62 -25.87 17.01 -57.56
CA ASP P 62 -26.50 15.86 -56.94
C ASP P 62 -28.02 16.06 -57.03
N VAL P 63 -28.80 15.28 -56.27
CA VAL P 63 -30.25 15.39 -56.30
C VAL P 63 -30.69 16.73 -55.71
N THR P 64 -31.82 17.24 -56.21
CA THR P 64 -32.25 18.59 -55.89
C THR P 64 -32.93 18.64 -54.52
N LEU P 65 -33.24 19.85 -54.07
CA LEU P 65 -33.90 20.09 -52.78
C LEU P 65 -35.20 20.83 -53.07
N ALA P 66 -36.31 20.09 -53.11
CA ALA P 66 -37.63 20.68 -53.34
C ALA P 66 -38.13 21.25 -52.02
N VAL P 67 -37.61 22.44 -51.68
CA VAL P 67 -37.88 23.10 -50.41
C VAL P 67 -38.00 24.60 -50.70
N ALA P 68 -38.73 25.29 -49.82
CA ALA P 68 -38.88 26.75 -49.91
C ALA P 68 -37.96 27.42 -48.91
N LYS P 69 -37.87 28.75 -49.02
CA LYS P 69 -37.03 29.51 -48.11
C LYS P 69 -37.70 29.65 -46.75
N GLY P 70 -36.94 29.39 -45.69
CA GLY P 70 -37.41 29.46 -44.34
C GLY P 70 -37.76 28.14 -43.71
N ASP P 71 -37.87 27.07 -44.50
CA ASP P 71 -38.22 25.77 -43.96
C ASP P 71 -37.03 25.11 -43.29
N MET P 72 -37.28 23.98 -42.64
CA MET P 72 -36.30 23.31 -41.80
C MET P 72 -36.11 21.87 -42.27
N VAL P 73 -34.85 21.44 -42.35
CA VAL P 73 -34.48 20.12 -42.87
C VAL P 73 -33.53 19.44 -41.87
N VAL P 74 -33.22 18.18 -42.16
CA VAL P 74 -32.33 17.39 -41.30
C VAL P 74 -30.94 17.35 -41.93
N PHE P 75 -29.92 17.26 -41.08
CA PHE P 75 -28.54 17.33 -41.52
C PHE P 75 -27.77 16.10 -41.02
N GLN P 76 -26.69 15.78 -41.72
CA GLN P 76 -25.78 14.74 -41.27
C GLN P 76 -24.80 15.32 -40.25
N LYS P 77 -24.12 14.44 -39.53
CA LYS P 77 -23.18 14.86 -38.50
C LYS P 77 -21.78 15.15 -39.05
N TYR P 78 -21.56 15.00 -40.36
CA TYR P 78 -20.26 15.27 -40.96
C TYR P 78 -20.47 15.96 -42.30
N ALA P 79 -19.35 16.14 -43.02
CA ALA P 79 -19.30 16.72 -44.36
C ALA P 79 -19.89 18.13 -44.42
N MET P 80 -19.49 18.96 -43.45
CA MET P 80 -19.97 20.34 -43.39
C MET P 80 -18.97 21.17 -42.61
N ALA P 81 -18.86 22.45 -42.97
CA ALA P 81 -17.98 23.38 -42.31
C ALA P 81 -18.78 24.34 -41.42
N GLU P 82 -18.14 24.84 -40.37
CA GLU P 82 -18.79 25.71 -39.40
C GLU P 82 -18.11 27.08 -39.35
N VAL P 83 -18.93 28.12 -39.21
CA VAL P 83 -18.44 29.49 -39.15
C VAL P 83 -19.46 30.30 -38.35
N GLU P 84 -19.00 31.41 -37.79
CA GLU P 84 -19.86 32.33 -37.04
C GLU P 84 -19.82 33.70 -37.69
N VAL P 85 -20.97 34.14 -38.21
CA VAL P 85 -21.09 35.43 -38.89
C VAL P 85 -22.21 36.21 -38.22
N LYS P 86 -21.87 37.35 -37.61
CA LYS P 86 -22.79 38.27 -36.93
C LYS P 86 -23.59 37.56 -35.84
N GLU P 87 -22.87 37.03 -34.84
CA GLU P 87 -23.30 36.38 -33.60
C GLU P 87 -24.21 35.17 -33.78
N GLY P 88 -24.47 34.73 -35.02
CA GLY P 88 -25.28 33.55 -35.27
C GLY P 88 -24.46 32.47 -35.95
N GLN P 89 -24.87 31.22 -35.72
CA GLN P 89 -24.17 30.08 -36.30
C GLN P 89 -24.54 29.95 -37.78
N ILE P 90 -23.56 29.62 -38.60
CA ILE P 90 -23.76 29.31 -40.01
C ILE P 90 -22.97 28.06 -40.35
N ILE P 91 -23.65 27.03 -40.83
CA ILE P 91 -23.02 25.76 -41.18
C ILE P 91 -23.11 25.58 -42.69
N PHE P 92 -21.96 25.35 -43.31
CA PHE P 92 -21.85 25.16 -44.76
C PHE P 92 -22.28 23.74 -45.07
N VAL P 93 -23.57 23.54 -45.35
CA VAL P 93 -24.13 22.21 -45.58
C VAL P 93 -24.11 21.89 -47.06
N ALA P 94 -23.89 20.61 -47.38
CA ALA P 94 -23.94 20.17 -48.77
C ALA P 94 -25.38 19.79 -49.14
N GLU P 95 -25.59 19.59 -50.45
CA GLU P 95 -26.92 19.24 -50.92
C GLU P 95 -27.18 17.74 -50.79
N LYS P 96 -26.14 16.94 -50.60
CA LYS P 96 -26.30 15.50 -50.46
C LYS P 96 -26.52 15.08 -49.01
N SER P 97 -26.37 15.99 -48.06
CA SER P 97 -26.57 15.70 -46.65
C SER P 97 -27.98 16.05 -46.17
N ILE P 98 -28.95 16.10 -47.08
CA ILE P 98 -30.34 16.42 -46.75
C ILE P 98 -31.19 15.20 -47.03
N MET P 99 -31.95 14.77 -46.02
CA MET P 99 -32.84 13.62 -46.14
C MET P 99 -34.30 14.00 -46.30
N GLY P 100 -34.78 14.99 -45.56
CA GLY P 100 -36.16 15.41 -45.69
C GLY P 100 -36.45 16.59 -44.79
N LYS P 101 -37.72 16.99 -44.77
CA LYS P 101 -38.19 18.08 -43.94
C LYS P 101 -38.79 17.54 -42.65
N LEU P 102 -38.87 18.42 -41.64
CA LEU P 102 -39.54 18.10 -40.39
C LEU P 102 -40.91 18.76 -40.37
N GLU P 103 -41.60 18.69 -39.24
CA GLU P 103 -42.92 19.28 -39.10
C GLU P 103 -42.83 20.72 -38.63
N GLU Q 1 11.55 4.02 -53.65
CA GLU Q 1 11.54 5.34 -54.26
C GLU Q 1 12.67 5.53 -55.30
N ALA Q 2 13.94 5.45 -54.88
CA ALA Q 2 15.07 5.59 -55.80
C ALA Q 2 15.60 4.21 -56.17
N ILE Q 3 14.91 3.59 -57.12
CA ILE Q 3 15.23 2.23 -57.56
C ILE Q 3 16.11 2.31 -58.79
N SER Q 4 17.11 1.43 -58.86
CA SER Q 4 17.98 1.36 -60.02
C SER Q 4 17.42 0.38 -61.06
N VAL Q 5 17.50 0.77 -62.33
CA VAL Q 5 17.04 -0.05 -63.43
C VAL Q 5 18.02 -1.19 -63.67
N PRO Q 6 17.58 -2.32 -64.21
CA PRO Q 6 18.53 -3.31 -64.71
C PRO Q 6 19.30 -2.78 -65.91
N ALA Q 7 20.46 -3.41 -66.17
CA ALA Q 7 21.31 -2.97 -67.26
C ALA Q 7 20.78 -3.24 -68.69
N PRO Q 8 20.29 -4.43 -69.06
CA PRO Q 8 20.05 -4.68 -70.51
C PRO Q 8 18.84 -3.97 -71.10
N PHE Q 9 18.07 -3.20 -70.33
CA PHE Q 9 16.97 -2.44 -70.91
C PHE Q 9 16.91 -1.06 -70.31
N THR Q 10 16.45 -0.09 -71.09
CA THR Q 10 16.46 1.31 -70.69
C THR Q 10 15.12 2.00 -70.89
N LYS Q 11 14.25 1.44 -71.72
CA LYS Q 11 12.96 2.07 -72.05
C LYS Q 11 11.92 1.66 -71.02
N VAL Q 12 11.63 2.58 -70.10
CA VAL Q 12 10.67 2.30 -69.03
C VAL Q 12 9.25 2.54 -69.53
N ALA Q 13 8.37 1.55 -69.29
CA ALA Q 13 6.95 1.62 -69.56
C ALA Q 13 6.21 2.17 -68.34
N PRO Q 14 5.11 2.89 -68.55
CA PRO Q 14 4.40 3.51 -67.42
C PRO Q 14 3.62 2.50 -66.58
N LYS Q 15 3.00 3.03 -65.52
CA LYS Q 15 2.18 2.26 -64.59
C LYS Q 15 0.73 2.25 -65.10
N GLY Q 16 0.58 1.69 -66.30
CA GLY Q 16 -0.73 1.61 -66.94
C GLY Q 16 -1.30 2.97 -67.29
N ASP Q 17 -2.28 3.41 -66.52
CA ASP Q 17 -2.93 4.71 -66.69
C ASP Q 17 -2.26 5.80 -65.86
N ARG Q 18 -0.93 5.93 -65.99
CA ARG Q 18 -0.20 6.96 -65.28
C ARG Q 18 0.62 7.76 -66.28
N VAL Q 19 1.35 8.75 -65.77
CA VAL Q 19 2.08 9.71 -66.59
C VAL Q 19 3.58 9.54 -66.33
N LEU Q 20 4.34 9.35 -67.40
CA LEU Q 20 5.78 9.20 -67.33
C LEU Q 20 6.46 10.48 -67.80
N VAL Q 21 7.19 11.13 -66.90
CA VAL Q 21 7.84 12.41 -67.19
C VAL Q 21 9.33 12.32 -66.86
N LYS Q 22 10.06 13.34 -67.29
CA LYS Q 22 11.49 13.47 -67.02
C LYS Q 22 11.80 14.92 -66.71
N VAL Q 23 12.56 15.16 -65.65
CA VAL Q 23 12.96 16.51 -65.27
C VAL Q 23 14.34 16.46 -64.62
N ALA Q 24 15.25 17.31 -65.12
CA ALA Q 24 16.55 17.50 -64.47
C ALA Q 24 16.95 18.97 -64.44
N GLU Q 25 16.01 19.87 -64.71
CA GLU Q 25 16.29 21.30 -64.75
C GLU Q 25 15.92 21.96 -63.44
N GLU Q 26 16.75 22.92 -63.01
CA GLU Q 26 16.60 23.68 -61.76
C GLU Q 26 16.57 22.75 -60.54
N GLU Q 27 17.54 21.84 -60.49
CA GLU Q 27 17.73 20.97 -59.35
C GLU Q 27 18.70 21.63 -58.36
N VAL Q 28 19.20 20.86 -57.41
CA VAL Q 28 20.25 21.36 -56.51
C VAL Q 28 21.54 21.60 -57.30
N LYS Q 29 21.89 20.69 -58.20
CA LYS Q 29 23.04 20.87 -59.09
C LYS Q 29 22.58 21.75 -60.25
N THR Q 30 22.77 23.06 -60.08
CA THR Q 30 22.36 24.03 -61.08
C THR Q 30 23.38 25.16 -61.09
N ARG Q 31 23.19 26.09 -62.03
CA ARG Q 31 24.11 27.21 -62.17
C ARG Q 31 23.74 28.37 -61.24
N GLY Q 32 22.48 28.46 -60.82
CA GLY Q 32 22.06 29.55 -59.95
C GLY Q 32 22.45 29.29 -58.51
N GLY Q 33 23.12 30.28 -57.90
CA GLY Q 33 23.51 30.16 -56.51
C GLY Q 33 22.64 30.97 -55.58
N ILE Q 34 22.28 32.18 -55.99
CA ILE Q 34 21.40 33.06 -55.24
C ILE Q 34 19.97 32.79 -55.68
N LEU Q 35 19.11 32.42 -54.73
CA LEU Q 35 17.75 32.03 -55.07
C LEU Q 35 16.79 32.57 -54.03
N LEU Q 36 15.51 32.31 -54.26
CA LEU Q 36 14.37 32.73 -53.46
C LEU Q 36 14.23 31.74 -52.30
N PRO Q 37 13.39 32.02 -51.29
CA PRO Q 37 12.97 30.99 -50.31
C PRO Q 37 12.41 29.73 -50.98
N PRO Q 38 12.42 28.54 -50.27
CA PRO Q 38 12.31 27.24 -50.96
C PRO Q 38 11.07 26.93 -51.78
N SER Q 39 10.16 27.90 -51.98
CA SER Q 39 9.15 27.76 -53.02
C SER Q 39 9.77 27.85 -54.41
N ALA Q 40 11.00 28.37 -54.53
CA ALA Q 40 11.69 28.41 -55.81
C ALA Q 40 12.10 27.02 -56.27
N ILE Q 41 12.44 26.14 -55.34
CA ILE Q 41 12.68 24.75 -55.70
C ILE Q 41 11.37 24.00 -55.82
N LYS Q 42 10.27 24.59 -55.33
CA LYS Q 42 8.92 24.05 -55.50
C LYS Q 42 8.20 24.69 -56.68
N LYS Q 43 8.97 25.18 -57.67
CA LYS Q 43 8.45 25.82 -58.87
C LYS Q 43 7.91 24.77 -59.84
N PRO Q 44 7.21 25.16 -60.90
CA PRO Q 44 6.93 24.20 -62.00
C PRO Q 44 8.20 23.59 -62.57
N THR Q 45 8.27 22.26 -62.46
CA THR Q 45 9.50 21.54 -62.79
C THR Q 45 9.64 21.33 -64.30
N SER Q 46 8.52 21.43 -65.03
CA SER Q 46 8.44 21.25 -66.49
C SER Q 46 8.93 19.86 -66.92
N GLY Q 47 8.22 18.83 -66.46
CA GLY Q 47 8.57 17.46 -66.81
C GLY Q 47 8.16 17.08 -68.21
N GLU Q 48 9.15 16.78 -69.06
CA GLU Q 48 8.86 16.45 -70.45
C GLU Q 48 8.30 15.04 -70.56
N VAL Q 49 7.26 14.89 -71.39
CA VAL Q 49 6.60 13.60 -71.55
C VAL Q 49 7.46 12.71 -72.46
N VAL Q 50 7.72 11.48 -72.01
CA VAL Q 50 8.47 10.53 -72.82
C VAL Q 50 7.48 9.61 -73.54
N GLN Q 51 6.68 8.88 -72.77
CA GLN Q 51 5.69 7.96 -73.34
C GLN Q 51 4.46 7.94 -72.45
N LEU Q 52 3.28 7.94 -73.06
CA LEU Q 52 2.02 7.86 -72.34
C LEU Q 52 1.49 6.44 -72.40
N GLY Q 53 0.93 5.97 -71.29
CA GLY Q 53 0.43 4.61 -71.19
C GLY Q 53 -1.00 4.49 -71.71
N ASP Q 54 -1.61 3.36 -71.35
CA ASP Q 54 -2.97 3.07 -71.78
C ASP Q 54 -3.99 3.79 -70.88
N GLY Q 55 -5.26 3.54 -71.15
CA GLY Q 55 -6.33 4.13 -70.37
C GLY Q 55 -6.55 3.43 -69.05
N ARG Q 56 -7.53 3.95 -68.31
CA ARG Q 56 -7.87 3.40 -66.99
C ARG Q 56 -8.78 2.19 -67.16
N VAL Q 57 -8.32 1.03 -66.68
CA VAL Q 57 -9.12 -0.18 -66.77
C VAL Q 57 -10.28 -0.13 -65.78
N GLY Q 58 -9.97 0.02 -64.50
CA GLY Q 58 -11.01 0.24 -63.50
C GLY Q 58 -11.80 -1.02 -63.23
N ASP Q 59 -13.12 -0.95 -63.44
CA ASP Q 59 -14.02 -2.07 -63.20
C ASP Q 59 -14.61 -2.63 -64.50
N GLY Q 60 -14.02 -2.30 -65.64
CA GLY Q 60 -14.46 -2.89 -66.89
C GLY Q 60 -14.80 -1.93 -68.02
N GLU Q 61 -14.32 -0.69 -67.94
CA GLU Q 61 -14.50 0.27 -69.02
C GLU Q 61 -13.24 1.12 -69.13
N VAL Q 62 -12.84 1.43 -70.36
CA VAL Q 62 -11.61 2.18 -70.61
C VAL Q 62 -11.93 3.67 -70.45
N ARG Q 63 -11.15 4.36 -69.62
CA ARG Q 63 -11.33 5.78 -69.41
C ARG Q 63 -10.19 6.57 -70.04
N PRO Q 64 -10.49 7.69 -70.69
CA PRO Q 64 -9.44 8.50 -71.30
C PRO Q 64 -8.74 9.36 -70.26
N PHE Q 65 -7.66 10.02 -70.69
CA PHE Q 65 -6.83 10.83 -69.81
C PHE Q 65 -6.60 12.25 -70.28
N TYR Q 66 -6.89 12.56 -71.55
CA TYR Q 66 -6.88 13.92 -72.14
C TYR Q 66 -5.50 14.59 -72.01
N LEU Q 67 -4.47 13.88 -72.45
CA LEU Q 67 -3.11 14.40 -72.43
C LEU Q 67 -2.44 14.11 -73.76
N GLN Q 68 -1.35 14.83 -74.02
CA GLN Q 68 -0.57 14.71 -75.24
C GLN Q 68 0.90 14.60 -74.88
N PRO Q 69 1.70 13.88 -75.69
CA PRO Q 69 3.13 13.79 -75.39
C PRO Q 69 3.90 15.07 -75.66
N GLY Q 70 3.34 16.00 -76.42
CA GLY Q 70 4.02 17.26 -76.70
C GLY Q 70 3.70 18.35 -75.71
N GLN Q 71 4.03 18.11 -74.43
CA GLN Q 71 3.78 19.09 -73.38
C GLN Q 71 4.78 18.86 -72.26
N THR Q 72 4.72 19.73 -71.25
CA THR Q 72 5.59 19.67 -70.08
C THR Q 72 4.72 19.61 -68.83
N VAL Q 73 4.61 18.42 -68.23
CA VAL Q 73 3.74 18.24 -67.08
C VAL Q 73 4.41 18.76 -65.82
N VAL Q 74 3.65 19.52 -65.03
CA VAL Q 74 4.10 20.02 -63.74
C VAL Q 74 3.63 19.05 -62.66
N TYR Q 75 4.53 18.71 -61.73
CA TYR Q 75 4.18 17.85 -60.60
C TYR Q 75 4.88 18.36 -59.36
N SER Q 76 4.39 17.92 -58.21
CA SER Q 76 4.94 18.32 -56.92
C SER Q 76 6.02 17.32 -56.49
N LYS Q 77 7.20 17.83 -56.15
CA LYS Q 77 8.30 16.96 -55.75
C LYS Q 77 8.25 16.61 -54.26
N PHE Q 78 7.68 17.50 -53.45
CA PHE Q 78 7.55 17.19 -52.02
C PHE Q 78 6.44 16.18 -51.76
N GLY Q 79 5.46 16.10 -52.66
CA GLY Q 79 4.39 15.13 -52.54
C GLY Q 79 4.82 13.76 -53.06
N PHE Q 80 5.58 13.03 -52.24
CA PHE Q 80 6.18 11.78 -52.68
C PHE Q 80 5.16 10.65 -52.80
N MET Q 81 4.32 10.72 -53.83
CA MET Q 81 3.40 9.64 -54.18
C MET Q 81 3.80 8.99 -55.50
N TYR Q 82 5.09 9.09 -55.84
CA TYR Q 82 5.59 8.66 -57.13
C TYR Q 82 6.83 7.79 -56.94
N GLN Q 83 7.44 7.43 -58.06
CA GLN Q 83 8.69 6.68 -58.08
C GLN Q 83 9.76 7.47 -58.83
N ASP Q 84 11.00 7.35 -58.37
CA ASP Q 84 12.16 7.99 -58.99
C ASP Q 84 13.01 6.89 -59.60
N LEU Q 85 12.72 6.55 -60.85
CA LEU Q 85 13.39 5.44 -61.53
C LEU Q 85 14.51 6.01 -62.40
N LYS Q 86 15.75 5.79 -61.97
CA LYS Q 86 16.91 6.42 -62.57
C LYS Q 86 17.64 5.45 -63.49
N LEU Q 87 18.05 5.93 -64.66
CA LEU Q 87 18.81 5.13 -65.61
C LEU Q 87 20.30 5.17 -65.27
N SER Q 88 21.08 4.47 -66.10
CA SER Q 88 22.52 4.37 -65.86
C SER Q 88 23.29 5.57 -66.41
N ASN Q 89 22.74 6.27 -67.40
CA ASN Q 89 23.40 7.41 -68.02
C ASN Q 89 23.01 8.74 -67.38
N GLY Q 90 22.49 8.73 -66.15
CA GLY Q 90 22.10 9.95 -65.47
C GLY Q 90 20.67 10.38 -65.70
N GLU Q 91 19.95 9.72 -66.61
CA GLU Q 91 18.55 10.05 -66.85
C GLU Q 91 17.69 9.48 -65.73
N GLU Q 92 16.72 10.28 -65.26
CA GLU Q 92 15.81 9.86 -64.20
C GLU Q 92 14.36 9.93 -64.70
N TYR Q 93 13.75 8.76 -64.88
CA TYR Q 93 12.36 8.71 -65.34
C TYR Q 93 11.44 8.68 -64.13
N ILE Q 94 10.60 9.70 -64.00
CA ILE Q 94 9.68 9.83 -62.87
C ILE Q 94 8.28 9.47 -63.34
N LEU Q 95 7.63 8.58 -62.60
CA LEU Q 95 6.30 8.06 -62.93
C LEU Q 95 5.28 8.65 -61.96
N ILE Q 96 4.48 9.59 -62.44
CA ILE Q 96 3.53 10.31 -61.61
C ILE Q 96 2.11 9.90 -61.97
N ARG Q 97 1.16 10.31 -61.14
CA ARG Q 97 -0.25 10.00 -61.31
C ARG Q 97 -0.95 11.10 -62.10
N GLU Q 98 -2.23 10.86 -62.40
CA GLU Q 98 -3.03 11.88 -63.06
C GLU Q 98 -3.49 12.95 -62.08
N ASP Q 99 -3.46 12.65 -60.78
CA ASP Q 99 -3.78 13.66 -59.78
C ASP Q 99 -2.58 14.57 -59.50
N ASP Q 100 -1.37 14.11 -59.84
CA ASP Q 100 -0.16 14.90 -59.68
C ASP Q 100 0.04 15.90 -60.81
N VAL Q 101 -0.78 15.85 -61.85
CA VAL Q 101 -0.67 16.78 -62.98
C VAL Q 101 -1.20 18.14 -62.53
N ILE Q 102 -0.30 19.11 -62.37
CA ILE Q 102 -0.72 20.45 -61.97
C ILE Q 102 -1.25 21.22 -63.18
N GLY Q 103 -0.43 21.36 -64.20
CA GLY Q 103 -0.88 22.06 -65.40
C GLY Q 103 0.25 22.23 -66.40
N ILE Q 104 0.07 23.21 -67.29
CA ILE Q 104 1.03 23.53 -68.33
C ILE Q 104 1.51 24.96 -68.10
N MET Q 105 2.77 25.23 -68.43
CA MET Q 105 3.34 26.56 -68.33
C MET Q 105 3.96 26.96 -69.66
N PRO Q 106 3.56 28.10 -70.24
CA PRO Q 106 4.23 28.58 -71.45
C PRO Q 106 5.62 29.11 -71.11
N ARG Q 107 6.56 28.86 -72.04
CA ARG Q 107 8.00 29.05 -71.84
C ARG Q 107 8.47 28.34 -70.57
N ALA Q 108 8.33 27.01 -70.59
CA ALA Q 108 8.46 26.22 -69.37
C ALA Q 108 9.92 26.05 -68.94
N ASN Q 109 10.85 26.04 -69.90
CA ASN Q 109 12.26 25.82 -69.59
C ASN Q 109 12.93 27.14 -69.20
N ALA Q 110 12.55 27.63 -68.03
CA ALA Q 110 13.05 28.89 -67.50
C ALA Q 110 12.86 28.88 -65.98
N GLN Q 111 13.05 30.05 -65.38
CA GLN Q 111 12.86 30.20 -63.94
C GLN Q 111 11.37 30.44 -63.66
N ALA Q 112 11.05 30.62 -62.38
CA ALA Q 112 9.67 30.86 -61.94
C ALA Q 112 9.26 32.29 -62.29
N ASP Q 113 8.91 32.47 -63.55
CA ASP Q 113 8.47 33.76 -64.09
C ASP Q 113 7.08 33.69 -64.67
N ASP Q 114 6.73 32.58 -65.33
CA ASP Q 114 5.42 32.39 -65.93
C ASP Q 114 4.44 31.69 -64.99
N VAL Q 115 4.60 31.88 -63.68
CA VAL Q 115 3.63 31.35 -62.72
C VAL Q 115 2.24 31.96 -62.86
N PRO Q 116 2.06 33.29 -63.10
CA PRO Q 116 0.69 33.76 -63.40
C PRO Q 116 0.09 33.21 -64.69
N GLU Q 117 0.90 32.71 -65.62
CA GLU Q 117 0.39 32.13 -66.86
C GLU Q 117 0.15 30.63 -66.77
N LEU Q 118 0.04 30.08 -65.56
CA LEU Q 118 -0.13 28.64 -65.40
C LEU Q 118 -1.56 28.23 -65.74
N GLN Q 119 -1.70 27.33 -66.72
CA GLN Q 119 -2.99 26.82 -67.12
C GLN Q 119 -3.14 25.41 -66.58
N PRO Q 120 -4.11 25.14 -65.69
CA PRO Q 120 -4.23 23.81 -65.10
C PRO Q 120 -4.81 22.80 -66.08
N LEU Q 121 -4.45 21.53 -65.88
CA LEU Q 121 -4.89 20.43 -66.71
C LEU Q 121 -5.84 19.49 -65.98
N ALA Q 122 -5.47 19.06 -64.77
CA ALA Q 122 -6.34 18.21 -63.96
C ALA Q 122 -7.31 19.09 -63.17
N ASP Q 123 -7.97 18.50 -62.18
CA ASP Q 123 -8.99 19.20 -61.41
C ASP Q 123 -8.40 20.21 -60.43
N ARG Q 124 -7.83 21.30 -60.97
CA ARG Q 124 -7.20 22.34 -60.17
C ARG Q 124 -7.57 23.70 -60.75
N VAL Q 125 -7.46 24.72 -59.91
CA VAL Q 125 -7.78 26.10 -60.29
C VAL Q 125 -6.71 27.01 -59.70
N LEU Q 126 -6.26 27.99 -60.48
CA LEU Q 126 -5.21 28.90 -60.07
C LEU Q 126 -5.82 30.14 -59.42
N ILE Q 127 -5.41 30.42 -58.19
CA ILE Q 127 -5.97 31.52 -57.40
C ILE Q 127 -4.83 32.47 -57.03
N LYS Q 128 -5.01 33.76 -57.33
CA LYS Q 128 -4.04 34.78 -56.98
C LYS Q 128 -4.32 35.27 -55.56
N VAL Q 129 -3.27 35.32 -54.75
CA VAL Q 129 -3.41 35.74 -53.35
C VAL Q 129 -3.49 37.26 -53.28
N GLU Q 130 -4.55 37.77 -52.66
CA GLU Q 130 -4.73 39.19 -52.45
C GLU Q 130 -4.10 39.60 -51.12
N GLU Q 131 -3.42 40.75 -51.13
CA GLU Q 131 -2.68 41.23 -49.97
C GLU Q 131 -3.66 41.83 -48.96
N VAL Q 132 -4.27 40.96 -48.16
CA VAL Q 132 -5.20 41.37 -47.12
C VAL Q 132 -4.79 40.67 -45.81
N ALA Q 133 -5.54 40.96 -44.75
CA ALA Q 133 -5.30 40.32 -43.47
C ALA Q 133 -5.82 38.89 -43.49
N ASP Q 134 -5.27 38.07 -42.60
CA ASP Q 134 -5.63 36.66 -42.56
C ASP Q 134 -6.84 36.38 -41.67
N VAL Q 135 -6.78 36.74 -40.39
CA VAL Q 135 -7.87 36.51 -39.45
C VAL Q 135 -8.13 37.82 -38.70
N THR Q 136 -9.34 38.35 -38.84
CA THR Q 136 -9.74 39.55 -38.10
C THR Q 136 -11.02 39.37 -37.29
N MET Q 137 -11.89 38.43 -37.64
CA MET Q 137 -13.12 38.19 -36.91
C MET Q 137 -13.09 36.89 -36.11
N GLY Q 138 -11.93 36.24 -36.02
CA GLY Q 138 -11.81 35.00 -35.29
C GLY Q 138 -11.44 35.20 -33.84
N GLY Q 139 -10.58 34.33 -33.31
CA GLY Q 139 -10.15 34.42 -31.93
C GLY Q 139 -9.34 33.21 -31.47
N LYS Q 147 -10.89 27.18 -34.86
CA LYS Q 147 -11.54 28.34 -35.48
C LYS Q 147 -10.52 29.20 -36.23
N GLU Q 148 -10.90 29.62 -37.44
CA GLU Q 148 -10.03 30.41 -38.30
C GLU Q 148 -10.89 31.12 -39.34
N ARG Q 149 -10.25 31.93 -40.16
CA ARG Q 149 -10.89 32.66 -41.24
C ARG Q 149 -10.06 32.55 -42.51
N PRO Q 150 -10.71 32.31 -43.65
CA PRO Q 150 -9.97 32.18 -44.91
C PRO Q 150 -9.63 33.54 -45.52
N LEU Q 151 -8.62 33.53 -46.37
CA LEU Q 151 -8.17 34.72 -47.07
C LEU Q 151 -8.81 34.79 -48.45
N SER Q 152 -9.04 36.02 -48.92
CA SER Q 152 -9.65 36.22 -50.21
C SER Q 152 -8.64 35.98 -51.33
N GLY Q 153 -9.17 35.67 -52.52
CA GLY Q 153 -8.33 35.41 -53.67
C GLY Q 153 -9.08 35.63 -54.96
N THR Q 154 -8.33 35.87 -56.03
CA THR Q 154 -8.88 36.14 -57.34
C THR Q 154 -8.48 35.01 -58.29
N VAL Q 155 -9.43 34.58 -59.13
CA VAL Q 155 -9.17 33.50 -60.06
C VAL Q 155 -8.43 34.02 -61.28
N VAL Q 156 -7.37 33.31 -61.68
CA VAL Q 156 -6.60 33.65 -62.87
C VAL Q 156 -6.93 32.72 -64.02
N ARG Q 157 -6.67 31.42 -63.85
CA ARG Q 157 -6.94 30.43 -64.89
C ARG Q 157 -7.74 29.28 -64.27
N VAL Q 158 -8.58 28.64 -65.08
CA VAL Q 158 -9.41 27.53 -64.64
C VAL Q 158 -9.00 26.30 -65.44
N GLY Q 159 -9.21 25.12 -64.86
CA GLY Q 159 -8.93 23.87 -65.53
C GLY Q 159 -10.14 22.96 -65.56
N PRO Q 160 -10.11 21.94 -66.41
CA PRO Q 160 -11.19 20.96 -66.42
C PRO Q 160 -11.15 20.07 -65.18
N GLY Q 161 -12.30 19.52 -64.84
CA GLY Q 161 -12.47 18.70 -63.65
C GLY Q 161 -12.11 17.25 -63.90
N LYS Q 162 -12.91 16.35 -63.33
CA LYS Q 162 -12.69 14.92 -63.44
C LYS Q 162 -13.59 14.33 -64.52
N TYR Q 163 -13.40 13.03 -64.77
CA TYR Q 163 -14.18 12.32 -65.76
C TYR Q 163 -15.55 11.95 -65.20
N ASP Q 164 -16.59 12.22 -65.98
CA ASP Q 164 -17.96 11.91 -65.59
C ASP Q 164 -18.30 10.49 -66.00
N LYS Q 165 -18.89 9.73 -65.07
CA LYS Q 165 -19.20 8.33 -65.30
C LYS Q 165 -20.50 8.10 -66.05
N ASP Q 166 -21.10 9.13 -66.64
CA ASP Q 166 -22.35 8.98 -67.36
C ASP Q 166 -22.09 8.45 -68.78
N ALA Q 167 -23.16 8.43 -69.57
CA ALA Q 167 -23.07 7.90 -70.93
C ALA Q 167 -22.43 8.91 -71.89
N GLU Q 168 -22.33 10.18 -71.47
CA GLU Q 168 -21.74 11.19 -72.35
C GLU Q 168 -20.23 11.02 -72.44
N GLY Q 169 -19.57 10.73 -71.31
CA GLY Q 169 -18.13 10.55 -71.30
C GLY Q 169 -17.36 11.84 -71.44
N LYS Q 170 -17.96 12.97 -71.07
CA LYS Q 170 -17.30 14.27 -71.15
C LYS Q 170 -16.69 14.64 -69.80
N ARG Q 171 -15.64 15.44 -69.85
CA ARG Q 171 -14.97 15.93 -68.65
C ARG Q 171 -15.69 17.19 -68.18
N ARG Q 172 -16.42 17.10 -67.08
CA ARG Q 172 -17.16 18.22 -66.53
C ARG Q 172 -16.19 19.22 -65.92
N THR Q 173 -16.15 20.42 -66.51
CA THR Q 173 -15.20 21.43 -66.08
C THR Q 173 -15.65 22.08 -64.76
N VAL Q 174 -14.75 22.88 -64.20
CA VAL Q 174 -15.02 23.61 -62.96
C VAL Q 174 -15.92 24.79 -63.30
N PRO Q 175 -17.01 25.01 -62.55
CA PRO Q 175 -17.90 26.14 -62.89
C PRO Q 175 -17.34 27.52 -62.55
N LEU Q 176 -16.15 27.60 -61.98
CA LEU Q 176 -15.53 28.87 -61.66
C LEU Q 176 -15.09 29.58 -62.94
N ALA Q 177 -14.91 30.90 -62.84
CA ALA Q 177 -14.57 31.72 -64.00
C ALA Q 177 -13.42 32.63 -63.60
N PRO Q 178 -12.56 32.99 -64.55
CA PRO Q 178 -11.49 33.95 -64.26
C PRO Q 178 -12.04 35.34 -63.97
N GLY Q 179 -11.54 35.94 -62.89
CA GLY Q 179 -12.00 37.23 -62.44
C GLY Q 179 -12.90 37.21 -61.22
N ASP Q 180 -13.31 36.03 -60.77
CA ASP Q 180 -14.18 35.92 -59.61
C ASP Q 180 -13.36 36.01 -58.32
N LYS Q 181 -14.01 36.47 -57.25
CA LYS Q 181 -13.39 36.49 -55.94
C LYS Q 181 -13.80 35.25 -55.17
N VAL Q 182 -12.83 34.54 -54.60
CA VAL Q 182 -13.05 33.31 -53.87
C VAL Q 182 -12.27 33.37 -52.55
N LEU Q 183 -12.34 32.27 -51.80
CA LEU Q 183 -11.62 32.14 -50.53
C LEU Q 183 -10.75 30.90 -50.55
N TYR Q 184 -9.73 30.91 -49.70
CA TYR Q 184 -8.80 29.79 -49.61
C TYR Q 184 -8.14 29.78 -48.24
N PHE Q 185 -7.65 28.62 -47.84
CA PHE Q 185 -6.94 28.44 -46.58
C PHE Q 185 -5.46 28.17 -46.84
N LYS Q 186 -4.65 28.38 -45.80
CA LYS Q 186 -3.20 28.27 -45.94
C LYS Q 186 -2.75 26.81 -46.08
N TYR Q 187 -3.54 25.87 -45.57
CA TYR Q 187 -3.24 24.45 -45.69
C TYR Q 187 -4.14 23.74 -46.68
N ALA Q 188 -4.85 24.51 -47.52
CA ALA Q 188 -5.83 23.91 -48.43
C ALA Q 188 -5.23 23.50 -49.77
N GLY Q 189 -4.03 23.95 -50.09
CA GLY Q 189 -3.44 23.61 -51.36
C GLY Q 189 -1.95 23.87 -51.41
N ASP Q 190 -1.42 23.85 -52.63
CA ASP Q 190 0.02 24.04 -52.85
C ASP Q 190 0.29 25.52 -53.05
N ASN Q 191 1.12 26.09 -52.19
CA ASN Q 191 1.43 27.51 -52.25
C ASN Q 191 2.56 27.76 -53.25
N MET Q 192 2.49 28.90 -53.93
CA MET Q 192 3.50 29.30 -54.89
C MET Q 192 3.88 30.76 -54.63
N GLU Q 193 5.10 31.12 -55.03
CA GLU Q 193 5.63 32.46 -54.80
C GLU Q 193 6.36 32.92 -56.04
N THR Q 194 6.13 34.18 -56.40
CA THR Q 194 6.77 34.86 -57.53
C THR Q 194 7.75 35.88 -57.00
N PRO Q 195 8.82 36.17 -57.75
CA PRO Q 195 9.77 37.21 -57.30
C PRO Q 195 9.21 38.62 -57.34
N SER Q 196 8.09 38.85 -58.04
CA SER Q 196 7.48 40.18 -58.10
C SER Q 196 6.69 40.53 -56.85
N GLY Q 197 6.50 39.58 -55.92
CA GLY Q 197 5.77 39.81 -54.70
C GLY Q 197 4.40 39.17 -54.66
N ASP Q 198 3.84 38.83 -55.82
CA ASP Q 198 2.53 38.20 -55.87
C ASP Q 198 2.65 36.72 -55.49
N LYS Q 199 1.65 36.21 -54.79
CA LYS Q 199 1.61 34.83 -54.36
C LYS Q 199 0.44 34.11 -55.04
N PHE Q 200 0.59 32.80 -55.21
CA PHE Q 200 -0.40 31.99 -55.90
C PHE Q 200 -0.60 30.67 -55.15
N VAL Q 201 -1.77 30.07 -55.36
CA VAL Q 201 -2.14 28.81 -54.73
C VAL Q 201 -3.03 28.04 -55.70
N VAL Q 202 -2.98 26.72 -55.63
CA VAL Q 202 -3.82 25.85 -56.45
C VAL Q 202 -4.61 24.92 -55.52
N LEU Q 203 -5.93 24.96 -55.65
CA LEU Q 203 -6.82 24.10 -54.89
C LEU Q 203 -7.51 23.09 -55.80
N ARG Q 204 -7.95 21.99 -55.22
CA ARG Q 204 -8.68 20.98 -55.96
C ARG Q 204 -10.17 21.35 -56.04
N SER Q 205 -10.91 20.61 -56.86
CA SER Q 205 -12.31 20.93 -57.08
C SER Q 205 -13.19 20.54 -55.90
N ASP Q 206 -12.78 19.55 -55.11
CA ASP Q 206 -13.52 19.21 -53.91
C ASP Q 206 -13.32 20.24 -52.80
N ASP Q 207 -12.22 21.00 -52.84
CA ASP Q 207 -12.00 22.08 -51.89
C ASP Q 207 -12.58 23.41 -52.36
N VAL Q 208 -13.00 23.49 -53.62
CA VAL Q 208 -13.72 24.67 -54.09
C VAL Q 208 -15.12 24.66 -53.46
N LEU Q 209 -15.42 25.71 -52.70
CA LEU Q 209 -16.64 25.77 -51.90
C LEU Q 209 -17.64 26.79 -52.45
N CYS Q 210 -17.22 28.05 -52.57
CA CYS Q 210 -18.11 29.12 -53.01
C CYS Q 210 -17.26 30.30 -53.45
N LYS Q 211 -17.92 31.32 -53.98
CA LYS Q 211 -17.27 32.56 -54.35
C LYS Q 211 -17.37 33.57 -53.21
N ALA Q 212 -16.71 34.70 -53.39
CA ALA Q 212 -16.72 35.76 -52.38
C ALA Q 212 -16.61 37.14 -53.04
N ALA R 1 -16.98 -25.90 -40.56
CA ALA R 1 -17.51 -27.10 -41.21
C ALA R 1 -18.54 -27.80 -40.32
N THR R 2 -19.46 -28.53 -40.95
CA THR R 2 -20.47 -29.27 -40.23
C THR R 2 -20.86 -30.49 -41.07
N PRO R 3 -21.28 -31.59 -40.44
CA PRO R 3 -21.83 -32.71 -41.21
C PRO R 3 -23.18 -32.34 -41.80
N VAL R 4 -23.35 -32.66 -43.08
CA VAL R 4 -24.59 -32.33 -43.78
C VAL R 4 -25.60 -33.45 -43.58
N PRO R 5 -26.89 -33.16 -43.56
CA PRO R 5 -27.89 -34.23 -43.46
C PRO R 5 -28.18 -34.84 -44.83
N LYS R 6 -28.48 -36.15 -44.82
CA LYS R 6 -28.83 -36.88 -46.03
C LYS R 6 -30.30 -36.59 -46.35
N GLN R 7 -30.54 -35.43 -46.93
CA GLN R 7 -31.90 -34.97 -47.19
C GLN R 7 -32.09 -34.54 -48.64
N PHE R 8 -31.04 -34.07 -49.28
CA PHE R 8 -31.21 -33.46 -50.60
C PHE R 8 -30.56 -34.23 -51.73
N LYS R 9 -29.27 -34.57 -51.61
CA LYS R 9 -28.46 -35.21 -52.65
C LYS R 9 -28.49 -34.39 -53.95
N ALA R 10 -28.27 -33.09 -53.81
CA ALA R 10 -28.28 -32.14 -54.92
C ALA R 10 -27.59 -30.86 -54.51
N VAL R 11 -26.74 -30.34 -55.41
CA VAL R 11 -26.05 -29.07 -55.22
C VAL R 11 -26.18 -28.27 -56.50
N LYS R 12 -26.77 -27.08 -56.41
CA LYS R 12 -26.93 -26.18 -57.55
C LYS R 12 -26.51 -24.78 -57.13
N PRO R 13 -25.29 -24.36 -57.46
CA PRO R 13 -24.85 -23.01 -57.08
C PRO R 13 -25.49 -21.94 -57.96
N VAL R 14 -25.56 -20.73 -57.42
CA VAL R 14 -26.06 -19.56 -58.15
C VAL R 14 -24.96 -18.51 -58.18
N GLY R 15 -24.85 -17.82 -59.32
CA GLY R 15 -23.93 -16.72 -59.43
C GLY R 15 -22.49 -17.17 -59.58
N ASP R 16 -21.60 -16.39 -58.96
CA ASP R 16 -20.16 -16.62 -59.02
C ASP R 16 -19.72 -17.54 -57.86
N ARG R 17 -20.26 -18.76 -57.89
CA ARG R 17 -19.97 -19.76 -56.87
C ARG R 17 -19.58 -21.06 -57.56
N VAL R 18 -18.36 -21.53 -57.27
CA VAL R 18 -17.82 -22.76 -57.85
C VAL R 18 -17.45 -23.71 -56.73
N LEU R 19 -17.96 -24.94 -56.80
CA LEU R 19 -17.71 -25.95 -55.79
C LEU R 19 -16.44 -26.72 -56.14
N VAL R 20 -15.55 -26.89 -55.17
CA VAL R 20 -14.28 -27.57 -55.36
C VAL R 20 -14.12 -28.63 -54.27
N LYS R 21 -13.53 -29.76 -54.62
CA LYS R 21 -13.29 -30.84 -53.67
C LYS R 21 -11.86 -30.76 -53.14
N VAL R 22 -11.70 -31.04 -51.84
CA VAL R 22 -10.38 -31.08 -51.24
C VAL R 22 -9.67 -32.35 -51.68
N ASP R 23 -8.36 -32.25 -51.97
CA ASP R 23 -7.59 -33.38 -52.45
C ASP R 23 -7.40 -34.43 -51.36
N LYS R 24 -6.76 -34.06 -50.25
CA LYS R 24 -6.56 -34.97 -49.12
C LYS R 24 -6.21 -34.14 -47.89
N GLU R 25 -6.23 -34.80 -46.74
CA GLU R 25 -5.81 -34.17 -45.48
C GLU R 25 -4.30 -34.30 -45.35
N GLU R 26 -3.62 -33.39 -46.08
CA GLU R 26 -2.17 -33.16 -46.15
C GLU R 26 -1.40 -34.27 -46.88
N ALA R 27 -2.07 -35.37 -47.22
CA ALA R 27 -1.59 -36.46 -48.07
C ALA R 27 -0.33 -37.15 -47.55
N LYS R 28 -0.02 -36.98 -46.26
CA LYS R 28 1.19 -37.49 -45.59
C LYS R 28 2.47 -37.08 -46.34
N SER R 29 2.53 -35.80 -46.72
CA SER R 29 3.67 -35.31 -47.49
C SER R 29 4.86 -34.99 -46.59
N VAL R 30 4.67 -35.03 -45.28
CA VAL R 30 5.72 -34.67 -44.33
C VAL R 30 6.11 -35.89 -43.51
N GLY R 31 6.08 -37.07 -44.12
CA GLY R 31 6.36 -38.28 -43.40
C GLY R 31 7.84 -38.44 -43.09
N GLY R 32 8.12 -39.29 -42.09
CA GLY R 32 9.47 -39.54 -41.61
C GLY R 32 9.74 -38.93 -40.24
N VAL R 33 9.33 -37.68 -40.05
CA VAL R 33 9.32 -37.05 -38.73
C VAL R 33 7.91 -36.86 -38.19
N LEU R 34 6.91 -36.89 -39.09
CA LEU R 34 5.46 -37.01 -38.91
C LEU R 34 4.79 -35.74 -38.41
N LEU R 35 5.58 -34.71 -38.00
CA LEU R 35 5.32 -33.27 -37.97
C LEU R 35 3.89 -32.85 -37.63
N PRO R 36 3.46 -32.95 -36.36
CA PRO R 36 2.07 -32.61 -36.01
C PRO R 36 1.72 -31.14 -36.21
N ALA R 37 2.70 -30.25 -36.29
CA ALA R 37 2.47 -28.86 -36.69
C ALA R 37 3.55 -28.48 -37.69
N SER R 38 3.16 -28.32 -38.95
CA SER R 38 4.12 -28.10 -40.02
C SER R 38 3.58 -27.00 -40.95
N VAL R 39 4.25 -26.83 -42.09
CA VAL R 39 3.89 -25.76 -43.01
C VAL R 39 2.83 -26.25 -44.00
N ARG R 40 1.80 -25.43 -44.20
CA ARG R 40 0.76 -25.69 -45.21
C ARG R 40 0.82 -24.57 -46.24
N ASN R 41 1.58 -24.80 -47.31
CA ASN R 41 1.80 -23.81 -48.35
C ASN R 41 0.98 -24.09 -49.61
N LYS R 42 -0.17 -24.76 -49.47
CA LYS R 42 -1.04 -25.03 -50.60
C LYS R 42 -2.47 -25.10 -50.07
N PRO R 43 -3.39 -24.30 -50.60
CA PRO R 43 -4.76 -24.26 -50.06
C PRO R 43 -5.70 -25.29 -50.67
N THR R 44 -5.24 -26.56 -50.74
CA THR R 44 -6.01 -27.74 -51.15
C THR R 44 -6.78 -27.55 -52.47
N ALA R 45 -6.01 -27.35 -53.54
CA ALA R 45 -6.60 -27.25 -54.87
C ALA R 45 -7.09 -28.62 -55.33
N GLY R 46 -8.26 -28.64 -55.97
CA GLY R 46 -8.85 -29.89 -56.41
C GLY R 46 -9.75 -29.77 -57.63
N SER R 47 -10.54 -30.81 -57.89
CA SER R 47 -11.42 -30.85 -59.05
C SER R 47 -12.73 -30.12 -58.77
N ILE R 48 -13.53 -29.97 -59.82
CA ILE R 48 -14.79 -29.24 -59.77
C ILE R 48 -15.93 -30.21 -60.04
N ILE R 49 -16.97 -30.15 -59.21
CA ILE R 49 -18.15 -30.98 -59.39
C ILE R 49 -19.29 -30.19 -60.02
N ALA R 50 -19.59 -29.01 -59.51
CA ALA R 50 -20.70 -28.21 -60.01
C ALA R 50 -20.18 -26.85 -60.46
N LEU R 51 -20.84 -26.29 -61.48
CA LEU R 51 -20.44 -25.01 -62.06
C LEU R 51 -21.31 -23.85 -61.62
N GLY R 52 -22.62 -24.01 -61.61
CA GLY R 52 -23.49 -22.90 -61.24
C GLY R 52 -23.63 -21.92 -62.39
N ASP R 53 -23.43 -20.65 -62.09
CA ASP R 53 -23.50 -19.58 -63.10
C ASP R 53 -22.14 -18.94 -63.34
N ALA R 54 -21.07 -19.74 -63.32
CA ALA R 54 -19.73 -19.21 -63.56
C ALA R 54 -19.53 -18.87 -65.02
N LYS R 55 -18.63 -17.93 -65.28
CA LYS R 55 -18.37 -17.43 -66.63
C LYS R 55 -17.14 -18.08 -67.26
N SER R 56 -15.99 -17.98 -66.58
CA SER R 56 -14.73 -18.46 -67.13
C SER R 56 -14.29 -19.80 -66.55
N VAL R 57 -14.95 -20.28 -65.51
CA VAL R 57 -14.56 -21.53 -64.86
C VAL R 57 -15.19 -22.70 -65.61
N LYS R 58 -14.37 -23.66 -65.98
CA LYS R 58 -14.81 -24.87 -66.68
C LYS R 58 -14.93 -26.02 -65.68
N LEU R 59 -15.66 -27.06 -66.08
CA LEU R 59 -15.92 -28.18 -65.19
C LEU R 59 -14.68 -29.04 -64.97
N SER R 60 -13.82 -29.14 -65.99
CA SER R 60 -12.63 -29.99 -65.91
C SER R 60 -11.40 -29.26 -65.41
N ASP R 61 -11.55 -28.08 -64.81
CA ASP R 61 -10.40 -27.31 -64.33
C ASP R 61 -10.01 -27.77 -62.93
N LYS R 62 -8.70 -27.70 -62.65
CA LYS R 62 -8.19 -27.94 -61.29
C LYS R 62 -7.94 -26.58 -60.65
N VAL R 63 -8.98 -26.04 -60.05
CA VAL R 63 -9.01 -24.65 -59.61
C VAL R 63 -8.26 -24.49 -58.29
N ILE R 64 -7.27 -23.59 -58.27
CA ILE R 64 -6.60 -23.17 -57.04
C ILE R 64 -7.32 -21.92 -56.55
N TYR R 65 -7.20 -21.65 -55.25
CA TYR R 65 -8.05 -20.65 -54.62
C TYR R 65 -7.41 -20.23 -53.29
N SER R 66 -7.91 -19.11 -52.75
CA SER R 66 -7.40 -18.60 -51.49
C SER R 66 -8.01 -19.36 -50.32
N LYS R 67 -7.39 -19.21 -49.14
CA LYS R 67 -7.89 -19.91 -47.96
C LYS R 67 -9.19 -19.32 -47.45
N PHE R 68 -9.42 -18.03 -47.67
CA PHE R 68 -10.65 -17.36 -47.28
C PHE R 68 -11.60 -17.15 -48.46
N ALA R 69 -11.64 -18.11 -49.39
CA ALA R 69 -12.44 -17.95 -50.60
C ALA R 69 -13.94 -18.15 -50.34
N GLY R 70 -14.29 -19.16 -49.55
CA GLY R 70 -15.70 -19.43 -49.31
C GLY R 70 -15.98 -20.20 -48.03
N THR R 71 -17.13 -20.84 -47.96
CA THR R 71 -17.58 -21.57 -46.79
C THR R 71 -17.23 -23.04 -46.92
N GLU R 72 -16.68 -23.62 -45.86
CA GLU R 72 -16.34 -25.04 -45.86
C GLU R 72 -17.55 -25.87 -45.47
N LEU R 73 -17.65 -27.06 -46.08
CA LEU R 73 -18.79 -27.94 -45.84
C LEU R 73 -18.36 -29.37 -46.09
N GLU R 74 -18.91 -30.28 -45.28
CA GLU R 74 -18.55 -31.71 -45.35
C GLU R 74 -19.62 -32.47 -46.13
N LEU R 75 -19.47 -32.44 -47.46
CA LEU R 75 -20.41 -33.07 -48.36
C LEU R 75 -20.17 -34.59 -48.35
N GLY R 76 -20.94 -35.31 -47.55
CA GLY R 76 -20.85 -36.77 -47.53
C GLY R 76 -19.58 -37.32 -46.94
N GLY R 77 -19.01 -36.63 -45.94
CA GLY R 77 -17.77 -37.05 -45.34
C GLY R 77 -16.52 -36.40 -45.91
N ALA R 78 -16.61 -35.84 -47.11
CA ALA R 78 -15.48 -35.17 -47.75
C ALA R 78 -15.65 -33.66 -47.64
N GLU R 79 -14.56 -32.96 -47.36
CA GLU R 79 -14.61 -31.51 -47.21
C GLU R 79 -14.76 -30.85 -48.58
N HIS R 80 -15.55 -29.77 -48.62
CA HIS R 80 -15.81 -29.04 -49.85
C HIS R 80 -15.84 -27.55 -49.55
N VAL R 81 -15.43 -26.76 -50.55
CA VAL R 81 -15.34 -25.31 -50.44
C VAL R 81 -16.13 -24.69 -51.59
N LEU R 82 -17.03 -23.77 -51.28
CA LEU R 82 -17.78 -23.04 -52.30
C LEU R 82 -17.13 -21.67 -52.48
N LEU R 83 -16.15 -21.64 -53.39
CA LEU R 83 -15.34 -20.43 -53.59
C LEU R 83 -16.10 -19.38 -54.40
N LYS R 84 -15.53 -18.18 -54.44
CA LYS R 84 -16.05 -17.08 -55.24
C LYS R 84 -15.17 -16.90 -56.47
N GLU R 85 -15.77 -16.43 -57.56
CA GLU R 85 -15.02 -16.28 -58.81
C GLU R 85 -14.12 -15.04 -58.79
N GLU R 86 -14.30 -14.16 -57.80
CA GLU R 86 -13.53 -12.92 -57.77
C GLU R 86 -12.08 -13.14 -57.35
N ASP R 87 -11.83 -14.03 -56.39
CA ASP R 87 -10.51 -14.23 -55.81
C ASP R 87 -9.83 -15.52 -56.26
N VAL R 88 -10.00 -15.91 -57.52
CA VAL R 88 -9.36 -17.10 -58.07
C VAL R 88 -8.00 -16.71 -58.64
N ILE R 89 -6.99 -17.53 -58.37
CA ILE R 89 -5.64 -17.29 -58.89
C ILE R 89 -5.53 -17.92 -60.27
N GLY R 90 -5.73 -19.22 -60.36
CA GLY R 90 -5.64 -19.89 -61.63
C GLY R 90 -6.09 -21.33 -61.55
N VAL R 91 -5.81 -22.08 -62.62
CA VAL R 91 -6.11 -23.49 -62.71
C VAL R 91 -4.82 -24.27 -62.86
N LEU R 92 -4.83 -25.53 -62.43
CA LEU R 92 -3.65 -26.38 -62.48
C LEU R 92 -3.73 -27.32 -63.66
N SER R 93 -2.58 -27.59 -64.28
CA SER R 93 -2.50 -28.47 -65.44
C SER R 93 -2.46 -29.93 -64.99
N ALA R 94 -2.14 -30.82 -65.94
CA ALA R 94 -2.06 -32.25 -65.62
C ALA R 94 -0.84 -32.56 -64.76
N SER R 95 0.28 -31.89 -64.99
CA SER R 95 1.46 -32.06 -64.15
C SER R 95 1.32 -31.22 -62.89
N GLU R 96 2.01 -31.65 -61.84
CA GLU R 96 1.92 -30.97 -60.54
C GLU R 96 2.89 -29.81 -60.41
N LYS R 97 3.57 -29.42 -61.49
CA LYS R 97 4.45 -28.26 -61.44
C LYS R 97 3.64 -26.97 -61.44
N ILE R 98 4.07 -26.01 -60.62
CA ILE R 98 3.33 -24.76 -60.48
C ILE R 98 3.65 -23.78 -61.60
N ALA R 99 4.63 -24.09 -62.45
CA ALA R 99 4.96 -23.19 -63.56
C ALA R 99 3.91 -23.25 -64.66
N GLN R 100 3.19 -24.36 -64.76
CA GLN R 100 2.14 -24.54 -65.76
C GLN R 100 0.77 -24.09 -65.27
N LEU R 101 0.70 -23.46 -64.10
CA LEU R 101 -0.57 -23.00 -63.52
C LEU R 101 -0.98 -21.73 -64.25
N LYS R 102 -1.82 -21.87 -65.28
CA LYS R 102 -2.21 -20.71 -66.08
C LYS R 102 -3.39 -20.00 -65.43
N PRO R 103 -3.31 -18.67 -65.24
CA PRO R 103 -4.41 -17.96 -64.59
C PRO R 103 -5.59 -17.75 -65.53
N LEU R 104 -6.79 -17.69 -64.94
CA LEU R 104 -8.02 -17.44 -65.68
C LEU R 104 -8.76 -16.22 -65.18
N SER R 105 -8.17 -15.44 -64.28
CA SER R 105 -8.82 -14.29 -63.67
C SER R 105 -7.86 -13.11 -63.73
N ASP R 106 -8.18 -12.06 -62.98
CA ASP R 106 -7.37 -10.85 -62.96
C ASP R 106 -6.10 -11.02 -62.13
N ARG R 107 -5.21 -11.91 -62.56
CA ARG R 107 -3.99 -12.22 -61.83
C ARG R 107 -2.85 -12.38 -62.81
N ILE R 108 -1.64 -12.05 -62.36
CA ILE R 108 -0.42 -12.19 -63.15
C ILE R 108 0.61 -12.92 -62.30
N LEU R 109 1.13 -14.02 -62.83
CA LEU R 109 2.16 -14.80 -62.13
C LEU R 109 3.52 -14.25 -62.54
N ILE R 110 4.45 -14.21 -61.57
CA ILE R 110 5.82 -13.80 -61.82
C ILE R 110 6.76 -14.86 -61.23
N LYS R 111 8.03 -14.76 -61.59
CA LYS R 111 9.04 -15.68 -61.10
C LYS R 111 9.73 -15.14 -59.85
N GLY R 112 10.37 -13.98 -59.97
CA GLY R 112 11.09 -13.40 -58.84
C GLY R 112 12.58 -13.30 -59.09
N ALA R 113 13.15 -12.14 -58.78
CA ALA R 113 14.57 -11.87 -58.97
C ALA R 113 15.16 -11.19 -57.75
N LYS R 114 14.78 -11.67 -56.57
CA LYS R 114 15.25 -11.11 -55.31
C LYS R 114 16.44 -11.90 -54.78
N ALA R 115 17.11 -11.31 -53.78
CA ALA R 115 18.22 -11.98 -53.12
C ALA R 115 17.69 -13.00 -52.12
N GLU R 116 18.42 -14.10 -51.98
CA GLU R 116 18.03 -15.17 -51.07
C GLU R 116 18.37 -14.86 -49.61
N ASP R 117 19.19 -13.85 -49.35
CA ASP R 117 19.57 -13.49 -47.99
C ASP R 117 19.90 -12.01 -47.97
N LYS R 118 19.04 -11.21 -47.33
CA LYS R 118 19.32 -9.79 -47.18
C LYS R 118 20.33 -9.50 -46.08
N THR R 119 20.63 -10.48 -45.23
CA THR R 119 21.60 -10.30 -44.15
C THR R 119 23.01 -10.74 -44.55
N SER R 120 23.13 -11.55 -45.60
CA SER R 120 24.39 -12.11 -46.11
C SER R 120 25.13 -12.89 -45.01
N GLY R 121 24.43 -13.87 -44.45
CA GLY R 121 24.96 -14.70 -43.39
C GLY R 121 24.64 -14.24 -41.98
N GLY R 122 24.16 -13.01 -41.82
CA GLY R 122 23.83 -12.49 -40.51
C GLY R 122 24.74 -11.38 -40.05
N VAL R 123 24.24 -10.15 -40.08
CA VAL R 123 25.00 -8.96 -39.68
C VAL R 123 24.09 -8.09 -38.81
N LEU R 124 24.68 -7.47 -37.80
CA LEU R 124 23.94 -6.61 -36.89
C LEU R 124 23.55 -5.31 -37.57
N LEU R 125 22.53 -4.65 -37.01
CA LEU R 125 21.97 -3.37 -37.47
C LEU R 125 21.49 -3.47 -38.92
N ALA R 126 20.57 -4.40 -39.15
CA ALA R 126 20.12 -4.76 -40.48
C ALA R 126 18.68 -5.22 -40.41
N THR R 127 18.24 -5.97 -41.43
CA THR R 127 16.95 -6.67 -41.60
C THR R 127 15.76 -5.74 -41.78
N GLU R 128 15.97 -4.48 -42.18
CA GLU R 128 14.87 -3.59 -42.50
C GLU R 128 15.09 -2.97 -43.87
N SER R 129 14.05 -3.01 -44.71
CA SER R 129 14.04 -2.37 -46.00
C SER R 129 12.63 -1.91 -46.30
N ALA R 130 12.48 -1.08 -47.32
CA ALA R 130 11.16 -0.61 -47.71
C ALA R 130 10.36 -1.73 -48.36
N GLU R 131 9.07 -1.78 -48.02
CA GLU R 131 8.22 -2.89 -48.42
C GLU R 131 7.81 -2.85 -49.88
N LYS R 132 7.84 -1.68 -50.51
CA LYS R 132 7.40 -1.55 -51.90
C LYS R 132 8.42 -1.97 -52.96
N PRO R 133 9.70 -1.53 -52.96
CA PRO R 133 10.57 -1.88 -54.10
C PRO R 133 11.12 -3.30 -53.97
N THR R 134 11.04 -4.03 -55.09
CA THR R 134 11.53 -5.39 -55.21
C THR R 134 11.67 -5.71 -56.70
N PHE R 135 12.19 -6.89 -57.00
CA PHE R 135 12.46 -7.30 -58.37
C PHE R 135 11.83 -8.65 -58.66
N GLY R 136 11.31 -8.79 -59.87
CA GLY R 136 10.70 -10.04 -60.32
C GLY R 136 10.46 -9.98 -61.81
N THR R 137 10.30 -11.16 -62.41
CA THR R 137 10.10 -11.29 -63.85
C THR R 137 8.91 -12.20 -64.15
N VAL R 138 8.19 -11.87 -65.22
CA VAL R 138 6.95 -12.55 -65.58
C VAL R 138 7.27 -13.77 -66.44
N VAL R 139 6.55 -14.87 -66.19
CA VAL R 139 6.64 -16.08 -67.00
C VAL R 139 5.39 -16.26 -67.86
N ALA R 140 4.22 -16.02 -67.30
CA ALA R 140 2.96 -16.19 -68.04
C ALA R 140 1.95 -15.17 -67.54
N VAL R 141 0.95 -14.90 -68.39
CA VAL R 141 -0.13 -13.97 -68.10
C VAL R 141 -1.44 -14.74 -68.15
N GLY R 142 -2.45 -14.26 -67.41
CA GLY R 142 -3.77 -14.83 -67.42
C GLY R 142 -4.75 -14.02 -68.25
N GLU R 143 -6.03 -14.22 -67.97
CA GLU R 143 -7.08 -13.59 -68.73
C GLU R 143 -7.32 -12.15 -68.26
N GLY R 144 -7.91 -11.35 -69.15
CA GLY R 144 -8.18 -9.96 -68.88
C GLY R 144 -9.59 -9.74 -68.35
N ARG R 145 -10.04 -8.49 -68.46
CA ARG R 145 -11.34 -8.08 -67.94
C ARG R 145 -12.31 -7.78 -69.09
N GLU R 146 -13.60 -7.92 -68.80
CA GLU R 146 -14.63 -7.67 -69.79
C GLU R 146 -14.78 -6.17 -70.03
N ASP R 147 -14.96 -5.79 -71.29
CA ASP R 147 -15.12 -4.40 -71.68
C ASP R 147 -16.60 -4.09 -71.89
N GLU R 148 -17.02 -2.88 -71.52
CA GLU R 148 -18.42 -2.50 -71.67
C GLU R 148 -18.76 -2.14 -73.11
N GLU R 149 -17.81 -1.57 -73.85
CA GLU R 149 -18.11 -1.08 -75.19
C GLU R 149 -18.19 -2.22 -76.20
N THR R 150 -17.26 -3.18 -76.12
CA THR R 150 -17.17 -4.25 -77.11
C THR R 150 -17.78 -5.56 -76.66
N LYS R 151 -18.13 -5.68 -75.37
CA LYS R 151 -18.68 -6.91 -74.76
C LYS R 151 -17.77 -8.11 -74.94
N ALA R 152 -16.49 -7.91 -74.65
CA ALA R 152 -15.50 -8.96 -74.80
C ALA R 152 -14.38 -8.75 -73.81
N LEU R 153 -13.70 -9.84 -73.45
CA LEU R 153 -12.58 -9.76 -72.52
C LEU R 153 -11.31 -9.32 -73.25
N VAL R 154 -10.73 -8.21 -72.81
CA VAL R 154 -9.52 -7.65 -73.41
C VAL R 154 -8.40 -7.73 -72.38
N LYS R 155 -7.18 -7.95 -72.87
CA LYS R 155 -6.02 -8.10 -71.99
C LYS R 155 -5.16 -6.85 -72.01
N PRO R 156 -4.52 -6.51 -70.88
CA PRO R 156 -3.61 -5.37 -70.85
C PRO R 156 -2.30 -5.68 -71.59
N ASN R 157 -1.55 -4.61 -71.86
CA ASN R 157 -0.33 -4.69 -72.65
C ASN R 157 0.82 -5.14 -71.75
N VAL R 158 0.91 -6.46 -71.58
CA VAL R 158 1.97 -7.08 -70.80
C VAL R 158 2.37 -8.39 -71.49
N THR R 159 3.67 -8.67 -71.53
CA THR R 159 4.21 -9.85 -72.21
C THR R 159 4.56 -10.93 -71.20
N VAL R 160 5.23 -11.99 -71.68
CA VAL R 160 5.54 -13.15 -70.86
C VAL R 160 7.04 -13.23 -70.57
N GLY R 161 7.78 -12.16 -70.78
CA GLY R 161 9.21 -12.19 -70.57
C GLY R 161 9.80 -10.90 -70.02
N ALA R 162 8.97 -10.07 -69.41
CA ALA R 162 9.41 -8.79 -68.88
C ALA R 162 9.72 -8.89 -67.39
N THR R 163 10.69 -8.10 -66.95
CA THR R 163 10.97 -7.95 -65.53
C THR R 163 10.14 -6.80 -64.97
N VAL R 164 9.62 -7.00 -63.76
CA VAL R 164 8.63 -6.11 -63.16
C VAL R 164 9.06 -5.74 -61.75
N MET R 165 9.14 -4.45 -61.47
CA MET R 165 9.37 -3.95 -60.12
C MET R 165 8.04 -3.89 -59.37
N TYR R 166 7.62 -5.07 -58.91
CA TYR R 166 6.29 -5.28 -58.35
C TYR R 166 6.24 -4.80 -56.90
N SER R 167 5.17 -5.19 -56.21
CA SER R 167 4.97 -4.83 -54.81
C SER R 167 4.92 -6.10 -53.96
N LYS R 168 5.68 -6.11 -52.86
CA LYS R 168 5.75 -7.27 -51.99
C LYS R 168 4.44 -7.45 -51.21
N TYR R 169 4.31 -8.65 -50.62
CA TYR R 169 3.21 -9.09 -49.76
C TYR R 169 1.85 -9.06 -50.45
N SER R 170 1.82 -9.15 -51.78
CA SER R 170 0.57 -9.22 -52.52
C SER R 170 0.35 -10.63 -53.05
N GLY R 171 -0.85 -11.15 -52.83
CA GLY R 171 -1.15 -12.51 -53.27
C GLY R 171 -0.57 -13.53 -52.31
N THR R 172 0.23 -14.45 -52.83
CA THR R 172 0.83 -15.50 -52.03
C THR R 172 2.16 -15.88 -52.66
N GLU R 173 2.79 -16.94 -52.13
CA GLU R 173 4.10 -17.37 -52.59
C GLU R 173 4.18 -18.88 -52.55
N PHE R 174 4.81 -19.45 -53.59
CA PHE R 174 5.00 -20.88 -53.69
C PHE R 174 6.45 -21.15 -54.08
N GLU R 175 6.81 -22.43 -54.18
CA GLU R 175 8.18 -22.84 -54.47
C GLU R 175 8.15 -24.11 -55.31
N GLU R 176 9.02 -24.16 -56.33
CA GLU R 176 9.16 -25.31 -57.21
C GLU R 176 10.63 -25.68 -57.28
N ASP R 177 11.06 -26.60 -56.40
CA ASP R 177 12.42 -27.13 -56.32
C ASP R 177 13.47 -26.02 -56.14
N GLY R 178 13.13 -25.04 -55.31
CA GLY R 178 13.98 -23.89 -55.09
C GLY R 178 13.61 -22.67 -55.89
N ASP R 179 12.87 -22.83 -56.99
CA ASP R 179 12.45 -21.70 -57.80
C ASP R 179 11.15 -21.14 -57.26
N ASN R 180 11.14 -19.83 -56.98
CA ASN R 180 9.96 -19.18 -56.43
C ASN R 180 8.97 -18.81 -57.53
N TYR R 181 7.70 -18.69 -57.16
CA TYR R 181 6.64 -18.27 -58.07
C TYR R 181 5.61 -17.48 -57.28
N ILE R 182 5.43 -16.21 -57.66
CA ILE R 182 4.58 -15.29 -56.94
C ILE R 182 3.48 -14.82 -57.89
N VAL R 183 2.28 -14.65 -57.36
CA VAL R 183 1.16 -14.08 -58.11
C VAL R 183 0.90 -12.66 -57.59
N VAL R 184 0.72 -11.72 -58.52
CA VAL R 184 0.57 -10.30 -58.19
C VAL R 184 -0.72 -9.80 -58.82
N ARG R 185 -0.98 -8.51 -58.63
CA ARG R 185 -2.16 -7.84 -59.17
C ARG R 185 -1.86 -7.42 -60.62
N GLU R 186 -2.77 -6.68 -61.25
CA GLU R 186 -2.76 -6.63 -62.71
C GLU R 186 -2.16 -5.35 -63.35
N SER R 187 -2.29 -4.11 -62.82
CA SER R 187 -2.39 -3.47 -61.48
C SER R 187 -1.36 -3.91 -60.44
N ASP R 188 -0.23 -4.47 -60.89
CA ASP R 188 0.96 -4.52 -60.05
C ASP R 188 2.25 -4.38 -60.85
N ILE R 189 2.16 -3.94 -62.11
CA ILE R 189 3.32 -3.84 -62.99
C ILE R 189 3.72 -2.37 -63.11
N LEU R 190 4.91 -2.05 -62.60
CA LEU R 190 5.40 -0.67 -62.68
C LEU R 190 6.02 -0.38 -64.03
N ALA R 191 6.69 -1.37 -64.63
CA ALA R 191 7.37 -1.16 -65.90
C ALA R 191 7.47 -2.49 -66.64
N GLN R 192 7.21 -2.44 -67.94
CA GLN R 192 7.40 -3.60 -68.82
C GLN R 192 8.78 -3.45 -69.47
N LEU R 193 9.81 -3.87 -68.73
CA LEU R 193 11.19 -3.69 -69.16
C LEU R 193 11.63 -4.87 -70.04
N SER R 194 11.08 -4.89 -71.24
CA SER R 194 11.44 -5.90 -72.23
C SER R 194 11.21 -5.38 -73.65
N ALA S 1 -31.96 12.23 -31.30
CA ALA S 1 -33.30 12.60 -30.90
C ALA S 1 -33.32 13.96 -30.23
N THR S 2 -33.95 14.94 -30.89
CA THR S 2 -34.03 16.30 -30.40
C THR S 2 -35.48 16.75 -30.45
N PRO S 3 -35.93 17.52 -29.47
CA PRO S 3 -37.29 18.06 -29.51
C PRO S 3 -37.44 19.15 -30.56
N VAL S 4 -38.55 19.09 -31.28
CA VAL S 4 -38.79 19.99 -32.41
C VAL S 4 -40.02 20.85 -32.13
N PRO S 5 -39.95 22.17 -32.30
CA PRO S 5 -41.16 22.98 -32.26
C PRO S 5 -42.01 22.75 -33.50
N LYS S 6 -43.31 22.62 -33.31
CA LYS S 6 -44.21 22.21 -34.38
C LYS S 6 -44.71 23.46 -35.10
N GLN S 7 -44.25 23.65 -36.34
CA GLN S 7 -44.54 24.87 -37.08
C GLN S 7 -45.61 24.67 -38.16
N PHE S 8 -45.37 23.75 -39.10
CA PHE S 8 -46.18 23.71 -40.31
C PHE S 8 -46.71 22.34 -40.67
N LYS S 9 -45.96 21.28 -40.36
CA LYS S 9 -46.32 19.88 -40.60
C LYS S 9 -46.62 19.60 -42.08
N ALA S 10 -45.58 19.75 -42.89
CA ALA S 10 -45.63 19.49 -44.33
C ALA S 10 -44.42 18.70 -44.78
N VAL S 11 -44.20 17.55 -44.13
CA VAL S 11 -43.02 16.73 -44.39
C VAL S 11 -43.02 16.18 -45.81
N LYS S 12 -41.93 16.42 -46.52
CA LYS S 12 -41.72 15.96 -47.89
C LYS S 12 -40.28 15.49 -48.02
N PRO S 13 -40.02 14.18 -47.88
CA PRO S 13 -38.64 13.70 -47.94
C PRO S 13 -38.08 13.74 -49.35
N VAL S 14 -36.88 14.31 -49.47
CA VAL S 14 -36.19 14.39 -50.75
C VAL S 14 -35.46 13.06 -50.99
N GLY S 15 -35.32 12.69 -52.25
CA GLY S 15 -34.70 11.42 -52.57
C GLY S 15 -35.64 10.26 -52.28
N ASP S 16 -35.05 9.12 -51.91
CA ASP S 16 -35.81 7.93 -51.57
C ASP S 16 -35.99 7.75 -50.07
N ARG S 17 -35.95 8.82 -49.29
CA ARG S 17 -36.09 8.70 -47.84
C ARG S 17 -37.55 8.51 -47.45
N VAL S 18 -37.75 7.76 -46.36
CA VAL S 18 -39.09 7.44 -45.86
C VAL S 18 -39.12 7.75 -44.37
N LEU S 19 -40.05 8.61 -43.96
CA LEU S 19 -40.27 8.92 -42.56
C LEU S 19 -41.37 8.02 -42.01
N VAL S 20 -41.05 7.29 -40.95
CA VAL S 20 -41.92 6.26 -40.42
C VAL S 20 -41.93 6.33 -38.89
N LYS S 21 -43.10 6.10 -38.30
CA LYS S 21 -43.31 6.20 -36.86
C LYS S 21 -43.22 4.83 -36.21
N VAL S 22 -42.55 4.77 -35.06
CA VAL S 22 -42.56 3.59 -34.20
C VAL S 22 -43.94 3.49 -33.57
N ASP S 23 -44.54 2.29 -33.62
CA ASP S 23 -45.90 2.13 -33.12
C ASP S 23 -45.94 2.08 -31.60
N LYS S 24 -45.33 1.06 -31.00
CA LYS S 24 -45.31 0.90 -29.55
C LYS S 24 -44.00 0.22 -29.17
N GLU S 25 -43.79 0.12 -27.86
CA GLU S 25 -42.67 -0.65 -27.31
C GLU S 25 -43.13 -2.05 -26.90
N GLU S 26 -43.70 -2.75 -27.90
CA GLU S 26 -44.19 -4.13 -27.82
C GLU S 26 -45.31 -4.31 -26.78
N ALA S 27 -46.00 -3.22 -26.43
CA ALA S 27 -47.17 -3.20 -25.54
C ALA S 27 -46.89 -3.78 -24.16
N LYS S 28 -45.63 -3.66 -23.70
CA LYS S 28 -45.14 -4.14 -22.41
C LYS S 28 -45.42 -5.64 -22.22
N SER S 29 -44.86 -6.44 -23.11
CA SER S 29 -45.11 -7.88 -23.10
C SER S 29 -44.37 -8.58 -21.97
N VAL S 30 -43.22 -8.05 -21.55
CA VAL S 30 -42.43 -8.63 -20.49
C VAL S 30 -42.54 -7.83 -19.20
N GLY S 31 -43.62 -7.07 -19.04
CA GLY S 31 -43.82 -6.27 -17.86
C GLY S 31 -44.18 -7.06 -16.62
N GLY S 32 -43.46 -6.85 -15.54
CA GLY S 32 -43.73 -7.54 -14.29
C GLY S 32 -42.47 -7.95 -13.55
N VAL S 33 -41.37 -8.13 -14.28
CA VAL S 33 -40.07 -8.47 -13.68
C VAL S 33 -39.13 -7.33 -14.06
N LEU S 34 -39.06 -6.32 -13.18
CA LEU S 34 -38.07 -5.23 -13.13
C LEU S 34 -38.23 -4.21 -14.26
N LEU S 35 -39.07 -4.50 -15.25
CA LEU S 35 -39.29 -3.71 -16.46
C LEU S 35 -37.98 -3.30 -17.14
N PRO S 36 -37.26 -4.23 -17.76
CA PRO S 36 -35.95 -3.88 -18.32
C PRO S 36 -36.00 -3.40 -19.76
N ALA S 37 -35.08 -2.51 -20.09
CA ALA S 37 -34.85 -2.12 -21.49
C ALA S 37 -34.04 -3.22 -22.15
N SER S 38 -34.63 -3.90 -23.13
CA SER S 38 -34.03 -5.12 -23.67
C SER S 38 -33.70 -4.88 -25.13
N VAL S 39 -33.16 -5.92 -25.79
CA VAL S 39 -32.83 -5.82 -27.21
C VAL S 39 -34.10 -5.93 -28.03
N ARG S 40 -34.33 -4.94 -28.89
CA ARG S 40 -35.51 -4.88 -29.74
C ARG S 40 -35.26 -5.75 -30.97
N ASN S 41 -36.22 -6.62 -31.29
CA ASN S 41 -36.13 -7.50 -32.44
C ASN S 41 -37.16 -7.15 -33.51
N LYS S 42 -37.85 -6.02 -33.36
CA LYS S 42 -38.83 -5.56 -34.34
C LYS S 42 -38.70 -4.05 -34.48
N PRO S 43 -37.75 -3.58 -35.28
CA PRO S 43 -37.51 -2.13 -35.38
C PRO S 43 -38.54 -1.41 -36.24
N THR S 44 -39.32 -0.52 -35.60
CA THR S 44 -40.25 0.42 -36.23
C THR S 44 -41.31 -0.31 -37.07
N ALA S 45 -42.14 -1.07 -36.36
CA ALA S 45 -43.26 -1.78 -36.97
C ALA S 45 -44.48 -0.87 -36.92
N GLY S 46 -44.44 0.18 -37.75
CA GLY S 46 -45.51 1.16 -37.76
C GLY S 46 -45.87 1.67 -39.14
N SER S 47 -46.72 2.70 -39.18
CA SER S 47 -47.19 3.24 -40.45
C SER S 47 -46.31 4.41 -40.89
N ILE S 48 -46.37 4.70 -42.19
CA ILE S 48 -45.56 5.75 -42.81
C ILE S 48 -46.42 7.00 -42.97
N ILE S 49 -45.90 8.13 -42.48
CA ILE S 49 -46.61 9.40 -42.60
C ILE S 49 -46.29 10.08 -43.93
N ALA S 50 -45.05 9.99 -44.40
CA ALA S 50 -44.65 10.68 -45.63
C ALA S 50 -43.77 9.76 -46.46
N LEU S 51 -44.09 9.64 -47.76
CA LEU S 51 -43.37 8.75 -48.65
C LEU S 51 -42.20 9.41 -49.37
N GLY S 52 -42.38 10.62 -49.89
CA GLY S 52 -41.36 11.21 -50.73
C GLY S 52 -41.45 10.73 -52.16
N ASP S 53 -40.35 10.19 -52.68
CA ASP S 53 -40.30 9.68 -54.05
C ASP S 53 -40.20 8.16 -54.11
N ALA S 54 -40.42 7.47 -52.99
CA ALA S 54 -40.38 6.01 -52.99
C ALA S 54 -41.63 5.44 -53.63
N LYS S 55 -41.46 4.34 -54.34
CA LYS S 55 -42.56 3.71 -55.06
C LYS S 55 -42.79 2.25 -54.70
N SER S 56 -41.92 1.64 -53.89
CA SER S 56 -42.09 0.23 -53.57
C SER S 56 -43.13 0.01 -52.47
N VAL S 57 -43.48 1.07 -51.73
CA VAL S 57 -44.35 0.95 -50.57
C VAL S 57 -45.41 2.05 -50.62
N LYS S 58 -46.56 1.77 -50.01
CA LYS S 58 -47.65 2.71 -49.88
C LYS S 58 -47.54 3.49 -48.57
N LEU S 59 -48.57 4.28 -48.29
CA LEU S 59 -48.54 5.15 -47.12
C LEU S 59 -48.94 4.41 -45.86
N SER S 60 -50.08 3.72 -45.89
CA SER S 60 -50.63 3.08 -44.69
C SER S 60 -50.09 1.67 -44.46
N ASP S 61 -48.89 1.35 -44.94
CA ASP S 61 -48.34 0.02 -44.80
C ASP S 61 -47.61 -0.14 -43.47
N LYS S 62 -47.71 -1.32 -42.89
CA LYS S 62 -47.00 -1.67 -41.66
C LYS S 62 -45.77 -2.48 -42.04
N VAL S 63 -44.62 -1.81 -42.09
CA VAL S 63 -43.38 -2.39 -42.63
C VAL S 63 -42.36 -2.50 -41.52
N ILE S 64 -41.61 -3.61 -41.49
CA ILE S 64 -40.50 -3.80 -40.57
C ILE S 64 -39.23 -3.26 -41.23
N TYR S 65 -38.27 -2.84 -40.41
CA TYR S 65 -37.02 -2.27 -40.89
C TYR S 65 -35.86 -2.85 -40.09
N SER S 66 -34.67 -2.30 -40.32
CA SER S 66 -33.48 -2.78 -39.63
C SER S 66 -33.19 -1.91 -38.40
N LYS S 67 -32.19 -2.35 -37.62
CA LYS S 67 -31.87 -1.66 -36.38
C LYS S 67 -31.12 -0.35 -36.63
N PHE S 68 -30.20 -0.36 -37.59
CA PHE S 68 -29.41 0.81 -37.96
C PHE S 68 -29.97 1.48 -39.21
N ALA S 69 -31.29 1.51 -39.33
CA ALA S 69 -31.94 1.95 -40.56
C ALA S 69 -31.80 3.44 -40.78
N GLY S 70 -32.10 4.25 -39.76
CA GLY S 70 -32.05 5.69 -39.91
C GLY S 70 -31.78 6.39 -38.60
N THR S 71 -31.72 7.72 -38.68
CA THR S 71 -31.48 8.57 -37.51
C THR S 71 -32.81 8.85 -36.81
N GLU S 72 -32.83 8.67 -35.50
CA GLU S 72 -34.06 8.86 -34.73
C GLU S 72 -34.35 10.34 -34.51
N LEU S 73 -35.63 10.68 -34.60
CA LEU S 73 -36.09 12.05 -34.44
C LEU S 73 -37.29 12.06 -33.52
N GLU S 74 -37.41 13.08 -32.67
CA GLU S 74 -38.57 13.24 -31.80
C GLU S 74 -39.50 14.30 -32.37
N LEU S 75 -40.24 13.92 -33.41
CA LEU S 75 -41.20 14.81 -34.04
C LEU S 75 -42.62 14.34 -33.77
N GLY S 76 -43.55 15.29 -33.65
CA GLY S 76 -44.93 14.97 -33.42
C GLY S 76 -45.25 14.53 -32.01
N GLY S 77 -44.39 14.84 -31.05
CA GLY S 77 -44.58 14.38 -29.69
C GLY S 77 -44.27 12.92 -29.47
N ALA S 78 -43.59 12.28 -30.41
CA ALA S 78 -43.25 10.87 -30.30
C ALA S 78 -41.96 10.61 -31.07
N GLU S 79 -41.46 9.39 -30.95
CA GLU S 79 -40.23 9.02 -31.64
C GLU S 79 -40.51 8.67 -33.10
N HIS S 80 -39.60 9.07 -33.99
CA HIS S 80 -39.73 8.82 -35.42
C HIS S 80 -38.36 8.49 -36.00
N VAL S 81 -38.37 7.68 -37.05
CA VAL S 81 -37.15 7.26 -37.74
C VAL S 81 -37.23 7.73 -39.19
N LEU S 82 -36.16 8.36 -39.67
CA LEU S 82 -36.04 8.78 -41.06
C LEU S 82 -35.04 7.86 -41.76
N LEU S 83 -35.54 6.96 -42.59
CA LEU S 83 -34.73 5.94 -43.23
C LEU S 83 -34.93 5.97 -44.74
N LYS S 84 -34.01 5.32 -45.45
CA LYS S 84 -33.99 5.29 -46.91
C LYS S 84 -34.80 4.12 -47.46
N GLU S 85 -34.67 3.89 -48.77
CA GLU S 85 -35.42 2.82 -49.42
C GLU S 85 -34.59 1.54 -49.54
N GLU S 86 -33.29 1.60 -49.24
CA GLU S 86 -32.42 0.45 -49.46
C GLU S 86 -32.57 -0.64 -48.42
N ASP S 87 -33.22 -0.34 -47.29
CA ASP S 87 -33.26 -1.25 -46.15
C ASP S 87 -34.67 -1.72 -45.79
N VAL S 88 -35.62 -1.61 -46.71
CA VAL S 88 -36.99 -2.09 -46.44
C VAL S 88 -37.04 -3.59 -46.68
N ILE S 89 -37.90 -4.28 -45.94
CA ILE S 89 -38.11 -5.72 -46.09
C ILE S 89 -39.47 -6.04 -46.70
N GLY S 90 -40.55 -5.70 -46.01
CA GLY S 90 -41.88 -6.02 -46.50
C GLY S 90 -42.95 -5.62 -45.53
N VAL S 91 -44.19 -5.72 -46.00
CA VAL S 91 -45.37 -5.27 -45.28
C VAL S 91 -45.84 -6.39 -44.34
N LEU S 92 -46.42 -5.99 -43.22
CA LEU S 92 -47.11 -6.92 -42.33
C LEU S 92 -48.57 -7.05 -42.73
N SER S 93 -49.11 -8.24 -42.49
CA SER S 93 -50.52 -8.51 -42.77
C SER S 93 -51.36 -8.12 -41.55
N ALA S 94 -52.63 -8.55 -41.53
CA ALA S 94 -53.46 -8.33 -40.36
C ALA S 94 -52.98 -9.14 -39.16
N SER S 95 -52.40 -10.32 -39.43
CA SER S 95 -51.75 -11.11 -38.40
C SER S 95 -50.28 -10.71 -38.34
N GLU S 96 -49.74 -10.62 -37.12
CA GLU S 96 -48.36 -10.19 -36.91
C GLU S 96 -47.37 -11.35 -36.91
N LYS S 97 -47.69 -12.46 -37.57
CA LYS S 97 -46.75 -13.56 -37.68
C LYS S 97 -45.65 -13.21 -38.68
N ILE S 98 -44.40 -13.45 -38.29
CA ILE S 98 -43.27 -13.06 -39.12
C ILE S 98 -43.05 -14.02 -40.28
N ALA S 99 -43.69 -15.19 -40.26
CA ALA S 99 -43.51 -16.15 -41.34
C ALA S 99 -44.30 -15.77 -42.59
N GLN S 100 -45.31 -14.92 -42.44
CA GLN S 100 -46.18 -14.54 -43.54
C GLN S 100 -45.70 -13.28 -44.27
N LEU S 101 -44.41 -12.98 -44.23
CA LEU S 101 -43.87 -11.77 -44.83
C LEU S 101 -43.48 -12.04 -46.29
N LYS S 102 -43.95 -11.19 -47.19
CA LYS S 102 -43.48 -11.20 -48.57
C LYS S 102 -42.48 -10.08 -48.76
N PRO S 103 -41.33 -10.34 -49.38
CA PRO S 103 -40.32 -9.28 -49.54
C PRO S 103 -40.73 -8.29 -50.63
N LEU S 104 -40.67 -7.00 -50.29
CA LEU S 104 -40.99 -5.93 -51.22
C LEU S 104 -39.76 -5.27 -51.82
N SER S 105 -38.57 -5.77 -51.51
CA SER S 105 -37.32 -5.23 -52.02
C SER S 105 -36.38 -6.39 -52.29
N ASP S 106 -35.09 -6.09 -52.48
CA ASP S 106 -34.07 -7.10 -52.74
C ASP S 106 -33.70 -7.81 -51.44
N ARG S 107 -34.64 -8.60 -50.94
CA ARG S 107 -34.50 -9.32 -49.68
C ARG S 107 -35.06 -10.72 -49.85
N ILE S 108 -34.54 -11.66 -49.06
CA ILE S 108 -35.01 -13.04 -49.05
C ILE S 108 -35.19 -13.46 -47.61
N LEU S 109 -36.42 -13.87 -47.27
CA LEU S 109 -36.73 -14.36 -45.93
C LEU S 109 -36.52 -15.86 -45.88
N ILE S 110 -35.67 -16.31 -44.96
CA ILE S 110 -35.42 -17.73 -44.77
C ILE S 110 -35.63 -18.10 -43.31
N LYS S 111 -35.85 -19.39 -43.06
CA LYS S 111 -36.17 -19.88 -41.73
C LYS S 111 -34.95 -20.45 -41.02
N GLY S 112 -34.27 -21.42 -41.64
CA GLY S 112 -33.19 -22.11 -40.98
C GLY S 112 -33.49 -23.58 -40.78
N ALA S 113 -32.91 -24.43 -41.62
CA ALA S 113 -33.13 -25.88 -41.56
C ALA S 113 -32.14 -26.48 -40.58
N LYS S 114 -32.46 -26.36 -39.28
CA LYS S 114 -31.64 -26.91 -38.22
C LYS S 114 -32.48 -27.84 -37.38
N ALA S 115 -31.81 -28.57 -36.49
CA ALA S 115 -32.51 -29.46 -35.58
C ALA S 115 -33.22 -28.67 -34.49
N GLU S 116 -34.34 -29.22 -34.02
CA GLU S 116 -35.14 -28.56 -33.00
C GLU S 116 -34.62 -28.78 -31.59
N ASP S 117 -33.59 -29.62 -31.41
CA ASP S 117 -33.02 -29.87 -30.08
C ASP S 117 -31.51 -29.97 -30.24
N LYS S 118 -30.82 -28.84 -30.02
CA LYS S 118 -29.37 -28.80 -30.12
C LYS S 118 -28.68 -28.86 -28.77
N THR S 119 -29.34 -28.44 -27.70
CA THR S 119 -28.72 -28.43 -26.37
C THR S 119 -28.82 -29.77 -25.67
N SER S 120 -29.77 -30.63 -26.07
CA SER S 120 -29.99 -31.99 -25.54
C SER S 120 -30.16 -32.01 -24.02
N GLY S 121 -30.81 -30.98 -23.48
CA GLY S 121 -31.08 -30.90 -22.07
C GLY S 121 -30.04 -30.19 -21.23
N GLY S 122 -29.05 -29.56 -21.84
CA GLY S 122 -28.04 -28.84 -21.10
C GLY S 122 -26.72 -29.56 -20.99
N VAL S 123 -26.26 -30.15 -22.09
CA VAL S 123 -24.96 -30.82 -22.10
C VAL S 123 -23.86 -29.76 -22.16
N LEU S 124 -22.64 -30.18 -21.79
CA LEU S 124 -21.48 -29.28 -21.79
C LEU S 124 -21.08 -29.01 -23.24
N LEU S 125 -21.70 -28.00 -23.82
CA LEU S 125 -21.44 -27.62 -25.19
C LEU S 125 -20.81 -26.24 -25.26
N ALA S 126 -19.98 -26.04 -26.29
CA ALA S 126 -19.36 -24.75 -26.55
C ALA S 126 -19.00 -24.68 -28.02
N THR S 127 -18.39 -23.55 -28.40
CA THR S 127 -17.87 -23.27 -29.75
C THR S 127 -18.94 -23.42 -30.83
N GLU S 128 -20.16 -23.01 -30.50
CA GLU S 128 -21.27 -23.04 -31.45
C GLU S 128 -21.41 -21.75 -32.24
N SER S 129 -20.41 -20.87 -32.18
CA SER S 129 -20.43 -19.62 -32.94
C SER S 129 -19.71 -19.82 -34.28
N ALA S 130 -20.31 -20.67 -35.10
CA ALA S 130 -19.77 -20.94 -36.43
C ALA S 130 -20.01 -19.75 -37.35
N GLU S 131 -19.13 -19.59 -38.32
CA GLU S 131 -19.22 -18.46 -39.24
C GLU S 131 -19.48 -18.89 -40.68
N LYS S 132 -18.76 -19.89 -41.17
CA LYS S 132 -18.93 -20.30 -42.57
C LYS S 132 -20.17 -21.17 -42.80
N PRO S 133 -20.41 -22.30 -42.10
CA PRO S 133 -21.59 -23.10 -42.49
C PRO S 133 -22.87 -22.79 -41.72
N THR S 134 -23.97 -22.75 -42.47
CA THR S 134 -25.31 -22.61 -41.93
C THR S 134 -26.31 -23.06 -43.00
N PHE S 135 -27.52 -23.39 -42.56
CA PHE S 135 -28.57 -23.89 -43.43
C PHE S 135 -29.82 -23.03 -43.31
N GLY S 136 -30.61 -23.01 -44.38
CA GLY S 136 -31.84 -22.24 -44.38
C GLY S 136 -32.80 -22.55 -45.51
N THR S 137 -34.07 -22.80 -45.20
CA THR S 137 -35.09 -23.06 -46.19
C THR S 137 -35.84 -21.77 -46.51
N VAL S 138 -36.34 -21.66 -47.74
CA VAL S 138 -36.96 -20.43 -48.21
C VAL S 138 -38.48 -20.52 -48.06
N VAL S 139 -39.08 -19.46 -47.55
CA VAL S 139 -40.53 -19.34 -47.46
C VAL S 139 -41.08 -18.44 -48.57
N ALA S 140 -40.40 -17.33 -48.84
CA ALA S 140 -40.83 -16.38 -49.87
C ALA S 140 -39.64 -15.56 -50.33
N VAL S 141 -39.71 -15.09 -51.57
CA VAL S 141 -38.68 -14.22 -52.15
C VAL S 141 -39.37 -13.03 -52.80
N GLY S 142 -38.64 -11.93 -52.95
CA GLY S 142 -39.14 -10.73 -53.57
C GLY S 142 -38.43 -10.41 -54.87
N GLU S 143 -38.64 -9.19 -55.35
CA GLU S 143 -37.99 -8.72 -56.56
C GLU S 143 -36.61 -8.17 -56.25
N GLY S 144 -35.66 -8.44 -57.15
CA GLY S 144 -34.27 -8.09 -56.93
C GLY S 144 -33.98 -6.61 -57.06
N ARG S 145 -32.68 -6.30 -57.06
CA ARG S 145 -32.22 -4.92 -57.13
C ARG S 145 -32.41 -4.36 -58.54
N GLU S 146 -32.55 -3.03 -58.60
CA GLU S 146 -32.70 -2.36 -59.89
C GLU S 146 -31.36 -2.34 -60.63
N ASP S 147 -31.36 -2.90 -61.83
CA ASP S 147 -30.15 -2.95 -62.65
C ASP S 147 -29.96 -1.61 -63.35
N GLU S 148 -28.74 -1.07 -63.30
CA GLU S 148 -28.51 0.26 -63.84
C GLU S 148 -28.35 0.24 -65.36
N GLU S 149 -28.08 -0.93 -65.94
CA GLU S 149 -27.87 -1.02 -67.39
C GLU S 149 -29.20 -1.03 -68.14
N THR S 150 -30.05 -2.02 -67.87
CA THR S 150 -31.30 -2.18 -68.59
C THR S 150 -32.45 -1.39 -68.01
N LYS S 151 -32.24 -0.78 -66.82
CA LYS S 151 -33.25 0.00 -66.08
C LYS S 151 -34.51 -0.83 -65.80
N ALA S 152 -34.29 -2.02 -65.25
CA ALA S 152 -35.37 -2.94 -64.95
C ALA S 152 -35.00 -3.79 -63.75
N LEU S 153 -36.01 -4.32 -63.08
CA LEU S 153 -35.83 -5.19 -61.93
C LEU S 153 -36.00 -6.64 -62.34
N VAL S 154 -35.07 -7.48 -61.88
CA VAL S 154 -35.04 -8.90 -62.27
C VAL S 154 -35.16 -9.75 -61.01
N LYS S 155 -35.91 -10.84 -61.11
CA LYS S 155 -36.04 -11.77 -60.01
C LYS S 155 -34.78 -12.63 -59.90
N PRO S 156 -34.25 -12.84 -58.69
CA PRO S 156 -33.10 -13.73 -58.55
C PRO S 156 -33.46 -15.19 -58.79
N ASN S 157 -32.44 -15.98 -59.13
CA ASN S 157 -32.62 -17.39 -59.49
C ASN S 157 -32.70 -18.23 -58.22
N VAL S 158 -33.87 -18.23 -57.60
CA VAL S 158 -34.11 -18.99 -56.37
C VAL S 158 -35.61 -19.29 -56.32
N THR S 159 -35.92 -20.52 -55.88
CA THR S 159 -37.30 -20.97 -55.77
C THR S 159 -37.83 -20.61 -54.37
N VAL S 160 -39.07 -20.99 -54.06
CA VAL S 160 -39.70 -20.66 -52.80
C VAL S 160 -39.84 -21.87 -51.88
N GLY S 161 -39.17 -22.97 -52.19
CA GLY S 161 -39.30 -24.16 -51.37
C GLY S 161 -38.04 -24.98 -51.22
N ALA S 162 -36.88 -24.37 -51.47
CA ALA S 162 -35.60 -25.07 -51.43
C ALA S 162 -34.78 -24.62 -50.23
N THR S 163 -33.86 -25.48 -49.79
CA THR S 163 -32.94 -25.13 -48.73
C THR S 163 -31.67 -24.53 -49.33
N VAL S 164 -31.37 -23.29 -48.95
CA VAL S 164 -30.26 -22.54 -49.54
C VAL S 164 -29.29 -22.15 -48.43
N MET S 165 -28.00 -22.18 -48.75
CA MET S 165 -26.95 -21.78 -47.84
C MET S 165 -26.75 -20.27 -47.89
N TYR S 166 -26.18 -19.73 -46.81
CA TYR S 166 -26.01 -18.29 -46.66
C TYR S 166 -24.85 -18.02 -45.72
N SER S 167 -24.74 -16.77 -45.27
CA SER S 167 -23.61 -16.33 -44.46
C SER S 167 -24.07 -15.89 -43.08
N LYS S 168 -23.22 -16.10 -42.08
CA LYS S 168 -23.55 -15.73 -40.70
C LYS S 168 -23.53 -14.21 -40.55
N TYR S 169 -24.29 -13.72 -39.57
CA TYR S 169 -24.47 -12.32 -39.12
C TYR S 169 -24.88 -11.36 -40.23
N SER S 170 -25.42 -11.84 -41.34
CA SER S 170 -25.94 -10.96 -42.38
C SER S 170 -27.45 -10.90 -42.29
N GLY S 171 -27.98 -9.72 -41.96
CA GLY S 171 -29.41 -9.53 -41.86
C GLY S 171 -29.92 -9.47 -40.44
N THR S 172 -31.25 -9.47 -40.33
CA THR S 172 -31.95 -9.34 -39.06
C THR S 172 -32.67 -10.64 -38.73
N GLU S 173 -32.53 -11.09 -37.49
CA GLU S 173 -33.15 -12.33 -37.03
C GLU S 173 -34.47 -12.05 -36.34
N PHE S 174 -35.44 -12.94 -36.58
CA PHE S 174 -36.76 -12.84 -35.94
C PHE S 174 -37.09 -14.18 -35.30
N GLU S 175 -38.04 -14.15 -34.38
CA GLU S 175 -38.48 -15.34 -33.66
C GLU S 175 -40.01 -15.40 -33.67
N GLU S 176 -40.55 -16.56 -34.05
CA GLU S 176 -41.99 -16.80 -34.09
C GLU S 176 -42.25 -18.13 -33.39
N ASP S 177 -42.50 -18.08 -32.08
CA ASP S 177 -42.79 -19.23 -31.21
C ASP S 177 -41.67 -20.27 -31.28
N GLY S 178 -40.43 -19.80 -31.05
CA GLY S 178 -39.27 -20.65 -31.09
C GLY S 178 -38.66 -20.82 -32.46
N ASP S 179 -39.42 -20.62 -33.53
CA ASP S 179 -38.92 -20.77 -34.88
C ASP S 179 -38.15 -19.52 -35.31
N ASN S 180 -36.91 -19.70 -35.75
CA ASN S 180 -36.09 -18.59 -36.21
C ASN S 180 -36.47 -18.19 -37.63
N TYR S 181 -36.31 -16.91 -37.92
CA TYR S 181 -36.59 -16.38 -39.25
C TYR S 181 -35.63 -15.21 -39.52
N ILE S 182 -34.76 -15.37 -40.50
CA ILE S 182 -33.76 -14.36 -40.85
C ILE S 182 -34.05 -13.86 -42.25
N VAL S 183 -33.97 -12.55 -42.44
CA VAL S 183 -34.08 -11.92 -43.76
C VAL S 183 -32.66 -11.60 -44.22
N VAL S 184 -32.32 -12.01 -45.43
CA VAL S 184 -30.97 -11.86 -45.96
C VAL S 184 -31.02 -11.04 -47.25
N ARG S 185 -29.85 -10.82 -47.84
CA ARG S 185 -29.74 -10.10 -49.09
C ARG S 185 -30.10 -11.01 -50.27
N GLU S 186 -29.83 -10.52 -51.48
CA GLU S 186 -30.48 -11.06 -52.67
C GLU S 186 -29.73 -12.26 -53.29
N SER S 187 -28.45 -12.15 -53.69
CA SER S 187 -27.19 -11.50 -53.19
C SER S 187 -26.84 -11.82 -51.73
N ASP S 188 -27.42 -12.91 -51.20
CA ASP S 188 -26.85 -13.60 -50.05
C ASP S 188 -27.07 -15.10 -50.18
N ILE S 189 -27.37 -15.59 -51.38
CA ILE S 189 -27.67 -17.00 -51.62
C ILE S 189 -26.47 -17.64 -52.29
N LEU S 190 -26.13 -18.86 -51.86
CA LEU S 190 -24.98 -19.59 -52.37
C LEU S 190 -25.35 -20.77 -53.24
N ALA S 191 -26.13 -21.72 -52.72
CA ALA S 191 -26.51 -22.92 -53.45
C ALA S 191 -27.78 -23.50 -52.84
N GLN S 192 -28.70 -23.92 -53.70
CA GLN S 192 -29.94 -24.56 -53.26
C GLN S 192 -29.65 -26.04 -53.07
N LEU S 193 -29.81 -26.51 -51.83
CA LEU S 193 -29.63 -27.93 -51.51
C LEU S 193 -31.00 -28.59 -51.52
N SER S 194 -31.48 -28.88 -52.72
CA SER S 194 -32.76 -29.52 -52.91
C SER S 194 -32.81 -30.28 -54.23
#